data_3L73
#
_entry.id   3L73
#
_cell.length_a   171.499
_cell.length_b   182.934
_cell.length_c   241.028
_cell.angle_alpha   90
_cell.angle_beta   90
_cell.angle_gamma   90
#
_symmetry.space_group_name_H-M   'P 21 21 21'
#
loop_
_entity.id
_entity.type
_entity.pdbx_description
1 polymer 'MITOCHONDRIAL UBIQUINOL-CYTOCHROME-C REDUCTASE COMPLEX CORE PROTEIN I'
2 polymer 'MITOCHONDRIAL UBIQUINOL-CYTOCHROME-C REDUCTASE COMPLEX CORE PROTEIN 2'
3 polymer 'CYTOCHROME B'
4 polymer 'MITOCHONDRIAL CYTOCHROME C1, HEME PROTEIN'
5 polymer 'CYTOCHROME B-C1 COMPLEX SUBUNIT 5, RIESKE IRONSULFUR PROTEIN, MITOCHONDRIAL'
6 polymer 'MITOCHONDRIAL UBIQUINOL-CYTOCHROME C REDUCTASE 14 KDA PROTEIN'
7 polymer 'MITOCHONDRIAL UBIQUINOL-CYTOCHROME C REDUCTASE UBIQUINONE-BINDING PROTEIN QP-C'
8 polymer 'MITOCHONDRIAL UBIQUINOL-CYTOCHROME C REDUCTASE 11 KDA PROTEIN, COMPLEX III SUBUNIT VIII'
9 polymer 'CYTOCHROME B-C1 COMPLEX SUBUNIT RIESKE, MITOCHONDRIAL'
10 polymer 'MITOCHONDRIAL UBIQUINOL-CYTOCHROME C REDUCTASE 7.2 KDA PROTEIN'
11 non-polymer 1,2-dioleoyl-sn-glycero-3-phosphoethanolamine
12 non-polymer 'PROTOPORPHYRIN IX CONTAINING FE'
13 non-polymer 4-[7-(3,3-dimethylbut-1-yn-1-yl)naphthalen-1-yl]-5-methoxy-2-methyl-2,4-dihydro-3H-1,2,4-triazol-3-one
14 non-polymer 'Coenzyme Q10, (2Z,6E,10Z,14E,18E,22E,26Z)-isomer'
15 non-polymer GLYCEROL
16 non-polymer 'HEME C'
17 non-polymer CARDIOLIPIN
18 non-polymer 'octyl beta-D-glucopyranoside'
19 non-polymer 'FE2/S2 (INORGANIC) CLUSTER'
20 water water
#
loop_
_entity_poly.entity_id
_entity_poly.type
_entity_poly.pdbx_seq_one_letter_code
_entity_poly.pdbx_strand_id
1 'polypeptide(L)'
;AATYAQTLQNIPETNVTTLDNGLRVASEESSQPTCTVGVWIGAGSRYENEKNNGAGYFVEHLAFKGTKKRPCAAFEKEVE
SMGAHFNGYTSREQTAFYIKALSKDMPKVVELLADVVQNCALEESQIEKERGVILQELKEMDNDMTNVTFDYLHATAFQG
TALARTVEGTTENIKHLTRADLASYIDTHFKAPRMVLAAAGGISHKELVDAARQHFSGVSFTYKEDAVPILPRCRFTGSE
IRARDDALPVAHVALAVEGPGWADPDNVVLHVANAIIGRYDRTFGGGKHLSSRLAALAVEHKLCHSFQTFNTSYSDTGLF
GFHFVADPLSIDDMMFCAQGEWMRLCTSTTESEVKRAKNHLRSAMVAQLDGTTPVCETIGSHLLNYGRRISLEEWDSRIS
AVDARMVRDVCSKYIYDKCPALAAVGPIEQLLDYNRIRSGMYWIRF
;
A,N
2 'polypeptide(L)'
;SLKVAPKVAVSAAAERVKLCPGAEDLEITKLPNGLIIASLENFSPASRIGVFIKAGSRYETTANLGTAHLLRLASPLTTK
GASSFRITRGIEAVGGSLSVYSTREKMTYCVECLRDHVDTVMEYLLNVTTAPEFRPWEVTDLQPQLKVDKAVAFQSPQVG
VLENLHAAAYKTALANPLYCPDYRIGKITSEQLHHFVQNNFTSARMALVGIGVKHSDLKQVAEQFLNIRSGAGTSSAKAT
YWGGEIREQNGHSLVHAAVVTEGAAVGSAEANAFSVLQHVLGAGPLIKRGSSVTSKLYQGVAKATTQPFDASAFNVNYSD
SGLFGFYTISQAAHAGEVIRAAMNQLKAAAQGGVTEEDVTKAKNQLKATYLMSVETAQGLLNEIGSEALLSGTHTAPSVV
AQKIDSVTSADVVNAAKKFVSGKKSMAASGDLGSTPFLDEL
;
B,O
3 'polypeptide(L)'
;MAPNIRKSHPLLKMINNSLIDLPAPSNISAWWNFGSLLAVCLMTQILTGLLLAMHYTADTSLAFSSVAHTCRNVQYGWLI
RNLHANGASFFFICIFLHIGRGLYYGSYLYKETWNTGVILLLTLMATAFVGYVLPWGQMSFWGATVITNLFSAIPYIGHT
LVEWAWGGFSVDNPTLTRFFALHFLLPFAIAGITIIHLTFLHESGSNNPLGISSDSDKIPFHPYYSFKDILGLTLMLTPF
LTLALFSPNLLGDPENFTPANPLVTPPHIKPEWYFLFAYAILRSIPNKLGGVLALAASVLILFLIPFLHKSKQRTMTFRP
LSQTLFWLLVANLLILTWIGSQPVEHPFIIIGQMASLSYFTILLILFPTIGTLENKMLNY
;
C,P
4 'polypeptide(L)'
;GELELHPPAFPWSHGGPLSALDHSSVRRGFQVYKQVCSACHSMDYVAFRNLIGVTHTEAEAKALAEEVEVQDGPDENGEL
FMRPGKISDYFPKPYPNPEAARAANNGALPPDLSYIVNARHGGEDYVFSLLTGYCDPPAGVVVREGLHYNPYFPGQAIGM
APPIYNEILEYDDGTPATMSQIAKDVCTFLRWAAEPEHDQRKRMGLKMLLISALLTSLLYYMKRHKWSVLKSRKMAYRPP
K
;
D,Q
5 'polypeptide(L)'
;VHNDVTVPDFSAYRREDVMDATTSSQTSSEDRKGFSYLVTATACVATAYAAKNVVTQFISSLSASADVLALSKIEIKLSD
IPEGKNVAFKWRGKPLFVRHRTQAEINQEAEVDVSKLRDPQHDLDRVKKPEWVILVGVCTHLGCVPIANSGDFGGYYCPC
HGSHYDASGRIRKGPAPYNLEVPTYQFVGDDLVVVG
;
E,R
6 'polypeptide(L)'
;AARATVAGGGRLMDRIRKWYYNAAGFNKYGLMRDDTLYEDDDVKEALKRLPEDLYNERMFRIKRALDLSLKHRILPKEQW
VKYEEDKPYLEPYLKEVIRERLEREAWNKK
;
F,S
7 'polypeptide(L)'
;GIHFGNLARVRHIITYSLSPFEQRAIPNIFSDALPNVWRRFSSQVFKVAPPFLGAYLLYSWGTQEFERLKRKNPADYEND
Q
;
G,T
8 'polypeptide(L)' LRGSGEEEEEELVDPLTTIREHCEQTEKCVKARERLELCDARVSSRSHTEEQCTEELFDFLHARDHCVAHKLFNKLK H,U
9 'polypeptide(L)'
;(UNK)(UNK)(UNK)(UNK)(UNK)(UNK)(UNK)(UNK)(UNK)(UNK)(UNK)(UNK)(UNK)(UNK)(UNK)RPLLC
RESMSGRSARRDLVAGISLNAPASVRY
;
I,V
10 'polypeptide(L)' ALLRQAYSALFRRTSTFALTVVLGAVLFERAFDQGADAIFEHLNEGKLWKHIKHKYEASEE J,W
#
loop_
_chem_comp.id
_chem_comp.type
_chem_comp.name
_chem_comp.formula
BOG D-saccharide 'octyl beta-D-glucopyranoside' 'C14 H28 O6'
CDL non-polymer CARDIOLIPIN 'C81 H156 O17 P2 -2'
FES non-polymer 'FE2/S2 (INORGANIC) CLUSTER' 'Fe2 S2'
GOL non-polymer GLYCEROL 'C3 H8 O3'
HEC non-polymer 'HEME C' 'C34 H34 Fe N4 O4'
HEM non-polymer 'PROTOPORPHYRIN IX CONTAINING FE' 'C34 H32 Fe N4 O4'
JZZ non-polymer 4-[7-(3,3-dimethylbut-1-yn-1-yl)naphthalen-1-yl]-5-methoxy-2-methyl-2,4-dihydro-3H-1,2,4-triazol-3-one 'C20 H21 N3 O2'
PEE non-polymer 1,2-dioleoyl-sn-glycero-3-phosphoethanolamine 'C41 H78 N O8 P'
UQ non-polymer 'Coenzyme Q10, (2Z,6E,10Z,14E,18E,22E,26Z)-isomer' 'C59 H90 O4'
#
# COMPACT_ATOMS: atom_id res chain seq x y z
N ALA A 1 2.82 -31.64 55.99
CA ALA A 1 3.69 -32.71 56.55
C ALA A 1 5.17 -32.33 56.48
N ALA A 2 5.98 -33.20 55.89
CA ALA A 2 7.40 -32.94 55.72
C ALA A 2 7.58 -31.92 54.59
N THR A 3 8.69 -31.18 54.64
CA THR A 3 8.97 -30.18 53.62
C THR A 3 9.78 -30.73 52.44
N TYR A 4 9.75 -29.95 51.35
CA TYR A 4 10.48 -30.26 50.14
C TYR A 4 11.94 -30.35 50.55
N ALA A 5 12.36 -29.42 51.41
CA ALA A 5 13.73 -29.39 51.89
C ALA A 5 14.14 -30.73 52.48
N GLN A 6 13.29 -31.29 53.34
CA GLN A 6 13.57 -32.56 53.99
C GLN A 6 13.42 -33.79 53.10
N THR A 7 12.31 -33.90 52.38
CA THR A 7 12.11 -35.05 51.49
C THR A 7 13.34 -35.19 50.60
N LEU A 8 14.03 -34.07 50.36
CA LEU A 8 15.23 -34.02 49.53
C LEU A 8 16.46 -34.59 50.20
N GLN A 9 16.49 -34.57 51.52
CA GLN A 9 17.63 -35.09 52.26
C GLN A 9 17.48 -36.58 52.50
N ASN A 10 16.27 -37.00 52.88
CA ASN A 10 16.01 -38.41 53.14
C ASN A 10 16.05 -39.31 51.92
N ILE A 11 16.54 -38.78 50.80
CA ILE A 11 16.62 -39.58 49.59
C ILE A 11 17.86 -40.48 49.71
N PRO A 12 17.64 -41.81 49.66
CA PRO A 12 18.74 -42.77 49.76
C PRO A 12 19.91 -42.38 48.89
N GLU A 13 21.11 -42.49 49.43
CA GLU A 13 22.30 -42.12 48.69
C GLU A 13 22.68 -43.10 47.59
N THR A 14 23.54 -42.62 46.68
CA THR A 14 23.98 -43.44 45.56
C THR A 14 25.37 -44.00 45.86
N ASN A 15 25.47 -45.31 45.84
CA ASN A 15 26.72 -46.01 46.11
C ASN A 15 27.50 -46.22 44.85
N VAL A 16 28.80 -46.02 44.94
CA VAL A 16 29.68 -46.21 43.80
C VAL A 16 30.94 -46.91 44.25
N THR A 17 31.21 -48.06 43.64
CA THR A 17 32.42 -48.80 43.97
C THR A 17 33.10 -49.24 42.67
N THR A 18 34.35 -48.85 42.52
CA THR A 18 35.13 -49.19 41.33
C THR A 18 35.66 -50.61 41.51
N LEU A 19 35.80 -51.33 40.41
CA LEU A 19 36.36 -52.67 40.48
C LEU A 19 37.85 -52.52 40.26
N ASP A 20 38.50 -53.61 39.88
CA ASP A 20 39.93 -53.56 39.66
C ASP A 20 40.23 -53.34 38.19
N ASN A 21 39.35 -53.85 37.33
CA ASN A 21 39.53 -53.67 35.90
C ASN A 21 39.09 -52.27 35.48
N GLY A 22 38.77 -51.42 36.46
CA GLY A 22 38.37 -50.04 36.18
C GLY A 22 36.89 -49.73 36.11
N LEU A 23 36.07 -50.77 35.97
CA LEU A 23 34.63 -50.58 35.87
C LEU A 23 34.06 -50.00 37.16
N ARG A 24 33.07 -49.13 37.02
CA ARG A 24 32.42 -48.50 38.17
C ARG A 24 30.99 -49.01 38.33
N VAL A 25 30.65 -49.43 39.55
CA VAL A 25 29.32 -49.93 39.81
C VAL A 25 28.62 -48.99 40.76
N ALA A 26 27.41 -48.58 40.38
CA ALA A 26 26.62 -47.66 41.19
C ALA A 26 25.14 -47.98 41.16
N SER A 27 24.43 -47.52 42.18
CA SER A 27 23.00 -47.79 42.28
C SER A 27 22.31 -47.05 43.40
N GLU A 28 20.99 -46.92 43.27
CA GLU A 28 20.18 -46.28 44.30
C GLU A 28 19.10 -47.27 44.67
N GLU A 29 19.18 -47.74 45.91
CA GLU A 29 18.26 -48.73 46.45
C GLU A 29 16.97 -48.15 46.98
N SER A 30 15.87 -48.65 46.42
CA SER A 30 14.53 -48.22 46.79
C SER A 30 13.80 -49.40 47.42
N SER A 31 12.55 -49.17 47.75
CA SER A 31 11.72 -50.20 48.36
C SER A 31 10.98 -50.99 47.28
N GLN A 32 11.22 -50.65 46.02
CA GLN A 32 10.53 -51.28 44.89
C GLN A 32 10.89 -52.70 44.45
N PRO A 33 9.86 -53.52 44.19
CA PRO A 33 9.87 -54.92 43.76
C PRO A 33 10.42 -55.12 42.35
N THR A 34 10.31 -54.04 41.56
CA THR A 34 10.78 -54.03 40.20
C THR A 34 12.04 -53.15 40.19
N CYS A 35 12.82 -53.24 39.12
CA CYS A 35 14.05 -52.45 39.03
C CYS A 35 14.55 -52.30 37.60
N THR A 36 15.66 -51.58 37.46
CA THR A 36 16.30 -51.35 36.17
C THR A 36 17.81 -51.31 36.37
N VAL A 37 18.53 -52.06 35.54
CA VAL A 37 19.98 -52.05 35.60
C VAL A 37 20.52 -52.16 34.19
N GLY A 38 21.62 -51.46 33.95
CA GLY A 38 22.25 -51.48 32.65
C GLY A 38 23.63 -50.87 32.70
N VAL A 39 24.28 -50.87 31.54
CA VAL A 39 25.61 -50.33 31.40
C VAL A 39 25.66 -49.11 30.47
N TRP A 40 26.07 -47.98 31.02
CA TRP A 40 26.21 -46.72 30.29
C TRP A 40 27.67 -46.63 29.85
N ILE A 41 27.89 -46.62 28.54
CA ILE A 41 29.23 -46.55 27.99
C ILE A 41 29.59 -45.18 27.41
N GLY A 42 30.84 -44.78 27.60
CA GLY A 42 31.31 -43.51 27.06
C GLY A 42 31.80 -43.71 25.63
N ALA A 43 30.88 -44.12 24.75
CA ALA A 43 31.18 -44.32 23.33
C ALA A 43 30.05 -43.76 22.45
N GLY A 44 30.38 -43.44 21.21
CA GLY A 44 29.37 -42.89 20.31
C GLY A 44 29.95 -42.50 18.96
N SER A 45 29.16 -41.86 18.12
CA SER A 45 29.62 -41.47 16.80
C SER A 45 30.78 -40.50 16.91
N ARG A 46 30.87 -39.75 17.99
CA ARG A 46 32.00 -38.81 18.11
C ARG A 46 33.32 -39.58 18.14
N TYR A 47 33.27 -40.78 18.72
CA TYR A 47 34.46 -41.62 18.82
C TYR A 47 34.73 -42.31 17.50
N GLU A 48 33.79 -42.23 16.57
CA GLU A 48 34.01 -42.87 15.29
C GLU A 48 34.94 -42.02 14.45
N ASN A 49 35.36 -42.57 13.32
CA ASN A 49 36.23 -41.90 12.38
C ASN A 49 35.44 -41.85 11.08
N GLU A 50 36.04 -41.29 10.03
CA GLU A 50 35.36 -41.17 8.75
C GLU A 50 34.97 -42.51 8.08
N LYS A 51 35.67 -43.59 8.43
CA LYS A 51 35.39 -44.88 7.82
C LYS A 51 34.57 -45.88 8.62
N ASN A 52 34.39 -45.64 9.90
CA ASN A 52 33.59 -46.55 10.71
C ASN A 52 32.34 -45.84 11.23
N ASN A 53 32.09 -44.63 10.73
CA ASN A 53 30.92 -43.83 11.12
C ASN A 53 29.66 -44.68 11.00
N GLY A 54 29.01 -44.93 12.14
CA GLY A 54 27.79 -45.71 12.14
C GLY A 54 27.97 -47.12 12.65
N ALA A 55 29.20 -47.48 13.01
CA ALA A 55 29.48 -48.81 13.53
C ALA A 55 28.77 -48.93 14.90
N GLY A 56 29.00 -47.95 15.77
CA GLY A 56 28.37 -47.99 17.07
C GLY A 56 26.87 -48.16 16.97
N TYR A 57 26.29 -47.77 15.83
CA TYR A 57 24.85 -47.89 15.63
C TYR A 57 24.58 -49.29 15.10
N PHE A 58 25.41 -49.72 14.17
CA PHE A 58 25.31 -51.04 13.56
C PHE A 58 25.43 -52.09 14.67
N VAL A 59 26.16 -51.73 15.73
CA VAL A 59 26.36 -52.61 16.89
C VAL A 59 25.10 -52.64 17.73
N GLU A 60 24.49 -51.48 17.95
CA GLU A 60 23.28 -51.41 18.74
C GLU A 60 22.21 -52.33 18.12
N HIS A 61 22.31 -52.53 16.81
CA HIS A 61 21.37 -53.40 16.10
C HIS A 61 21.63 -54.89 16.27
N LEU A 62 22.85 -55.26 16.64
CA LEU A 62 23.22 -56.65 16.81
C LEU A 62 23.32 -57.00 18.29
N ALA A 63 23.52 -55.99 19.11
CA ALA A 63 23.65 -56.17 20.55
C ALA A 63 22.60 -57.14 21.10
N PHE A 64 21.42 -57.15 20.49
CA PHE A 64 20.34 -58.01 20.96
C PHE A 64 20.09 -59.25 20.12
N LYS A 65 20.81 -59.39 19.00
CA LYS A 65 20.59 -60.55 18.15
C LYS A 65 21.44 -61.75 18.59
N GLY A 66 21.66 -61.84 19.91
CA GLY A 66 22.39 -62.95 20.49
C GLY A 66 23.90 -62.86 20.68
N THR A 67 24.36 -63.56 21.72
CA THR A 67 25.79 -63.63 22.07
C THR A 67 26.28 -65.02 21.76
N LYS A 68 27.56 -65.29 22.04
CA LYS A 68 28.15 -66.60 21.77
C LYS A 68 27.68 -67.67 22.74
N LYS A 69 27.66 -67.35 24.02
CA LYS A 69 27.23 -68.32 25.02
C LYS A 69 25.76 -68.75 24.77
N ARG A 70 25.00 -67.93 24.05
CA ARG A 70 23.60 -68.26 23.76
C ARG A 70 23.04 -67.48 22.57
N PRO A 71 22.93 -68.14 21.40
CA PRO A 71 22.42 -67.55 20.16
C PRO A 71 21.05 -66.86 20.24
N CYS A 72 20.67 -66.23 19.13
CA CYS A 72 19.43 -65.46 19.00
C CYS A 72 18.22 -66.00 19.74
N ALA A 73 17.58 -67.02 19.16
CA ALA A 73 16.40 -67.65 19.74
C ALA A 73 16.48 -67.77 21.26
N ALA A 74 17.55 -68.42 21.72
CA ALA A 74 17.78 -68.62 23.14
C ALA A 74 17.77 -67.32 23.93
N PHE A 75 18.62 -66.39 23.52
CA PHE A 75 18.72 -65.11 24.19
C PHE A 75 17.36 -64.46 24.36
N GLU A 76 16.68 -64.19 23.26
CA GLU A 76 15.38 -63.54 23.30
C GLU A 76 14.41 -64.26 24.23
N LYS A 77 14.20 -65.54 23.94
CA LYS A 77 13.30 -66.37 24.71
C LYS A 77 13.63 -66.33 26.19
N GLU A 78 14.92 -66.37 26.53
CA GLU A 78 15.31 -66.32 27.93
C GLU A 78 14.90 -65.02 28.60
N VAL A 79 15.03 -63.91 27.86
CA VAL A 79 14.69 -62.58 28.39
C VAL A 79 13.20 -62.38 28.48
N GLU A 80 12.51 -62.68 27.38
CA GLU A 80 11.07 -62.55 27.34
C GLU A 80 10.45 -63.34 28.49
N SER A 81 10.74 -64.64 28.50
CA SER A 81 10.21 -65.56 29.50
C SER A 81 10.31 -65.11 30.95
N MET A 82 11.20 -64.18 31.25
CA MET A 82 11.33 -63.72 32.63
C MET A 82 10.64 -62.36 32.84
N GLY A 83 9.87 -61.96 31.83
CA GLY A 83 9.12 -60.71 31.87
C GLY A 83 9.96 -59.46 31.88
N ALA A 84 11.25 -59.59 31.55
CA ALA A 84 12.18 -58.47 31.54
C ALA A 84 12.19 -57.70 30.22
N HIS A 85 12.45 -56.40 30.30
CA HIS A 85 12.51 -55.52 29.13
C HIS A 85 13.92 -55.12 28.80
N PHE A 86 14.34 -55.44 27.59
CA PHE A 86 15.69 -55.07 27.16
C PHE A 86 15.62 -53.96 26.13
N ASN A 87 16.33 -52.86 26.41
CA ASN A 87 16.38 -51.71 25.53
C ASN A 87 17.72 -51.00 25.70
N GLY A 88 17.98 -50.04 24.82
CA GLY A 88 19.21 -49.29 24.86
C GLY A 88 19.29 -48.27 23.74
N TYR A 89 20.37 -47.51 23.71
CA TYR A 89 20.54 -46.50 22.68
C TYR A 89 22.01 -46.14 22.41
N THR A 90 22.21 -45.14 21.57
CA THR A 90 23.55 -44.71 21.23
C THR A 90 23.52 -43.32 20.58
N SER A 91 24.12 -42.34 21.27
CA SER A 91 24.19 -40.96 20.77
C SER A 91 25.60 -40.65 20.25
N ARG A 92 25.92 -39.36 20.19
CA ARG A 92 27.23 -38.92 19.72
C ARG A 92 28.35 -39.22 20.71
N GLU A 93 28.08 -39.01 22.00
CA GLU A 93 29.09 -39.28 23.03
C GLU A 93 28.66 -40.26 24.14
N GLN A 94 27.68 -41.12 23.90
CA GLN A 94 27.23 -42.01 24.96
C GLN A 94 26.32 -43.12 24.48
N THR A 95 26.66 -44.37 24.81
CA THR A 95 25.82 -45.50 24.44
C THR A 95 25.29 -46.13 25.73
N ALA A 96 24.25 -46.94 25.62
CA ALA A 96 23.69 -47.60 26.79
C ALA A 96 22.75 -48.76 26.46
N PHE A 97 22.88 -49.83 27.25
CA PHE A 97 22.03 -51.02 27.11
C PHE A 97 21.55 -51.28 28.53
N TYR A 98 20.24 -51.31 28.73
CA TYR A 98 19.72 -51.52 30.07
C TYR A 98 18.51 -52.43 30.08
N ILE A 99 18.21 -53.00 31.24
CA ILE A 99 17.08 -53.90 31.39
C ILE A 99 16.17 -53.58 32.57
N LYS A 100 14.89 -53.84 32.36
CA LYS A 100 13.87 -53.62 33.38
C LYS A 100 13.32 -54.99 33.77
N ALA A 101 13.51 -55.37 35.03
CA ALA A 101 13.02 -56.65 35.52
C ALA A 101 12.71 -56.56 37.00
N LEU A 102 12.40 -57.71 37.60
CA LEU A 102 12.10 -57.79 39.02
C LEU A 102 13.42 -57.77 39.82
N SER A 103 13.43 -57.06 40.94
CA SER A 103 14.62 -56.96 41.78
C SER A 103 15.23 -58.34 42.05
N LYS A 104 14.38 -59.36 41.92
CA LYS A 104 14.75 -60.75 42.12
C LYS A 104 15.80 -61.20 41.11
N ASP A 105 15.54 -60.91 39.84
CA ASP A 105 16.45 -61.32 38.77
C ASP A 105 17.68 -60.44 38.62
N MET A 106 17.79 -59.42 39.47
CA MET A 106 18.91 -58.49 39.43
C MET A 106 20.24 -59.15 39.05
N PRO A 107 20.58 -60.28 39.67
CA PRO A 107 21.84 -60.96 39.35
C PRO A 107 21.85 -61.61 37.95
N LYS A 108 20.78 -62.32 37.60
CA LYS A 108 20.69 -62.97 36.29
C LYS A 108 20.71 -61.89 35.20
N VAL A 109 20.16 -60.73 35.53
CA VAL A 109 20.14 -59.64 34.57
C VAL A 109 21.61 -59.31 34.31
N VAL A 110 22.30 -58.92 35.37
CA VAL A 110 23.70 -58.55 35.27
C VAL A 110 24.52 -59.47 34.41
N GLU A 111 24.22 -60.76 34.47
CA GLU A 111 24.96 -61.73 33.67
C GLU A 111 24.66 -61.50 32.19
N LEU A 112 23.38 -61.24 31.90
CA LEU A 112 22.97 -61.00 30.53
C LEU A 112 23.66 -59.75 29.98
N LEU A 113 23.63 -58.67 30.76
CA LEU A 113 24.28 -57.44 30.35
C LEU A 113 25.71 -57.79 29.94
N ALA A 114 26.50 -58.13 30.95
CA ALA A 114 27.89 -58.50 30.74
C ALA A 114 28.06 -59.39 29.51
N ASP A 115 27.10 -60.26 29.28
CA ASP A 115 27.20 -61.17 28.14
C ASP A 115 27.04 -60.43 26.82
N VAL A 116 26.27 -59.35 26.83
CA VAL A 116 26.02 -58.58 25.62
C VAL A 116 27.16 -57.66 25.23
N VAL A 117 27.60 -56.84 26.18
CA VAL A 117 28.69 -55.90 25.94
C VAL A 117 30.00 -56.63 25.67
N GLN A 118 30.21 -57.76 26.36
CA GLN A 118 31.43 -58.54 26.23
C GLN A 118 31.43 -59.63 25.17
N ASN A 119 30.29 -60.29 24.97
CA ASN A 119 30.21 -61.40 24.01
C ASN A 119 29.30 -61.30 22.79
N CYS A 120 29.14 -60.11 22.22
CA CYS A 120 28.26 -60.02 21.05
C CYS A 120 28.60 -61.05 19.99
N ALA A 121 27.59 -61.80 19.55
CA ALA A 121 27.78 -62.85 18.54
C ALA A 121 28.32 -62.35 17.21
N LEU A 122 27.73 -61.28 16.69
CA LEU A 122 28.17 -60.72 15.41
C LEU A 122 28.10 -61.78 14.33
N GLU A 123 26.97 -62.46 14.27
CA GLU A 123 26.77 -63.52 13.28
C GLU A 123 26.83 -62.93 11.87
N GLU A 124 27.78 -63.41 11.06
CA GLU A 124 27.94 -62.94 9.70
C GLU A 124 26.63 -62.88 8.91
N SER A 125 25.70 -63.77 9.23
CA SER A 125 24.41 -63.81 8.54
C SER A 125 23.45 -62.74 9.03
N GLN A 126 23.60 -62.36 10.30
CA GLN A 126 22.76 -61.35 10.92
C GLN A 126 23.12 -59.97 10.37
N ILE A 127 24.41 -59.74 10.21
CA ILE A 127 24.90 -58.48 9.70
C ILE A 127 24.30 -58.11 8.35
N GLU A 128 24.08 -59.09 7.48
CA GLU A 128 23.52 -58.78 6.17
C GLU A 128 22.03 -58.46 6.24
N LYS A 129 21.45 -58.60 7.43
CA LYS A 129 20.03 -58.33 7.61
C LYS A 129 19.83 -56.96 8.25
N GLU A 130 20.61 -56.67 9.30
CA GLU A 130 20.53 -55.38 9.97
C GLU A 130 21.01 -54.25 9.04
N ARG A 131 21.79 -54.62 8.05
CA ARG A 131 22.30 -53.69 7.05
C ARG A 131 21.11 -53.20 6.24
N GLY A 132 20.25 -54.13 5.83
CA GLY A 132 19.06 -53.78 5.08
C GLY A 132 18.10 -52.99 5.95
N VAL A 133 17.98 -53.39 7.21
CA VAL A 133 17.08 -52.73 8.17
C VAL A 133 17.54 -51.32 8.50
N ILE A 134 18.82 -51.18 8.79
CA ILE A 134 19.36 -49.86 9.10
C ILE A 134 19.09 -48.95 7.91
N LEU A 135 19.37 -49.42 6.70
CA LEU A 135 19.12 -48.62 5.50
C LEU A 135 17.66 -48.18 5.41
N GLN A 136 16.78 -48.94 6.04
CA GLN A 136 15.36 -48.61 6.05
C GLN A 136 15.15 -47.48 7.02
N GLU A 137 15.59 -47.68 8.25
CA GLU A 137 15.42 -46.66 9.28
C GLU A 137 15.99 -45.33 8.84
N LEU A 138 16.98 -45.36 7.95
CA LEU A 138 17.56 -44.13 7.48
C LEU A 138 16.52 -43.41 6.65
N LYS A 139 15.90 -44.13 5.72
CA LYS A 139 14.87 -43.55 4.86
C LYS A 139 13.69 -43.07 5.65
N GLU A 140 13.40 -43.73 6.77
CA GLU A 140 12.30 -43.30 7.62
C GLU A 140 12.75 -42.02 8.29
N MET A 141 13.77 -42.12 9.14
CA MET A 141 14.27 -40.95 9.87
C MET A 141 14.49 -39.73 8.99
N ASP A 142 14.65 -39.96 7.70
CA ASP A 142 14.88 -38.87 6.77
C ASP A 142 13.64 -38.02 6.69
N ASN A 143 12.50 -38.62 7.00
CA ASN A 143 11.24 -37.89 6.95
C ASN A 143 10.84 -37.27 8.26
N ASP A 144 11.76 -37.19 9.20
CA ASP A 144 11.46 -36.56 10.47
C ASP A 144 12.27 -35.25 10.56
N MET A 145 11.69 -34.21 9.96
CA MET A 145 12.28 -32.87 9.89
C MET A 145 13.03 -32.41 11.12
N THR A 146 12.45 -32.61 12.30
CA THR A 146 13.07 -32.19 13.55
C THR A 146 14.46 -32.77 13.74
N ASN A 147 14.65 -34.01 13.30
CA ASN A 147 15.97 -34.60 13.43
C ASN A 147 16.83 -34.27 12.25
N VAL A 148 16.25 -34.23 11.05
CA VAL A 148 17.06 -33.83 9.90
C VAL A 148 17.65 -32.45 10.25
N THR A 149 16.86 -31.64 10.94
CA THR A 149 17.28 -30.30 11.33
C THR A 149 18.38 -30.24 12.36
N PHE A 150 18.24 -31.00 13.44
CA PHE A 150 19.26 -31.00 14.47
C PHE A 150 20.55 -31.62 13.95
N ASP A 151 20.41 -32.57 13.03
CA ASP A 151 21.59 -33.21 12.46
C ASP A 151 22.33 -32.13 11.66
N TYR A 152 21.58 -31.41 10.83
CA TYR A 152 22.14 -30.35 10.04
C TYR A 152 22.75 -29.29 10.96
N LEU A 153 22.09 -29.00 12.08
CA LEU A 153 22.63 -28.00 12.97
C LEU A 153 24.04 -28.41 13.40
N HIS A 154 24.22 -29.68 13.73
CA HIS A 154 25.54 -30.19 14.12
C HIS A 154 26.48 -30.17 12.90
N ALA A 155 25.98 -30.77 11.81
CA ALA A 155 26.71 -30.85 10.56
C ALA A 155 27.38 -29.55 10.17
N THR A 156 26.99 -28.45 10.81
CA THR A 156 27.59 -27.16 10.48
C THR A 156 28.16 -26.46 11.70
N ALA A 157 27.41 -26.45 12.79
CA ALA A 157 27.89 -25.81 14.02
C ALA A 157 29.26 -26.37 14.37
N PHE A 158 29.48 -27.64 14.02
CA PHE A 158 30.75 -28.32 14.27
C PHE A 158 31.33 -28.84 12.98
N GLN A 159 30.98 -28.19 11.88
CA GLN A 159 31.48 -28.61 10.57
C GLN A 159 32.97 -28.91 10.57
N GLY A 160 33.34 -29.96 9.83
CA GLY A 160 34.74 -30.34 9.72
C GLY A 160 35.33 -31.09 10.91
N THR A 161 34.48 -31.51 11.84
CA THR A 161 34.97 -32.22 13.03
C THR A 161 34.14 -33.48 13.30
N ALA A 162 34.45 -34.14 14.40
CA ALA A 162 33.76 -35.36 14.79
C ALA A 162 32.30 -35.14 15.15
N LEU A 163 32.03 -34.12 15.95
CA LEU A 163 30.67 -33.84 16.34
C LEU A 163 29.78 -33.48 15.15
N ALA A 164 30.38 -33.38 13.97
CA ALA A 164 29.63 -33.02 12.79
C ALA A 164 28.88 -34.21 12.19
N ARG A 165 29.23 -35.42 12.62
CA ARG A 165 28.59 -36.61 12.07
C ARG A 165 27.29 -37.02 12.75
N THR A 166 26.43 -37.69 11.99
CA THR A 166 25.15 -38.21 12.48
C THR A 166 25.43 -39.53 13.21
N VAL A 167 24.57 -39.90 14.16
CA VAL A 167 24.80 -41.14 14.90
C VAL A 167 24.62 -42.40 14.05
N GLU A 168 23.67 -42.35 13.12
CA GLU A 168 23.41 -43.49 12.26
C GLU A 168 24.47 -43.65 11.17
N GLY A 169 25.37 -42.67 11.05
CA GLY A 169 26.40 -42.78 10.04
C GLY A 169 25.96 -42.44 8.62
N THR A 170 26.79 -42.80 7.65
CA THR A 170 26.54 -42.54 6.24
C THR A 170 25.95 -43.75 5.54
N THR A 171 25.57 -43.58 4.29
CA THR A 171 25.04 -44.68 3.53
C THR A 171 26.19 -45.61 3.18
N GLU A 172 27.27 -45.04 2.63
CA GLU A 172 28.39 -45.88 2.28
C GLU A 172 28.88 -46.71 3.44
N ASN A 173 29.20 -46.04 4.55
CA ASN A 173 29.66 -46.76 5.73
C ASN A 173 28.76 -47.97 6.05
N ILE A 174 27.45 -47.77 6.00
CA ILE A 174 26.54 -48.84 6.32
C ILE A 174 26.51 -49.93 5.29
N LYS A 175 26.68 -49.56 4.04
CA LYS A 175 26.68 -50.53 2.96
C LYS A 175 27.93 -51.39 2.94
N HIS A 176 29.00 -50.93 3.58
CA HIS A 176 30.24 -51.66 3.55
C HIS A 176 30.84 -52.07 4.87
N LEU A 177 30.39 -51.48 5.98
CA LEU A 177 30.93 -51.83 7.29
C LEU A 177 31.07 -53.35 7.39
N THR A 178 32.11 -53.81 8.07
CA THR A 178 32.37 -55.25 8.19
C THR A 178 32.32 -55.85 9.60
N ARG A 179 32.20 -57.18 9.62
CA ARG A 179 32.15 -57.96 10.84
C ARG A 179 33.40 -57.54 11.61
N ALA A 180 34.47 -57.30 10.85
CA ALA A 180 35.74 -56.88 11.41
C ALA A 180 35.62 -55.54 12.11
N ASP A 181 35.11 -54.56 11.37
CA ASP A 181 34.96 -53.20 11.89
C ASP A 181 34.05 -53.16 13.11
N LEU A 182 32.95 -53.87 13.02
CA LEU A 182 32.01 -53.93 14.14
C LEU A 182 32.79 -54.54 15.30
N ALA A 183 33.40 -55.69 15.02
CA ALA A 183 34.19 -56.40 16.01
C ALA A 183 35.15 -55.39 16.64
N SER A 184 35.99 -54.80 15.79
CA SER A 184 36.97 -53.83 16.24
C SER A 184 36.37 -52.78 17.16
N TYR A 185 35.32 -52.11 16.67
CA TYR A 185 34.65 -51.06 17.44
C TYR A 185 34.39 -51.54 18.87
N ILE A 186 33.75 -52.69 18.97
CA ILE A 186 33.39 -53.26 20.27
C ILE A 186 34.58 -53.50 21.19
N ASP A 187 35.63 -54.09 20.62
CA ASP A 187 36.86 -54.40 21.35
C ASP A 187 37.63 -53.15 21.68
N THR A 188 37.46 -52.11 20.86
CA THR A 188 38.15 -50.85 21.05
C THR A 188 37.48 -49.93 22.05
N HIS A 189 36.15 -49.88 22.02
CA HIS A 189 35.42 -48.98 22.89
C HIS A 189 34.74 -49.55 24.12
N PHE A 190 34.06 -50.69 23.98
CA PHE A 190 33.36 -51.28 25.14
C PHE A 190 34.35 -51.85 26.15
N LYS A 191 34.84 -51.00 27.05
CA LYS A 191 35.83 -51.40 28.06
C LYS A 191 35.58 -50.84 29.46
N ALA A 192 35.75 -51.70 30.44
CA ALA A 192 35.54 -51.38 31.87
C ALA A 192 35.80 -49.96 32.37
N PRO A 193 37.01 -49.42 32.15
CA PRO A 193 37.23 -48.05 32.65
C PRO A 193 36.24 -47.02 32.08
N ARG A 194 35.82 -47.26 30.83
CA ARG A 194 34.88 -46.39 30.11
C ARG A 194 33.40 -46.83 30.28
N MET A 195 33.15 -47.78 31.17
CA MET A 195 31.79 -48.28 31.42
C MET A 195 31.31 -48.06 32.85
N VAL A 196 30.00 -48.10 33.01
CA VAL A 196 29.41 -47.94 34.33
C VAL A 196 28.20 -48.81 34.46
N LEU A 197 28.17 -49.62 35.51
CA LEU A 197 27.03 -50.49 35.75
C LEU A 197 26.12 -49.72 36.70
N ALA A 198 24.99 -49.26 36.19
CA ALA A 198 24.06 -48.51 37.01
C ALA A 198 22.83 -49.36 37.28
N ALA A 199 22.34 -49.25 38.51
CA ALA A 199 21.17 -50.00 38.91
C ALA A 199 20.29 -49.15 39.80
N ALA A 200 18.98 -49.32 39.65
CA ALA A 200 18.02 -48.59 40.46
C ALA A 200 16.77 -49.43 40.72
N GLY A 201 16.26 -49.31 41.95
CA GLY A 201 15.07 -50.06 42.35
C GLY A 201 15.32 -50.78 43.68
N GLY A 202 14.84 -52.00 43.80
CA GLY A 202 15.04 -52.76 45.02
C GLY A 202 16.24 -53.67 44.84
N ILE A 203 17.43 -53.17 45.12
CA ILE A 203 18.64 -53.96 44.97
C ILE A 203 19.72 -53.63 45.97
N SER A 204 20.40 -54.66 46.45
CA SER A 204 21.49 -54.48 47.40
C SER A 204 22.76 -54.11 46.63
N HIS A 205 23.28 -52.92 46.91
CA HIS A 205 24.50 -52.48 46.24
C HIS A 205 25.52 -53.61 46.24
N LYS A 206 25.67 -54.20 47.42
CA LYS A 206 26.60 -55.27 47.67
C LYS A 206 26.28 -56.51 46.85
N GLU A 207 25.01 -56.84 46.71
CA GLU A 207 24.64 -58.02 45.91
C GLU A 207 25.01 -57.74 44.45
N LEU A 208 24.84 -56.48 44.09
CA LEU A 208 25.12 -55.99 42.74
C LEU A 208 26.60 -56.09 42.42
N VAL A 209 27.40 -55.38 43.20
CA VAL A 209 28.83 -55.40 42.99
C VAL A 209 29.37 -56.84 43.03
N ASP A 210 28.71 -57.70 43.81
CA ASP A 210 29.15 -59.10 43.90
C ASP A 210 28.95 -59.76 42.55
N ALA A 211 27.70 -59.76 42.10
CA ALA A 211 27.36 -60.34 40.81
C ALA A 211 28.19 -59.68 39.72
N ALA A 212 28.62 -58.45 39.99
CA ALA A 212 29.42 -57.69 39.04
C ALA A 212 30.81 -58.30 38.89
N ARG A 213 31.52 -58.44 40.01
CA ARG A 213 32.87 -59.01 40.06
C ARG A 213 32.94 -60.30 39.30
N GLN A 214 31.90 -61.10 39.49
CA GLN A 214 31.78 -62.42 38.90
C GLN A 214 31.60 -62.45 37.39
N HIS A 215 30.93 -61.44 36.82
CA HIS A 215 30.70 -61.45 35.37
C HIS A 215 31.53 -60.51 34.51
N PHE A 216 32.04 -59.45 35.13
CA PHE A 216 32.89 -58.49 34.42
C PHE A 216 34.30 -58.84 34.86
N SER A 217 34.95 -59.71 34.08
CA SER A 217 36.30 -60.18 34.40
C SER A 217 37.45 -59.43 33.72
N GLY A 218 37.51 -59.51 32.39
CA GLY A 218 38.55 -58.86 31.61
C GLY A 218 39.46 -57.91 32.38
N VAL A 219 40.57 -58.43 32.91
CA VAL A 219 41.53 -57.61 33.66
C VAL A 219 42.70 -57.17 32.78
N SER A 220 42.88 -55.84 32.73
CA SER A 220 43.93 -55.21 31.94
C SER A 220 45.35 -55.52 32.41
N PHE A 221 46.25 -55.61 31.44
CA PHE A 221 47.66 -55.90 31.70
C PHE A 221 48.51 -54.63 31.62
N THR A 222 48.51 -54.00 30.45
CA THR A 222 49.26 -52.78 30.22
C THR A 222 48.49 -51.56 30.76
N TYR A 223 49.14 -50.40 30.77
CA TYR A 223 48.53 -49.16 31.24
C TYR A 223 47.52 -48.65 30.20
N LYS A 224 47.89 -48.80 28.93
CA LYS A 224 47.03 -48.38 27.84
C LYS A 224 45.61 -48.87 28.03
N GLU A 225 45.47 -50.13 28.41
CA GLU A 225 44.16 -50.72 28.61
C GLU A 225 43.24 -50.00 29.59
N ASP A 226 43.76 -49.57 30.74
CA ASP A 226 42.89 -48.86 31.68
C ASP A 226 43.12 -47.35 31.76
N ALA A 227 43.29 -46.75 30.58
CA ALA A 227 43.46 -45.32 30.42
C ALA A 227 42.28 -44.87 29.55
N VAL A 228 41.55 -43.85 30.03
CA VAL A 228 40.42 -43.29 29.32
C VAL A 228 40.93 -42.22 28.35
N PRO A 229 40.82 -42.47 27.02
CA PRO A 229 41.28 -41.56 25.97
C PRO A 229 40.59 -40.20 25.96
N ILE A 230 41.40 -39.15 25.85
CA ILE A 230 40.91 -37.77 25.78
C ILE A 230 40.63 -37.54 24.29
N LEU A 231 39.48 -36.96 24.00
CA LEU A 231 39.10 -36.70 22.61
C LEU A 231 39.61 -35.38 22.06
N PRO A 232 39.92 -35.35 20.75
CA PRO A 232 40.41 -34.10 20.15
C PRO A 232 39.21 -33.15 20.13
N ARG A 233 39.46 -31.89 20.48
CA ARG A 233 38.40 -30.90 20.53
C ARG A 233 37.75 -30.53 19.19
N CYS A 234 36.46 -30.23 19.27
CA CYS A 234 35.65 -29.86 18.11
C CYS A 234 35.46 -28.33 18.02
N ARG A 235 35.75 -27.77 16.86
CA ARG A 235 35.63 -26.33 16.67
C ARG A 235 34.27 -25.86 16.20
N PHE A 236 33.71 -24.91 16.95
CA PHE A 236 32.41 -24.34 16.62
C PHE A 236 32.53 -23.25 15.53
N THR A 237 31.56 -23.21 14.64
CA THR A 237 31.59 -22.23 13.57
C THR A 237 30.25 -21.52 13.41
N GLY A 238 30.29 -20.20 13.43
CA GLY A 238 29.07 -19.45 13.22
C GLY A 238 28.78 -19.63 11.74
N SER A 239 27.62 -20.19 11.40
CA SER A 239 27.31 -20.39 10.00
C SER A 239 25.92 -20.94 9.81
N GLU A 240 25.50 -21.08 8.57
CA GLU A 240 24.18 -21.60 8.32
C GLU A 240 24.21 -22.64 7.21
N ILE A 241 23.11 -23.38 7.13
CA ILE A 241 22.91 -24.40 6.12
C ILE A 241 21.41 -24.33 5.90
N ARG A 242 21.03 -24.18 4.63
CA ARG A 242 19.64 -24.04 4.26
C ARG A 242 19.22 -25.11 3.28
N ALA A 243 18.41 -26.06 3.75
CA ALA A 243 17.94 -27.12 2.89
C ALA A 243 16.52 -26.73 2.57
N ARG A 244 16.34 -26.15 1.39
CA ARG A 244 15.03 -25.69 1.00
C ARG A 244 14.25 -26.64 0.15
N ASP A 245 12.96 -26.70 0.44
CA ASP A 245 12.02 -27.55 -0.27
C ASP A 245 10.66 -26.93 -0.04
N ASP A 246 10.22 -26.09 -0.96
CA ASP A 246 8.94 -25.45 -0.77
C ASP A 246 7.77 -26.45 -0.76
N ALA A 247 8.05 -27.68 -1.16
CA ALA A 247 7.03 -28.72 -1.21
C ALA A 247 6.64 -29.25 0.17
N LEU A 248 7.42 -28.91 1.20
CA LEU A 248 7.11 -29.35 2.57
C LEU A 248 6.12 -28.38 3.18
N PRO A 249 5.12 -28.91 3.90
CA PRO A 249 4.03 -28.21 4.59
C PRO A 249 4.48 -27.12 5.51
N VAL A 250 5.42 -27.42 6.40
CA VAL A 250 5.90 -26.39 7.30
C VAL A 250 7.41 -26.35 7.31
N ALA A 251 7.96 -25.30 7.90
CA ALA A 251 9.39 -25.15 7.94
C ALA A 251 9.94 -25.27 9.37
N HIS A 252 11.16 -25.79 9.46
CA HIS A 252 11.86 -25.96 10.73
C HIS A 252 13.11 -25.10 10.75
N VAL A 253 13.33 -24.40 11.85
CA VAL A 253 14.51 -23.56 12.00
C VAL A 253 15.08 -23.79 13.39
N ALA A 254 16.41 -23.87 13.48
CA ALA A 254 17.10 -24.08 14.74
C ALA A 254 18.32 -23.16 14.76
N LEU A 255 18.50 -22.42 15.85
CA LEU A 255 19.62 -21.48 15.98
C LEU A 255 20.34 -21.68 17.31
N ALA A 256 21.68 -21.70 17.29
CA ALA A 256 22.40 -21.95 18.53
C ALA A 256 23.80 -21.36 18.63
N VAL A 257 24.22 -21.13 19.87
CA VAL A 257 25.54 -20.60 20.17
C VAL A 257 26.33 -21.74 20.80
N GLU A 258 27.64 -21.57 21.00
CA GLU A 258 28.42 -22.65 21.60
C GLU A 258 28.25 -22.74 23.11
N GLY A 259 28.06 -23.97 23.58
CA GLY A 259 27.85 -24.26 25.00
C GLY A 259 29.12 -24.57 25.78
N PRO A 260 29.06 -24.49 27.13
CA PRO A 260 30.21 -24.74 28.01
C PRO A 260 30.67 -26.18 28.25
N GLY A 261 29.79 -27.17 28.13
CA GLY A 261 30.23 -28.53 28.38
C GLY A 261 29.91 -28.97 29.81
N TRP A 262 29.45 -30.22 29.93
CA TRP A 262 29.03 -30.83 31.20
C TRP A 262 29.54 -30.25 32.50
N ALA A 263 30.86 -30.19 32.63
CA ALA A 263 31.53 -29.70 33.83
C ALA A 263 31.27 -28.26 34.32
N ASP A 264 30.92 -27.35 33.43
CA ASP A 264 30.73 -25.96 33.83
C ASP A 264 29.48 -25.67 34.63
N PRO A 265 29.64 -25.00 35.79
CA PRO A 265 28.54 -24.63 36.69
C PRO A 265 27.51 -23.76 36.00
N ASP A 266 27.97 -23.00 35.02
CA ASP A 266 27.10 -22.10 34.28
C ASP A 266 25.90 -22.83 33.69
N ASN A 267 26.10 -24.10 33.30
CA ASN A 267 25.02 -24.87 32.72
C ASN A 267 23.75 -24.82 33.55
N VAL A 268 23.91 -24.56 34.84
CA VAL A 268 22.74 -24.48 35.70
C VAL A 268 21.99 -23.21 35.30
N VAL A 269 22.69 -22.08 35.29
CA VAL A 269 22.07 -20.81 34.94
C VAL A 269 21.46 -20.90 33.55
N LEU A 270 22.19 -21.50 32.60
CA LEU A 270 21.69 -21.63 31.23
C LEU A 270 20.33 -22.30 31.24
N HIS A 271 20.20 -23.39 31.99
CA HIS A 271 18.92 -24.10 32.08
C HIS A 271 17.81 -23.27 32.73
N VAL A 272 18.20 -22.42 33.68
CA VAL A 272 17.27 -21.53 34.36
C VAL A 272 16.76 -20.54 33.31
N ALA A 273 17.67 -20.14 32.42
CA ALA A 273 17.39 -19.20 31.35
C ALA A 273 16.39 -19.81 30.38
N ASN A 274 16.65 -21.03 29.92
CA ASN A 274 15.73 -21.67 29.00
C ASN A 274 14.37 -21.84 29.69
N ALA A 275 14.39 -21.86 31.02
CA ALA A 275 13.17 -22.01 31.79
C ALA A 275 12.31 -20.79 31.63
N ILE A 276 12.94 -19.64 31.56
CA ILE A 276 12.24 -18.37 31.39
C ILE A 276 11.58 -18.28 30.01
N ILE A 277 12.32 -18.68 28.96
CA ILE A 277 11.78 -18.66 27.61
C ILE A 277 10.81 -19.81 27.42
N GLY A 278 11.16 -20.97 27.97
CA GLY A 278 10.31 -22.14 27.90
C GLY A 278 10.08 -22.84 26.56
N ARG A 279 8.84 -23.26 26.35
CA ARG A 279 8.49 -23.93 25.12
C ARG A 279 6.98 -23.84 24.89
N TYR A 280 6.56 -23.99 23.65
CA TYR A 280 5.15 -23.90 23.32
C TYR A 280 4.81 -24.92 22.28
N ASP A 281 3.52 -25.09 22.04
CA ASP A 281 3.02 -26.03 21.07
C ASP A 281 1.50 -25.90 21.10
N ARG A 282 0.91 -25.66 19.93
CA ARG A 282 -0.53 -25.46 19.76
C ARG A 282 -1.52 -26.17 20.69
N THR A 283 -1.09 -27.21 21.40
CA THR A 283 -2.02 -27.88 22.29
C THR A 283 -1.99 -27.34 23.71
N PHE A 284 -0.95 -26.60 24.06
CA PHE A 284 -0.89 -26.01 25.39
C PHE A 284 -2.19 -25.24 25.60
N GLY A 285 -2.95 -25.61 26.63
CA GLY A 285 -4.22 -24.93 26.87
C GLY A 285 -4.07 -23.56 27.48
N GLY A 286 -3.00 -23.35 28.23
CA GLY A 286 -2.78 -22.08 28.87
C GLY A 286 -2.94 -20.91 27.92
N GLY A 287 -2.70 -21.14 26.63
CA GLY A 287 -2.85 -20.10 25.61
C GLY A 287 -2.17 -18.76 25.85
N LYS A 288 -2.86 -17.70 25.46
CA LYS A 288 -2.37 -16.33 25.58
C LYS A 288 -2.02 -15.87 26.98
N HIS A 289 -2.14 -16.78 27.94
CA HIS A 289 -1.86 -16.42 29.33
C HIS A 289 -0.61 -17.07 29.86
N LEU A 290 0.04 -17.84 29.00
CA LEU A 290 1.26 -18.51 29.40
C LEU A 290 2.22 -17.42 29.90
N SER A 291 3.12 -17.79 30.80
CA SER A 291 4.06 -16.84 31.36
C SER A 291 5.21 -16.56 30.41
N SER A 292 5.49 -17.54 29.54
CA SER A 292 6.55 -17.41 28.54
C SER A 292 6.14 -16.37 27.51
N ARG A 293 6.84 -15.25 27.50
CA ARG A 293 6.53 -14.17 26.58
C ARG A 293 6.49 -14.62 25.14
N LEU A 294 7.52 -15.37 24.72
CA LEU A 294 7.60 -15.87 23.38
C LEU A 294 6.37 -16.72 23.07
N ALA A 295 5.94 -17.48 24.07
CA ALA A 295 4.76 -18.34 23.92
C ALA A 295 3.50 -17.50 23.73
N ALA A 296 3.38 -16.43 24.52
CA ALA A 296 2.23 -15.53 24.41
C ALA A 296 2.21 -14.94 23.00
N LEU A 297 3.33 -14.37 22.56
CA LEU A 297 3.42 -13.79 21.23
C LEU A 297 3.10 -14.87 20.22
N ALA A 298 3.73 -16.02 20.38
CA ALA A 298 3.47 -17.12 19.47
C ALA A 298 1.96 -17.30 19.32
N VAL A 299 1.26 -17.26 20.44
CA VAL A 299 -0.20 -17.43 20.48
C VAL A 299 -0.91 -16.24 19.81
N GLU A 300 -0.71 -15.06 20.38
CA GLU A 300 -1.28 -13.80 19.91
C GLU A 300 -1.14 -13.57 18.42
N HIS A 301 0.06 -13.78 17.88
CA HIS A 301 0.28 -13.56 16.46
C HIS A 301 0.38 -14.80 15.61
N LYS A 302 -0.09 -15.93 16.12
CA LYS A 302 -0.04 -17.19 15.36
C LYS A 302 1.35 -17.33 14.74
N LEU A 303 2.37 -17.21 15.58
CA LEU A 303 3.77 -17.28 15.14
C LEU A 303 4.30 -18.66 14.76
N CYS A 304 3.83 -19.70 15.42
CA CYS A 304 4.34 -21.03 15.11
C CYS A 304 3.43 -22.16 15.56
N HIS A 305 3.84 -23.38 15.22
CA HIS A 305 3.12 -24.59 15.60
C HIS A 305 3.75 -25.11 16.90
N SER A 306 4.98 -24.69 17.16
CA SER A 306 5.73 -25.12 18.34
C SER A 306 7.14 -24.57 18.37
N PHE A 307 7.77 -24.61 19.54
CA PHE A 307 9.13 -24.15 19.69
C PHE A 307 9.68 -24.67 20.99
N GLN A 308 11.00 -24.87 21.04
CA GLN A 308 11.67 -25.38 22.22
C GLN A 308 13.05 -24.81 22.39
N THR A 309 13.45 -24.61 23.64
CA THR A 309 14.76 -24.11 23.97
C THR A 309 15.53 -25.38 24.31
N PHE A 310 16.85 -25.31 24.37
CA PHE A 310 17.61 -26.50 24.71
C PHE A 310 19.02 -26.14 25.08
N ASN A 311 19.63 -26.99 25.90
CA ASN A 311 20.99 -26.78 26.32
C ASN A 311 21.70 -28.11 26.25
N THR A 312 21.94 -28.57 25.03
CA THR A 312 22.59 -29.84 24.80
C THR A 312 24.07 -29.76 25.13
N SER A 313 24.48 -30.48 26.16
CA SER A 313 25.87 -30.48 26.60
C SER A 313 26.67 -31.67 26.12
N TYR A 314 27.99 -31.49 26.13
CA TYR A 314 28.93 -32.54 25.75
C TYR A 314 30.15 -32.40 26.67
N SER A 315 31.05 -33.36 26.60
CA SER A 315 32.24 -33.33 27.41
C SER A 315 32.95 -31.96 27.46
N ASP A 316 33.43 -31.51 26.29
CA ASP A 316 34.17 -30.26 26.15
C ASP A 316 33.42 -29.07 25.50
N THR A 317 32.22 -29.31 25.00
CA THR A 317 31.47 -28.23 24.32
C THR A 317 29.96 -28.38 24.53
N GLY A 318 29.16 -27.91 23.57
CA GLY A 318 27.71 -28.00 23.67
C GLY A 318 26.96 -27.07 22.72
N LEU A 319 25.63 -27.13 22.71
CA LEU A 319 24.82 -26.25 21.84
C LEU A 319 23.68 -25.62 22.63
N PHE A 320 23.63 -24.30 22.65
CA PHE A 320 22.60 -23.60 23.41
C PHE A 320 21.76 -22.87 22.40
N GLY A 321 20.47 -23.18 22.34
CA GLY A 321 19.65 -22.48 21.38
C GLY A 321 18.16 -22.79 21.39
N PHE A 322 17.55 -22.67 20.22
CA PHE A 322 16.13 -22.95 20.09
C PHE A 322 15.78 -23.48 18.69
N HIS A 323 14.60 -24.08 18.60
CA HIS A 323 14.12 -24.68 17.38
C HIS A 323 12.64 -24.49 17.32
N PHE A 324 12.15 -23.94 16.22
CA PHE A 324 10.72 -23.74 16.08
C PHE A 324 10.24 -24.27 14.75
N VAL A 325 8.94 -24.53 14.70
CA VAL A 325 8.27 -25.05 13.51
C VAL A 325 7.17 -24.08 13.14
N ALA A 326 7.23 -23.52 11.93
CA ALA A 326 6.20 -22.56 11.52
C ALA A 326 5.78 -22.66 10.07
N ASP A 327 4.76 -21.88 9.72
CA ASP A 327 4.26 -21.87 8.36
C ASP A 327 5.19 -20.95 7.59
N PRO A 328 5.35 -21.19 6.29
CA PRO A 328 6.22 -20.35 5.49
C PRO A 328 6.13 -18.85 5.74
N LEU A 329 4.94 -18.30 5.87
CA LEU A 329 4.83 -16.86 6.05
C LEU A 329 4.91 -16.26 7.45
N SER A 330 5.26 -17.05 8.44
CA SER A 330 5.37 -16.49 9.76
C SER A 330 6.78 -16.75 10.30
N ILE A 331 7.66 -17.24 9.42
CA ILE A 331 9.01 -17.54 9.83
C ILE A 331 9.75 -16.34 10.30
N ASP A 332 9.67 -15.23 9.56
CA ASP A 332 10.43 -14.08 9.98
C ASP A 332 9.98 -13.49 11.34
N ASP A 333 8.70 -13.22 11.50
CA ASP A 333 8.25 -12.67 12.75
C ASP A 333 8.62 -13.54 13.94
N MET A 334 8.51 -14.86 13.79
CA MET A 334 8.86 -15.77 14.88
C MET A 334 10.33 -15.60 15.26
N MET A 335 11.21 -15.73 14.28
CA MET A 335 12.64 -15.60 14.49
C MET A 335 12.95 -14.27 15.16
N PHE A 336 12.30 -13.24 14.66
CA PHE A 336 12.45 -11.90 15.19
C PHE A 336 12.17 -11.85 16.70
N CYS A 337 11.00 -12.36 17.08
CA CYS A 337 10.57 -12.38 18.48
C CYS A 337 11.46 -13.24 19.34
N ALA A 338 11.81 -14.40 18.81
CA ALA A 338 12.66 -15.32 19.53
C ALA A 338 13.97 -14.63 19.90
N GLN A 339 14.75 -14.25 18.90
CA GLN A 339 16.04 -13.59 19.13
C GLN A 339 15.80 -12.43 20.09
N GLY A 340 14.62 -11.84 19.99
CA GLY A 340 14.28 -10.74 20.87
C GLY A 340 14.35 -11.18 22.31
N GLU A 341 13.77 -12.33 22.59
CA GLU A 341 13.77 -12.85 23.94
C GLU A 341 15.18 -13.14 24.45
N TRP A 342 16.06 -13.57 23.57
CA TRP A 342 17.42 -13.83 23.99
C TRP A 342 18.03 -12.51 24.44
N MET A 343 17.80 -11.46 23.67
CA MET A 343 18.35 -10.16 24.02
C MET A 343 17.83 -9.68 25.35
N ARG A 344 16.58 -10.05 25.67
CA ARG A 344 16.00 -9.65 26.95
C ARG A 344 16.75 -10.37 28.08
N LEU A 345 17.05 -11.64 27.87
CA LEU A 345 17.79 -12.45 28.84
C LEU A 345 19.10 -11.80 29.24
N CYS A 346 19.82 -11.26 28.26
CA CYS A 346 21.11 -10.65 28.52
C CYS A 346 20.99 -9.26 29.13
N THR A 347 19.91 -8.56 28.81
CA THR A 347 19.80 -7.19 29.28
C THR A 347 18.76 -6.80 30.31
N SER A 348 17.66 -7.53 30.42
CA SER A 348 16.66 -7.10 31.35
C SER A 348 15.83 -8.16 32.07
N THR A 349 16.50 -9.20 32.55
CA THR A 349 15.79 -10.25 33.25
C THR A 349 15.30 -9.71 34.59
N THR A 350 14.16 -10.23 35.04
CA THR A 350 13.51 -9.82 36.28
C THR A 350 13.58 -10.92 37.34
N GLU A 351 13.72 -10.55 38.60
CA GLU A 351 13.76 -11.54 39.67
C GLU A 351 12.51 -12.41 39.57
N SER A 352 11.38 -11.78 39.26
CA SER A 352 10.11 -12.49 39.12
C SER A 352 10.26 -13.63 38.13
N GLU A 353 10.89 -13.35 36.99
CA GLU A 353 11.12 -14.32 35.93
C GLU A 353 12.02 -15.49 36.37
N VAL A 354 13.14 -15.17 37.03
CA VAL A 354 14.06 -16.20 37.50
C VAL A 354 13.41 -17.01 38.61
N LYS A 355 12.73 -16.31 39.51
CA LYS A 355 12.06 -16.95 40.63
C LYS A 355 11.18 -18.06 40.10
N ARG A 356 10.35 -17.74 39.12
CA ARG A 356 9.46 -18.72 38.52
C ARG A 356 10.25 -19.76 37.73
N ALA A 357 11.20 -19.28 36.92
CA ALA A 357 12.02 -20.16 36.11
C ALA A 357 12.67 -21.26 36.95
N LYS A 358 13.07 -20.91 38.17
CA LYS A 358 13.69 -21.86 39.10
C LYS A 358 12.73 -22.93 39.57
N ASN A 359 11.50 -22.54 39.88
CA ASN A 359 10.49 -23.51 40.32
C ASN A 359 10.20 -24.48 39.19
N HIS A 360 10.17 -23.96 37.97
CA HIS A 360 9.91 -24.82 36.82
C HIS A 360 11.07 -25.82 36.72
N LEU A 361 12.29 -25.29 36.70
CA LEU A 361 13.48 -26.12 36.60
C LEU A 361 13.57 -27.20 37.69
N ARG A 362 13.14 -26.87 38.90
CA ARG A 362 13.17 -27.85 40.00
C ARG A 362 12.25 -29.00 39.65
N SER A 363 10.96 -28.69 39.52
CA SER A 363 9.99 -29.72 39.18
C SER A 363 10.50 -30.56 38.00
N ALA A 364 11.31 -29.94 37.15
CA ALA A 364 11.87 -30.61 35.98
C ALA A 364 12.88 -31.67 36.38
N MET A 365 13.86 -31.29 37.19
CA MET A 365 14.92 -32.22 37.61
C MET A 365 14.32 -33.37 38.38
N VAL A 366 13.29 -33.05 39.17
CA VAL A 366 12.61 -34.06 39.97
C VAL A 366 11.92 -35.02 39.04
N ALA A 367 11.20 -34.48 38.05
CA ALA A 367 10.48 -35.32 37.09
C ALA A 367 11.41 -36.24 36.27
N GLN A 368 12.72 -36.03 36.38
CA GLN A 368 13.69 -36.87 35.65
C GLN A 368 14.08 -38.11 36.47
N LEU A 369 13.53 -38.21 37.66
CA LEU A 369 13.82 -39.34 38.55
C LEU A 369 12.49 -39.97 38.94
N ASP A 370 11.61 -40.06 37.96
CA ASP A 370 10.29 -40.61 38.16
C ASP A 370 10.23 -41.99 37.51
N GLY A 371 10.81 -42.96 38.21
CA GLY A 371 10.83 -44.33 37.71
C GLY A 371 12.21 -44.92 37.96
N THR A 372 12.37 -46.21 37.72
CA THR A 372 13.67 -46.82 37.95
C THR A 372 14.59 -46.61 36.78
N THR A 373 14.05 -46.66 35.57
CA THR A 373 14.87 -46.44 34.39
C THR A 373 15.40 -45.00 34.41
N PRO A 374 14.50 -44.02 34.55
CA PRO A 374 14.97 -42.63 34.58
C PRO A 374 15.93 -42.25 35.73
N VAL A 375 15.97 -43.05 36.79
CA VAL A 375 16.89 -42.77 37.88
C VAL A 375 18.19 -43.45 37.56
N CYS A 376 18.09 -44.52 36.78
CA CYS A 376 19.26 -45.29 36.39
C CYS A 376 19.99 -44.51 35.31
N GLU A 377 19.21 -43.89 34.41
CA GLU A 377 19.76 -43.09 33.31
C GLU A 377 20.59 -41.96 33.89
N THR A 378 20.09 -41.38 34.96
CA THR A 378 20.76 -40.29 35.66
C THR A 378 22.10 -40.73 36.23
N ILE A 379 22.07 -41.84 36.96
CA ILE A 379 23.27 -42.40 37.57
C ILE A 379 24.30 -42.72 36.51
N GLY A 380 23.93 -43.54 35.53
CA GLY A 380 24.84 -43.90 34.45
C GLY A 380 25.53 -42.67 33.85
N SER A 381 24.74 -41.64 33.59
CA SER A 381 25.22 -40.38 33.03
C SER A 381 26.05 -39.56 33.99
N HIS A 382 25.51 -39.23 35.16
CA HIS A 382 26.30 -38.45 36.11
C HIS A 382 27.73 -38.96 36.26
N LEU A 383 27.87 -40.23 36.59
CA LEU A 383 29.19 -40.81 36.77
C LEU A 383 30.01 -40.54 35.54
N LEU A 384 29.50 -41.05 34.42
CA LEU A 384 30.15 -40.89 33.13
C LEU A 384 30.54 -39.43 32.82
N ASN A 385 29.69 -38.46 33.16
CA ASN A 385 29.94 -37.05 32.86
C ASN A 385 30.55 -36.19 33.95
N TYR A 386 30.04 -36.28 35.18
CA TYR A 386 30.57 -35.48 36.27
C TYR A 386 31.55 -36.28 37.12
N GLY A 387 31.67 -37.57 36.83
CA GLY A 387 32.57 -38.43 37.59
C GLY A 387 32.04 -38.70 39.01
N ARG A 388 30.72 -38.65 39.15
CA ARG A 388 30.05 -38.84 40.41
C ARG A 388 28.58 -38.49 40.27
N ARG A 389 27.81 -38.75 41.32
CA ARG A 389 26.40 -38.43 41.30
C ARG A 389 26.16 -37.09 41.97
N ILE A 390 25.16 -36.38 41.46
CA ILE A 390 24.78 -35.10 42.00
C ILE A 390 23.32 -35.26 42.42
N SER A 391 23.10 -35.15 43.73
CA SER A 391 21.78 -35.31 44.34
C SER A 391 20.88 -34.12 44.08
N LEU A 392 19.58 -34.37 44.09
CA LEU A 392 18.65 -33.28 43.88
C LEU A 392 18.95 -32.24 44.96
N GLU A 393 19.33 -32.70 46.15
CA GLU A 393 19.62 -31.77 47.23
C GLU A 393 20.68 -30.77 46.78
N GLU A 394 21.63 -31.23 45.97
CA GLU A 394 22.70 -30.37 45.48
C GLU A 394 22.17 -29.46 44.38
N TRP A 395 21.61 -30.07 43.34
CA TRP A 395 21.05 -29.31 42.22
C TRP A 395 20.28 -28.14 42.79
N ASP A 396 19.43 -28.44 43.76
CA ASP A 396 18.62 -27.40 44.35
C ASP A 396 19.40 -26.27 45.03
N SER A 397 20.53 -26.62 45.63
CA SER A 397 21.35 -25.60 46.29
C SER A 397 21.90 -24.62 45.27
N ARG A 398 22.35 -25.17 44.13
CA ARG A 398 22.90 -24.40 43.02
C ARG A 398 21.80 -23.59 42.35
N ILE A 399 20.68 -24.24 42.04
CA ILE A 399 19.56 -23.58 41.40
C ILE A 399 19.03 -22.40 42.21
N SER A 400 19.07 -22.51 43.54
CA SER A 400 18.56 -21.47 44.41
C SER A 400 19.47 -20.25 44.51
N ALA A 401 20.73 -20.45 44.17
CA ALA A 401 21.72 -19.36 44.20
C ALA A 401 21.61 -18.43 42.97
N VAL A 402 20.95 -18.91 41.92
CA VAL A 402 20.75 -18.18 40.68
C VAL A 402 19.75 -17.05 40.83
N ASP A 403 20.11 -15.88 40.34
CA ASP A 403 19.25 -14.70 40.41
C ASP A 403 19.34 -13.91 39.11
N ALA A 404 18.48 -12.91 38.95
CA ALA A 404 18.47 -12.07 37.75
C ALA A 404 19.89 -11.67 37.37
N ARG A 405 20.46 -10.76 38.15
CA ARG A 405 21.82 -10.27 37.92
C ARG A 405 22.72 -11.39 37.40
N MET A 406 22.58 -12.58 37.94
CA MET A 406 23.40 -13.71 37.53
C MET A 406 23.05 -14.22 36.14
N VAL A 407 21.77 -14.43 35.89
CA VAL A 407 21.30 -14.91 34.58
C VAL A 407 21.76 -13.98 33.47
N ARG A 408 21.66 -12.69 33.72
CA ARG A 408 22.07 -11.71 32.75
C ARG A 408 23.55 -11.85 32.42
N ASP A 409 24.39 -11.94 33.45
CA ASP A 409 25.82 -12.06 33.21
C ASP A 409 26.17 -13.29 32.40
N VAL A 410 25.57 -14.43 32.74
CA VAL A 410 25.84 -15.68 32.04
C VAL A 410 25.40 -15.63 30.57
N CYS A 411 24.15 -15.28 30.35
CA CYS A 411 23.61 -15.19 28.99
C CYS A 411 24.43 -14.24 28.12
N SER A 412 24.77 -13.08 28.65
CA SER A 412 25.56 -12.12 27.91
C SER A 412 26.86 -12.80 27.48
N LYS A 413 27.49 -13.48 28.43
CA LYS A 413 28.74 -14.17 28.18
C LYS A 413 28.64 -15.24 27.10
N TYR A 414 27.50 -15.91 27.00
CA TYR A 414 27.36 -16.96 25.99
C TYR A 414 26.58 -16.61 24.73
N ILE A 415 25.76 -15.56 24.79
CA ILE A 415 24.93 -15.19 23.64
C ILE A 415 25.23 -13.87 22.95
N TYR A 416 25.41 -12.82 23.75
CA TYR A 416 25.62 -11.50 23.21
C TYR A 416 26.70 -11.35 22.16
N ASP A 417 26.28 -10.81 21.02
CA ASP A 417 27.16 -10.56 19.90
C ASP A 417 27.91 -11.78 19.35
N LYS A 418 27.40 -12.98 19.60
CA LYS A 418 28.05 -14.18 19.08
C LYS A 418 27.60 -14.44 17.67
N CYS A 419 28.36 -15.21 16.91
CA CYS A 419 27.96 -15.57 15.55
C CYS A 419 27.36 -16.95 15.74
N PRO A 420 26.03 -17.06 15.64
CA PRO A 420 25.37 -18.37 15.80
C PRO A 420 25.43 -19.33 14.61
N ALA A 421 24.96 -20.54 14.86
CA ALA A 421 24.93 -21.56 13.83
C ALA A 421 23.43 -21.72 13.55
N LEU A 422 23.09 -21.68 12.27
CA LEU A 422 21.72 -21.75 11.85
C LEU A 422 21.41 -22.90 10.90
N ALA A 423 20.34 -23.62 11.18
CA ALA A 423 19.94 -24.72 10.30
C ALA A 423 18.48 -24.51 9.92
N ALA A 424 18.21 -24.51 8.62
CA ALA A 424 16.84 -24.29 8.16
C ALA A 424 16.45 -25.29 7.10
N VAL A 425 15.28 -25.87 7.31
CA VAL A 425 14.74 -26.85 6.39
C VAL A 425 13.27 -26.57 6.09
N GLY A 426 12.90 -26.75 4.82
CA GLY A 426 11.53 -26.56 4.40
C GLY A 426 11.39 -25.36 3.50
N PRO A 427 10.17 -24.82 3.37
CA PRO A 427 9.79 -23.65 2.57
C PRO A 427 10.27 -22.39 3.30
N ILE A 428 11.58 -22.28 3.43
CA ILE A 428 12.21 -21.19 4.17
C ILE A 428 12.53 -19.85 3.49
N GLU A 429 11.92 -19.57 2.35
CA GLU A 429 12.21 -18.32 1.66
C GLU A 429 12.06 -17.06 2.46
N GLN A 430 11.09 -17.02 3.38
CA GLN A 430 10.86 -15.82 4.18
C GLN A 430 11.88 -15.57 5.30
N LEU A 431 12.63 -16.58 5.67
CA LEU A 431 13.65 -16.41 6.71
C LEU A 431 14.88 -16.05 5.93
N LEU A 432 15.51 -14.91 6.16
CA LEU A 432 16.68 -14.74 5.33
C LEU A 432 17.87 -14.01 5.92
N ASP A 433 18.94 -14.02 5.14
CA ASP A 433 20.21 -13.43 5.43
C ASP A 433 20.85 -13.67 6.80
N TYR A 434 21.97 -14.39 6.79
CA TYR A 434 22.72 -14.69 8.00
C TYR A 434 23.06 -13.37 8.63
N ASN A 435 23.37 -12.39 7.79
CA ASN A 435 23.70 -11.04 8.24
C ASN A 435 22.65 -10.41 9.11
N ARG A 436 21.40 -10.51 8.68
CA ARG A 436 20.29 -9.95 9.42
C ARG A 436 20.11 -10.67 10.75
N ILE A 437 20.32 -11.99 10.74
CA ILE A 437 20.19 -12.80 11.93
C ILE A 437 21.33 -12.48 12.91
N ARG A 438 22.52 -12.30 12.37
CA ARG A 438 23.68 -12.00 13.17
C ARG A 438 23.49 -10.67 13.91
N SER A 439 22.83 -9.76 13.22
CA SER A 439 22.57 -8.44 13.79
C SER A 439 21.49 -8.49 14.85
N GLY A 440 20.78 -9.61 14.90
CA GLY A 440 19.73 -9.75 15.89
C GLY A 440 20.36 -10.28 17.16
N MET A 441 21.68 -10.37 17.15
CA MET A 441 22.41 -10.88 18.28
C MET A 441 22.89 -9.76 19.20
N TYR A 442 22.43 -8.53 18.98
CA TYR A 442 22.84 -7.45 19.86
C TYR A 442 21.86 -6.30 19.87
N TRP A 443 21.93 -5.55 20.97
CA TRP A 443 21.07 -4.42 21.32
C TRP A 443 19.64 -4.96 21.52
N ILE A 444 19.22 -5.03 22.80
CA ILE A 444 17.91 -5.53 23.25
C ILE A 444 16.71 -5.29 22.34
N GLY B 22 10.95 -43.28 56.53
CA GLY B 22 9.54 -43.32 56.07
C GLY B 22 9.23 -44.44 55.10
N ALA B 23 8.04 -45.01 55.20
CA ALA B 23 7.59 -46.09 54.33
C ALA B 23 6.43 -46.85 54.99
N GLU B 24 5.20 -46.40 54.74
CA GLU B 24 4.03 -47.04 55.34
C GLU B 24 2.63 -46.52 54.97
N ASP B 25 1.66 -47.45 54.98
CA ASP B 25 0.23 -47.24 54.74
C ASP B 25 -0.32 -46.81 53.38
N LEU B 26 -1.59 -46.44 53.41
CA LEU B 26 -2.37 -45.97 52.26
C LEU B 26 -3.81 -45.83 52.75
N GLU B 27 -4.07 -44.81 53.56
CA GLU B 27 -5.41 -44.58 54.10
C GLU B 27 -6.46 -44.28 53.01
N ILE B 28 -7.74 -44.29 53.38
CA ILE B 28 -8.79 -44.07 52.39
C ILE B 28 -10.18 -43.87 52.98
N THR B 29 -10.46 -42.66 53.45
CA THR B 29 -11.76 -42.31 54.04
C THR B 29 -12.89 -42.37 52.98
N LYS B 30 -14.12 -42.16 53.39
CA LYS B 30 -15.23 -42.16 52.45
C LYS B 30 -16.39 -41.26 52.88
N LEU B 31 -16.08 -39.97 53.00
CA LEU B 31 -17.00 -38.91 53.40
C LEU B 31 -18.51 -39.18 53.34
N PRO B 32 -19.30 -38.32 54.04
CA PRO B 32 -20.75 -38.41 54.11
C PRO B 32 -21.43 -38.69 52.75
N ASN B 33 -21.35 -37.70 51.86
CA ASN B 33 -21.94 -37.76 50.52
C ASN B 33 -21.46 -38.84 49.53
N GLY B 34 -20.51 -39.67 49.94
CA GLY B 34 -20.04 -40.72 49.06
C GLY B 34 -18.73 -40.38 48.37
N LEU B 35 -18.15 -39.24 48.74
CA LEU B 35 -16.88 -38.78 48.16
C LEU B 35 -15.70 -39.55 48.73
N ILE B 36 -15.07 -40.37 47.89
CA ILE B 36 -13.93 -41.16 48.34
C ILE B 36 -12.62 -40.37 48.32
N ILE B 37 -11.83 -40.56 49.36
CA ILE B 37 -10.54 -39.87 49.51
C ILE B 37 -9.37 -40.84 49.75
N ALA B 38 -8.55 -41.08 48.73
CA ALA B 38 -7.38 -41.96 48.86
C ALA B 38 -6.16 -41.13 49.23
N SER B 39 -5.12 -41.77 49.73
CA SER B 39 -3.92 -41.04 50.12
C SER B 39 -2.72 -41.93 50.43
N LEU B 40 -1.53 -41.41 50.21
CA LEU B 40 -0.30 -42.14 50.49
C LEU B 40 0.89 -41.22 50.48
N GLU B 41 1.65 -41.25 51.57
CA GLU B 41 2.83 -40.41 51.67
C GLU B 41 4.08 -41.23 51.37
N ASN B 42 4.76 -40.91 50.27
CA ASN B 42 5.98 -41.62 49.90
C ASN B 42 7.15 -40.64 49.99
N PHE B 43 6.90 -39.53 50.67
CA PHE B 43 7.89 -38.49 50.87
C PHE B 43 8.66 -38.05 49.63
N SER B 44 8.01 -38.19 48.47
CA SER B 44 8.62 -37.79 47.21
C SER B 44 8.71 -36.28 47.26
N PRO B 45 9.81 -35.71 46.76
CA PRO B 45 9.96 -34.25 46.79
C PRO B 45 8.84 -33.56 46.03
N ALA B 46 7.93 -34.35 45.46
CA ALA B 46 6.83 -33.80 44.70
C ALA B 46 5.49 -34.48 44.96
N SER B 47 4.43 -33.68 44.92
CA SER B 47 3.09 -34.17 45.13
C SER B 47 2.43 -34.30 43.76
N ARG B 48 1.26 -34.92 43.74
CA ARG B 48 0.51 -35.11 42.53
C ARG B 48 -0.91 -35.47 42.94
N ILE B 49 -1.74 -34.46 43.14
CA ILE B 49 -3.13 -34.64 43.55
C ILE B 49 -4.04 -34.80 42.33
N GLY B 50 -5.13 -35.55 42.48
CA GLY B 50 -6.04 -35.75 41.37
C GLY B 50 -7.51 -35.93 41.71
N VAL B 51 -8.37 -35.62 40.76
CA VAL B 51 -9.80 -35.76 40.94
C VAL B 51 -10.29 -36.71 39.86
N PHE B 52 -10.63 -37.93 40.25
CA PHE B 52 -11.12 -38.92 39.29
C PHE B 52 -12.64 -38.84 39.25
N ILE B 53 -13.22 -39.04 38.07
CA ILE B 53 -14.67 -38.95 37.95
C ILE B 53 -15.25 -39.93 36.95
N LYS B 54 -16.48 -40.35 37.20
CA LYS B 54 -17.16 -41.27 36.30
C LYS B 54 -17.89 -40.39 35.30
N ALA B 55 -17.23 -40.08 34.19
CA ALA B 55 -17.82 -39.25 33.16
C ALA B 55 -17.09 -39.50 31.84
N GLY B 56 -17.76 -39.24 30.73
CA GLY B 56 -17.09 -39.47 29.47
C GLY B 56 -18.05 -39.57 28.31
N SER B 57 -17.52 -39.68 27.10
CA SER B 57 -18.34 -39.79 25.91
C SER B 57 -19.42 -40.89 26.02
N ARG B 58 -19.37 -41.65 27.11
CA ARG B 58 -20.30 -42.73 27.37
C ARG B 58 -21.69 -42.22 27.76
N TYR B 59 -21.71 -41.09 28.46
CA TYR B 59 -22.97 -40.47 28.90
C TYR B 59 -23.50 -39.47 27.88
N GLU B 60 -22.85 -39.42 26.72
CA GLU B 60 -23.26 -38.51 25.66
C GLU B 60 -24.45 -39.11 24.90
N THR B 61 -25.33 -38.23 24.44
CA THR B 61 -26.50 -38.62 23.67
C THR B 61 -26.36 -37.93 22.34
N THR B 62 -26.94 -38.54 21.31
CA THR B 62 -26.86 -37.98 19.96
C THR B 62 -27.08 -36.45 19.99
N ALA B 63 -27.70 -35.97 21.06
CA ALA B 63 -27.98 -34.54 21.20
C ALA B 63 -26.84 -33.68 21.73
N ASN B 64 -25.93 -34.25 22.51
CA ASN B 64 -24.84 -33.44 23.04
C ASN B 64 -23.43 -33.98 22.80
N LEU B 65 -23.30 -34.85 21.80
CA LEU B 65 -22.02 -35.43 21.43
C LEU B 65 -20.88 -34.41 21.52
N GLY B 66 -19.68 -34.90 21.85
CA GLY B 66 -18.53 -34.03 21.94
C GLY B 66 -18.44 -33.15 23.17
N THR B 67 -19.56 -32.89 23.84
CA THR B 67 -19.54 -32.04 25.02
C THR B 67 -18.55 -32.54 26.10
N ALA B 68 -18.21 -33.83 26.01
CA ALA B 68 -17.25 -34.42 26.95
C ALA B 68 -15.85 -33.92 26.57
N HIS B 69 -15.55 -34.06 25.27
CA HIS B 69 -14.28 -33.63 24.68
C HIS B 69 -14.01 -32.15 24.94
N LEU B 70 -14.99 -31.31 24.59
CA LEU B 70 -14.85 -29.88 24.79
C LEU B 70 -14.67 -29.52 26.26
N LEU B 71 -15.31 -30.30 27.13
CA LEU B 71 -15.21 -30.04 28.56
C LEU B 71 -13.78 -30.29 29.01
N ARG B 72 -13.12 -31.20 28.32
CA ARG B 72 -11.74 -31.56 28.61
C ARG B 72 -10.79 -30.40 28.29
N LEU B 73 -10.99 -29.78 27.13
CA LEU B 73 -10.14 -28.66 26.71
C LEU B 73 -10.48 -27.39 27.46
N ALA B 74 -11.67 -27.37 28.05
CA ALA B 74 -12.12 -26.18 28.76
C ALA B 74 -11.53 -25.99 30.15
N SER B 75 -10.74 -26.95 30.64
CA SER B 75 -10.18 -26.82 31.98
C SER B 75 -9.59 -25.45 32.36
N PRO B 76 -8.88 -24.77 31.44
CA PRO B 76 -8.28 -23.45 31.73
C PRO B 76 -9.15 -22.21 31.67
N LEU B 77 -10.44 -22.38 31.36
CA LEU B 77 -11.41 -21.27 31.28
C LEU B 77 -11.77 -20.75 32.69
N THR B 78 -12.20 -19.49 32.77
CA THR B 78 -12.53 -18.90 34.07
C THR B 78 -13.49 -19.72 34.91
N THR B 79 -13.25 -19.67 36.22
CA THR B 79 -14.04 -20.35 37.24
C THR B 79 -14.49 -19.29 38.23
N LYS B 80 -15.52 -19.59 39.01
CA LYS B 80 -16.03 -18.63 39.99
C LYS B 80 -14.96 -18.14 40.97
N GLY B 81 -14.01 -19.01 41.32
CA GLY B 81 -12.96 -18.62 42.25
C GLY B 81 -11.73 -17.99 41.61
N ALA B 82 -11.32 -18.52 40.46
CA ALA B 82 -10.14 -18.01 39.76
C ALA B 82 -10.44 -17.73 38.31
N SER B 83 -9.68 -16.80 37.73
CA SER B 83 -9.85 -16.40 36.34
C SER B 83 -8.93 -17.18 35.39
N SER B 84 -9.32 -17.22 34.13
CA SER B 84 -8.56 -17.90 33.07
C SER B 84 -7.08 -17.52 33.21
N PHE B 85 -6.87 -16.25 33.52
CA PHE B 85 -5.54 -15.70 33.71
C PHE B 85 -4.87 -16.29 34.94
N ARG B 86 -5.44 -16.03 36.12
CA ARG B 86 -4.84 -16.51 37.35
C ARG B 86 -4.61 -17.99 37.41
N ILE B 87 -5.50 -18.76 36.80
CA ILE B 87 -5.32 -20.21 36.80
C ILE B 87 -3.97 -20.58 36.20
N THR B 88 -3.75 -20.17 34.95
CA THR B 88 -2.50 -20.47 34.24
C THR B 88 -1.29 -19.76 34.84
N ARG B 89 -1.43 -18.48 35.14
CA ARG B 89 -0.31 -17.76 35.71
C ARG B 89 0.00 -18.34 37.08
N GLY B 90 -1.02 -18.40 37.91
CA GLY B 90 -0.88 -18.93 39.27
C GLY B 90 -0.21 -20.28 39.37
N ILE B 91 -0.62 -21.22 38.52
CA ILE B 91 -0.02 -22.55 38.55
C ILE B 91 1.44 -22.53 38.11
N GLU B 92 1.71 -21.81 37.02
CA GLU B 92 3.07 -21.70 36.47
C GLU B 92 4.02 -20.98 37.41
N ALA B 93 3.44 -20.15 38.28
CA ALA B 93 4.20 -19.36 39.24
C ALA B 93 5.01 -20.22 40.21
N VAL B 94 4.58 -21.46 40.39
CA VAL B 94 5.25 -22.37 41.31
C VAL B 94 5.80 -23.60 40.59
N GLY B 95 5.89 -23.51 39.27
CA GLY B 95 6.40 -24.63 38.51
C GLY B 95 5.42 -25.77 38.58
N GLY B 96 4.14 -25.45 38.60
CA GLY B 96 3.12 -26.48 38.67
C GLY B 96 2.74 -26.98 37.29
N SER B 97 1.72 -27.83 37.24
CA SER B 97 1.21 -28.37 36.00
C SER B 97 -0.28 -28.60 36.21
N LEU B 98 -0.99 -28.99 35.17
CA LEU B 98 -2.43 -29.22 35.27
C LEU B 98 -2.92 -29.86 33.99
N SER B 99 -3.45 -31.07 34.10
CA SER B 99 -3.93 -31.79 32.94
C SER B 99 -5.25 -32.53 33.16
N VAL B 100 -5.81 -33.05 32.07
CA VAL B 100 -7.07 -33.76 32.12
C VAL B 100 -7.01 -34.98 31.23
N TYR B 101 -6.89 -36.16 31.83
CA TYR B 101 -6.84 -37.39 31.05
C TYR B 101 -8.22 -38.02 31.12
N SER B 102 -8.69 -38.61 30.04
CA SER B 102 -10.01 -39.22 30.08
C SER B 102 -10.27 -40.33 29.07
N THR B 103 -10.99 -41.35 29.52
CA THR B 103 -11.37 -42.50 28.69
C THR B 103 -12.82 -42.28 28.27
N ARG B 104 -13.45 -43.30 27.73
CA ARG B 104 -14.83 -43.12 27.33
C ARG B 104 -15.73 -43.07 28.54
N GLU B 105 -15.20 -43.45 29.70
CA GLU B 105 -16.03 -43.47 30.90
C GLU B 105 -15.43 -42.93 32.19
N LYS B 106 -14.29 -42.27 32.10
CA LYS B 106 -13.69 -41.70 33.30
C LYS B 106 -12.88 -40.47 32.94
N MET B 107 -12.90 -39.46 33.80
CA MET B 107 -12.16 -38.23 33.55
C MET B 107 -11.31 -37.91 34.75
N THR B 108 -10.03 -37.65 34.54
CA THR B 108 -9.17 -37.33 35.66
C THR B 108 -8.59 -35.93 35.55
N TYR B 109 -8.70 -35.17 36.61
CA TYR B 109 -8.15 -33.82 36.65
C TYR B 109 -7.03 -33.78 37.67
N CYS B 110 -5.78 -33.83 37.22
CA CYS B 110 -4.68 -33.79 38.18
C CYS B 110 -3.72 -32.62 38.01
N VAL B 111 -2.92 -32.39 39.03
CA VAL B 111 -1.95 -31.30 39.04
C VAL B 111 -0.73 -31.76 39.80
N GLU B 112 0.46 -31.41 39.33
CA GLU B 112 1.69 -31.77 40.02
C GLU B 112 2.34 -30.49 40.52
N CYS B 113 3.30 -30.64 41.43
CA CYS B 113 4.02 -29.50 41.99
C CYS B 113 4.90 -29.97 43.12
N LEU B 114 5.80 -29.10 43.58
CA LEU B 114 6.67 -29.45 44.68
C LEU B 114 5.83 -29.45 45.96
N ARG B 115 6.25 -30.28 46.93
CA ARG B 115 5.55 -30.43 48.19
C ARG B 115 5.05 -29.13 48.81
N ASP B 116 5.86 -28.09 48.75
CA ASP B 116 5.51 -26.83 49.37
C ASP B 116 4.50 -25.95 48.65
N HIS B 117 3.98 -26.41 47.53
CA HIS B 117 3.05 -25.57 46.79
C HIS B 117 1.71 -26.25 46.61
N VAL B 118 1.53 -27.39 47.26
CA VAL B 118 0.28 -28.13 47.14
C VAL B 118 -0.94 -27.23 47.36
N ASP B 119 -1.05 -26.70 48.57
CA ASP B 119 -2.18 -25.83 48.93
C ASP B 119 -2.53 -24.78 47.86
N THR B 120 -1.51 -24.24 47.22
CA THR B 120 -1.70 -23.21 46.18
C THR B 120 -2.31 -23.78 44.90
N VAL B 121 -1.67 -24.81 44.37
CA VAL B 121 -2.12 -25.49 43.15
C VAL B 121 -3.50 -26.10 43.35
N MET B 122 -3.82 -26.42 44.60
CA MET B 122 -5.09 -27.04 44.92
C MET B 122 -6.29 -26.17 44.60
N GLU B 123 -6.16 -24.88 44.90
CA GLU B 123 -7.23 -23.93 44.66
C GLU B 123 -7.83 -24.06 43.27
N TYR B 124 -6.95 -23.96 42.28
CA TYR B 124 -7.36 -24.04 40.88
C TYR B 124 -7.96 -25.42 40.57
N LEU B 125 -7.35 -26.47 41.13
CA LEU B 125 -7.87 -27.81 40.92
C LEU B 125 -9.33 -27.86 41.37
N LEU B 126 -9.56 -27.50 42.64
CA LEU B 126 -10.91 -27.46 43.23
C LEU B 126 -11.82 -26.64 42.33
N ASN B 127 -11.40 -25.40 42.08
CA ASN B 127 -12.13 -24.45 41.25
C ASN B 127 -12.51 -24.97 39.85
N VAL B 128 -11.55 -25.54 39.15
CA VAL B 128 -11.80 -26.07 37.82
C VAL B 128 -12.91 -27.13 37.78
N THR B 129 -12.74 -28.18 38.57
CA THR B 129 -13.67 -29.31 38.64
C THR B 129 -15.04 -29.10 39.29
N THR B 130 -15.13 -28.13 40.20
CA THR B 130 -16.40 -27.89 40.90
C THR B 130 -17.12 -26.59 40.57
N ALA B 131 -16.37 -25.54 40.25
CA ALA B 131 -16.97 -24.23 39.99
C ALA B 131 -16.77 -23.57 38.61
N PRO B 132 -16.84 -24.33 37.50
CA PRO B 132 -16.64 -23.67 36.21
C PRO B 132 -17.74 -22.64 35.91
N GLU B 133 -17.48 -21.74 34.96
CA GLU B 133 -18.44 -20.71 34.58
C GLU B 133 -18.84 -20.84 33.11
N PHE B 134 -17.96 -21.45 32.32
CA PHE B 134 -18.22 -21.66 30.90
C PHE B 134 -18.85 -20.42 30.26
N ARG B 135 -18.21 -19.27 30.44
CA ARG B 135 -18.69 -18.03 29.87
C ARG B 135 -18.85 -18.23 28.37
N PRO B 136 -20.00 -17.83 27.82
CA PRO B 136 -20.33 -17.95 26.39
C PRO B 136 -19.18 -17.63 25.45
N TRP B 137 -18.62 -16.43 25.57
CA TRP B 137 -17.53 -16.05 24.71
C TRP B 137 -16.30 -16.96 24.88
N GLU B 138 -15.77 -17.09 26.10
CA GLU B 138 -14.61 -17.96 26.33
C GLU B 138 -14.83 -19.31 25.65
N VAL B 139 -16.06 -19.79 25.75
CA VAL B 139 -16.46 -21.06 25.16
C VAL B 139 -16.51 -21.00 23.64
N THR B 140 -16.96 -19.87 23.10
CA THR B 140 -17.04 -19.77 21.65
C THR B 140 -15.62 -19.72 21.07
N ASP B 141 -14.74 -18.92 21.68
CA ASP B 141 -13.35 -18.78 21.23
C ASP B 141 -12.56 -20.10 21.31
N LEU B 142 -12.95 -20.96 22.26
CA LEU B 142 -12.28 -22.23 22.48
C LEU B 142 -12.61 -23.35 21.49
N GLN B 143 -13.88 -23.49 21.16
CA GLN B 143 -14.30 -24.57 20.27
C GLN B 143 -13.47 -24.82 19.01
N PRO B 144 -13.07 -23.77 18.28
CA PRO B 144 -12.28 -24.04 17.08
C PRO B 144 -11.06 -24.90 17.39
N GLN B 145 -10.71 -24.97 18.67
CA GLN B 145 -9.57 -25.77 19.11
C GLN B 145 -9.82 -27.27 18.92
N LEU B 146 -11.06 -27.70 19.10
CA LEU B 146 -11.40 -29.10 18.94
C LEU B 146 -10.94 -29.60 17.58
N LYS B 147 -11.00 -28.72 16.58
CA LYS B 147 -10.60 -29.10 15.24
C LYS B 147 -9.11 -29.44 15.22
N VAL B 148 -8.32 -28.61 15.89
CA VAL B 148 -6.88 -28.80 15.99
C VAL B 148 -6.56 -30.02 16.82
N ASP B 149 -6.90 -29.95 18.11
CA ASP B 149 -6.69 -31.04 19.08
C ASP B 149 -6.97 -32.41 18.46
N LYS B 150 -8.12 -32.50 17.80
CA LYS B 150 -8.55 -33.71 17.15
C LYS B 150 -7.62 -34.06 15.96
N ALA B 151 -7.09 -33.03 15.29
CA ALA B 151 -6.22 -33.23 14.14
C ALA B 151 -4.87 -33.87 14.47
N VAL B 152 -4.27 -33.50 15.60
CA VAL B 152 -2.99 -34.10 15.96
C VAL B 152 -3.21 -35.54 16.41
N ALA B 153 -4.29 -35.78 17.14
CA ALA B 153 -4.57 -37.12 17.62
C ALA B 153 -4.65 -38.06 16.43
N PHE B 154 -5.51 -37.72 15.48
CA PHE B 154 -5.71 -38.55 14.29
C PHE B 154 -4.50 -38.68 13.37
N GLN B 155 -3.34 -38.23 13.85
CA GLN B 155 -2.12 -38.34 13.05
C GLN B 155 -1.62 -39.76 13.10
N SER B 156 -2.08 -40.49 14.11
CA SER B 156 -1.73 -41.89 14.32
C SER B 156 -2.97 -42.68 13.89
N PRO B 157 -2.84 -43.49 12.82
CA PRO B 157 -4.00 -44.27 12.38
C PRO B 157 -4.53 -45.11 13.54
N GLN B 158 -3.59 -45.51 14.41
CA GLN B 158 -3.87 -46.28 15.61
C GLN B 158 -5.19 -45.74 16.24
N VAL B 159 -5.29 -44.41 16.35
CA VAL B 159 -6.46 -43.77 16.95
C VAL B 159 -7.73 -43.77 16.08
N GLY B 160 -7.56 -43.89 14.76
CA GLY B 160 -8.70 -43.89 13.87
C GLY B 160 -9.53 -45.17 13.94
N VAL B 161 -8.87 -46.32 13.84
CA VAL B 161 -9.60 -47.57 13.89
C VAL B 161 -10.21 -47.82 15.25
N LEU B 162 -9.57 -47.34 16.32
CA LEU B 162 -10.14 -47.56 17.64
C LEU B 162 -11.47 -46.84 17.79
N GLU B 163 -11.58 -45.65 17.22
CA GLU B 163 -12.83 -44.89 17.26
C GLU B 163 -13.90 -45.68 16.56
N ASN B 164 -13.60 -46.08 15.32
CA ASN B 164 -14.53 -46.84 14.50
C ASN B 164 -14.83 -48.23 15.03
N LEU B 165 -13.96 -48.73 15.90
CA LEU B 165 -14.16 -50.06 16.47
C LEU B 165 -15.32 -49.93 17.44
N HIS B 166 -15.11 -49.14 18.48
CA HIS B 166 -16.17 -48.92 19.46
C HIS B 166 -17.48 -48.56 18.78
N ALA B 167 -17.43 -48.20 17.51
CA ALA B 167 -18.63 -47.82 16.78
C ALA B 167 -19.27 -49.04 16.16
N ALA B 168 -18.47 -50.07 15.89
CA ALA B 168 -18.98 -51.29 15.28
C ALA B 168 -19.22 -52.32 16.39
N ALA B 169 -18.49 -52.16 17.48
CA ALA B 169 -18.62 -53.07 18.58
C ALA B 169 -19.83 -52.72 19.43
N TYR B 170 -20.39 -51.53 19.23
CA TYR B 170 -21.56 -51.15 20.02
C TYR B 170 -22.68 -50.44 19.27
N LYS B 171 -23.77 -50.18 20.01
CA LYS B 171 -24.94 -49.48 19.49
C LYS B 171 -25.16 -48.23 20.32
N THR B 172 -24.41 -48.09 21.41
CA THR B 172 -24.55 -46.94 22.29
C THR B 172 -23.40 -46.74 23.28
N ALA B 173 -23.59 -45.78 24.17
CA ALA B 173 -22.64 -45.43 25.23
C ALA B 173 -21.16 -45.55 24.86
N LEU B 174 -20.68 -46.78 24.78
CA LEU B 174 -19.30 -47.04 24.42
C LEU B 174 -19.12 -46.81 22.93
N ALA B 175 -20.22 -46.84 22.18
CA ALA B 175 -20.16 -46.63 20.75
C ALA B 175 -19.87 -45.17 20.44
N ASN B 176 -20.00 -44.32 21.47
CA ASN B 176 -19.76 -42.89 21.33
C ASN B 176 -18.27 -42.62 21.20
N PRO B 177 -17.88 -41.80 20.19
CA PRO B 177 -16.50 -41.41 19.90
C PRO B 177 -15.87 -40.58 21.02
N LEU B 178 -14.55 -40.70 21.15
CA LEU B 178 -13.80 -39.99 22.18
C LEU B 178 -13.43 -38.56 21.79
N TYR B 179 -13.41 -38.28 20.49
CA TYR B 179 -13.09 -36.94 20.02
C TYR B 179 -14.31 -36.37 19.30
N CYS B 180 -14.73 -35.19 19.74
CA CYS B 180 -15.88 -34.52 19.18
C CYS B 180 -16.03 -34.71 17.67
N PRO B 181 -17.18 -35.23 17.23
CA PRO B 181 -17.39 -35.44 15.80
C PRO B 181 -17.36 -34.09 15.10
N ASP B 182 -16.96 -34.13 13.84
CA ASP B 182 -16.82 -32.91 13.03
C ASP B 182 -18.03 -31.97 13.02
N TYR B 183 -19.16 -32.46 12.51
CA TYR B 183 -20.38 -31.64 12.43
C TYR B 183 -20.76 -30.88 13.71
N ARG B 184 -20.31 -31.37 14.87
CA ARG B 184 -20.66 -30.71 16.11
C ARG B 184 -19.66 -29.68 16.62
N ILE B 185 -18.56 -29.47 15.91
CA ILE B 185 -17.59 -28.48 16.35
C ILE B 185 -18.25 -27.11 16.22
N GLY B 186 -18.22 -26.36 17.32
CA GLY B 186 -18.81 -25.04 17.32
C GLY B 186 -20.28 -25.01 17.71
N LYS B 187 -20.91 -26.18 17.74
CA LYS B 187 -22.34 -26.28 18.09
C LYS B 187 -22.63 -26.71 19.52
N ILE B 188 -21.58 -26.84 20.32
CA ILE B 188 -21.75 -27.21 21.71
C ILE B 188 -22.08 -25.91 22.43
N THR B 189 -22.69 -25.98 23.61
CA THR B 189 -23.08 -24.76 24.31
C THR B 189 -22.73 -24.73 25.79
N SER B 190 -22.70 -23.52 26.36
CA SER B 190 -22.40 -23.35 27.78
C SER B 190 -23.41 -24.16 28.59
N GLU B 191 -24.61 -24.32 28.04
CA GLU B 191 -25.63 -25.10 28.73
C GLU B 191 -25.10 -26.51 28.80
N GLN B 192 -25.07 -27.16 27.64
CA GLN B 192 -24.60 -28.54 27.54
C GLN B 192 -23.44 -28.85 28.47
N LEU B 193 -22.47 -27.95 28.53
CA LEU B 193 -21.33 -28.16 29.39
C LEU B 193 -21.79 -28.13 30.84
N HIS B 194 -22.50 -27.09 31.22
CA HIS B 194 -23.02 -26.96 32.58
C HIS B 194 -23.80 -28.19 32.98
N HIS B 195 -24.85 -28.51 32.22
CA HIS B 195 -25.66 -29.67 32.53
C HIS B 195 -24.81 -30.91 32.62
N PHE B 196 -23.91 -31.14 31.66
CA PHE B 196 -23.05 -32.31 31.70
C PHE B 196 -22.34 -32.37 33.06
N VAL B 197 -21.75 -31.25 33.46
CA VAL B 197 -21.05 -31.18 34.73
C VAL B 197 -21.96 -31.39 35.93
N GLN B 198 -23.09 -30.69 35.95
CA GLN B 198 -24.05 -30.79 37.05
C GLN B 198 -24.68 -32.18 37.16
N ASN B 199 -24.73 -32.91 36.06
CA ASN B 199 -25.32 -34.25 36.04
C ASN B 199 -24.33 -35.41 36.21
N ASN B 200 -23.04 -35.12 36.28
CA ASN B 200 -22.04 -36.20 36.39
C ASN B 200 -20.96 -35.95 37.42
N PHE B 201 -20.52 -34.71 37.55
CA PHE B 201 -19.47 -34.37 38.51
C PHE B 201 -20.09 -34.27 39.89
N THR B 202 -20.67 -35.38 40.33
CA THR B 202 -21.34 -35.47 41.62
C THR B 202 -20.53 -36.32 42.60
N SER B 203 -20.42 -35.84 43.84
CA SER B 203 -19.66 -36.50 44.90
C SER B 203 -19.66 -38.03 44.97
N ALA B 204 -20.76 -38.66 44.58
CA ALA B 204 -20.85 -40.12 44.62
C ALA B 204 -20.24 -40.80 43.39
N ARG B 205 -19.70 -39.99 42.48
CA ARG B 205 -19.07 -40.48 41.25
C ARG B 205 -17.64 -39.99 41.16
N MET B 206 -17.25 -39.17 42.13
CA MET B 206 -15.91 -38.57 42.18
C MET B 206 -15.03 -39.07 43.32
N ALA B 207 -13.72 -39.10 43.07
CA ALA B 207 -12.75 -39.53 44.08
C ALA B 207 -11.59 -38.55 44.10
N LEU B 208 -11.14 -38.16 45.28
CA LEU B 208 -10.03 -37.24 45.42
C LEU B 208 -8.75 -37.94 45.90
N VAL B 209 -8.01 -38.55 44.97
CA VAL B 209 -6.77 -39.26 45.30
C VAL B 209 -5.61 -38.30 45.55
N GLY B 210 -4.48 -38.79 46.06
CA GLY B 210 -3.38 -37.88 46.31
C GLY B 210 -2.04 -38.35 46.85
N ILE B 211 -1.13 -38.71 45.94
CA ILE B 211 0.21 -39.16 46.32
C ILE B 211 1.04 -37.96 46.81
N GLY B 212 2.02 -38.22 47.67
CA GLY B 212 2.85 -37.15 48.17
C GLY B 212 2.25 -36.23 49.22
N VAL B 213 1.14 -36.64 49.83
CA VAL B 213 0.50 -35.82 50.88
C VAL B 213 -0.03 -36.66 52.05
N LYS B 214 -0.24 -36.02 53.20
CA LYS B 214 -0.76 -36.69 54.39
C LYS B 214 -2.30 -36.73 54.33
N HIS B 215 -2.87 -37.88 54.66
CA HIS B 215 -4.32 -38.10 54.59
C HIS B 215 -5.23 -37.06 55.27
N SER B 216 -4.84 -36.58 56.45
CA SER B 216 -5.67 -35.62 57.16
C SER B 216 -5.83 -34.33 56.34
N ASP B 217 -4.75 -33.91 55.71
CA ASP B 217 -4.72 -32.69 54.89
C ASP B 217 -5.56 -32.80 53.63
N LEU B 218 -5.38 -33.89 52.88
CA LEU B 218 -6.13 -34.13 51.66
C LEU B 218 -7.62 -34.26 52.02
N LYS B 219 -7.88 -34.76 53.22
CA LYS B 219 -9.25 -34.94 53.71
C LYS B 219 -9.90 -33.58 54.00
N GLN B 220 -9.23 -32.78 54.83
CA GLN B 220 -9.72 -31.46 55.20
C GLN B 220 -10.09 -30.63 53.97
N VAL B 221 -9.28 -30.78 52.93
CA VAL B 221 -9.50 -30.08 51.68
C VAL B 221 -10.85 -30.50 51.11
N ALA B 222 -10.95 -31.79 50.78
CA ALA B 222 -12.17 -32.38 50.21
C ALA B 222 -13.44 -31.96 50.94
N GLU B 223 -13.31 -31.72 52.24
CA GLU B 223 -14.42 -31.33 53.08
C GLU B 223 -14.92 -29.89 52.90
N GLN B 224 -14.39 -28.99 53.70
CA GLN B 224 -14.78 -27.59 53.66
C GLN B 224 -14.95 -26.98 52.28
N PHE B 225 -14.35 -27.58 51.27
CA PHE B 225 -14.44 -27.02 49.93
C PHE B 225 -15.29 -27.69 48.88
N LEU B 226 -14.99 -28.95 48.54
CA LEU B 226 -15.77 -29.65 47.50
C LEU B 226 -17.29 -29.51 47.71
N ASN B 227 -17.86 -28.50 47.06
CA ASN B 227 -19.29 -28.18 47.15
C ASN B 227 -20.24 -29.12 46.42
N ILE B 228 -20.38 -28.97 45.10
CA ILE B 228 -21.28 -29.84 44.31
C ILE B 228 -21.39 -31.20 44.99
N ARG B 229 -22.40 -31.32 45.83
CA ARG B 229 -22.60 -32.54 46.62
C ARG B 229 -23.25 -33.73 45.95
N SER B 230 -23.55 -34.69 46.83
CA SER B 230 -24.18 -35.97 46.52
C SER B 230 -25.05 -36.08 45.27
N GLY B 231 -25.23 -37.32 44.86
CA GLY B 231 -26.03 -37.61 43.70
C GLY B 231 -25.31 -38.68 42.90
N ALA B 232 -25.97 -39.14 41.86
CA ALA B 232 -25.42 -40.14 40.97
C ALA B 232 -25.86 -39.69 39.59
N GLY B 233 -26.70 -38.66 39.58
CA GLY B 233 -27.23 -38.09 38.34
C GLY B 233 -27.38 -39.03 37.17
N THR B 234 -27.34 -38.47 35.97
CA THR B 234 -27.48 -39.25 34.75
C THR B 234 -26.77 -40.60 34.85
N SER B 235 -27.47 -41.66 34.48
CA SER B 235 -26.89 -43.00 34.50
C SER B 235 -26.73 -43.47 33.08
N SER B 236 -25.53 -43.98 32.77
CA SER B 236 -25.24 -44.44 31.42
C SER B 236 -26.15 -45.59 30.99
N ALA B 237 -26.58 -45.57 29.73
CA ALA B 237 -27.42 -46.63 29.21
C ALA B 237 -26.56 -47.89 29.10
N LYS B 238 -27.15 -49.06 29.33
CA LYS B 238 -26.40 -50.32 29.24
C LYS B 238 -25.67 -50.43 27.92
N ALA B 239 -24.52 -51.08 27.95
CA ALA B 239 -23.70 -51.27 26.77
C ALA B 239 -24.19 -52.44 25.93
N THR B 240 -25.03 -52.14 24.94
CA THR B 240 -25.54 -53.16 24.05
C THR B 240 -24.38 -53.52 23.12
N TYR B 241 -24.38 -54.72 22.56
CA TYR B 241 -23.31 -55.11 21.64
C TYR B 241 -23.91 -55.22 20.24
N TRP B 242 -23.24 -54.64 19.25
CA TRP B 242 -23.73 -54.69 17.88
C TRP B 242 -23.02 -55.74 17.03
N GLY B 243 -21.70 -55.66 16.95
CA GLY B 243 -20.97 -56.62 16.14
C GLY B 243 -21.03 -56.21 14.67
N GLY B 244 -20.64 -54.97 14.42
CA GLY B 244 -20.64 -54.45 13.07
C GLY B 244 -19.24 -54.45 12.49
N GLU B 245 -19.17 -54.15 11.21
CA GLU B 245 -17.90 -54.10 10.50
C GLU B 245 -17.83 -52.77 9.75
N ILE B 246 -16.87 -51.92 10.12
CA ILE B 246 -16.66 -50.60 9.52
C ILE B 246 -15.33 -50.53 8.77
N ARG B 247 -15.40 -50.28 7.46
CA ARG B 247 -14.18 -50.20 6.66
C ARG B 247 -13.89 -48.78 6.16
N GLU B 248 -12.60 -48.39 6.15
CA GLU B 248 -12.19 -47.06 5.69
C GLU B 248 -11.08 -47.09 4.64
N GLN B 249 -11.47 -46.93 3.39
CA GLN B 249 -10.53 -46.94 2.26
C GLN B 249 -9.95 -45.53 2.16
N ASN B 250 -8.65 -45.39 2.42
CA ASN B 250 -8.04 -44.07 2.36
C ASN B 250 -6.68 -43.98 1.66
N GLY B 251 -6.28 -45.07 1.00
CA GLY B 251 -5.02 -45.04 0.28
C GLY B 251 -3.73 -45.41 1.00
N HIS B 252 -3.64 -45.18 2.31
CA HIS B 252 -2.46 -45.53 3.12
C HIS B 252 -1.82 -46.85 2.70
N SER B 253 -0.49 -46.87 2.56
CA SER B 253 0.18 -48.10 2.17
C SER B 253 0.05 -49.14 3.28
N LEU B 254 -0.21 -48.68 4.50
CA LEU B 254 -0.36 -49.59 5.62
C LEU B 254 -1.78 -49.73 6.11
N VAL B 255 -2.25 -50.99 6.14
CA VAL B 255 -3.59 -51.31 6.61
C VAL B 255 -3.61 -51.70 8.08
N HIS B 256 -4.47 -51.05 8.85
CA HIS B 256 -4.63 -51.37 10.27
C HIS B 256 -5.94 -52.14 10.39
N ALA B 257 -5.94 -53.21 11.16
CA ALA B 257 -7.14 -54.01 11.34
C ALA B 257 -7.27 -54.44 12.79
N ALA B 258 -8.52 -54.50 13.24
CA ALA B 258 -8.80 -54.90 14.61
C ALA B 258 -10.09 -55.71 14.62
N VAL B 259 -9.98 -56.98 15.00
CA VAL B 259 -11.13 -57.87 15.08
C VAL B 259 -11.29 -58.25 16.53
N VAL B 260 -12.47 -58.01 17.09
CA VAL B 260 -12.70 -58.35 18.49
C VAL B 260 -14.06 -58.98 18.76
N THR B 261 -14.25 -59.38 20.02
CA THR B 261 -15.48 -59.98 20.48
C THR B 261 -15.71 -59.44 21.87
N GLU B 262 -16.94 -59.54 22.36
CA GLU B 262 -17.22 -59.04 23.70
C GLU B 262 -16.40 -59.87 24.67
N GLY B 263 -15.56 -59.20 25.45
CA GLY B 263 -14.74 -59.90 26.40
C GLY B 263 -15.21 -59.66 27.82
N ALA B 264 -14.27 -59.56 28.75
CA ALA B 264 -14.62 -59.34 30.15
C ALA B 264 -14.78 -57.86 30.48
N ALA B 265 -15.43 -57.59 31.60
CA ALA B 265 -15.66 -56.23 32.07
C ALA B 265 -14.82 -56.02 33.32
N VAL B 266 -14.62 -54.76 33.70
CA VAL B 266 -13.83 -54.44 34.88
C VAL B 266 -14.33 -55.30 36.04
N GLY B 267 -13.41 -55.71 36.91
CA GLY B 267 -13.79 -56.53 38.05
C GLY B 267 -14.44 -57.87 37.74
N SER B 268 -14.25 -58.38 36.52
CA SER B 268 -14.83 -59.66 36.13
C SER B 268 -13.83 -60.77 36.47
N ALA B 269 -14.36 -61.95 36.78
CA ALA B 269 -13.53 -63.09 37.13
C ALA B 269 -12.85 -63.60 35.87
N GLU B 270 -13.53 -63.39 34.75
CA GLU B 270 -13.05 -63.81 33.44
C GLU B 270 -11.99 -62.83 32.89
N ALA B 271 -11.89 -61.66 33.52
CA ALA B 271 -10.92 -60.62 33.12
C ALA B 271 -9.48 -61.10 33.19
N ASN B 272 -9.09 -61.56 34.37
CA ASN B 272 -7.74 -62.06 34.62
C ASN B 272 -7.42 -63.16 33.62
N ALA B 273 -8.44 -63.87 33.17
CA ALA B 273 -8.25 -64.96 32.22
C ALA B 273 -7.80 -64.44 30.87
N PHE B 274 -8.50 -63.41 30.39
CA PHE B 274 -8.18 -62.78 29.11
C PHE B 274 -6.82 -62.08 29.14
N SER B 275 -6.63 -61.26 30.16
CA SER B 275 -5.37 -60.54 30.33
C SER B 275 -4.25 -61.55 30.13
N VAL B 276 -4.45 -62.77 30.61
CA VAL B 276 -3.44 -63.81 30.46
C VAL B 276 -3.39 -64.33 29.04
N LEU B 277 -4.55 -64.61 28.45
CA LEU B 277 -4.56 -65.09 27.07
C LEU B 277 -3.94 -64.00 26.19
N GLN B 278 -3.97 -62.77 26.70
CA GLN B 278 -3.39 -61.65 26.00
C GLN B 278 -1.89 -61.91 25.87
N HIS B 279 -1.20 -61.85 27.00
CA HIS B 279 0.24 -62.09 27.00
C HIS B 279 0.64 -63.40 26.33
N VAL B 280 -0.24 -64.38 26.36
CA VAL B 280 0.07 -65.65 25.74
C VAL B 280 0.13 -65.47 24.23
N LEU B 281 -0.90 -64.81 23.69
CA LEU B 281 -0.96 -64.55 22.26
C LEU B 281 0.12 -63.55 21.89
N GLY B 282 0.44 -62.70 22.86
CA GLY B 282 1.46 -61.69 22.67
C GLY B 282 0.90 -60.28 22.57
N ALA B 283 1.39 -59.38 23.42
CA ALA B 283 0.93 -58.01 23.38
C ALA B 283 2.06 -57.04 23.75
N GLY B 284 2.78 -56.57 22.74
CA GLY B 284 3.88 -55.63 22.97
C GLY B 284 5.24 -56.27 23.13
N PRO B 285 6.27 -55.77 22.41
CA PRO B 285 7.64 -56.31 22.48
C PRO B 285 8.41 -55.90 23.74
N LEU B 286 9.34 -56.76 24.16
CA LEU B 286 10.14 -56.49 25.35
C LEU B 286 11.60 -56.30 24.99
N ILE B 287 11.92 -56.58 23.73
CA ILE B 287 13.28 -56.45 23.22
C ILE B 287 13.32 -55.51 22.02
N LYS B 288 14.08 -54.42 22.14
CA LYS B 288 14.21 -53.41 21.08
C LYS B 288 14.61 -53.99 19.71
N ARG B 289 13.79 -53.71 18.69
CA ARG B 289 14.05 -54.22 17.36
C ARG B 289 14.11 -55.74 17.38
N GLY B 290 13.62 -56.33 18.45
CA GLY B 290 13.66 -57.77 18.54
C GLY B 290 12.41 -58.46 18.06
N SER B 291 12.54 -59.77 17.88
CA SER B 291 11.45 -60.65 17.47
C SER B 291 10.80 -61.12 18.76
N SER B 292 9.53 -61.47 18.71
CA SER B 292 8.87 -61.95 19.91
C SER B 292 8.51 -63.41 19.74
N VAL B 293 9.29 -64.28 20.38
CA VAL B 293 9.08 -65.72 20.31
C VAL B 293 7.96 -66.12 21.28
N THR B 294 7.96 -65.48 22.44
CA THR B 294 6.97 -65.70 23.50
C THR B 294 5.59 -65.19 23.08
N SER B 295 5.51 -64.68 21.85
CA SER B 295 4.26 -64.18 21.28
C SER B 295 3.85 -65.14 20.16
N LYS B 296 2.84 -65.94 20.46
CA LYS B 296 2.33 -66.92 19.51
C LYS B 296 1.74 -66.19 18.32
N LEU B 297 0.92 -65.20 18.61
CA LEU B 297 0.26 -64.42 17.57
C LEU B 297 1.27 -63.84 16.62
N TYR B 298 2.30 -63.19 17.18
CA TYR B 298 3.36 -62.59 16.38
C TYR B 298 4.02 -63.68 15.54
N GLN B 299 4.65 -64.61 16.25
CA GLN B 299 5.34 -65.74 15.64
C GLN B 299 4.51 -66.43 14.57
N GLY B 300 3.20 -66.49 14.80
CA GLY B 300 2.33 -67.13 13.83
C GLY B 300 2.28 -66.33 12.54
N VAL B 301 1.99 -65.04 12.68
CA VAL B 301 1.89 -64.16 11.53
C VAL B 301 3.24 -64.05 10.82
N ALA B 302 4.32 -64.12 11.61
CA ALA B 302 5.66 -64.03 11.06
C ALA B 302 5.84 -65.12 10.00
N LYS B 303 5.47 -66.34 10.37
CA LYS B 303 5.60 -67.47 9.46
C LYS B 303 4.72 -67.27 8.22
N ALA B 304 3.61 -66.56 8.41
CA ALA B 304 2.65 -66.30 7.34
C ALA B 304 3.16 -65.36 6.24
N THR B 305 3.53 -64.14 6.61
CA THR B 305 4.02 -63.16 5.64
C THR B 305 5.55 -63.07 5.63
N THR B 306 6.07 -62.26 4.70
CA THR B 306 7.51 -62.07 4.57
C THR B 306 7.93 -60.62 4.83
N GLN B 307 7.02 -59.71 4.50
CA GLN B 307 7.27 -58.29 4.67
C GLN B 307 6.93 -57.81 6.07
N PRO B 308 7.40 -56.61 6.44
CA PRO B 308 7.16 -56.01 7.75
C PRO B 308 5.69 -55.92 8.13
N PHE B 309 5.44 -56.00 9.43
CA PHE B 309 4.10 -55.96 9.97
C PHE B 309 4.18 -55.91 11.48
N ASP B 310 3.02 -55.98 12.12
CA ASP B 310 2.94 -56.02 13.56
C ASP B 310 1.57 -56.55 13.92
N ALA B 311 1.51 -57.39 14.95
CA ALA B 311 0.26 -57.97 15.41
C ALA B 311 0.29 -58.10 16.92
N SER B 312 -0.83 -57.84 17.58
CA SER B 312 -0.86 -57.94 19.03
C SER B 312 -2.21 -58.37 19.56
N ALA B 313 -2.22 -58.68 20.85
CA ALA B 313 -3.43 -59.10 21.51
C ALA B 313 -4.05 -57.82 22.02
N PHE B 314 -5.30 -57.58 21.61
CA PHE B 314 -6.01 -56.39 22.04
C PHE B 314 -6.96 -56.75 23.19
N ASN B 315 -6.98 -55.94 24.24
CA ASN B 315 -7.85 -56.20 25.38
C ASN B 315 -8.23 -54.99 26.19
N VAL B 316 -9.53 -54.68 26.19
CA VAL B 316 -10.09 -53.54 26.93
C VAL B 316 -11.14 -54.01 27.93
N ASN B 317 -11.08 -53.46 29.14
CA ASN B 317 -12.04 -53.82 30.19
C ASN B 317 -12.83 -52.60 30.66
N TYR B 318 -14.13 -52.57 30.34
CA TYR B 318 -15.04 -51.47 30.71
C TYR B 318 -16.06 -51.89 31.76
N SER B 319 -16.46 -50.93 32.59
CA SER B 319 -17.45 -51.12 33.65
C SER B 319 -18.49 -52.22 33.39
N ASP B 320 -19.27 -52.08 32.32
CA ASP B 320 -20.28 -53.06 32.01
C ASP B 320 -20.04 -53.80 30.70
N SER B 321 -18.77 -54.01 30.37
CA SER B 321 -18.45 -54.72 29.15
C SER B 321 -16.97 -54.64 28.82
N GLY B 322 -16.57 -55.30 27.74
CA GLY B 322 -15.18 -55.29 27.36
C GLY B 322 -15.01 -55.70 25.92
N LEU B 323 -13.77 -55.62 25.44
CA LEU B 323 -13.45 -55.99 24.07
C LEU B 323 -12.17 -56.77 24.08
N PHE B 324 -12.10 -57.80 23.23
CA PHE B 324 -10.92 -58.65 23.11
C PHE B 324 -10.74 -59.20 21.72
N GLY B 325 -9.47 -59.28 21.31
CA GLY B 325 -9.13 -59.78 19.99
C GLY B 325 -7.71 -59.37 19.65
N PHE B 326 -7.44 -59.20 18.38
CA PHE B 326 -6.11 -58.84 17.96
C PHE B 326 -6.14 -57.61 17.06
N TYR B 327 -4.99 -56.95 16.95
CA TYR B 327 -4.83 -55.76 16.11
C TYR B 327 -3.62 -55.97 15.19
N THR B 328 -3.79 -55.74 13.89
CA THR B 328 -2.68 -55.95 12.97
C THR B 328 -2.37 -54.85 11.96
N ILE B 329 -1.09 -54.51 11.85
CA ILE B 329 -0.62 -53.50 10.90
C ILE B 329 0.15 -54.24 9.83
N SER B 330 -0.08 -53.94 8.56
CA SER B 330 0.63 -54.65 7.49
C SER B 330 0.52 -54.01 6.09
N GLN B 331 1.44 -54.37 5.21
CA GLN B 331 1.39 -53.83 3.87
C GLN B 331 0.05 -54.27 3.27
N ALA B 332 -0.59 -53.35 2.58
CA ALA B 332 -1.90 -53.59 1.98
C ALA B 332 -2.03 -54.95 1.31
N ALA B 333 -1.15 -55.24 0.34
CA ALA B 333 -1.22 -56.50 -0.38
C ALA B 333 -1.07 -57.77 0.49
N HIS B 334 -0.66 -57.61 1.75
CA HIS B 334 -0.48 -58.76 2.63
C HIS B 334 -1.38 -58.80 3.86
N ALA B 335 -2.34 -57.89 3.95
CA ALA B 335 -3.23 -57.88 5.10
C ALA B 335 -4.09 -59.13 5.10
N GLY B 336 -4.28 -59.70 3.90
CA GLY B 336 -5.08 -60.90 3.77
C GLY B 336 -4.44 -62.06 4.51
N GLU B 337 -3.26 -62.46 4.04
CA GLU B 337 -2.54 -63.55 4.67
C GLU B 337 -2.23 -63.24 6.12
N VAL B 338 -1.98 -61.97 6.43
CA VAL B 338 -1.64 -61.62 7.80
C VAL B 338 -2.79 -61.74 8.77
N ILE B 339 -3.98 -61.28 8.39
CA ILE B 339 -5.11 -61.35 9.30
C ILE B 339 -5.55 -62.81 9.57
N ARG B 340 -5.59 -63.61 8.50
CA ARG B 340 -5.97 -65.02 8.62
C ARG B 340 -5.09 -65.65 9.67
N ALA B 341 -3.79 -65.53 9.46
CA ALA B 341 -2.79 -66.06 10.35
C ALA B 341 -3.14 -65.72 11.78
N ALA B 342 -3.40 -64.44 12.05
CA ALA B 342 -3.75 -64.01 13.40
C ALA B 342 -5.00 -64.76 13.91
N MET B 343 -5.88 -65.14 12.99
CA MET B 343 -7.09 -65.88 13.33
C MET B 343 -6.75 -67.31 13.69
N ASN B 344 -6.19 -68.05 12.74
CA ASN B 344 -5.81 -69.44 12.96
C ASN B 344 -5.11 -69.62 14.28
N GLN B 345 -4.24 -68.67 14.62
CA GLN B 345 -3.51 -68.73 15.87
C GLN B 345 -4.40 -68.51 17.08
N LEU B 346 -5.64 -68.10 16.85
CA LEU B 346 -6.59 -67.89 17.93
C LEU B 346 -7.46 -69.12 18.05
N LYS B 347 -7.76 -69.73 16.89
CA LYS B 347 -8.55 -70.95 16.87
C LYS B 347 -7.63 -72.03 17.46
N ALA B 348 -6.41 -72.10 16.94
CA ALA B 348 -5.44 -73.08 17.40
C ALA B 348 -5.23 -73.00 18.91
N ALA B 349 -5.37 -71.80 19.46
CA ALA B 349 -5.20 -71.61 20.90
C ALA B 349 -6.46 -71.94 21.67
N ALA B 350 -7.60 -71.87 20.99
CA ALA B 350 -8.89 -72.17 21.61
C ALA B 350 -9.11 -73.68 21.66
N GLN B 351 -8.28 -74.41 20.91
CA GLN B 351 -8.38 -75.87 20.86
C GLN B 351 -7.21 -76.49 21.63
N GLY B 352 -6.99 -76.02 22.85
CA GLY B 352 -5.93 -76.54 23.70
C GLY B 352 -4.49 -76.33 23.23
N GLY B 353 -4.28 -75.44 22.26
CA GLY B 353 -2.93 -75.18 21.77
C GLY B 353 -2.16 -74.30 22.72
N VAL B 354 -2.33 -74.53 24.02
CA VAL B 354 -1.66 -73.75 25.04
C VAL B 354 -0.93 -74.64 26.07
N THR B 355 0.40 -74.56 26.09
CA THR B 355 1.21 -75.33 27.03
C THR B 355 0.90 -74.86 28.44
N GLU B 356 1.19 -75.68 29.43
CA GLU B 356 0.95 -75.29 30.81
C GLU B 356 2.02 -74.28 31.21
N GLU B 357 3.08 -74.22 30.41
CA GLU B 357 4.19 -73.31 30.66
C GLU B 357 3.90 -71.93 30.07
N ASP B 358 3.26 -71.90 28.90
CA ASP B 358 2.93 -70.64 28.26
C ASP B 358 2.11 -69.86 29.25
N VAL B 359 1.29 -70.57 30.01
CA VAL B 359 0.44 -69.95 31.02
C VAL B 359 1.29 -69.43 32.15
N THR B 360 2.43 -70.08 32.39
CA THR B 360 3.34 -69.67 33.44
C THR B 360 4.09 -68.41 33.01
N LYS B 361 4.67 -68.45 31.80
CA LYS B 361 5.41 -67.31 31.27
C LYS B 361 4.56 -66.05 31.31
N ALA B 362 3.44 -66.07 30.58
CA ALA B 362 2.51 -64.94 30.53
C ALA B 362 2.30 -64.37 31.93
N LYS B 363 1.82 -65.22 32.84
CA LYS B 363 1.57 -64.82 34.22
C LYS B 363 2.70 -63.98 34.80
N ASN B 364 3.93 -64.24 34.36
CA ASN B 364 5.08 -63.50 34.85
C ASN B 364 5.12 -62.15 34.13
N GLN B 365 5.08 -62.20 32.80
CA GLN B 365 5.11 -61.00 31.98
C GLN B 365 4.04 -60.02 32.47
N LEU B 366 2.90 -60.58 32.87
CA LEU B 366 1.78 -59.77 33.36
C LEU B 366 2.05 -59.14 34.73
N LYS B 367 2.56 -59.94 35.68
CA LYS B 367 2.88 -59.43 37.01
C LYS B 367 3.98 -58.38 36.94
N ALA B 368 4.95 -58.60 36.06
CA ALA B 368 6.05 -57.69 35.87
C ALA B 368 5.47 -56.39 35.31
N THR B 369 4.86 -56.52 34.14
CA THR B 369 4.24 -55.39 33.47
C THR B 369 3.43 -54.56 34.48
N TYR B 370 2.56 -55.22 35.24
CA TYR B 370 1.75 -54.53 36.24
C TYR B 370 2.64 -53.78 37.24
N LEU B 371 3.61 -54.48 37.81
CA LEU B 371 4.52 -53.90 38.79
C LEU B 371 5.41 -52.76 38.30
N MET B 372 5.78 -52.80 37.02
CA MET B 372 6.61 -51.75 36.44
C MET B 372 5.72 -50.53 36.21
N SER B 373 4.52 -50.79 35.69
CA SER B 373 3.54 -49.76 35.40
C SER B 373 3.18 -48.86 36.56
N VAL B 374 3.83 -49.03 37.70
CA VAL B 374 3.50 -48.22 38.86
C VAL B 374 4.70 -47.50 39.48
N GLU B 375 5.80 -47.40 38.74
CA GLU B 375 7.02 -46.72 39.22
C GLU B 375 6.81 -45.21 39.02
N THR B 376 6.02 -44.89 38.00
CA THR B 376 5.67 -43.53 37.60
C THR B 376 4.76 -42.85 38.63
N ALA B 377 5.01 -41.59 38.91
CA ALA B 377 4.16 -40.85 39.83
C ALA B 377 2.77 -40.96 39.23
N GLN B 378 2.72 -40.85 37.91
CA GLN B 378 1.49 -40.92 37.15
C GLN B 378 0.84 -42.29 37.28
N GLY B 379 1.56 -43.32 36.83
CA GLY B 379 1.06 -44.68 36.89
C GLY B 379 0.55 -45.14 38.26
N LEU B 380 1.21 -44.66 39.30
CA LEU B 380 0.82 -45.01 40.66
C LEU B 380 -0.53 -44.38 40.98
N LEU B 381 -0.61 -43.06 40.90
CA LEU B 381 -1.86 -42.36 41.19
C LEU B 381 -3.01 -42.91 40.38
N ASN B 382 -2.73 -43.25 39.13
CA ASN B 382 -3.76 -43.80 38.28
C ASN B 382 -4.29 -45.08 38.91
N GLU B 383 -3.37 -45.99 39.22
CA GLU B 383 -3.71 -47.28 39.84
C GLU B 383 -4.58 -47.10 41.10
N ILE B 384 -4.03 -46.38 42.09
CA ILE B 384 -4.71 -46.09 43.34
C ILE B 384 -6.12 -45.51 43.12
N GLY B 385 -6.19 -44.42 42.37
CA GLY B 385 -7.45 -43.76 42.10
C GLY B 385 -8.48 -44.63 41.41
N SER B 386 -8.05 -45.40 40.41
CA SER B 386 -8.94 -46.29 39.68
C SER B 386 -9.77 -47.13 40.61
N GLU B 387 -9.12 -47.71 41.62
CA GLU B 387 -9.81 -48.53 42.60
C GLU B 387 -10.71 -47.64 43.45
N ALA B 388 -10.10 -46.71 44.18
CA ALA B 388 -10.86 -45.81 45.03
C ALA B 388 -12.13 -45.23 44.40
N LEU B 389 -12.33 -45.40 43.09
CA LEU B 389 -13.54 -44.88 42.43
C LEU B 389 -14.54 -46.00 42.10
N LEU B 390 -14.07 -47.02 41.38
CA LEU B 390 -14.91 -48.15 40.99
C LEU B 390 -14.87 -49.27 42.03
N SER B 391 -14.65 -48.90 43.29
CA SER B 391 -14.58 -49.87 44.39
C SER B 391 -14.71 -49.14 45.72
N GLY B 392 -13.61 -48.57 46.18
CA GLY B 392 -13.62 -47.85 47.44
C GLY B 392 -12.56 -48.45 48.31
N THR B 393 -11.75 -49.30 47.70
CA THR B 393 -10.68 -49.99 48.42
C THR B 393 -9.42 -50.15 47.58
N HIS B 394 -8.39 -50.74 48.19
CA HIS B 394 -7.11 -50.97 47.52
C HIS B 394 -6.63 -52.41 47.63
N THR B 395 -6.78 -53.16 46.54
CA THR B 395 -6.37 -54.55 46.48
C THR B 395 -4.84 -54.62 46.58
N ALA B 396 -4.33 -55.16 47.69
CA ALA B 396 -2.88 -55.28 47.88
C ALA B 396 -2.21 -55.91 46.66
N PRO B 397 -0.95 -55.51 46.39
CA PRO B 397 -0.22 -56.06 45.23
C PRO B 397 -0.08 -57.58 45.27
N SER B 398 -0.03 -58.14 46.47
CA SER B 398 0.10 -59.59 46.62
C SER B 398 -1.21 -60.28 46.31
N VAL B 399 -2.32 -59.57 46.53
CA VAL B 399 -3.65 -60.08 46.28
C VAL B 399 -3.91 -60.14 44.78
N VAL B 400 -3.49 -59.09 44.08
CA VAL B 400 -3.68 -59.03 42.64
C VAL B 400 -2.80 -60.10 41.99
N ALA B 401 -1.70 -60.43 42.66
CA ALA B 401 -0.79 -61.46 42.18
C ALA B 401 -1.44 -62.82 42.40
N GLN B 402 -2.06 -62.99 43.57
CA GLN B 402 -2.73 -64.24 43.92
C GLN B 402 -3.89 -64.52 42.97
N LYS B 403 -4.51 -63.44 42.48
CA LYS B 403 -5.65 -63.53 41.57
C LYS B 403 -5.18 -63.90 40.17
N ILE B 404 -4.01 -63.40 39.80
CA ILE B 404 -3.49 -63.64 38.47
C ILE B 404 -3.01 -65.08 38.23
N ASP B 405 -2.10 -65.60 39.05
CA ASP B 405 -1.62 -66.96 38.83
C ASP B 405 -2.69 -68.01 39.14
N SER B 406 -3.76 -67.60 39.79
CA SER B 406 -4.86 -68.52 40.10
C SER B 406 -5.76 -68.67 38.87
N VAL B 407 -5.12 -68.88 37.72
CA VAL B 407 -5.81 -69.01 36.45
C VAL B 407 -5.37 -70.28 35.74
N THR B 408 -6.29 -71.24 35.66
CA THR B 408 -6.02 -72.53 35.03
C THR B 408 -5.64 -72.43 33.57
N SER B 409 -5.07 -73.52 33.07
CA SER B 409 -4.69 -73.61 31.68
C SER B 409 -5.96 -73.69 30.84
N ALA B 410 -7.08 -73.95 31.51
CA ALA B 410 -8.38 -74.06 30.86
C ALA B 410 -9.00 -72.70 30.64
N ASP B 411 -9.11 -71.91 31.71
CA ASP B 411 -9.68 -70.57 31.65
C ASP B 411 -9.20 -69.88 30.38
N VAL B 412 -7.91 -70.06 30.12
CA VAL B 412 -7.24 -69.50 28.95
C VAL B 412 -7.85 -70.05 27.66
N VAL B 413 -7.74 -71.36 27.46
CA VAL B 413 -8.31 -71.97 26.25
C VAL B 413 -9.78 -71.60 26.06
N ASN B 414 -10.52 -71.50 27.17
CA ASN B 414 -11.94 -71.14 27.11
C ASN B 414 -12.08 -69.70 26.62
N ALA B 415 -11.28 -68.81 27.16
CA ALA B 415 -11.31 -67.41 26.76
C ALA B 415 -11.19 -67.46 25.24
N ALA B 416 -10.13 -68.11 24.77
CA ALA B 416 -9.88 -68.26 23.34
C ALA B 416 -11.14 -68.71 22.62
N LYS B 417 -11.79 -69.74 23.15
CA LYS B 417 -13.02 -70.27 22.55
C LYS B 417 -14.06 -69.15 22.40
N LYS B 418 -14.41 -68.56 23.54
CA LYS B 418 -15.40 -67.49 23.59
C LYS B 418 -15.22 -66.52 22.43
N PHE B 419 -13.97 -66.39 21.99
CA PHE B 419 -13.63 -65.51 20.88
C PHE B 419 -13.97 -66.14 19.55
N VAL B 420 -13.53 -67.37 19.33
CA VAL B 420 -13.77 -68.06 18.07
C VAL B 420 -15.26 -68.34 17.85
N SER B 421 -16.03 -68.22 18.93
CA SER B 421 -17.47 -68.45 18.88
C SER B 421 -18.29 -67.16 18.77
N GLY B 422 -18.10 -66.26 19.74
CA GLY B 422 -18.82 -64.99 19.75
C GLY B 422 -18.92 -64.27 18.41
N LYS B 423 -19.81 -63.28 18.36
CA LYS B 423 -20.02 -62.49 17.14
C LYS B 423 -18.93 -61.44 17.10
N LYS B 424 -18.15 -61.44 16.02
CA LYS B 424 -17.05 -60.49 15.87
C LYS B 424 -17.43 -59.18 15.19
N SER B 425 -16.72 -58.12 15.57
CA SER B 425 -16.89 -56.78 15.00
C SER B 425 -15.49 -56.34 14.57
N MET B 426 -15.37 -55.91 13.31
CA MET B 426 -14.09 -55.52 12.74
C MET B 426 -13.97 -54.07 12.24
N ALA B 427 -12.82 -53.46 12.48
CA ALA B 427 -12.54 -52.09 12.05
C ALA B 427 -11.21 -52.10 11.29
N ALA B 428 -11.20 -51.58 10.07
CA ALA B 428 -9.97 -51.56 9.28
C ALA B 428 -9.86 -50.32 8.41
N SER B 429 -8.64 -49.78 8.27
CA SER B 429 -8.42 -48.57 7.47
C SER B 429 -7.08 -48.51 6.74
N GLY B 430 -7.15 -48.35 5.42
CA GLY B 430 -5.97 -48.28 4.58
C GLY B 430 -6.37 -48.66 3.18
N ASP B 431 -5.42 -49.17 2.38
CA ASP B 431 -5.75 -49.61 1.04
C ASP B 431 -6.27 -51.04 1.26
N LEU B 432 -7.56 -51.12 1.60
CA LEU B 432 -8.23 -52.37 1.90
C LEU B 432 -8.51 -53.29 0.71
N GLY B 433 -7.99 -52.95 -0.45
CA GLY B 433 -8.21 -53.75 -1.64
C GLY B 433 -8.02 -55.26 -1.52
N SER B 434 -7.10 -55.68 -0.65
CA SER B 434 -6.82 -57.10 -0.44
C SER B 434 -7.08 -57.52 1.01
N THR B 435 -7.87 -56.72 1.71
CA THR B 435 -8.23 -56.99 3.10
C THR B 435 -9.54 -57.75 3.13
N PRO B 436 -9.62 -58.79 3.96
CA PRO B 436 -10.85 -59.58 4.06
C PRO B 436 -11.98 -58.98 4.89
N PHE B 437 -13.20 -59.40 4.57
CA PHE B 437 -14.39 -58.96 5.28
C PHE B 437 -14.64 -59.91 6.46
N LEU B 438 -15.17 -59.37 7.55
CA LEU B 438 -15.46 -60.13 8.76
C LEU B 438 -16.05 -61.51 8.47
N ASP B 439 -16.86 -61.64 7.43
CA ASP B 439 -17.46 -62.94 7.10
C ASP B 439 -16.59 -63.85 6.25
N GLU B 440 -15.33 -63.50 6.03
CA GLU B 440 -14.45 -64.37 5.24
C GLU B 440 -13.38 -64.93 6.15
N LEU B 441 -13.55 -64.75 7.46
CA LEU B 441 -12.58 -65.24 8.43
C LEU B 441 -13.10 -66.50 9.14
N MET C 1 -0.66 -4.51 17.07
CA MET C 1 -0.96 -4.85 15.65
C MET C 1 -0.04 -5.97 15.14
N ALA C 2 1.18 -5.59 14.72
CA ALA C 2 2.17 -6.54 14.23
C ALA C 2 3.33 -6.57 15.22
N PRO C 3 4.06 -7.70 15.31
CA PRO C 3 5.17 -7.77 16.25
C PRO C 3 6.12 -6.56 16.22
N ASN C 4 6.93 -6.41 15.18
CA ASN C 4 7.84 -5.26 15.10
C ASN C 4 7.25 -4.04 14.42
N ILE C 5 7.47 -2.89 15.06
CA ILE C 5 6.96 -1.59 14.62
C ILE C 5 7.51 -1.12 13.28
N ARG C 6 8.36 -1.94 12.65
CA ARG C 6 8.93 -1.57 11.37
C ARG C 6 7.98 -1.96 10.25
N LYS C 7 7.04 -2.86 10.57
CA LYS C 7 6.07 -3.34 9.59
C LYS C 7 4.65 -2.79 9.79
N SER C 8 4.29 -2.51 11.03
CA SER C 8 2.96 -1.99 11.35
C SER C 8 2.79 -0.49 11.09
N HIS C 9 3.69 0.34 11.65
CA HIS C 9 3.66 1.81 11.49
C HIS C 9 3.42 2.26 10.06
N PRO C 10 2.42 3.14 9.84
CA PRO C 10 2.11 3.62 8.49
C PRO C 10 3.27 4.26 7.73
N LEU C 11 4.25 4.80 8.44
CA LEU C 11 5.40 5.44 7.80
C LEU C 11 6.65 4.55 7.72
N LEU C 12 7.09 4.02 8.87
CA LEU C 12 8.27 3.17 8.88
C LEU C 12 8.06 2.06 7.89
N LYS C 13 6.85 1.53 7.87
CA LYS C 13 6.49 0.46 6.95
C LYS C 13 6.89 0.82 5.53
N MET C 14 6.71 2.09 5.17
CA MET C 14 7.05 2.57 3.83
C MET C 14 8.57 2.62 3.68
N ILE C 15 9.25 3.07 4.73
CA ILE C 15 10.70 3.14 4.70
C ILE C 15 11.27 1.72 4.61
N ASN C 16 10.64 0.81 5.32
CA ASN C 16 11.06 -0.57 5.34
C ASN C 16 10.87 -1.26 3.99
N ASN C 17 9.68 -1.14 3.41
CA ASN C 17 9.42 -1.82 2.15
C ASN C 17 10.14 -1.22 0.94
N SER C 18 11.08 -0.31 1.15
CA SER C 18 11.80 0.31 0.05
C SER C 18 13.27 0.60 0.32
N LEU C 19 13.74 0.24 1.52
CA LEU C 19 15.12 0.49 1.89
C LEU C 19 15.68 -0.47 2.93
N ILE C 20 14.93 -1.49 3.30
CA ILE C 20 15.42 -2.39 4.33
C ILE C 20 15.03 -3.84 4.12
N ASP C 21 13.73 -4.10 3.98
CA ASP C 21 13.26 -5.46 3.76
C ASP C 21 12.91 -5.71 2.32
N LEU C 22 13.25 -4.74 1.48
CA LEU C 22 13.01 -4.80 0.05
C LEU C 22 13.88 -5.82 -0.67
N PRO C 23 13.25 -6.70 -1.46
CA PRO C 23 13.95 -7.74 -2.21
C PRO C 23 14.77 -7.25 -3.42
N ALA C 24 16.06 -7.55 -3.39
CA ALA C 24 16.96 -7.14 -4.48
C ALA C 24 17.74 -8.31 -5.03
N PRO C 25 17.94 -8.33 -6.35
CA PRO C 25 18.69 -9.44 -6.95
C PRO C 25 20.06 -9.52 -6.26
N SER C 26 20.55 -10.73 -6.07
CA SER C 26 21.83 -10.90 -5.41
C SER C 26 23.00 -10.51 -6.30
N ASN C 27 22.75 -10.37 -7.60
CA ASN C 27 23.83 -10.10 -8.52
C ASN C 27 23.87 -8.77 -9.23
N ILE C 28 23.23 -7.74 -8.71
CA ILE C 28 23.30 -6.48 -9.43
C ILE C 28 24.68 -5.89 -9.19
N SER C 29 25.24 -5.35 -10.28
CA SER C 29 26.58 -4.78 -10.30
C SER C 29 26.62 -3.31 -9.94
N ALA C 30 27.77 -2.71 -10.22
CA ALA C 30 27.97 -1.30 -9.93
C ALA C 30 27.06 -0.45 -10.80
N TRP C 31 26.72 -0.93 -11.99
CA TRP C 31 25.85 -0.12 -12.84
C TRP C 31 24.51 0.19 -12.19
N TRP C 32 24.19 -0.51 -11.11
CA TRP C 32 22.95 -0.28 -10.41
C TRP C 32 23.13 0.71 -9.25
N ASN C 33 24.28 1.36 -9.20
CA ASN C 33 24.56 2.29 -8.10
C ASN C 33 24.15 3.70 -8.46
N PHE C 34 23.99 3.96 -9.74
CA PHE C 34 23.65 5.30 -10.17
C PHE C 34 22.29 5.84 -9.75
N GLY C 35 21.35 4.93 -9.46
CA GLY C 35 20.03 5.36 -9.01
C GLY C 35 20.15 6.16 -7.72
N SER C 36 20.73 5.55 -6.69
CA SER C 36 20.92 6.23 -5.43
C SER C 36 21.74 7.49 -5.60
N LEU C 37 22.80 7.41 -6.40
CA LEU C 37 23.64 8.60 -6.63
C LEU C 37 22.77 9.72 -7.20
N LEU C 38 22.00 9.40 -8.22
CA LEU C 38 21.12 10.39 -8.82
C LEU C 38 20.31 11.01 -7.72
N ALA C 39 19.71 10.17 -6.88
CA ALA C 39 18.90 10.66 -5.77
C ALA C 39 19.73 11.55 -4.84
N VAL C 40 20.83 11.02 -4.31
CA VAL C 40 21.69 11.80 -3.41
C VAL C 40 22.11 13.11 -4.05
N CYS C 41 22.52 12.99 -5.30
CA CYS C 41 22.93 14.11 -6.11
C CYS C 41 21.84 15.22 -6.05
N LEU C 42 20.60 14.80 -6.25
CA LEU C 42 19.46 15.70 -6.22
C LEU C 42 19.29 16.41 -4.90
N MET C 43 19.48 15.70 -3.79
CA MET C 43 19.32 16.32 -2.49
C MET C 43 20.40 17.38 -2.33
N THR C 44 21.60 17.04 -2.75
CA THR C 44 22.73 17.96 -2.66
C THR C 44 22.50 19.25 -3.45
N GLN C 45 21.97 19.12 -4.65
CA GLN C 45 21.72 20.31 -5.48
C GLN C 45 20.76 21.25 -4.77
N ILE C 46 19.63 20.68 -4.32
CA ILE C 46 18.60 21.43 -3.63
C ILE C 46 19.18 22.09 -2.39
N LEU C 47 19.95 21.35 -1.61
CA LEU C 47 20.54 21.92 -0.43
C LEU C 47 21.49 23.08 -0.76
N THR C 48 22.50 22.85 -1.59
CA THR C 48 23.44 23.92 -1.98
C THR C 48 22.69 25.06 -2.69
N GLY C 49 21.77 24.67 -3.57
CA GLY C 49 20.97 25.64 -4.29
C GLY C 49 20.24 26.62 -3.40
N LEU C 50 19.61 26.12 -2.34
CA LEU C 50 18.87 27.00 -1.42
C LEU C 50 19.87 27.95 -0.75
N LEU C 51 20.95 27.39 -0.25
CA LEU C 51 21.97 28.19 0.38
C LEU C 51 22.41 29.32 -0.56
N LEU C 52 22.46 29.05 -1.86
CA LEU C 52 22.88 30.08 -2.83
C LEU C 52 21.79 31.07 -3.14
N ALA C 53 20.56 30.60 -3.15
CA ALA C 53 19.41 31.44 -3.44
C ALA C 53 19.16 32.44 -2.32
N MET C 54 19.74 32.20 -1.15
CA MET C 54 19.55 33.13 -0.06
C MET C 54 20.49 34.31 -0.16
N HIS C 55 21.23 34.39 -1.26
CA HIS C 55 22.15 35.50 -1.42
C HIS C 55 22.12 36.03 -2.83
N TYR C 56 21.28 35.43 -3.67
CA TYR C 56 21.18 35.83 -5.06
C TYR C 56 20.16 36.92 -5.24
N THR C 57 20.30 37.69 -6.31
CA THR C 57 19.31 38.72 -6.59
C THR C 57 18.98 38.57 -8.06
N ALA C 58 17.72 38.30 -8.36
CA ALA C 58 17.30 38.10 -9.74
C ALA C 58 16.95 39.41 -10.42
N ASP C 59 17.97 40.14 -10.81
CA ASP C 59 17.75 41.37 -11.51
C ASP C 59 18.97 41.58 -12.34
N THR C 60 18.77 41.87 -13.63
CA THR C 60 19.90 42.07 -14.53
C THR C 60 21.00 42.94 -13.95
N SER C 61 20.63 44.05 -13.32
CA SER C 61 21.60 44.95 -12.74
C SER C 61 22.28 44.44 -11.47
N LEU C 62 21.86 43.30 -10.93
CA LEU C 62 22.48 42.80 -9.71
C LEU C 62 22.85 41.31 -9.70
N ALA C 63 22.36 40.58 -10.70
CA ALA C 63 22.64 39.15 -10.78
C ALA C 63 24.11 38.80 -10.71
N PHE C 64 24.84 39.25 -11.72
CA PHE C 64 26.25 38.96 -11.81
C PHE C 64 26.99 39.27 -10.53
N SER C 65 26.74 40.44 -9.97
CA SER C 65 27.44 40.84 -8.77
C SER C 65 26.95 40.17 -7.47
N SER C 66 25.70 39.71 -7.47
CA SER C 66 25.16 39.04 -6.29
C SER C 66 25.93 37.74 -6.13
N VAL C 67 26.15 37.08 -7.26
CA VAL C 67 26.88 35.85 -7.30
C VAL C 67 28.31 36.12 -6.86
N ALA C 68 28.88 37.23 -7.33
CA ALA C 68 30.26 37.54 -6.98
C ALA C 68 30.35 37.90 -5.52
N HIS C 69 29.32 38.57 -5.01
CA HIS C 69 29.30 38.95 -3.62
C HIS C 69 29.23 37.67 -2.81
N THR C 70 28.46 36.72 -3.30
CA THR C 70 28.34 35.46 -2.60
C THR C 70 29.68 34.76 -2.49
N CYS C 71 30.46 34.76 -3.55
CA CYS C 71 31.75 34.09 -3.51
C CYS C 71 32.79 34.83 -2.69
N ARG C 72 32.77 36.15 -2.82
CA ARG C 72 33.73 37.01 -2.13
C ARG C 72 33.45 37.41 -0.67
N ASN C 73 32.18 37.46 -0.26
CA ASN C 73 31.88 37.86 1.11
C ASN C 73 31.21 36.82 1.98
N VAL C 74 30.30 36.03 1.41
CA VAL C 74 29.59 35.02 2.18
C VAL C 74 30.52 33.89 2.66
N GLN C 75 30.41 33.56 3.94
CA GLN C 75 31.22 32.50 4.55
C GLN C 75 31.07 31.19 3.78
N TYR C 76 32.10 30.82 3.05
CA TYR C 76 32.10 29.60 2.24
C TYR C 76 31.19 29.69 1.02
N GLY C 77 30.78 30.91 0.71
CA GLY C 77 29.93 31.08 -0.45
C GLY C 77 30.66 30.50 -1.65
N TRP C 78 31.95 30.75 -1.73
CA TRP C 78 32.73 30.24 -2.85
C TRP C 78 32.69 28.72 -2.98
N LEU C 79 32.67 28.04 -1.83
CA LEU C 79 32.63 26.58 -1.76
C LEU C 79 31.26 26.10 -2.18
N ILE C 80 30.23 26.68 -1.57
CA ILE C 80 28.87 26.32 -1.90
C ILE C 80 28.62 26.54 -3.40
N ARG C 81 29.09 27.67 -3.91
CA ARG C 81 28.93 27.99 -5.33
C ARG C 81 29.61 26.91 -6.16
N ASN C 82 30.86 26.56 -5.84
CA ASN C 82 31.58 25.51 -6.58
C ASN C 82 30.76 24.22 -6.54
N LEU C 83 30.50 23.71 -5.35
CA LEU C 83 29.73 22.49 -5.22
C LEU C 83 28.46 22.45 -6.09
N HIS C 84 27.66 23.53 -6.04
CA HIS C 84 26.41 23.58 -6.81
C HIS C 84 26.71 23.50 -8.30
N ALA C 85 27.61 24.35 -8.78
CA ALA C 85 27.94 24.38 -10.20
C ALA C 85 28.50 23.06 -10.68
N ASN C 86 29.46 22.52 -9.95
CA ASN C 86 30.03 21.24 -10.36
C ASN C 86 29.05 20.09 -10.11
N GLY C 87 28.22 20.23 -9.07
CA GLY C 87 27.23 19.23 -8.75
C GLY C 87 26.36 18.93 -9.95
N ALA C 88 26.10 19.95 -10.76
CA ALA C 88 25.31 19.80 -11.96
C ALA C 88 25.93 18.74 -12.87
N SER C 89 27.25 18.84 -13.12
CA SER C 89 27.89 17.86 -13.99
C SER C 89 27.84 16.44 -13.45
N PHE C 90 28.10 16.31 -12.14
CA PHE C 90 28.07 15.01 -11.50
C PHE C 90 26.68 14.45 -11.82
N PHE C 91 25.68 15.31 -11.68
CA PHE C 91 24.30 14.89 -11.92
C PHE C 91 24.11 14.30 -13.29
N PHE C 92 24.57 15.01 -14.33
CA PHE C 92 24.47 14.50 -15.72
C PHE C 92 25.35 13.27 -16.00
N ILE C 93 26.59 13.28 -15.49
CA ILE C 93 27.44 12.13 -15.66
C ILE C 93 26.63 10.95 -15.12
N CYS C 94 26.14 11.08 -13.90
CA CYS C 94 25.36 10.00 -13.33
C CYS C 94 24.15 9.64 -14.18
N ILE C 95 23.41 10.61 -14.64
CA ILE C 95 22.25 10.27 -15.42
C ILE C 95 22.58 9.57 -16.73
N PHE C 96 23.72 9.88 -17.34
CA PHE C 96 24.06 9.20 -18.59
C PHE C 96 24.45 7.74 -18.34
N LEU C 97 25.19 7.48 -17.27
CA LEU C 97 25.52 6.10 -16.95
C LEU C 97 24.22 5.37 -16.56
N HIS C 98 23.31 6.04 -15.85
CA HIS C 98 22.05 5.43 -15.42
C HIS C 98 21.30 5.02 -16.69
N ILE C 99 21.19 5.94 -17.64
CA ILE C 99 20.50 5.63 -18.89
C ILE C 99 21.21 4.51 -19.64
N GLY C 100 22.52 4.62 -19.79
CA GLY C 100 23.26 3.59 -20.50
C GLY C 100 22.93 2.22 -19.96
N ARG C 101 23.18 2.04 -18.67
CA ARG C 101 22.93 0.79 -17.97
C ARG C 101 21.58 0.25 -18.36
N GLY C 102 20.58 1.11 -18.41
CA GLY C 102 19.25 0.62 -18.75
C GLY C 102 19.09 0.12 -20.17
N LEU C 103 19.80 0.75 -21.09
CA LEU C 103 19.72 0.38 -22.47
C LEU C 103 20.42 -0.95 -22.69
N TYR C 104 21.62 -1.06 -22.12
CA TYR C 104 22.41 -2.28 -22.24
C TYR C 104 21.83 -3.50 -21.54
N TYR C 105 21.00 -3.31 -20.53
CA TYR C 105 20.41 -4.44 -19.80
C TYR C 105 18.89 -4.55 -19.93
N GLY C 106 18.37 -3.84 -20.93
CA GLY C 106 16.96 -3.87 -21.23
C GLY C 106 16.04 -3.56 -20.09
N SER C 107 16.46 -2.64 -19.24
CA SER C 107 15.67 -2.24 -18.10
C SER C 107 14.40 -1.58 -18.58
N TYR C 108 14.51 -0.93 -19.73
CA TYR C 108 13.40 -0.22 -20.35
C TYR C 108 12.24 -1.12 -20.60
N LEU C 109 12.40 -2.42 -20.43
CA LEU C 109 11.26 -3.30 -20.63
C LEU C 109 10.31 -3.06 -19.47
N TYR C 110 10.75 -2.24 -18.53
CA TYR C 110 9.92 -1.83 -17.40
C TYR C 110 9.35 -0.48 -17.83
N LYS C 111 8.58 -0.50 -18.92
CA LYS C 111 8.01 0.70 -19.50
C LYS C 111 7.68 1.93 -18.66
N GLU C 112 6.87 1.81 -17.61
CA GLU C 112 6.56 3.02 -16.83
C GLU C 112 7.77 3.53 -16.08
N THR C 113 8.57 2.63 -15.53
CA THR C 113 9.75 3.10 -14.84
C THR C 113 10.60 3.82 -15.88
N TRP C 114 10.69 3.26 -17.08
CA TRP C 114 11.47 3.87 -18.15
C TRP C 114 10.91 5.22 -18.50
N ASN C 115 9.64 5.29 -18.88
CA ASN C 115 9.06 6.58 -19.27
C ASN C 115 9.16 7.65 -18.17
N THR C 116 8.87 7.32 -16.92
CA THR C 116 9.02 8.37 -15.91
C THR C 116 10.49 8.83 -16.00
N GLY C 117 11.38 7.88 -16.26
CA GLY C 117 12.79 8.22 -16.37
C GLY C 117 13.07 9.25 -17.45
N VAL C 118 12.48 9.08 -18.61
CA VAL C 118 12.71 10.06 -19.65
C VAL C 118 12.21 11.42 -19.17
N ILE C 119 11.10 11.44 -18.44
CA ILE C 119 10.59 12.73 -17.96
C ILE C 119 11.57 13.35 -16.96
N LEU C 120 12.24 12.50 -16.19
CA LEU C 120 13.19 12.99 -15.22
C LEU C 120 14.32 13.69 -15.92
N LEU C 121 14.80 13.07 -17.01
CA LEU C 121 15.87 13.60 -17.83
C LEU C 121 15.47 14.95 -18.40
N LEU C 122 14.32 14.98 -19.05
CA LEU C 122 13.84 16.23 -19.59
C LEU C 122 13.73 17.31 -18.51
N THR C 123 13.08 17.02 -17.40
CA THR C 123 12.97 18.05 -16.37
C THR C 123 14.35 18.53 -15.96
N LEU C 124 15.26 17.58 -15.73
CA LEU C 124 16.63 17.93 -15.32
C LEU C 124 17.29 18.90 -16.30
N MET C 125 17.19 18.56 -17.59
CA MET C 125 17.75 19.39 -18.64
C MET C 125 17.23 20.81 -18.52
N ALA C 126 15.91 20.98 -18.47
CA ALA C 126 15.32 22.31 -18.32
C ALA C 126 15.87 22.98 -17.06
N THR C 127 15.89 22.24 -15.96
CA THR C 127 16.39 22.80 -14.72
C THR C 127 17.78 23.45 -14.90
N ALA C 128 18.73 22.68 -15.43
CA ALA C 128 20.07 23.24 -15.60
C ALA C 128 20.06 24.42 -16.55
N PHE C 129 19.31 24.30 -17.65
CA PHE C 129 19.28 25.37 -18.63
C PHE C 129 18.87 26.71 -18.04
N VAL C 130 17.89 26.70 -17.14
CA VAL C 130 17.46 27.94 -16.50
C VAL C 130 18.44 28.36 -15.39
N GLY C 131 18.99 27.36 -14.70
CA GLY C 131 19.93 27.67 -13.65
C GLY C 131 21.14 28.39 -14.19
N TYR C 132 21.62 27.91 -15.34
CA TYR C 132 22.79 28.47 -15.98
C TYR C 132 22.60 29.94 -16.30
N VAL C 133 21.38 30.33 -16.67
CA VAL C 133 21.18 31.73 -17.01
C VAL C 133 21.33 32.67 -15.81
N LEU C 134 21.05 32.19 -14.62
CA LEU C 134 21.11 33.06 -13.44
C LEU C 134 22.30 33.96 -13.15
N PRO C 135 23.54 33.47 -13.28
CA PRO C 135 24.68 34.36 -13.01
C PRO C 135 24.79 35.51 -13.99
N TRP C 136 24.07 35.40 -15.09
CA TRP C 136 24.03 36.47 -16.08
C TRP C 136 25.37 36.90 -16.65
N GLY C 137 26.16 35.91 -17.06
CA GLY C 137 27.43 36.19 -17.69
C GLY C 137 27.21 36.17 -19.22
N GLN C 138 28.27 36.38 -19.99
CA GLN C 138 28.13 36.40 -21.45
C GLN C 138 27.52 35.13 -22.01
N MET C 139 27.97 33.97 -21.53
CA MET C 139 27.42 32.73 -22.04
C MET C 139 26.05 32.50 -21.49
N SER C 140 25.79 33.01 -20.30
CA SER C 140 24.46 32.82 -19.71
C SER C 140 23.47 33.46 -20.65
N PHE C 141 23.73 34.71 -20.99
CA PHE C 141 22.84 35.45 -21.84
C PHE C 141 22.72 34.87 -23.24
N TRP C 142 23.83 34.71 -23.93
CA TRP C 142 23.79 34.19 -25.28
C TRP C 142 23.25 32.76 -25.46
N GLY C 143 23.47 31.90 -24.48
CA GLY C 143 22.91 30.57 -24.59
C GLY C 143 21.39 30.74 -24.52
N ALA C 144 20.96 31.50 -23.52
CA ALA C 144 19.56 31.78 -23.33
C ALA C 144 18.97 32.30 -24.64
N THR C 145 19.67 33.26 -25.25
CA THR C 145 19.23 33.86 -26.53
C THR C 145 19.16 32.90 -27.71
N VAL C 146 20.29 32.28 -28.00
CA VAL C 146 20.38 31.32 -29.07
C VAL C 146 19.29 30.25 -29.03
N ILE C 147 19.15 29.58 -27.89
CA ILE C 147 18.19 28.50 -27.77
C ILE C 147 16.73 28.86 -27.68
N THR C 148 16.39 29.94 -27.02
CA THR C 148 14.99 30.33 -26.93
C THR C 148 14.51 30.94 -28.25
N ASN C 149 15.44 31.43 -29.07
CA ASN C 149 15.06 32.00 -30.34
C ASN C 149 14.62 30.92 -31.31
N LEU C 150 14.98 29.68 -31.02
CA LEU C 150 14.61 28.60 -31.92
C LEU C 150 13.11 28.46 -32.07
N PHE C 151 12.38 28.65 -30.99
CA PHE C 151 10.93 28.48 -31.03
C PHE C 151 10.26 29.39 -32.03
N SER C 152 10.93 30.46 -32.43
CA SER C 152 10.34 31.38 -33.41
C SER C 152 10.28 30.70 -34.76
N ALA C 153 10.87 29.50 -34.84
CA ALA C 153 10.91 28.70 -36.06
C ALA C 153 9.68 27.80 -36.22
N ILE C 154 8.84 27.75 -35.19
CA ILE C 154 7.63 26.96 -35.25
C ILE C 154 6.69 27.82 -36.09
N PRO C 155 5.90 27.18 -36.97
CA PRO C 155 4.95 27.89 -37.86
C PRO C 155 3.76 28.64 -37.22
N TYR C 156 3.56 29.89 -37.66
CA TYR C 156 2.45 30.73 -37.20
C TYR C 156 2.48 31.14 -35.70
N ILE C 157 2.48 30.13 -34.84
CA ILE C 157 2.50 30.33 -33.38
C ILE C 157 3.92 30.53 -32.85
N GLY C 158 4.87 30.71 -33.76
CA GLY C 158 6.26 30.86 -33.39
C GLY C 158 6.65 32.13 -32.67
N HIS C 159 6.78 33.21 -33.43
CA HIS C 159 7.18 34.48 -32.86
C HIS C 159 6.43 34.88 -31.61
N THR C 160 5.30 34.23 -31.36
CA THR C 160 4.52 34.52 -30.17
C THR C 160 5.01 33.69 -28.98
N LEU C 161 4.92 32.36 -29.08
CA LEU C 161 5.37 31.52 -27.98
C LEU C 161 6.71 32.04 -27.45
N VAL C 162 7.51 32.64 -28.32
CA VAL C 162 8.82 33.17 -27.93
C VAL C 162 8.73 34.43 -27.10
N GLU C 163 8.00 35.43 -27.63
CA GLU C 163 7.84 36.71 -26.92
C GLU C 163 7.03 36.56 -25.65
N TRP C 164 6.45 35.38 -25.48
CA TRP C 164 5.67 35.10 -24.30
C TRP C 164 6.65 34.59 -23.26
N ALA C 165 7.55 33.71 -23.69
CA ALA C 165 8.54 33.13 -22.79
C ALA C 165 9.53 34.16 -22.26
N TRP C 166 9.94 35.09 -23.10
CA TRP C 166 10.88 36.13 -22.71
C TRP C 166 10.24 37.20 -21.82
N GLY C 167 8.94 37.41 -22.05
CA GLY C 167 8.20 38.43 -21.32
C GLY C 167 8.49 39.79 -21.97
N GLY C 168 8.80 39.76 -23.26
CA GLY C 168 9.11 40.99 -23.95
C GLY C 168 9.70 40.69 -25.31
N PHE C 169 10.69 41.46 -25.73
CA PHE C 169 11.25 41.26 -27.05
C PHE C 169 12.63 40.64 -27.14
N SER C 170 13.28 40.47 -26.00
CA SER C 170 14.61 39.89 -25.95
C SER C 170 14.83 39.36 -24.55
N VAL C 171 15.85 38.53 -24.39
CA VAL C 171 16.12 38.00 -23.08
C VAL C 171 16.47 39.20 -22.25
N ASP C 172 15.61 39.58 -21.33
CA ASP C 172 15.91 40.73 -20.49
C ASP C 172 15.45 40.44 -19.08
N ASN C 173 15.40 41.46 -18.24
CA ASN C 173 15.03 41.27 -16.86
C ASN C 173 13.79 40.42 -16.63
N PRO C 174 12.74 40.65 -17.41
CA PRO C 174 11.53 39.84 -17.21
C PRO C 174 11.73 38.35 -17.43
N THR C 175 12.81 38.00 -18.15
CA THR C 175 13.13 36.62 -18.44
C THR C 175 13.93 36.06 -17.28
N LEU C 176 14.86 36.86 -16.80
CA LEU C 176 15.70 36.45 -15.71
C LEU C 176 14.83 36.12 -14.52
N THR C 177 13.93 37.02 -14.16
CA THR C 177 13.10 36.76 -13.00
C THR C 177 12.25 35.52 -13.08
N ARG C 178 11.72 35.21 -14.25
CA ARG C 178 10.89 34.02 -14.35
C ARG C 178 11.77 32.78 -14.41
N PHE C 179 13.00 32.92 -14.87
CA PHE C 179 13.90 31.77 -14.91
C PHE C 179 14.30 31.36 -13.50
N PHE C 180 14.56 32.34 -12.64
CA PHE C 180 14.92 32.06 -11.26
C PHE C 180 13.77 31.27 -10.63
N ALA C 181 12.53 31.74 -10.80
CA ALA C 181 11.37 31.06 -10.24
C ALA C 181 11.34 29.61 -10.72
N LEU C 182 11.46 29.44 -12.04
CA LEU C 182 11.46 28.12 -12.61
C LEU C 182 12.58 27.24 -12.07
N HIS C 183 13.77 27.83 -11.94
CA HIS C 183 14.92 27.07 -11.48
C HIS C 183 14.68 26.63 -10.03
N PHE C 184 13.99 27.45 -9.25
CA PHE C 184 13.70 27.10 -7.85
C PHE C 184 12.64 25.98 -7.82
N LEU C 185 11.67 26.05 -8.72
CA LEU C 185 10.58 25.09 -8.77
C LEU C 185 10.85 23.69 -9.33
N LEU C 186 11.43 23.58 -10.51
CA LEU C 186 11.66 22.28 -11.11
C LEU C 186 12.33 21.18 -10.29
N PRO C 187 13.34 21.52 -9.50
CA PRO C 187 13.97 20.45 -8.71
C PRO C 187 12.95 19.71 -7.85
N PHE C 188 11.99 20.45 -7.32
CA PHE C 188 10.97 19.79 -6.51
C PHE C 188 10.14 18.86 -7.37
N ALA C 189 9.78 19.31 -8.57
CA ALA C 189 9.02 18.44 -9.47
C ALA C 189 9.86 17.20 -9.70
N ILE C 190 11.16 17.39 -9.80
CA ILE C 190 12.03 16.26 -10.03
C ILE C 190 11.91 15.29 -8.89
N ALA C 191 12.08 15.78 -7.66
CA ALA C 191 11.96 14.94 -6.47
C ALA C 191 10.60 14.22 -6.49
N GLY C 192 9.54 14.98 -6.71
CA GLY C 192 8.24 14.35 -6.78
C GLY C 192 8.22 13.21 -7.80
N ILE C 193 8.48 13.54 -9.06
CA ILE C 193 8.49 12.53 -10.12
C ILE C 193 9.42 11.35 -9.81
N THR C 194 10.49 11.60 -9.05
CA THR C 194 11.37 10.49 -8.68
C THR C 194 10.58 9.50 -7.78
N ILE C 195 9.72 10.01 -6.90
CA ILE C 195 8.95 9.12 -6.06
C ILE C 195 8.13 8.22 -6.96
N ILE C 196 7.53 8.79 -8.00
CA ILE C 196 6.74 8.00 -8.97
C ILE C 196 7.66 6.96 -9.67
N HIS C 197 8.84 7.40 -10.09
CA HIS C 197 9.80 6.54 -10.77
C HIS C 197 10.01 5.29 -9.91
N LEU C 198 10.41 5.47 -8.66
CA LEU C 198 10.64 4.32 -7.77
C LEU C 198 9.37 3.51 -7.45
N THR C 199 8.21 4.15 -7.52
CA THR C 199 6.99 3.42 -7.23
C THR C 199 6.72 2.40 -8.30
N PHE C 200 6.76 2.82 -9.56
CA PHE C 200 6.55 1.88 -10.64
C PHE C 200 7.65 0.83 -10.52
N LEU C 201 8.87 1.27 -10.32
CA LEU C 201 9.94 0.30 -10.21
C LEU C 201 9.61 -0.80 -9.22
N HIS C 202 9.19 -0.45 -8.02
CA HIS C 202 8.90 -1.47 -7.02
C HIS C 202 7.81 -2.48 -7.36
N GLU C 203 7.07 -2.26 -8.44
CA GLU C 203 6.02 -3.19 -8.85
C GLU C 203 6.67 -4.46 -9.33
N SER C 204 7.75 -4.31 -10.07
CA SER C 204 8.51 -5.43 -10.63
C SER C 204 9.74 -5.82 -9.81
N GLY C 205 10.39 -4.82 -9.23
CA GLY C 205 11.59 -5.07 -8.47
C GLY C 205 12.69 -4.86 -9.49
N SER C 206 13.95 -4.88 -9.06
CA SER C 206 15.04 -4.66 -9.98
C SER C 206 15.34 -5.76 -10.97
N ASN C 207 15.89 -5.35 -12.09
CA ASN C 207 16.28 -6.28 -13.13
C ASN C 207 17.71 -6.63 -12.68
N ASN C 208 18.36 -7.57 -13.35
CA ASN C 208 19.73 -7.92 -12.97
C ASN C 208 20.55 -8.17 -14.24
N PRO C 209 21.88 -8.07 -14.16
CA PRO C 209 22.74 -8.27 -15.33
C PRO C 209 22.63 -9.52 -16.20
N LEU C 210 22.01 -10.59 -15.73
CA LEU C 210 21.90 -11.76 -16.59
C LEU C 210 20.53 -11.76 -17.26
N GLY C 211 19.67 -10.85 -16.81
CA GLY C 211 18.33 -10.74 -17.38
C GLY C 211 17.42 -11.96 -17.30
N ILE C 212 17.55 -12.74 -16.24
CA ILE C 212 16.72 -13.91 -16.03
C ILE C 212 16.17 -13.74 -14.64
N SER C 213 14.97 -14.26 -14.41
CA SER C 213 14.32 -14.13 -13.10
C SER C 213 15.23 -14.37 -11.89
N SER C 214 15.28 -13.42 -10.97
CA SER C 214 16.13 -13.56 -9.80
C SER C 214 15.37 -13.85 -8.50
N ASP C 215 14.18 -14.44 -8.61
CA ASP C 215 13.36 -14.75 -7.45
C ASP C 215 13.98 -15.89 -6.65
N SER C 216 14.74 -16.70 -7.38
CA SER C 216 15.41 -17.86 -6.82
C SER C 216 16.55 -17.47 -5.90
N ASP C 217 16.92 -16.19 -5.93
CA ASP C 217 18.04 -15.70 -5.13
C ASP C 217 17.91 -14.22 -4.81
N LYS C 218 17.12 -13.86 -3.80
CA LYS C 218 16.97 -12.46 -3.46
C LYS C 218 17.51 -12.15 -2.07
N ILE C 219 18.08 -10.96 -1.90
CA ILE C 219 18.66 -10.56 -0.62
C ILE C 219 18.08 -9.22 -0.17
N PRO C 220 18.00 -8.99 1.15
CA PRO C 220 17.43 -7.73 1.61
C PRO C 220 18.34 -6.53 1.27
N PHE C 221 17.71 -5.43 0.85
CA PHE C 221 18.42 -4.21 0.48
C PHE C 221 19.47 -3.88 1.50
N HIS C 222 19.08 -3.88 2.77
CA HIS C 222 20.00 -3.63 3.88
C HIS C 222 20.38 -4.98 4.48
N PRO C 223 21.68 -5.21 4.77
CA PRO C 223 22.82 -4.31 4.61
C PRO C 223 23.53 -4.37 3.27
N TYR C 224 23.23 -5.40 2.48
CA TYR C 224 23.89 -5.59 1.19
C TYR C 224 24.01 -4.34 0.33
N TYR C 225 22.87 -3.80 -0.10
CA TYR C 225 22.91 -2.62 -0.93
C TYR C 225 23.04 -1.28 -0.21
N SER C 226 22.63 -1.21 1.05
CA SER C 226 22.79 0.04 1.74
C SER C 226 24.31 0.28 1.76
N PHE C 227 25.08 -0.77 2.06
CA PHE C 227 26.54 -0.63 2.09
C PHE C 227 27.14 -0.44 0.72
N LYS C 228 26.69 -1.22 -0.24
CA LYS C 228 27.23 -1.11 -1.60
C LYS C 228 27.03 0.31 -2.16
N ASP C 229 25.87 0.90 -1.92
CA ASP C 229 25.62 2.25 -2.41
C ASP C 229 26.46 3.32 -1.69
N ILE C 230 26.61 3.20 -0.38
CA ILE C 230 27.40 4.18 0.37
C ILE C 230 28.82 4.14 -0.12
N LEU C 231 29.28 2.95 -0.46
CA LEU C 231 30.63 2.79 -0.99
C LEU C 231 30.68 3.47 -2.36
N GLY C 232 29.62 3.26 -3.13
CA GLY C 232 29.52 3.85 -4.45
C GLY C 232 29.52 5.35 -4.33
N LEU C 233 28.83 5.88 -3.32
CA LEU C 233 28.77 7.32 -3.09
C LEU C 233 30.16 7.88 -2.84
N THR C 234 30.92 7.29 -1.92
CA THR C 234 32.27 7.79 -1.64
C THR C 234 33.22 7.65 -2.84
N LEU C 235 33.04 6.58 -3.61
CA LEU C 235 33.88 6.40 -4.77
C LEU C 235 33.64 7.48 -5.83
N MET C 236 32.40 7.92 -6.02
CA MET C 236 32.18 8.97 -7.00
C MET C 236 32.50 10.33 -6.41
N LEU C 237 32.14 10.50 -5.15
CA LEU C 237 32.39 11.74 -4.45
C LEU C 237 33.84 12.20 -4.52
N THR C 238 34.78 11.27 -4.55
CA THR C 238 36.19 11.66 -4.62
C THR C 238 36.57 12.47 -5.87
N PRO C 239 36.31 11.94 -7.07
CA PRO C 239 36.66 12.72 -8.27
C PRO C 239 35.93 14.07 -8.26
N PHE C 240 34.68 14.04 -7.85
CA PHE C 240 33.86 15.26 -7.75
C PHE C 240 34.60 16.35 -6.99
N LEU C 241 34.81 16.11 -5.69
CA LEU C 241 35.49 17.06 -4.84
C LEU C 241 36.87 17.45 -5.32
N THR C 242 37.59 16.48 -5.89
CA THR C 242 38.93 16.70 -6.42
C THR C 242 38.88 17.73 -7.54
N LEU C 243 37.85 17.61 -8.36
CA LEU C 243 37.63 18.54 -9.44
C LEU C 243 37.18 19.90 -8.91
N ALA C 244 36.11 19.91 -8.11
CA ALA C 244 35.58 21.15 -7.55
C ALA C 244 36.51 21.85 -6.57
N LEU C 245 37.59 21.20 -6.16
CA LEU C 245 38.48 21.83 -5.23
C LEU C 245 39.83 22.14 -5.85
N PHE C 246 40.28 21.31 -6.79
CA PHE C 246 41.57 21.57 -7.37
C PHE C 246 41.51 22.26 -8.73
N SER C 247 40.52 21.94 -9.53
CA SER C 247 40.39 22.56 -10.85
C SER C 247 38.94 23.02 -11.01
N PRO C 248 38.53 23.97 -10.18
CA PRO C 248 37.19 24.59 -10.11
C PRO C 248 36.52 25.02 -11.40
N ASN C 249 37.31 25.48 -12.37
CA ASN C 249 36.72 25.98 -13.60
C ASN C 249 37.05 25.16 -14.81
N LEU C 250 37.60 23.97 -14.62
CA LEU C 250 37.95 23.14 -15.75
C LEU C 250 36.85 23.05 -16.80
N LEU C 251 35.69 22.58 -16.38
CA LEU C 251 34.57 22.40 -17.29
C LEU C 251 33.79 23.64 -17.69
N GLY C 252 34.16 24.81 -17.19
CA GLY C 252 33.39 26.00 -17.52
C GLY C 252 33.98 27.05 -18.43
N ASP C 253 33.10 27.70 -19.19
CA ASP C 253 33.50 28.74 -20.12
C ASP C 253 33.97 30.01 -19.42
N PRO C 254 35.15 30.53 -19.82
CA PRO C 254 35.67 31.75 -19.21
C PRO C 254 34.83 32.95 -19.59
N GLU C 255 34.15 32.83 -20.71
CA GLU C 255 33.30 33.88 -21.22
C GLU C 255 32.22 34.24 -20.18
N ASN C 256 32.00 33.34 -19.24
CA ASN C 256 30.98 33.60 -18.24
C ASN C 256 31.47 34.36 -17.02
N PHE C 257 32.65 34.95 -17.16
CA PHE C 257 33.25 35.78 -16.12
C PHE C 257 33.19 37.22 -16.60
N THR C 258 32.33 37.44 -17.58
CA THR C 258 32.13 38.73 -18.19
C THR C 258 30.66 39.00 -18.16
N PRO C 259 30.25 40.12 -17.55
CA PRO C 259 28.81 40.42 -17.50
C PRO C 259 28.17 40.46 -18.89
N ALA C 260 27.00 39.86 -19.00
CA ALA C 260 26.27 39.80 -20.26
C ALA C 260 26.26 41.16 -20.94
N ASN C 261 26.39 41.13 -22.25
CA ASN C 261 26.37 42.33 -23.08
C ASN C 261 25.67 41.98 -24.39
N PRO C 262 24.45 42.48 -24.56
CA PRO C 262 23.59 42.27 -25.74
C PRO C 262 24.22 42.77 -27.02
N LEU C 263 25.23 43.63 -26.91
CA LEU C 263 25.88 44.22 -28.07
C LEU C 263 27.25 43.65 -28.36
N VAL C 264 27.45 42.39 -28.03
CA VAL C 264 28.72 41.74 -28.28
C VAL C 264 28.53 40.26 -28.30
N THR C 265 28.52 39.68 -29.48
CA THR C 265 28.35 38.26 -29.57
C THR C 265 29.66 37.52 -29.35
N PRO C 266 29.65 36.52 -28.45
CA PRO C 266 30.91 35.82 -28.25
C PRO C 266 31.27 35.09 -29.54
N PRO C 267 32.57 34.86 -29.77
CA PRO C 267 33.04 34.17 -30.98
C PRO C 267 32.51 32.73 -31.07
N HIS C 268 32.62 32.00 -29.97
CA HIS C 268 32.16 30.62 -29.96
C HIS C 268 31.12 30.38 -28.89
N ILE C 269 29.87 30.34 -29.33
CA ILE C 269 28.71 30.10 -28.48
C ILE C 269 28.44 28.59 -28.37
N LYS C 270 29.10 27.94 -27.43
CA LYS C 270 28.93 26.52 -27.25
C LYS C 270 28.39 26.26 -25.84
N PRO C 271 27.63 25.17 -25.66
CA PRO C 271 27.05 24.79 -24.37
C PRO C 271 28.00 24.10 -23.43
N GLU C 272 27.47 23.72 -22.27
CA GLU C 272 28.22 22.98 -21.26
C GLU C 272 28.38 21.58 -21.85
N TRP C 273 29.44 20.87 -21.49
CA TRP C 273 29.64 19.57 -22.09
C TRP C 273 28.37 18.74 -22.25
N TYR C 274 27.62 18.59 -21.15
CA TYR C 274 26.40 17.78 -21.19
C TYR C 274 25.30 18.13 -22.18
N PHE C 275 25.48 19.18 -22.98
CA PHE C 275 24.49 19.53 -23.97
C PHE C 275 25.10 19.52 -25.35
N LEU C 276 26.43 19.44 -25.38
CA LEU C 276 27.19 19.43 -26.62
C LEU C 276 26.58 18.53 -27.67
N PHE C 277 26.55 17.23 -27.39
CA PHE C 277 25.96 16.27 -28.32
C PHE C 277 24.66 16.75 -28.96
N ALA C 278 23.78 17.34 -28.17
CA ALA C 278 22.50 17.79 -28.73
C ALA C 278 22.69 19.03 -29.61
N TYR C 279 23.63 19.87 -29.22
CA TYR C 279 23.89 21.07 -29.96
C TYR C 279 24.44 20.66 -31.32
N ALA C 280 25.16 19.54 -31.34
CA ALA C 280 25.73 19.03 -32.57
C ALA C 280 24.61 18.61 -33.49
N ILE C 281 23.74 17.74 -32.99
CA ILE C 281 22.63 17.28 -33.80
C ILE C 281 21.84 18.46 -34.30
N LEU C 282 21.70 19.48 -33.46
CA LEU C 282 20.93 20.66 -33.86
C LEU C 282 21.46 21.28 -35.14
N ARG C 283 22.75 21.57 -35.13
CA ARG C 283 23.40 22.20 -36.27
C ARG C 283 23.62 21.26 -37.46
N SER C 284 23.34 19.98 -37.26
CA SER C 284 23.52 19.02 -38.34
C SER C 284 22.53 19.25 -39.47
N ILE C 285 21.35 19.73 -39.13
CA ILE C 285 20.34 19.97 -40.16
C ILE C 285 20.22 21.45 -40.41
N PRO C 286 20.89 21.97 -41.46
CA PRO C 286 20.79 23.41 -41.74
C PRO C 286 19.34 23.66 -42.18
N ASN C 287 18.62 24.46 -41.41
CA ASN C 287 17.21 24.78 -41.65
C ASN C 287 16.65 24.89 -40.27
N LYS C 288 16.48 26.11 -39.79
CA LYS C 288 15.99 26.33 -38.44
C LYS C 288 14.96 25.28 -37.97
N LEU C 289 13.92 25.01 -38.75
CA LEU C 289 12.91 24.05 -38.32
C LEU C 289 13.31 22.59 -38.26
N GLY C 290 14.03 22.12 -39.28
CA GLY C 290 14.45 20.74 -39.28
C GLY C 290 15.37 20.47 -38.11
N GLY C 291 16.35 21.35 -37.93
CA GLY C 291 17.28 21.20 -36.83
C GLY C 291 16.57 21.08 -35.49
N VAL C 292 15.52 21.86 -35.30
CA VAL C 292 14.78 21.80 -34.06
C VAL C 292 14.23 20.39 -33.93
N LEU C 293 13.39 19.98 -34.88
CA LEU C 293 12.86 18.63 -34.81
C LEU C 293 13.96 17.61 -34.51
N ALA C 294 15.07 17.68 -35.24
CA ALA C 294 16.16 16.74 -35.03
C ALA C 294 16.58 16.73 -33.56
N LEU C 295 16.64 17.93 -32.96
CA LEU C 295 17.02 18.06 -31.57
C LEU C 295 15.98 17.38 -30.71
N ALA C 296 14.72 17.75 -30.90
CA ALA C 296 13.64 17.15 -30.15
C ALA C 296 13.83 15.64 -30.25
N ALA C 297 13.70 15.11 -31.45
CA ALA C 297 13.85 13.69 -31.69
C ALA C 297 15.07 13.04 -30.99
N SER C 298 16.19 13.75 -30.94
CA SER C 298 17.39 13.18 -30.33
C SER C 298 17.16 12.66 -28.93
N VAL C 299 16.43 13.40 -28.11
CA VAL C 299 16.16 12.97 -26.75
C VAL C 299 14.84 12.22 -26.68
N LEU C 300 13.84 12.68 -27.43
CA LEU C 300 12.56 12.00 -27.42
C LEU C 300 12.69 10.56 -27.94
N ILE C 301 13.71 10.30 -28.77
CA ILE C 301 13.92 8.97 -29.35
C ILE C 301 13.84 7.89 -28.28
N LEU C 302 14.24 8.27 -27.07
CA LEU C 302 14.24 7.41 -25.88
C LEU C 302 12.90 6.75 -25.55
N PHE C 303 11.80 7.42 -25.88
CA PHE C 303 10.47 6.88 -25.65
C PHE C 303 10.17 5.67 -26.55
N LEU C 304 10.89 5.53 -27.65
CA LEU C 304 10.65 4.42 -28.57
C LEU C 304 11.45 3.15 -28.31
N ILE C 305 12.53 3.26 -27.53
CA ILE C 305 13.36 2.10 -27.29
C ILE C 305 12.59 0.84 -26.91
N PRO C 306 11.71 0.93 -25.89
CA PRO C 306 10.91 -0.23 -25.46
C PRO C 306 10.20 -0.96 -26.60
N PHE C 307 9.81 -0.22 -27.62
CA PHE C 307 9.12 -0.84 -28.72
C PHE C 307 10.05 -1.31 -29.83
N LEU C 308 11.35 -1.07 -29.69
CA LEU C 308 12.28 -1.49 -30.71
C LEU C 308 13.12 -2.67 -30.27
N HIS C 309 12.62 -3.40 -29.26
CA HIS C 309 13.34 -4.55 -28.74
C HIS C 309 12.87 -5.79 -29.49
N LYS C 310 13.78 -6.46 -30.18
CA LYS C 310 13.40 -7.63 -30.94
C LYS C 310 13.97 -8.89 -30.36
N SER C 311 15.07 -8.78 -29.61
CA SER C 311 15.68 -9.98 -29.01
C SER C 311 14.76 -10.86 -28.17
N LYS C 312 15.12 -12.12 -28.05
CA LYS C 312 14.33 -13.05 -27.27
C LYS C 312 14.88 -13.09 -25.84
N GLN C 313 16.01 -12.41 -25.67
CA GLN C 313 16.69 -12.30 -24.40
C GLN C 313 16.61 -10.83 -23.99
N ARG C 314 16.66 -10.56 -22.70
CA ARG C 314 16.52 -9.20 -22.20
C ARG C 314 17.73 -8.32 -22.33
N THR C 315 18.84 -8.76 -21.74
CA THR C 315 20.10 -8.02 -21.74
C THR C 315 20.98 -8.26 -22.97
N MET C 316 22.09 -7.54 -23.03
CA MET C 316 23.02 -7.74 -24.14
C MET C 316 24.18 -8.62 -23.65
N THR C 317 24.05 -9.19 -22.46
CA THR C 317 25.14 -9.98 -21.93
C THR C 317 25.56 -11.08 -22.85
N PHE C 318 24.59 -11.79 -23.41
CA PHE C 318 24.90 -12.90 -24.29
C PHE C 318 24.59 -12.57 -25.75
N ARG C 319 24.80 -11.31 -26.12
CA ARG C 319 24.52 -10.84 -27.49
C ARG C 319 25.67 -9.98 -27.99
N PRO C 320 26.79 -10.63 -28.35
CA PRO C 320 28.01 -10.00 -28.85
C PRO C 320 27.86 -9.01 -30.01
N LEU C 321 26.95 -9.28 -30.95
CA LEU C 321 26.76 -8.32 -32.04
C LEU C 321 26.16 -7.04 -31.47
N SER C 322 25.15 -7.19 -30.62
CA SER C 322 24.52 -6.03 -29.99
C SER C 322 25.53 -5.24 -29.15
N GLN C 323 26.45 -5.96 -28.53
CA GLN C 323 27.46 -5.32 -27.70
C GLN C 323 28.36 -4.37 -28.44
N THR C 324 28.81 -4.74 -29.63
CA THR C 324 29.67 -3.80 -30.33
C THR C 324 28.78 -2.67 -30.83
N LEU C 325 27.61 -3.03 -31.34
CA LEU C 325 26.71 -2.00 -31.81
C LEU C 325 26.49 -1.00 -30.67
N PHE C 326 26.28 -1.52 -29.46
CA PHE C 326 26.09 -0.67 -28.28
C PHE C 326 27.28 0.26 -28.05
N TRP C 327 28.50 -0.27 -28.07
CA TRP C 327 29.70 0.57 -27.86
C TRP C 327 29.99 1.47 -29.07
N LEU C 328 29.47 1.10 -30.24
CA LEU C 328 29.64 1.93 -31.41
C LEU C 328 28.86 3.18 -31.10
N LEU C 329 27.61 2.98 -30.70
CA LEU C 329 26.72 4.08 -30.34
C LEU C 329 27.33 4.99 -29.27
N VAL C 330 27.91 4.41 -28.23
CA VAL C 330 28.52 5.20 -27.19
C VAL C 330 29.57 6.09 -27.84
N ALA C 331 30.44 5.48 -28.65
CA ALA C 331 31.48 6.21 -29.35
C ALA C 331 30.83 7.27 -30.23
N ASN C 332 29.73 6.91 -30.87
CA ASN C 332 28.98 7.83 -31.74
C ASN C 332 28.72 9.11 -30.96
N LEU C 333 28.24 8.95 -29.72
CA LEU C 333 27.94 10.07 -28.84
C LEU C 333 29.16 10.91 -28.45
N LEU C 334 30.30 10.28 -28.21
CA LEU C 334 31.49 11.04 -27.90
C LEU C 334 31.80 11.94 -29.07
N ILE C 335 31.69 11.41 -30.27
CA ILE C 335 31.97 12.21 -31.43
C ILE C 335 31.01 13.39 -31.56
N LEU C 336 29.72 13.14 -31.38
CA LEU C 336 28.77 14.22 -31.47
C LEU C 336 29.15 15.27 -30.41
N THR C 337 29.56 14.80 -29.24
CA THR C 337 29.96 15.71 -28.17
C THR C 337 31.12 16.58 -28.62
N TRP C 338 32.11 15.96 -29.24
CA TRP C 338 33.28 16.65 -29.77
C TRP C 338 32.83 17.63 -30.85
N ILE C 339 32.04 17.17 -31.82
CA ILE C 339 31.56 18.07 -32.84
C ILE C 339 30.83 19.26 -32.23
N GLY C 340 30.02 19.02 -31.20
CA GLY C 340 29.31 20.12 -30.58
C GLY C 340 30.19 21.25 -30.05
N SER C 341 31.45 20.93 -29.75
CA SER C 341 32.40 21.91 -29.23
C SER C 341 33.24 22.65 -30.29
N GLN C 342 33.08 22.28 -31.55
CA GLN C 342 33.83 22.89 -32.63
C GLN C 342 33.02 23.88 -33.44
N PRO C 343 33.69 24.75 -34.20
CA PRO C 343 32.97 25.73 -35.01
C PRO C 343 32.22 25.03 -36.14
N VAL C 344 31.41 25.79 -36.87
CA VAL C 344 30.66 25.19 -37.96
C VAL C 344 31.45 25.39 -39.26
N GLU C 345 32.41 24.51 -39.48
CA GLU C 345 33.26 24.57 -40.64
C GLU C 345 33.72 23.18 -41.01
N HIS C 346 34.20 23.05 -42.25
CA HIS C 346 34.71 21.77 -42.69
C HIS C 346 35.95 21.55 -41.81
N PRO C 347 36.28 20.28 -41.47
CA PRO C 347 35.61 19.02 -41.79
C PRO C 347 34.47 18.71 -40.83
N PHE C 348 34.46 19.42 -39.70
CA PHE C 348 33.47 19.27 -38.64
C PHE C 348 32.02 19.21 -39.15
N ILE C 349 31.69 20.02 -40.16
CA ILE C 349 30.33 20.04 -40.67
C ILE C 349 29.88 18.70 -41.22
N ILE C 350 30.71 18.09 -42.03
CA ILE C 350 30.32 16.80 -42.61
C ILE C 350 30.34 15.70 -41.55
N ILE C 351 31.41 15.65 -40.77
CA ILE C 351 31.51 14.65 -39.71
C ILE C 351 30.28 14.75 -38.84
N GLY C 352 29.79 15.98 -38.63
CA GLY C 352 28.62 16.20 -37.81
C GLY C 352 27.39 15.50 -38.35
N GLN C 353 27.10 15.68 -39.61
CA GLN C 353 25.93 15.05 -40.19
C GLN C 353 26.08 13.54 -40.24
N MET C 354 27.31 13.06 -40.29
CA MET C 354 27.49 11.64 -40.33
C MET C 354 27.11 11.06 -38.98
N ALA C 355 27.74 11.58 -37.92
CA ALA C 355 27.46 11.13 -36.58
C ALA C 355 25.98 11.26 -36.25
N SER C 356 25.36 12.34 -36.71
CA SER C 356 23.93 12.53 -36.47
C SER C 356 23.12 11.48 -37.20
N LEU C 357 23.54 11.17 -38.41
CA LEU C 357 22.84 10.19 -39.22
C LEU C 357 22.99 8.80 -38.62
N SER C 358 24.22 8.45 -38.28
CA SER C 358 24.49 7.15 -37.71
C SER C 358 23.75 7.00 -36.39
N TYR C 359 23.68 8.07 -35.63
CA TYR C 359 22.98 8.04 -34.34
C TYR C 359 21.57 7.44 -34.50
N PHE C 360 20.74 8.07 -35.31
CA PHE C 360 19.37 7.59 -35.48
C PHE C 360 19.27 6.22 -36.15
N THR C 361 20.23 5.91 -37.00
CA THR C 361 20.21 4.65 -37.68
C THR C 361 20.43 3.53 -36.70
N ILE C 362 21.52 3.65 -35.93
CA ILE C 362 21.85 2.65 -34.94
C ILE C 362 20.68 2.29 -34.04
N LEU C 363 19.89 3.27 -33.61
CA LEU C 363 18.76 2.98 -32.73
C LEU C 363 17.47 2.62 -33.46
N LEU C 364 17.19 3.26 -34.58
CA LEU C 364 15.95 2.97 -35.30
C LEU C 364 16.01 1.75 -36.20
N ILE C 365 17.15 1.55 -36.85
CA ILE C 365 17.27 0.45 -37.78
C ILE C 365 18.18 -0.70 -37.40
N LEU C 366 19.41 -0.41 -37.00
CA LEU C 366 20.31 -1.50 -36.68
C LEU C 366 19.94 -2.31 -35.47
N PHE C 367 19.87 -1.68 -34.32
CA PHE C 367 19.53 -2.43 -33.12
C PHE C 367 18.39 -3.42 -33.32
N PRO C 368 17.25 -2.94 -33.85
CA PRO C 368 16.17 -3.93 -34.01
C PRO C 368 16.51 -5.02 -35.03
N THR C 369 17.26 -4.65 -36.05
CA THR C 369 17.62 -5.59 -37.08
C THR C 369 18.63 -6.62 -36.61
N ILE C 370 19.74 -6.18 -36.03
CA ILE C 370 20.72 -7.12 -35.55
C ILE C 370 20.03 -8.05 -34.55
N GLY C 371 19.15 -7.48 -33.74
CA GLY C 371 18.46 -8.27 -32.73
C GLY C 371 17.72 -9.47 -33.29
N THR C 372 17.01 -9.24 -34.39
CA THR C 372 16.27 -10.30 -35.06
C THR C 372 17.23 -11.35 -35.59
N LEU C 373 18.23 -10.87 -36.32
CA LEU C 373 19.26 -11.73 -36.90
C LEU C 373 19.87 -12.58 -35.79
N GLU C 374 20.19 -11.96 -34.67
CA GLU C 374 20.77 -12.71 -33.57
C GLU C 374 19.79 -13.81 -33.13
N ASN C 375 18.51 -13.51 -33.10
CA ASN C 375 17.53 -14.51 -32.68
C ASN C 375 17.62 -15.73 -33.55
N LYS C 376 17.85 -15.51 -34.85
CA LYS C 376 17.95 -16.64 -35.77
C LYS C 376 19.18 -17.45 -35.51
N MET C 377 20.28 -16.81 -35.12
CA MET C 377 21.48 -17.58 -34.86
C MET C 377 21.45 -18.47 -33.62
N LEU C 378 20.38 -18.36 -32.84
CA LEU C 378 20.24 -19.20 -31.65
C LEU C 378 19.26 -20.28 -32.04
N ASN C 379 18.82 -20.21 -33.29
CA ASN C 379 17.87 -21.15 -33.87
C ASN C 379 16.49 -20.91 -33.24
N TYR C 380 16.10 -19.63 -33.21
CA TYR C 380 14.82 -19.19 -32.66
C TYR C 380 14.07 -18.38 -33.71
N GLY D 1 43.61 33.98 -41.13
CA GLY D 1 42.52 34.80 -40.53
C GLY D 1 42.09 34.27 -39.17
N GLU D 2 42.03 32.94 -39.08
CA GLU D 2 41.65 32.22 -37.87
C GLU D 2 42.94 31.80 -37.16
N LEU D 3 44.06 32.41 -37.54
CA LEU D 3 45.36 32.10 -36.96
C LEU D 3 45.55 32.80 -35.63
N GLU D 4 46.06 32.07 -34.64
CA GLU D 4 46.32 32.66 -33.34
C GLU D 4 47.43 31.93 -32.61
N LEU D 5 48.25 32.70 -31.91
CA LEU D 5 49.37 32.15 -31.17
C LEU D 5 48.93 31.90 -29.71
N HIS D 6 49.18 30.68 -29.23
CA HIS D 6 48.79 30.32 -27.87
C HIS D 6 49.95 30.46 -26.89
N PRO D 7 49.70 31.09 -25.75
CA PRO D 7 50.79 31.26 -24.79
C PRO D 7 51.37 29.96 -24.29
N PRO D 8 52.58 30.03 -23.73
CA PRO D 8 53.28 28.88 -23.19
C PRO D 8 52.86 28.75 -21.74
N ALA D 9 53.32 27.73 -21.05
CA ALA D 9 52.91 27.56 -19.68
C ALA D 9 54.02 27.86 -18.71
N PHE D 10 53.97 29.02 -18.08
CA PHE D 10 55.01 29.34 -17.12
C PHE D 10 54.74 28.59 -15.84
N PRO D 11 55.78 28.21 -15.13
CA PRO D 11 55.66 27.47 -13.87
C PRO D 11 55.45 28.36 -12.68
N TRP D 12 54.24 28.87 -12.48
CA TRP D 12 53.96 29.75 -11.35
C TRP D 12 54.14 29.04 -10.02
N SER D 13 54.50 29.80 -9.00
CA SER D 13 54.71 29.24 -7.66
C SER D 13 53.39 28.77 -7.06
N HIS D 14 52.27 29.12 -7.70
CA HIS D 14 50.95 28.74 -7.20
C HIS D 14 50.25 27.80 -8.16
N GLY D 15 51.01 27.12 -9.01
CA GLY D 15 50.42 26.19 -9.95
C GLY D 15 50.12 24.83 -9.36
N GLY D 16 51.00 24.33 -8.51
CA GLY D 16 50.76 23.02 -7.91
C GLY D 16 49.43 22.95 -7.20
N PRO D 17 48.78 21.78 -7.18
CA PRO D 17 47.49 21.66 -6.51
C PRO D 17 47.63 21.95 -5.02
N LEU D 18 48.80 21.69 -4.46
CA LEU D 18 48.99 21.96 -3.06
C LEU D 18 49.78 23.24 -2.79
N SER D 19 50.21 23.91 -3.86
CA SER D 19 51.01 25.12 -3.72
C SER D 19 50.21 26.41 -3.69
N ALA D 20 50.40 27.16 -2.61
CA ALA D 20 49.71 28.44 -2.40
C ALA D 20 50.32 29.56 -3.23
N LEU D 21 49.81 30.77 -3.01
CA LEU D 21 50.31 31.94 -3.71
C LEU D 21 51.52 32.50 -2.96
N ASP D 22 52.46 33.12 -3.66
CA ASP D 22 53.60 33.74 -2.99
C ASP D 22 53.11 35.14 -2.63
N HIS D 23 52.75 35.32 -1.36
CA HIS D 23 52.20 36.58 -0.91
C HIS D 23 53.08 37.80 -1.05
N SER D 24 54.38 37.59 -1.16
CA SER D 24 55.30 38.70 -1.35
C SER D 24 55.15 39.18 -2.81
N SER D 25 55.03 38.21 -3.73
CA SER D 25 54.88 38.53 -5.12
C SER D 25 53.53 39.17 -5.37
N VAL D 26 52.54 38.85 -4.55
CA VAL D 26 51.23 39.45 -4.72
C VAL D 26 51.26 40.90 -4.27
N ARG D 27 51.99 41.14 -3.19
CA ARG D 27 52.11 42.49 -2.65
C ARG D 27 52.71 43.41 -3.70
N ARG D 28 53.76 42.95 -4.37
CA ARG D 28 54.37 43.77 -5.40
C ARG D 28 53.33 43.99 -6.48
N GLY D 29 52.71 42.90 -6.93
CA GLY D 29 51.69 43.00 -7.95
C GLY D 29 50.67 44.09 -7.68
N PHE D 30 50.33 44.25 -6.40
CA PHE D 30 49.37 45.24 -5.99
C PHE D 30 49.90 46.62 -6.35
N GLN D 31 51.17 46.83 -6.06
CA GLN D 31 51.78 48.12 -6.33
C GLN D 31 51.71 48.38 -7.81
N VAL D 32 52.17 47.42 -8.60
CA VAL D 32 52.10 47.58 -10.02
C VAL D 32 50.69 48.05 -10.37
N TYR D 33 49.68 47.27 -10.00
CA TYR D 33 48.30 47.66 -10.32
C TYR D 33 48.00 49.07 -9.88
N LYS D 34 48.19 49.32 -8.58
CA LYS D 34 47.92 50.62 -8.00
C LYS D 34 48.67 51.77 -8.67
N GLN D 35 49.94 51.57 -8.97
CA GLN D 35 50.72 52.62 -9.58
C GLN D 35 50.71 52.69 -11.10
N VAL D 36 50.27 51.63 -11.76
CA VAL D 36 50.25 51.62 -13.23
C VAL D 36 48.91 51.31 -13.92
N CYS D 37 48.37 50.13 -13.66
CA CYS D 37 47.14 49.73 -14.33
C CYS D 37 45.94 50.48 -13.81
N SER D 38 45.92 50.70 -12.51
CA SER D 38 44.79 51.37 -11.89
C SER D 38 44.53 52.76 -12.47
N ALA D 39 45.19 53.09 -13.57
CA ALA D 39 45.02 54.39 -14.17
C ALA D 39 44.03 54.32 -15.29
N CYS D 40 43.79 53.12 -15.80
CA CYS D 40 42.85 52.93 -16.89
C CYS D 40 41.97 51.74 -16.56
N HIS D 41 42.49 50.90 -15.66
CA HIS D 41 41.78 49.69 -15.27
C HIS D 41 41.14 49.73 -13.89
N SER D 42 39.85 49.41 -13.86
CA SER D 42 39.07 49.33 -12.63
C SER D 42 39.20 47.95 -11.99
N MET D 43 38.93 47.87 -10.70
CA MET D 43 38.97 46.59 -9.99
C MET D 43 37.81 46.62 -9.01
N ASP D 44 36.62 46.71 -9.58
CA ASP D 44 35.38 46.84 -8.82
C ASP D 44 35.08 45.90 -7.67
N TYR D 45 35.57 44.66 -7.72
CA TYR D 45 35.27 43.72 -6.65
C TYR D 45 36.24 43.61 -5.47
N VAL D 46 37.33 44.37 -5.50
CA VAL D 46 38.25 44.29 -4.38
C VAL D 46 38.20 45.60 -3.59
N ALA D 47 38.30 45.47 -2.28
CA ALA D 47 38.27 46.62 -1.38
C ALA D 47 39.58 46.61 -0.61
N PHE D 48 39.94 47.75 -0.04
CA PHE D 48 41.19 47.83 0.69
C PHE D 48 41.26 46.84 1.86
N ARG D 49 40.13 46.61 2.51
CA ARG D 49 40.11 45.68 3.64
C ARG D 49 40.58 44.29 3.23
N ASN D 50 40.27 43.90 2.01
CA ASN D 50 40.65 42.60 1.48
C ASN D 50 42.16 42.37 1.55
N LEU D 51 42.95 43.45 1.52
CA LEU D 51 44.41 43.33 1.56
C LEU D 51 44.94 42.90 2.91
N ILE D 52 44.23 43.33 3.96
CA ILE D 52 44.59 43.03 5.35
C ILE D 52 44.73 41.55 5.68
N GLY D 53 45.93 41.16 6.09
CA GLY D 53 46.16 39.78 6.44
C GLY D 53 46.53 38.91 5.26
N VAL D 54 46.65 39.54 4.10
CA VAL D 54 47.01 38.84 2.87
C VAL D 54 48.33 39.39 2.33
N THR D 55 48.37 40.69 2.08
CA THR D 55 49.57 41.35 1.59
C THR D 55 50.00 42.55 2.42
N HIS D 56 49.05 43.19 3.10
CA HIS D 56 49.38 44.34 3.93
C HIS D 56 48.92 44.22 5.36
N THR D 57 49.38 45.19 6.15
CA THR D 57 49.03 45.31 7.55
C THR D 57 47.72 46.05 7.59
N GLU D 58 47.02 46.00 8.71
CA GLU D 58 45.76 46.73 8.80
C GLU D 58 46.05 48.23 8.77
N ALA D 59 47.16 48.63 9.39
CA ALA D 59 47.55 50.04 9.42
C ALA D 59 47.88 50.49 7.99
N GLU D 60 48.65 49.67 7.27
CA GLU D 60 49.04 49.95 5.90
C GLU D 60 47.80 50.08 5.02
N ALA D 61 46.83 49.18 5.24
CA ALA D 61 45.61 49.17 4.47
C ALA D 61 44.80 50.44 4.71
N LYS D 62 44.65 50.81 5.96
CA LYS D 62 43.88 51.99 6.27
C LYS D 62 44.55 53.19 5.60
N ALA D 63 45.88 53.24 5.60
CA ALA D 63 46.64 54.34 4.96
C ALA D 63 46.35 54.41 3.47
N LEU D 64 46.50 53.27 2.81
CA LEU D 64 46.23 53.14 1.39
C LEU D 64 44.85 53.66 1.00
N ALA D 65 43.83 53.32 1.79
CA ALA D 65 42.47 53.74 1.50
C ALA D 65 42.27 55.24 1.61
N GLU D 66 43.05 55.86 2.48
CA GLU D 66 42.96 57.29 2.72
C GLU D 66 43.60 58.16 1.64
N GLU D 67 44.54 57.60 0.88
CA GLU D 67 45.19 58.30 -0.21
C GLU D 67 44.15 58.69 -1.25
N VAL D 68 42.96 58.13 -1.11
CA VAL D 68 41.87 58.36 -2.03
C VAL D 68 40.67 59.09 -1.44
N GLU D 69 40.11 60.00 -2.23
CA GLU D 69 38.94 60.76 -1.80
C GLU D 69 37.75 60.10 -2.49
N VAL D 70 36.73 59.75 -1.72
CA VAL D 70 35.57 59.12 -2.31
C VAL D 70 34.38 60.09 -2.26
N GLN D 71 33.39 59.83 -3.09
CA GLN D 71 32.21 60.68 -3.12
C GLN D 71 31.09 60.06 -2.32
N ASP D 72 30.82 60.64 -1.16
CA ASP D 72 29.74 60.17 -0.29
C ASP D 72 28.57 61.13 -0.45
N GLY D 73 27.47 60.86 0.24
CA GLY D 73 26.31 61.72 0.14
C GLY D 73 25.00 60.95 0.06
N PRO D 74 23.86 61.64 0.04
CA PRO D 74 23.79 63.10 0.11
C PRO D 74 23.96 63.59 1.55
N ASP D 75 24.16 64.90 1.69
CA ASP D 75 24.32 65.50 3.01
C ASP D 75 23.02 66.19 3.41
N GLU D 76 23.11 67.09 4.38
CA GLU D 76 21.95 67.82 4.86
C GLU D 76 21.10 68.44 3.75
N ASN D 77 21.72 69.10 2.79
CA ASN D 77 20.97 69.73 1.71
C ASN D 77 20.94 68.85 0.49
N GLY D 78 21.13 67.55 0.70
CA GLY D 78 21.11 66.62 -0.40
C GLY D 78 22.19 66.95 -1.40
N GLU D 79 23.42 67.03 -0.91
CA GLU D 79 24.57 67.32 -1.75
C GLU D 79 25.64 66.25 -1.66
N LEU D 80 26.22 65.90 -2.80
CA LEU D 80 27.27 64.90 -2.84
C LEU D 80 28.50 65.62 -2.27
N PHE D 81 29.49 64.89 -1.80
CA PHE D 81 30.67 65.54 -1.24
C PHE D 81 31.83 64.58 -1.12
N MET D 82 33.01 65.10 -0.85
CA MET D 82 34.17 64.23 -0.73
C MET D 82 34.47 63.86 0.70
N ARG D 83 35.27 62.81 0.85
CA ARG D 83 35.69 62.32 2.17
C ARG D 83 36.86 61.37 1.93
N PRO D 84 37.72 61.23 2.94
CA PRO D 84 38.87 60.34 2.79
C PRO D 84 38.39 58.88 2.84
N GLY D 85 39.02 58.03 2.04
CA GLY D 85 38.61 56.63 1.98
C GLY D 85 38.83 55.79 3.23
N LYS D 86 37.97 54.79 3.40
CA LYS D 86 38.03 53.86 4.53
C LYS D 86 38.33 52.48 3.94
N ILE D 87 38.71 51.53 4.78
CA ILE D 87 39.03 50.21 4.28
C ILE D 87 37.83 49.48 3.72
N SER D 88 36.64 50.01 4.00
CA SER D 88 35.43 49.37 3.52
C SER D 88 35.12 49.81 2.08
N ASP D 89 35.98 50.66 1.53
CA ASP D 89 35.79 51.13 0.16
C ASP D 89 36.47 50.23 -0.85
N TYR D 90 35.95 50.25 -2.07
CA TYR D 90 36.55 49.43 -3.10
C TYR D 90 37.52 50.28 -3.91
N PHE D 91 38.46 49.64 -4.58
CA PHE D 91 39.41 50.36 -5.40
C PHE D 91 38.64 51.30 -6.34
N PRO D 92 39.15 52.54 -6.47
CA PRO D 92 38.58 53.61 -7.31
C PRO D 92 38.55 53.41 -8.82
N LYS D 93 37.40 53.70 -9.40
CA LYS D 93 37.24 53.57 -10.82
C LYS D 93 37.94 54.75 -11.45
N PRO D 94 38.62 54.55 -12.59
CA PRO D 94 39.34 55.61 -13.30
C PRO D 94 38.39 56.48 -14.11
N TYR D 95 37.22 55.94 -14.43
CA TYR D 95 36.23 56.67 -15.21
C TYR D 95 34.83 56.41 -14.64
N PRO D 96 33.88 57.29 -14.92
CA PRO D 96 32.49 57.19 -14.47
C PRO D 96 31.65 56.12 -15.17
N ASN D 97 31.91 55.95 -16.47
CA ASN D 97 31.18 54.99 -17.30
C ASN D 97 32.00 54.67 -18.54
N PRO D 98 31.77 53.49 -19.14
CA PRO D 98 32.52 53.11 -20.34
C PRO D 98 32.68 54.21 -21.38
N GLU D 99 31.58 54.91 -21.66
CA GLU D 99 31.59 55.99 -22.64
C GLU D 99 32.77 56.93 -22.39
N ALA D 100 32.97 57.28 -21.12
CA ALA D 100 34.07 58.16 -20.73
C ALA D 100 35.40 57.45 -20.92
N ALA D 101 35.48 56.23 -20.42
CA ALA D 101 36.69 55.44 -20.52
C ALA D 101 37.11 55.33 -21.98
N ARG D 102 36.17 54.93 -22.85
CA ARG D 102 36.45 54.78 -24.28
C ARG D 102 36.96 56.10 -24.83
N ALA D 103 36.28 57.18 -24.47
CA ALA D 103 36.66 58.51 -24.91
C ALA D 103 38.13 58.80 -24.61
N ALA D 104 38.58 58.34 -23.44
CA ALA D 104 39.95 58.57 -23.04
C ALA D 104 40.95 57.53 -23.51
N ASN D 105 40.52 56.58 -24.35
CA ASN D 105 41.43 55.54 -24.83
C ASN D 105 41.20 55.20 -26.28
N ASN D 106 40.79 56.19 -27.07
CA ASN D 106 40.55 55.95 -28.49
C ASN D 106 39.38 55.04 -28.72
N GLY D 107 38.29 55.26 -28.00
CA GLY D 107 37.12 54.42 -28.18
C GLY D 107 37.30 52.98 -27.75
N ALA D 108 38.45 52.66 -27.17
CA ALA D 108 38.76 51.31 -26.68
C ALA D 108 38.31 51.25 -25.22
N LEU D 109 38.07 50.06 -24.71
CA LEU D 109 37.61 49.96 -23.33
C LEU D 109 38.43 49.04 -22.48
N PRO D 110 39.19 49.60 -21.57
CA PRO D 110 40.02 48.77 -20.68
C PRO D 110 39.10 48.12 -19.66
N PRO D 111 38.92 46.80 -19.78
CA PRO D 111 38.08 45.96 -18.92
C PRO D 111 38.42 45.95 -17.41
N ASP D 112 37.41 45.64 -16.60
CA ASP D 112 37.66 45.60 -15.19
C ASP D 112 38.55 44.39 -15.00
N LEU D 113 39.59 44.53 -14.18
CA LEU D 113 40.49 43.42 -13.96
C LEU D 113 40.15 42.48 -12.82
N SER D 114 38.98 42.65 -12.21
CA SER D 114 38.64 41.80 -11.08
C SER D 114 38.69 40.30 -11.36
N TYR D 115 38.12 39.89 -12.48
CA TYR D 115 38.11 38.47 -12.85
C TYR D 115 38.85 38.21 -14.17
N ILE D 116 39.79 39.06 -14.52
CA ILE D 116 40.44 38.88 -15.80
C ILE D 116 41.11 37.53 -16.08
N VAL D 117 41.93 37.04 -15.15
CA VAL D 117 42.61 35.78 -15.43
C VAL D 117 41.68 34.58 -15.60
N ASN D 118 40.38 34.78 -15.40
CA ASN D 118 39.42 33.69 -15.56
C ASN D 118 38.47 34.06 -16.66
N ALA D 119 38.62 35.27 -17.18
CA ALA D 119 37.78 35.72 -18.26
C ALA D 119 38.49 35.53 -19.58
N ARG D 120 39.72 35.04 -19.50
CA ARG D 120 40.53 34.84 -20.68
C ARG D 120 41.16 33.46 -20.66
N HIS D 121 41.13 32.75 -21.79
CA HIS D 121 41.78 31.44 -21.85
C HIS D 121 43.27 31.67 -21.63
N GLY D 122 43.90 30.83 -20.83
CA GLY D 122 45.32 30.99 -20.60
C GLY D 122 45.55 31.60 -19.24
N GLY D 123 44.71 32.54 -18.85
CA GLY D 123 44.86 33.13 -17.54
C GLY D 123 46.14 33.91 -17.38
N GLU D 124 46.82 33.74 -16.25
CA GLU D 124 48.06 34.47 -16.04
C GLU D 124 49.02 34.20 -17.17
N ASP D 125 49.11 32.94 -17.59
CA ASP D 125 49.99 32.62 -18.68
C ASP D 125 49.70 33.50 -19.89
N TYR D 126 48.43 33.80 -20.14
CA TYR D 126 48.09 34.66 -21.26
C TYR D 126 48.50 36.10 -20.93
N VAL D 127 47.88 36.67 -19.91
CA VAL D 127 48.17 38.04 -19.49
C VAL D 127 49.67 38.32 -19.52
N PHE D 128 50.46 37.40 -18.97
CA PHE D 128 51.91 37.60 -18.93
C PHE D 128 52.48 37.67 -20.36
N SER D 129 52.23 36.63 -21.14
CA SER D 129 52.71 36.61 -22.52
C SER D 129 52.36 37.87 -23.29
N LEU D 130 51.14 38.37 -23.09
CA LEU D 130 50.68 39.57 -23.78
C LEU D 130 51.41 40.81 -23.35
N LEU D 131 51.64 40.97 -22.05
CA LEU D 131 52.32 42.15 -21.53
C LEU D 131 53.73 42.23 -22.05
N THR D 132 54.43 41.11 -21.97
CA THR D 132 55.80 41.02 -22.42
C THR D 132 55.89 40.63 -23.90
N GLY D 133 54.79 40.64 -24.63
CA GLY D 133 54.86 40.20 -26.01
C GLY D 133 54.73 41.16 -27.18
N TYR D 134 54.76 42.47 -26.93
CA TYR D 134 54.62 43.42 -28.04
C TYR D 134 55.83 43.40 -28.97
N CYS D 135 55.59 43.72 -30.24
CA CYS D 135 56.65 43.75 -31.24
C CYS D 135 56.09 44.28 -32.53
N ASP D 136 56.95 44.41 -33.53
CA ASP D 136 56.55 44.95 -34.83
C ASP D 136 55.81 43.92 -35.70
N PRO D 137 54.81 44.39 -36.45
CA PRO D 137 54.04 43.51 -37.31
C PRO D 137 54.88 42.86 -38.39
N PRO D 138 54.55 41.61 -38.74
CA PRO D 138 55.31 40.91 -39.78
C PRO D 138 54.93 41.48 -41.14
N ALA D 139 55.67 41.09 -42.16
CA ALA D 139 55.44 41.56 -43.52
C ALA D 139 53.99 41.32 -43.97
N GLY D 140 53.42 42.28 -44.71
CA GLY D 140 52.06 42.18 -45.20
C GLY D 140 50.98 42.68 -44.26
N VAL D 141 51.35 42.86 -42.99
CA VAL D 141 50.41 43.30 -42.00
C VAL D 141 50.51 44.77 -41.67
N VAL D 142 49.37 45.45 -41.55
CA VAL D 142 49.34 46.86 -41.18
C VAL D 142 48.42 47.09 -39.99
N VAL D 143 48.95 47.68 -38.94
CA VAL D 143 48.18 47.98 -37.75
C VAL D 143 47.55 49.36 -37.90
N ARG D 144 46.23 49.43 -38.00
CA ARG D 144 45.61 50.74 -38.18
C ARG D 144 46.00 51.68 -37.04
N GLU D 145 46.06 52.97 -37.35
CA GLU D 145 46.46 53.99 -36.40
C GLU D 145 45.71 53.88 -35.07
N GLY D 146 46.43 54.09 -33.98
CA GLY D 146 45.82 54.03 -32.68
C GLY D 146 45.92 52.66 -32.07
N LEU D 147 46.28 51.67 -32.88
CA LEU D 147 46.43 50.30 -32.41
C LEU D 147 47.89 49.89 -32.38
N HIS D 148 48.21 48.90 -31.54
CA HIS D 148 49.57 48.41 -31.40
C HIS D 148 49.65 46.93 -31.69
N TYR D 149 50.76 46.49 -32.27
CA TYR D 149 50.85 45.09 -32.60
C TYR D 149 51.28 44.23 -31.43
N ASN D 150 50.52 43.17 -31.22
CA ASN D 150 50.81 42.20 -30.20
C ASN D 150 50.37 40.90 -30.85
N PRO D 151 51.28 39.92 -30.92
CA PRO D 151 50.91 38.66 -31.55
C PRO D 151 50.01 37.80 -30.67
N TYR D 152 50.09 37.99 -29.37
CA TYR D 152 49.26 37.21 -28.45
C TYR D 152 47.80 37.67 -28.34
N PHE D 153 47.49 38.84 -28.87
CA PHE D 153 46.14 39.34 -28.82
C PHE D 153 45.38 38.85 -30.04
N PRO D 154 44.12 38.49 -29.87
CA PRO D 154 43.40 38.03 -31.05
C PRO D 154 43.17 39.14 -32.06
N GLY D 155 43.69 38.94 -33.27
CA GLY D 155 43.56 39.93 -34.33
C GLY D 155 44.88 40.65 -34.40
N GLN D 156 45.66 40.48 -33.33
CA GLN D 156 46.99 41.05 -33.16
C GLN D 156 47.08 42.57 -33.03
N ALA D 157 45.96 43.26 -33.23
CA ALA D 157 45.97 44.72 -33.11
C ALA D 157 45.22 45.09 -31.85
N ILE D 158 45.99 45.39 -30.80
CA ILE D 158 45.43 45.73 -29.51
C ILE D 158 45.35 47.24 -29.30
N GLY D 159 44.36 47.68 -28.54
CA GLY D 159 44.23 49.11 -28.29
C GLY D 159 45.00 49.59 -27.07
N MET D 160 45.85 48.73 -26.52
CA MET D 160 46.62 49.10 -25.35
C MET D 160 48.11 49.24 -25.67
N ALA D 161 48.66 50.39 -25.33
CA ALA D 161 50.07 50.63 -25.55
C ALA D 161 50.81 49.83 -24.50
N PRO D 162 51.99 49.28 -24.84
CA PRO D 162 52.77 48.50 -23.88
C PRO D 162 52.78 49.25 -22.55
N PRO D 163 52.03 48.74 -21.58
CA PRO D 163 51.87 49.31 -20.24
C PRO D 163 53.08 49.33 -19.33
N ILE D 164 53.99 48.39 -19.52
CA ILE D 164 55.15 48.40 -18.64
C ILE D 164 56.52 48.33 -19.33
N TYR D 165 57.52 48.85 -18.65
CA TYR D 165 58.89 48.86 -19.14
C TYR D 165 59.81 48.96 -17.95
N ASN D 166 61.03 48.45 -18.09
CA ASN D 166 61.98 48.46 -17.00
C ASN D 166 61.98 49.73 -16.17
N GLU D 167 62.26 49.55 -14.88
CA GLU D 167 62.30 50.65 -13.91
C GLU D 167 61.11 51.62 -14.01
N ILE D 168 60.02 51.22 -14.67
CA ILE D 168 58.85 52.09 -14.79
C ILE D 168 58.34 52.49 -13.43
N LEU D 169 58.77 51.76 -12.42
CA LEU D 169 58.41 52.02 -11.04
C LEU D 169 59.47 51.37 -10.18
N GLU D 170 59.44 51.61 -8.87
CA GLU D 170 60.42 51.02 -7.96
C GLU D 170 59.76 50.24 -6.83
N TYR D 171 60.15 48.98 -6.69
CA TYR D 171 59.57 48.14 -5.64
C TYR D 171 60.19 48.54 -4.31
N ASP D 172 59.38 49.02 -3.39
CA ASP D 172 59.95 49.43 -2.14
C ASP D 172 60.44 48.28 -1.26
N ASP D 173 60.51 47.07 -1.80
CA ASP D 173 61.01 45.95 -1.02
C ASP D 173 62.39 45.62 -1.54
N GLY D 174 62.84 46.46 -2.48
CA GLY D 174 64.15 46.33 -3.08
C GLY D 174 64.29 45.24 -4.13
N THR D 175 63.27 45.05 -4.95
CA THR D 175 63.34 44.03 -5.99
C THR D 175 63.68 44.75 -7.26
N PRO D 176 64.52 44.15 -8.11
CA PRO D 176 64.95 44.71 -9.40
C PRO D 176 63.77 44.77 -10.38
N ALA D 177 63.18 45.95 -10.52
CA ALA D 177 62.03 46.18 -11.39
C ALA D 177 62.23 46.07 -12.91
N THR D 178 62.58 44.87 -13.36
CA THR D 178 62.73 44.61 -14.78
C THR D 178 61.29 44.43 -15.30
N MET D 179 61.10 44.58 -16.61
CA MET D 179 59.77 44.45 -17.16
C MET D 179 59.16 43.08 -16.90
N SER D 180 59.93 42.02 -17.10
CA SER D 180 59.38 40.70 -16.88
C SER D 180 59.10 40.43 -15.42
N GLN D 181 59.88 41.05 -14.53
CA GLN D 181 59.65 40.87 -13.10
C GLN D 181 58.29 41.46 -12.79
N ILE D 182 58.06 42.66 -13.30
CA ILE D 182 56.79 43.33 -13.09
C ILE D 182 55.61 42.47 -13.58
N ALA D 183 55.56 42.15 -14.87
CA ALA D 183 54.45 41.34 -15.40
C ALA D 183 54.21 40.11 -14.53
N LYS D 184 55.29 39.43 -14.18
CA LYS D 184 55.18 38.26 -13.33
C LYS D 184 54.42 38.66 -12.07
N ASP D 185 54.93 39.63 -11.31
CA ASP D 185 54.26 40.06 -10.08
C ASP D 185 52.78 40.44 -10.22
N VAL D 186 52.47 41.31 -11.17
CA VAL D 186 51.08 41.76 -11.35
C VAL D 186 50.16 40.58 -11.73
N CYS D 187 50.67 39.66 -12.54
CA CYS D 187 49.87 38.53 -12.93
C CYS D 187 49.56 37.72 -11.69
N THR D 188 50.55 37.55 -10.81
CA THR D 188 50.35 36.83 -9.56
C THR D 188 49.26 37.55 -8.77
N PHE D 189 49.30 38.86 -8.79
CA PHE D 189 48.29 39.65 -8.08
C PHE D 189 46.90 39.40 -8.68
N LEU D 190 46.79 39.53 -10.00
CA LEU D 190 45.52 39.32 -10.68
C LEU D 190 44.89 37.97 -10.33
N ARG D 191 45.73 36.96 -10.16
CA ARG D 191 45.22 35.63 -9.80
C ARG D 191 44.48 35.72 -8.49
N TRP D 192 45.12 36.33 -7.50
CA TRP D 192 44.51 36.52 -6.20
C TRP D 192 43.22 37.35 -6.32
N ALA D 193 43.29 38.50 -6.97
CA ALA D 193 42.10 39.33 -7.09
C ALA D 193 40.96 38.56 -7.70
N ALA D 194 41.28 37.56 -8.51
CA ALA D 194 40.27 36.77 -9.17
C ALA D 194 39.64 35.76 -8.21
N GLU D 195 40.44 35.19 -7.33
CA GLU D 195 39.92 34.20 -6.41
C GLU D 195 40.71 34.09 -5.15
N PRO D 196 40.45 35.01 -4.23
CA PRO D 196 41.07 35.15 -2.92
C PRO D 196 41.07 33.82 -2.17
N GLU D 197 40.00 33.06 -2.31
CA GLU D 197 39.92 31.78 -1.63
C GLU D 197 41.07 30.85 -2.05
N HIS D 198 41.75 31.19 -3.15
CA HIS D 198 42.81 30.33 -3.67
C HIS D 198 43.55 29.42 -2.69
N ASP D 199 44.14 30.02 -1.65
CA ASP D 199 44.89 29.26 -0.66
C ASP D 199 44.07 28.36 0.26
N GLN D 200 42.98 28.88 0.81
CA GLN D 200 42.14 28.08 1.69
C GLN D 200 41.57 26.91 0.91
N ARG D 201 41.20 27.18 -0.34
CA ARG D 201 40.65 26.15 -1.21
C ARG D 201 41.62 24.99 -1.36
N LYS D 202 42.88 25.29 -1.61
CA LYS D 202 43.87 24.24 -1.77
C LYS D 202 44.14 23.53 -0.48
N ARG D 203 44.30 24.28 0.61
CA ARG D 203 44.54 23.66 1.91
C ARG D 203 43.41 22.67 2.21
N MET D 204 42.20 23.05 1.81
CA MET D 204 41.02 22.20 1.99
C MET D 204 41.12 20.94 1.13
N GLY D 205 41.61 21.08 -0.11
CA GLY D 205 41.74 19.94 -0.99
C GLY D 205 42.63 18.88 -0.36
N LEU D 206 43.63 19.32 0.38
CA LEU D 206 44.55 18.39 1.05
C LEU D 206 43.74 17.60 2.06
N LYS D 207 43.09 18.31 2.98
CA LYS D 207 42.29 17.63 3.98
C LYS D 207 41.29 16.66 3.36
N MET D 208 40.65 17.08 2.28
CA MET D 208 39.67 16.25 1.59
C MET D 208 40.30 14.96 1.06
N LEU D 209 41.49 15.05 0.45
CA LEU D 209 42.12 13.82 -0.07
C LEU D 209 42.42 12.82 1.02
N LEU D 210 43.18 13.24 2.03
CA LEU D 210 43.51 12.37 3.15
C LEU D 210 42.27 11.67 3.71
N ILE D 211 41.29 12.45 4.16
CA ILE D 211 40.06 11.88 4.69
C ILE D 211 39.39 10.96 3.67
N SER D 212 39.38 11.39 2.41
CA SER D 212 38.76 10.60 1.34
C SER D 212 39.45 9.24 1.23
N ALA D 213 40.78 9.25 1.27
CA ALA D 213 41.57 8.03 1.19
C ALA D 213 41.22 7.10 2.33
N LEU D 214 41.27 7.64 3.54
CA LEU D 214 40.95 6.91 4.77
C LEU D 214 39.51 6.32 4.80
N LEU D 215 38.52 7.16 4.53
CA LEU D 215 37.14 6.72 4.52
C LEU D 215 36.86 5.68 3.42
N THR D 216 37.32 5.92 2.19
CA THR D 216 37.07 4.96 1.11
C THR D 216 37.61 3.55 1.41
N SER D 217 38.81 3.48 1.99
CA SER D 217 39.40 2.19 2.33
C SER D 217 38.49 1.53 3.35
N LEU D 218 38.27 2.24 4.47
CA LEU D 218 37.41 1.72 5.52
C LEU D 218 36.08 1.18 4.97
N LEU D 219 35.37 1.99 4.19
CA LEU D 219 34.10 1.53 3.65
C LEU D 219 34.21 0.37 2.67
N TYR D 220 35.34 0.24 1.99
CA TYR D 220 35.50 -0.87 1.07
C TYR D 220 35.57 -2.15 1.88
N TYR D 221 36.36 -2.12 2.94
CA TYR D 221 36.51 -3.27 3.84
C TYR D 221 35.13 -3.71 4.34
N MET D 222 34.40 -2.75 4.88
CA MET D 222 33.09 -3.01 5.42
C MET D 222 32.12 -3.59 4.42
N LYS D 223 32.14 -3.07 3.20
CA LYS D 223 31.26 -3.56 2.15
C LYS D 223 31.62 -5.02 1.98
N ARG D 224 32.92 -5.28 1.85
CA ARG D 224 33.43 -6.62 1.65
C ARG D 224 33.11 -7.59 2.79
N HIS D 225 33.28 -7.11 4.02
CA HIS D 225 33.01 -7.91 5.22
C HIS D 225 31.59 -8.46 5.19
N LYS D 226 30.61 -7.61 4.90
CA LYS D 226 29.23 -8.05 4.85
C LYS D 226 29.00 -9.01 3.70
N TRP D 227 29.45 -8.62 2.51
CA TRP D 227 29.26 -9.46 1.34
C TRP D 227 30.01 -10.78 1.44
N SER D 228 31.07 -10.82 2.23
CA SER D 228 31.83 -12.07 2.35
C SER D 228 30.89 -13.28 2.40
N VAL D 229 29.77 -13.12 3.09
CA VAL D 229 28.81 -14.19 3.26
C VAL D 229 28.25 -14.77 1.98
N LEU D 230 28.09 -13.91 0.97
CA LEU D 230 27.55 -14.33 -0.33
C LEU D 230 28.69 -14.71 -1.26
N LYS D 231 29.78 -13.99 -1.17
CA LYS D 231 30.92 -14.25 -2.02
C LYS D 231 31.47 -15.67 -1.86
N SER D 232 31.53 -16.17 -0.63
CA SER D 232 32.05 -17.51 -0.38
C SER D 232 30.98 -18.61 -0.41
N ARG D 233 29.72 -18.21 -0.27
CA ARG D 233 28.58 -19.13 -0.26
C ARG D 233 28.70 -20.28 -1.24
N LYS D 234 28.31 -21.47 -0.78
CA LYS D 234 28.34 -22.68 -1.61
C LYS D 234 26.97 -23.33 -1.67
N MET D 235 26.58 -23.79 -2.85
CA MET D 235 25.29 -24.45 -3.03
C MET D 235 25.38 -25.78 -3.77
N ALA D 236 24.35 -26.61 -3.59
CA ALA D 236 24.28 -27.93 -4.18
C ALA D 236 22.83 -28.32 -4.44
N TYR D 237 22.63 -29.09 -5.51
CA TYR D 237 21.31 -29.57 -5.91
C TYR D 237 21.20 -31.05 -5.58
N ARG D 238 20.38 -31.38 -4.58
CA ARG D 238 20.17 -32.75 -4.13
C ARG D 238 18.79 -33.32 -4.35
N PRO D 239 18.40 -33.60 -5.61
CA PRO D 239 17.06 -34.14 -5.86
C PRO D 239 16.95 -35.56 -5.30
N PRO D 240 15.72 -36.00 -4.95
CA PRO D 240 15.46 -37.33 -4.39
C PRO D 240 15.88 -38.41 -5.38
N LYS D 241 16.33 -37.92 -6.53
CA LYS D 241 16.86 -38.71 -7.64
C LYS D 241 16.90 -40.23 -7.39
N VAL E 1 19.59 -39.40 1.40
CA VAL E 1 19.22 -39.06 2.81
C VAL E 1 20.12 -37.99 3.42
N HIS E 2 19.57 -37.26 4.36
CA HIS E 2 20.29 -36.18 4.98
C HIS E 2 21.56 -36.60 5.69
N ASN E 3 21.74 -37.89 5.93
CA ASN E 3 22.96 -38.31 6.62
C ASN E 3 24.17 -38.18 5.70
N ASP E 4 23.91 -38.24 4.40
CA ASP E 4 24.94 -38.16 3.36
C ASP E 4 25.37 -36.72 3.07
N VAL E 5 24.79 -35.77 3.80
CA VAL E 5 25.10 -34.35 3.61
C VAL E 5 26.18 -33.84 4.59
N THR E 6 27.16 -33.15 4.01
CA THR E 6 28.27 -32.57 4.78
C THR E 6 28.62 -31.15 4.26
N VAL E 7 29.05 -30.30 5.18
CA VAL E 7 29.39 -28.94 4.80
C VAL E 7 30.70 -28.95 4.07
N PRO E 8 30.78 -28.22 2.95
CA PRO E 8 32.02 -28.17 2.18
C PRO E 8 33.15 -27.58 3.04
N ASP E 9 34.34 -27.55 2.48
CA ASP E 9 35.47 -27.02 3.21
C ASP E 9 35.64 -25.53 2.94
N PHE E 10 35.67 -24.72 4.00
CA PHE E 10 35.84 -23.29 3.83
C PHE E 10 37.26 -22.82 4.16
N SER E 11 38.23 -23.68 3.92
CA SER E 11 39.62 -23.35 4.23
C SER E 11 40.02 -22.16 3.41
N ALA E 12 39.67 -22.22 2.14
CA ALA E 12 40.00 -21.18 1.20
C ALA E 12 39.57 -19.79 1.65
N TYR E 13 38.69 -19.72 2.65
CA TYR E 13 38.17 -18.44 3.12
C TYR E 13 38.28 -18.18 4.62
N ARG E 14 38.39 -19.23 5.41
CA ARG E 14 38.46 -19.04 6.85
C ARG E 14 39.59 -18.11 7.20
N ARG E 15 39.42 -17.40 8.30
CA ARG E 15 40.47 -16.53 8.77
C ARG E 15 41.54 -17.43 9.38
N GLU E 16 42.74 -16.90 9.55
CA GLU E 16 43.88 -17.64 10.10
C GLU E 16 43.59 -18.38 11.40
N ASP E 17 42.99 -17.70 12.38
CA ASP E 17 42.74 -18.32 13.66
C ASP E 17 41.68 -19.41 13.77
N VAL E 18 40.74 -19.46 12.85
CA VAL E 18 39.74 -20.49 12.90
C VAL E 18 39.97 -21.49 11.76
N MET E 19 41.23 -21.64 11.38
CA MET E 19 41.63 -22.55 10.30
C MET E 19 41.77 -24.01 10.76
N ASP E 20 42.22 -24.18 12.00
CA ASP E 20 42.43 -25.50 12.63
C ASP E 20 41.18 -26.04 13.32
N ALA E 21 40.71 -27.18 12.81
CA ALA E 21 39.48 -27.83 13.29
C ALA E 21 39.51 -28.37 14.71
N THR E 22 40.69 -28.38 15.31
CA THR E 22 40.81 -28.92 16.66
C THR E 22 41.13 -27.85 17.70
N THR E 23 40.81 -26.60 17.38
CA THR E 23 41.06 -25.46 18.27
C THR E 23 39.81 -24.60 18.45
N SER E 24 39.52 -24.27 19.71
CA SER E 24 38.37 -23.46 20.01
C SER E 24 38.43 -22.11 19.32
N SER E 25 37.39 -21.80 18.54
CA SER E 25 37.32 -20.54 17.84
C SER E 25 36.98 -19.43 18.80
N GLN E 26 36.44 -19.78 19.96
CA GLN E 26 36.08 -18.76 20.95
C GLN E 26 37.24 -17.92 21.44
N THR E 27 38.41 -18.52 21.63
CA THR E 27 39.56 -17.77 22.11
C THR E 27 39.90 -16.59 21.19
N SER E 28 39.85 -16.84 19.89
CA SER E 28 40.17 -15.81 18.92
C SER E 28 38.98 -14.94 18.51
N SER E 29 37.80 -15.21 19.07
CA SER E 29 36.63 -14.45 18.68
C SER E 29 36.72 -12.97 19.01
N GLU E 30 37.04 -12.65 20.25
CA GLU E 30 37.11 -11.26 20.62
C GLU E 30 38.03 -10.49 19.70
N ASP E 31 39.05 -11.19 19.19
CA ASP E 31 40.02 -10.59 18.29
C ASP E 31 39.41 -10.29 16.94
N ARG E 32 38.80 -11.30 16.32
CA ARG E 32 38.17 -11.17 15.03
C ARG E 32 37.07 -10.12 14.96
N LYS E 33 36.35 -9.93 16.06
CA LYS E 33 35.29 -8.93 16.09
C LYS E 33 35.82 -7.56 16.44
N GLY E 34 36.77 -7.53 17.36
CA GLY E 34 37.33 -6.26 17.76
C GLY E 34 38.03 -5.57 16.61
N PHE E 35 38.46 -6.36 15.63
CA PHE E 35 39.15 -5.77 14.49
C PHE E 35 38.16 -5.20 13.51
N SER E 36 37.18 -6.00 13.11
CA SER E 36 36.15 -5.56 12.18
C SER E 36 35.39 -4.37 12.75
N TYR E 37 35.12 -4.44 14.05
CA TYR E 37 34.42 -3.37 14.75
C TYR E 37 35.32 -2.15 14.90
N LEU E 38 36.62 -2.37 14.94
CA LEU E 38 37.55 -1.25 15.06
C LEU E 38 37.54 -0.45 13.74
N VAL E 39 37.46 -1.17 12.62
CA VAL E 39 37.42 -0.55 11.30
C VAL E 39 36.18 0.31 11.25
N THR E 40 35.03 -0.32 11.51
CA THR E 40 33.74 0.37 11.52
C THR E 40 33.76 1.63 12.42
N ALA E 41 34.18 1.45 13.67
CA ALA E 41 34.23 2.57 14.57
C ALA E 41 35.02 3.72 13.94
N THR E 42 36.14 3.37 13.29
CA THR E 42 36.99 4.37 12.67
C THR E 42 36.24 5.11 11.58
N ALA E 43 35.52 4.36 10.74
CA ALA E 43 34.74 4.94 9.67
C ALA E 43 33.84 6.03 10.22
N CYS E 44 33.21 5.75 11.36
CA CYS E 44 32.32 6.71 12.03
C CYS E 44 33.09 7.96 12.43
N VAL E 45 34.22 7.77 13.09
CA VAL E 45 35.04 8.90 13.50
C VAL E 45 35.38 9.77 12.30
N ALA E 46 35.78 9.13 11.20
CA ALA E 46 36.15 9.82 9.95
C ALA E 46 34.95 10.54 9.36
N THR E 47 33.78 9.90 9.41
CA THR E 47 32.58 10.52 8.89
C THR E 47 32.14 11.64 9.82
N ALA E 48 32.21 11.41 11.13
CA ALA E 48 31.79 12.43 12.10
C ALA E 48 32.63 13.68 11.90
N TYR E 49 33.87 13.50 11.47
CA TYR E 49 34.75 14.64 11.22
C TYR E 49 34.19 15.41 10.03
N ALA E 50 34.14 14.76 8.88
CA ALA E 50 33.62 15.36 7.67
C ALA E 50 32.27 16.04 7.85
N ALA E 51 31.33 15.37 8.48
CA ALA E 51 30.00 15.94 8.70
C ALA E 51 30.06 17.20 9.54
N LYS E 52 30.72 17.11 10.69
CA LYS E 52 30.84 18.24 11.57
C LYS E 52 31.31 19.46 10.79
N ASN E 53 32.30 19.27 9.93
CA ASN E 53 32.82 20.39 9.15
C ASN E 53 31.86 20.93 8.13
N VAL E 54 31.32 20.07 7.28
CA VAL E 54 30.39 20.56 6.26
C VAL E 54 29.21 21.28 6.90
N VAL E 55 28.67 20.73 7.98
CA VAL E 55 27.56 21.39 8.66
C VAL E 55 28.05 22.74 9.18
N THR E 56 29.20 22.72 9.84
CA THR E 56 29.77 23.94 10.34
C THR E 56 29.83 24.99 9.22
N GLN E 57 30.44 24.63 8.10
CA GLN E 57 30.58 25.55 6.97
C GLN E 57 29.23 26.03 6.45
N PHE E 58 28.31 25.13 6.20
CA PHE E 58 27.02 25.56 5.71
C PHE E 58 26.31 26.42 6.74
N ILE E 59 26.21 25.95 7.98
CA ILE E 59 25.56 26.76 9.02
C ILE E 59 26.13 28.20 9.01
N SER E 60 27.44 28.29 9.10
CA SER E 60 28.09 29.58 9.13
C SER E 60 27.85 30.45 7.88
N SER E 61 27.51 29.85 6.74
CA SER E 61 27.28 30.64 5.53
C SER E 61 26.10 31.60 5.73
N LEU E 62 25.28 31.33 6.74
CA LEU E 62 24.10 32.14 7.03
C LEU E 62 24.32 33.29 7.99
N SER E 63 25.50 33.32 8.62
CA SER E 63 25.79 34.40 9.54
C SER E 63 26.32 35.58 8.73
N ALA E 64 26.52 36.73 9.35
CA ALA E 64 26.98 37.94 8.65
C ALA E 64 28.22 37.78 7.80
N SER E 65 28.11 38.29 6.58
CA SER E 65 29.16 38.24 5.57
C SER E 65 30.18 39.37 5.66
N ALA E 66 31.36 39.10 5.14
CA ALA E 66 32.49 40.04 5.12
C ALA E 66 32.13 41.51 4.97
N ASP E 67 31.26 41.81 4.01
CA ASP E 67 30.87 43.20 3.75
C ASP E 67 30.05 43.75 4.92
N VAL E 68 29.18 42.92 5.49
CA VAL E 68 28.38 43.33 6.62
C VAL E 68 29.25 43.52 7.86
N LEU E 69 30.14 42.57 8.14
CA LEU E 69 31.02 42.73 9.29
C LEU E 69 31.94 43.94 9.15
N ALA E 70 32.21 44.38 7.92
CA ALA E 70 33.08 45.51 7.67
C ALA E 70 32.50 46.82 8.21
N LEU E 71 31.20 46.83 8.51
CA LEU E 71 30.55 48.02 9.07
C LEU E 71 30.04 47.68 10.47
N SER E 72 30.49 46.55 10.98
CA SER E 72 30.11 46.04 12.29
C SER E 72 30.38 47.09 13.36
N LYS E 73 31.58 47.66 13.32
CA LYS E 73 31.94 48.65 14.32
C LYS E 73 32.68 49.87 13.79
N ILE E 74 32.66 50.92 14.61
CA ILE E 74 33.29 52.18 14.29
C ILE E 74 34.22 52.61 15.41
N GLU E 75 35.38 53.15 15.04
CA GLU E 75 36.35 53.63 16.02
C GLU E 75 36.41 55.16 15.94
N ILE E 76 36.17 55.81 17.08
CA ILE E 76 36.18 57.27 17.14
C ILE E 76 37.38 57.78 17.94
N LYS E 77 37.95 58.89 17.50
CA LYS E 77 39.10 59.46 18.19
C LYS E 77 38.70 60.53 19.21
N LEU E 78 38.82 60.18 20.49
CA LEU E 78 38.47 61.06 21.62
C LEU E 78 39.24 62.37 21.62
N SER E 79 40.52 62.27 21.27
CA SER E 79 41.42 63.42 21.21
C SER E 79 41.28 64.16 19.88
N ASP E 80 40.12 64.80 19.70
CA ASP E 80 39.83 65.57 18.50
C ASP E 80 38.39 66.09 18.62
N ILE E 81 37.73 65.71 19.71
CA ILE E 81 36.36 66.14 19.97
C ILE E 81 36.41 67.27 20.99
N PRO E 82 36.15 68.52 20.54
CA PRO E 82 36.17 69.68 21.44
C PRO E 82 35.13 69.59 22.56
N GLU E 83 35.44 70.24 23.68
CA GLU E 83 34.56 70.24 24.85
C GLU E 83 33.17 70.86 24.62
N GLY E 84 32.19 70.29 25.33
CA GLY E 84 30.81 70.77 25.24
C GLY E 84 30.15 70.51 23.90
N LYS E 85 30.97 70.53 22.84
CA LYS E 85 30.48 70.32 21.48
C LYS E 85 30.17 68.85 21.19
N ASN E 86 28.91 68.59 20.87
CA ASN E 86 28.43 67.25 20.57
C ASN E 86 28.66 66.89 19.10
N VAL E 87 29.34 65.77 18.88
CA VAL E 87 29.63 65.30 17.52
C VAL E 87 28.92 63.97 17.27
N ALA E 88 28.16 63.90 16.18
CA ALA E 88 27.42 62.70 15.83
C ALA E 88 27.99 62.03 14.58
N PHE E 89 28.15 60.71 14.64
CA PHE E 89 28.68 59.94 13.51
C PHE E 89 27.65 58.93 13.08
N LYS E 90 27.90 58.24 11.96
CA LYS E 90 26.97 57.24 11.47
C LYS E 90 27.44 55.83 11.83
N TRP E 91 26.67 55.17 12.68
CA TRP E 91 26.99 53.80 13.12
C TRP E 91 25.77 52.90 12.89
N ARG E 92 25.98 51.79 12.19
CA ARG E 92 24.93 50.83 11.88
C ARG E 92 23.66 51.53 11.38
N GLY E 93 23.84 52.40 10.40
CA GLY E 93 22.72 53.12 9.80
C GLY E 93 22.03 54.13 10.70
N LYS E 94 22.33 54.07 11.99
CA LYS E 94 21.71 54.97 12.94
C LYS E 94 22.73 55.94 13.52
N PRO E 95 22.30 57.16 13.87
CA PRO E 95 23.20 58.17 14.43
C PRO E 95 23.84 57.74 15.76
N LEU E 96 25.12 58.04 15.91
CA LEU E 96 25.87 57.72 17.14
C LEU E 96 26.38 59.01 17.79
N PHE E 97 25.92 59.27 19.01
CA PHE E 97 26.30 60.46 19.74
C PHE E 97 27.51 60.32 20.67
N VAL E 98 28.49 61.21 20.46
CA VAL E 98 29.71 61.24 21.26
C VAL E 98 29.97 62.70 21.63
N ARG E 99 29.52 63.11 22.81
CA ARG E 99 29.71 64.49 23.25
C ARG E 99 30.82 64.62 24.28
N HIS E 100 31.64 65.66 24.13
CA HIS E 100 32.74 65.91 25.06
C HIS E 100 32.22 66.85 26.13
N ARG E 101 32.09 66.35 27.36
CA ARG E 101 31.59 67.18 28.44
C ARG E 101 32.62 68.18 28.96
N THR E 102 32.34 69.46 28.71
CA THR E 102 33.20 70.58 29.12
C THR E 102 33.60 70.56 30.59
N GLN E 103 32.81 71.25 31.41
CA GLN E 103 33.04 71.35 32.83
C GLN E 103 31.70 71.40 33.54
N ALA E 104 30.73 72.06 32.91
CA ALA E 104 29.38 72.20 33.48
C ALA E 104 28.40 71.16 32.94
N GLU E 105 28.82 69.91 32.90
CA GLU E 105 27.97 68.82 32.43
C GLU E 105 27.96 67.63 33.41
N ILE E 106 29.10 67.36 34.04
CA ILE E 106 29.21 66.28 35.03
C ILE E 106 28.74 66.91 36.35
N ASN E 107 28.34 68.17 36.25
CA ASN E 107 27.87 68.94 37.41
C ASN E 107 26.47 69.51 37.20
N GLN E 108 26.27 70.22 36.08
CA GLN E 108 24.98 70.84 35.78
C GLN E 108 23.90 69.80 35.44
N GLU E 109 24.31 68.70 34.80
CA GLU E 109 23.39 67.62 34.44
C GLU E 109 23.87 66.26 34.96
N ALA E 110 24.47 66.27 36.15
CA ALA E 110 24.97 65.06 36.80
C ALA E 110 24.80 65.23 38.31
N GLU E 111 24.01 66.23 38.67
CA GLU E 111 23.69 66.56 40.06
C GLU E 111 22.18 66.66 40.22
N VAL E 112 21.47 66.56 39.09
CA VAL E 112 20.01 66.63 39.08
C VAL E 112 19.37 65.75 40.14
N ASP E 113 18.31 66.27 40.78
CA ASP E 113 17.61 65.54 41.84
C ASP E 113 16.19 65.12 41.42
N VAL E 114 16.12 64.18 40.48
CA VAL E 114 14.84 63.66 40.01
C VAL E 114 14.50 62.43 40.84
N SER E 115 13.83 62.65 41.97
CA SER E 115 13.44 61.58 42.89
C SER E 115 13.02 60.28 42.21
N LYS E 116 11.88 60.32 41.53
CA LYS E 116 11.36 59.16 40.82
C LYS E 116 11.72 59.25 39.33
N LEU E 117 12.79 58.56 38.94
CA LEU E 117 13.25 58.57 37.55
C LEU E 117 12.42 57.57 36.73
N ARG E 118 12.26 57.84 35.44
CA ARG E 118 11.47 56.98 34.56
C ARG E 118 12.26 55.77 34.03
N ASP E 119 13.56 55.75 34.29
CA ASP E 119 14.44 54.65 33.87
C ASP E 119 15.61 54.61 34.86
N PRO E 120 15.90 53.43 35.46
CA PRO E 120 16.99 53.29 36.42
C PRO E 120 18.40 53.67 35.92
N GLN E 121 18.65 54.97 35.78
CA GLN E 121 19.95 55.46 35.29
C GLN E 121 20.94 55.88 36.37
N HIS E 122 21.95 55.04 36.56
CA HIS E 122 23.02 55.25 37.53
C HIS E 122 24.32 55.09 36.73
N ASP E 123 25.04 56.18 36.51
CA ASP E 123 26.29 56.13 35.74
C ASP E 123 27.28 55.07 36.19
N LEU E 124 27.24 54.71 37.47
CA LEU E 124 28.15 53.69 38.00
C LEU E 124 27.66 52.30 37.59
N ASP E 125 26.40 52.23 37.15
CA ASP E 125 25.79 50.98 36.70
C ASP E 125 26.35 50.58 35.35
N ARG E 126 26.17 51.46 34.35
CA ARG E 126 26.63 51.18 33.01
C ARG E 126 27.05 52.38 32.15
N VAL E 127 28.33 52.75 32.26
CA VAL E 127 28.95 53.85 31.51
C VAL E 127 30.48 53.66 31.60
N LYS E 128 31.22 54.75 31.78
CA LYS E 128 32.69 54.70 31.88
C LYS E 128 33.33 56.09 32.04
N LYS E 129 33.84 56.62 30.92
CA LYS E 129 34.52 57.93 30.90
C LYS E 129 33.77 59.09 31.56
N PRO E 130 34.53 60.11 32.00
CA PRO E 130 34.03 61.32 32.66
C PRO E 130 33.48 62.38 31.70
N GLU E 131 34.38 63.07 31.00
CA GLU E 131 33.98 64.10 30.05
C GLU E 131 33.51 63.46 28.75
N TRP E 132 33.35 62.14 28.77
CA TRP E 132 32.89 61.38 27.60
C TRP E 132 31.55 60.68 27.76
N VAL E 133 30.63 61.01 26.86
CA VAL E 133 29.30 60.41 26.85
C VAL E 133 29.04 59.91 25.43
N ILE E 134 28.66 58.63 25.32
CA ILE E 134 28.39 58.02 24.03
C ILE E 134 27.02 57.34 24.00
N LEU E 135 26.12 57.93 23.22
CA LEU E 135 24.74 57.45 23.09
C LEU E 135 24.35 57.03 21.68
N VAL E 136 23.23 56.33 21.58
CA VAL E 136 22.68 55.91 20.30
C VAL E 136 21.61 56.95 19.99
N GLY E 137 21.89 57.82 19.03
CA GLY E 137 20.96 58.88 18.69
C GLY E 137 19.59 58.45 18.20
N VAL E 138 18.89 57.64 19.00
CA VAL E 138 17.57 57.15 18.64
C VAL E 138 16.60 57.17 19.82
N CYS E 139 15.57 58.01 19.70
CA CYS E 139 14.53 58.15 20.73
C CYS E 139 13.83 56.80 20.88
N THR E 140 13.62 56.35 22.12
CA THR E 140 12.97 55.07 22.38
C THR E 140 11.44 55.13 22.32
N HIS E 141 10.93 56.23 21.76
CA HIS E 141 9.49 56.43 21.60
C HIS E 141 9.08 55.84 20.25
N LEU E 142 9.44 56.54 19.18
CA LEU E 142 9.13 56.11 17.82
C LEU E 142 10.32 56.21 16.86
N GLY E 143 11.50 55.83 17.36
CA GLY E 143 12.71 55.83 16.55
C GLY E 143 13.20 57.11 15.91
N CYS E 144 12.94 58.25 16.53
CA CYS E 144 13.39 59.52 15.99
C CYS E 144 14.76 59.84 16.57
N VAL E 145 15.46 60.79 15.95
CA VAL E 145 16.79 61.17 16.39
C VAL E 145 16.85 62.49 17.15
N PRO E 146 17.09 62.44 18.48
CA PRO E 146 17.17 63.63 19.31
C PRO E 146 18.29 64.57 18.80
N ILE E 147 18.11 65.88 18.98
CA ILE E 147 19.10 66.86 18.54
C ILE E 147 19.87 67.49 19.71
N ALA E 148 21.18 67.64 19.55
CA ALA E 148 22.03 68.21 20.59
C ALA E 148 22.15 69.73 20.58
N ASN E 149 21.59 70.38 19.56
CA ASN E 149 21.63 71.85 19.47
C ASN E 149 20.77 72.47 20.57
N SER E 150 19.62 71.85 20.82
CA SER E 150 18.69 72.32 21.83
C SER E 150 18.69 71.44 23.08
N GLY E 151 17.59 70.73 23.29
CA GLY E 151 17.47 69.88 24.46
C GLY E 151 17.10 70.75 25.64
N ASP E 152 15.85 70.66 26.07
CA ASP E 152 15.34 71.44 27.20
C ASP E 152 16.36 71.46 28.34
N PHE E 153 16.83 70.28 28.71
CA PHE E 153 17.81 70.09 29.77
C PHE E 153 19.23 70.11 29.17
N GLY E 154 19.44 71.03 28.23
CA GLY E 154 20.73 71.20 27.58
C GLY E 154 21.27 70.00 26.81
N GLY E 155 20.68 68.83 27.02
CA GLY E 155 21.15 67.63 26.34
C GLY E 155 20.68 67.52 24.91
N TYR E 156 19.65 66.71 24.67
CA TYR E 156 19.12 66.51 23.33
C TYR E 156 17.60 66.67 23.29
N TYR E 157 17.08 67.04 22.12
CA TYR E 157 15.65 67.24 21.93
C TYR E 157 15.11 66.54 20.67
N CYS E 158 14.13 65.66 20.85
CA CYS E 158 13.53 64.94 19.73
C CYS E 158 12.37 65.77 19.18
N PRO E 159 12.58 66.45 18.04
CA PRO E 159 11.54 67.29 17.42
C PRO E 159 10.32 66.53 16.88
N CYS E 160 10.15 65.28 17.29
CA CYS E 160 9.01 64.48 16.84
C CYS E 160 7.83 64.59 17.81
N HIS E 161 8.04 64.27 19.09
CA HIS E 161 6.95 64.38 20.08
C HIS E 161 7.44 65.00 21.39
N GLY E 162 8.55 65.71 21.34
CA GLY E 162 9.09 66.33 22.54
C GLY E 162 10.31 65.62 23.09
N SER E 163 10.08 64.55 23.85
CA SER E 163 11.15 63.76 24.48
C SER E 163 12.45 64.53 24.67
N HIS E 164 12.59 65.13 25.85
CA HIS E 164 13.78 65.90 26.19
C HIS E 164 14.76 65.02 26.94
N TYR E 165 16.02 65.03 26.49
CA TYR E 165 17.04 64.22 27.14
C TYR E 165 18.13 65.14 27.67
N ASP E 166 18.56 64.90 28.90
CA ASP E 166 19.59 65.71 29.52
C ASP E 166 20.94 65.57 28.83
N ALA E 167 21.99 65.98 29.51
CA ALA E 167 23.35 65.91 28.97
C ALA E 167 23.90 64.49 29.06
N SER E 168 23.25 63.63 29.87
CA SER E 168 23.67 62.24 30.02
C SER E 168 22.82 61.32 29.14
N GLY E 169 21.90 61.91 28.38
CA GLY E 169 21.04 61.14 27.50
C GLY E 169 19.94 60.40 28.22
N ARG E 170 19.20 61.10 29.07
CA ARG E 170 18.10 60.50 29.82
C ARG E 170 16.79 61.21 29.53
N ILE E 171 15.73 60.41 29.39
CA ILE E 171 14.41 60.95 29.12
C ILE E 171 13.93 61.79 30.29
N ARG E 172 13.64 63.05 30.01
CA ARG E 172 13.16 63.97 31.03
C ARG E 172 11.69 64.25 30.75
N LYS E 173 11.46 65.33 30.00
CA LYS E 173 10.12 65.74 29.62
C LYS E 173 9.82 65.16 28.24
N GLY E 174 8.90 64.21 28.19
CA GLY E 174 8.56 63.59 26.92
C GLY E 174 7.78 62.29 27.07
N PRO E 175 7.27 61.73 25.96
CA PRO E 175 6.50 60.47 25.97
C PRO E 175 7.35 59.20 25.98
N ALA E 176 8.49 59.24 25.30
CA ALA E 176 9.41 58.10 25.19
C ALA E 176 9.73 57.48 26.56
N PRO E 177 9.49 56.16 26.72
CA PRO E 177 9.75 55.44 27.98
C PRO E 177 11.21 55.38 28.46
N TYR E 178 12.01 54.46 27.91
CA TYR E 178 13.41 54.33 28.32
C TYR E 178 14.27 55.53 27.97
N ASN E 179 15.57 55.39 28.22
CA ASN E 179 16.54 56.44 27.91
C ASN E 179 17.31 55.99 26.67
N LEU E 180 17.86 56.96 25.93
CA LEU E 180 18.63 56.63 24.73
C LEU E 180 19.57 55.46 25.06
N GLU E 181 19.61 54.47 24.16
CA GLU E 181 20.46 53.29 24.36
C GLU E 181 21.96 53.55 24.33
N VAL E 182 22.69 52.83 25.18
CA VAL E 182 24.14 52.92 25.26
C VAL E 182 24.73 51.58 24.79
N PRO E 183 25.34 51.58 23.59
CA PRO E 183 25.97 50.43 22.92
C PRO E 183 27.32 50.01 23.50
N THR E 184 27.75 48.81 23.16
CA THR E 184 29.02 48.28 23.62
C THR E 184 30.16 49.12 23.06
N TYR E 185 31.25 49.21 23.83
CA TYR E 185 32.43 50.00 23.46
C TYR E 185 33.70 49.54 24.17
N GLN E 186 34.70 50.42 24.22
CA GLN E 186 35.99 50.13 24.87
C GLN E 186 37.04 51.19 24.53
N PHE E 187 38.07 51.30 25.36
CA PHE E 187 39.15 52.27 25.16
C PHE E 187 40.53 51.63 25.17
N VAL E 188 40.68 50.48 24.52
CA VAL E 188 41.99 49.80 24.49
C VAL E 188 43.03 50.76 23.92
N GLY E 189 42.57 51.94 23.54
CA GLY E 189 43.43 52.97 23.01
C GLY E 189 42.77 54.31 23.29
N ASP E 190 43.00 54.86 24.48
CA ASP E 190 42.41 56.13 24.91
C ASP E 190 42.13 57.12 23.79
N ASP E 191 43.16 57.57 23.10
CA ASP E 191 42.99 58.50 21.99
C ASP E 191 42.13 57.85 20.89
N LEU E 192 41.41 56.79 21.28
CA LEU E 192 40.54 56.02 20.39
C LEU E 192 39.51 55.18 21.15
N VAL E 193 38.32 55.05 20.56
CA VAL E 193 37.24 54.27 21.13
C VAL E 193 36.64 53.43 20.00
N VAL E 194 36.27 52.18 20.31
CA VAL E 194 35.69 51.30 19.31
C VAL E 194 34.30 50.79 19.69
N VAL E 195 33.28 51.48 19.19
CA VAL E 195 31.90 51.14 19.46
C VAL E 195 31.47 50.01 18.54
N GLY E 196 30.78 49.02 19.10
CA GLY E 196 30.32 47.90 18.30
C GLY E 196 31.07 46.61 18.57
N GLY F 10 26.28 -25.52 -47.57
CA GLY F 10 26.79 -26.86 -47.06
C GLY F 10 26.58 -26.91 -45.56
N ARG F 11 27.65 -26.98 -44.77
CA ARG F 11 27.47 -26.95 -43.32
C ARG F 11 27.65 -25.53 -42.79
N LEU F 12 27.42 -24.53 -43.65
CA LEU F 12 27.61 -23.12 -43.27
C LEU F 12 26.75 -22.71 -42.11
N MET F 13 25.44 -22.83 -42.28
CA MET F 13 24.50 -22.47 -41.21
C MET F 13 24.93 -23.09 -39.90
N ASP F 14 25.39 -24.34 -39.96
CA ASP F 14 25.83 -25.03 -38.76
C ASP F 14 27.10 -24.37 -38.20
N ARG F 15 28.09 -24.10 -39.07
CA ARG F 15 29.32 -23.44 -38.61
C ARG F 15 28.96 -22.16 -37.86
N ILE F 16 28.10 -21.33 -38.47
CA ILE F 16 27.68 -20.05 -37.92
C ILE F 16 27.01 -20.15 -36.58
N ARG F 17 25.97 -20.98 -36.52
CA ARG F 17 25.24 -21.18 -35.29
C ARG F 17 26.19 -21.60 -34.16
N LYS F 18 26.90 -22.70 -34.40
CA LYS F 18 27.80 -23.17 -33.37
C LYS F 18 28.75 -22.04 -32.96
N TRP F 19 29.07 -21.16 -33.89
CA TRP F 19 29.96 -20.04 -33.60
C TRP F 19 29.35 -19.05 -32.63
N TYR F 20 28.13 -18.61 -32.99
CA TYR F 20 27.40 -17.64 -32.20
C TYR F 20 27.14 -18.23 -30.82
N TYR F 21 26.81 -19.52 -30.80
CA TYR F 21 26.55 -20.19 -29.54
C TYR F 21 27.71 -20.03 -28.55
N ASN F 22 28.94 -20.09 -29.05
CA ASN F 22 30.09 -19.94 -28.19
C ASN F 22 30.36 -18.47 -27.98
N ALA F 23 30.08 -17.70 -29.01
CA ALA F 23 30.27 -16.28 -28.93
C ALA F 23 29.47 -15.73 -27.72
N ALA F 24 28.18 -16.03 -27.69
CA ALA F 24 27.32 -15.55 -26.61
C ALA F 24 27.92 -15.91 -25.27
N GLY F 25 28.06 -17.19 -24.98
CA GLY F 25 28.68 -17.55 -23.73
C GLY F 25 27.84 -17.80 -22.50
N PHE F 26 26.56 -18.13 -22.65
CA PHE F 26 25.75 -18.39 -21.46
C PHE F 26 26.15 -19.71 -20.90
N ASN F 27 26.67 -20.56 -21.79
CA ASN F 27 27.11 -21.88 -21.39
C ASN F 27 28.24 -21.80 -20.38
N LYS F 28 28.93 -20.67 -20.31
CA LYS F 28 30.01 -20.57 -19.35
C LYS F 28 29.41 -20.51 -17.94
N TYR F 29 28.10 -20.25 -17.90
CA TYR F 29 27.41 -20.17 -16.62
C TYR F 29 26.70 -21.49 -16.35
N GLY F 30 26.75 -22.39 -17.32
CA GLY F 30 26.08 -23.68 -17.20
C GLY F 30 24.62 -23.56 -17.53
N LEU F 31 24.25 -22.55 -18.30
CA LEU F 31 22.86 -22.34 -18.67
C LEU F 31 22.56 -22.92 -20.04
N MET F 32 21.32 -23.38 -20.23
CA MET F 32 20.89 -23.92 -21.51
C MET F 32 20.32 -22.72 -22.26
N ARG F 33 20.35 -22.75 -23.57
CA ARG F 33 19.83 -21.64 -24.34
C ARG F 33 18.45 -21.20 -23.80
N ASP F 34 17.56 -22.16 -23.61
CA ASP F 34 16.22 -21.87 -23.11
C ASP F 34 16.20 -21.25 -21.70
N ASP F 35 17.30 -21.37 -20.98
CA ASP F 35 17.34 -20.79 -19.66
C ASP F 35 17.41 -19.27 -19.79
N THR F 36 18.00 -18.80 -20.89
CA THR F 36 18.18 -17.35 -21.05
C THR F 36 17.04 -16.57 -21.65
N LEU F 37 15.94 -17.23 -21.97
CA LEU F 37 14.80 -16.55 -22.57
C LEU F 37 14.18 -15.50 -21.66
N TYR F 38 13.81 -14.36 -22.24
CA TYR F 38 13.16 -13.31 -21.47
C TYR F 38 11.78 -13.85 -21.18
N GLU F 39 11.36 -13.77 -19.92
CA GLU F 39 10.05 -14.28 -19.50
C GLU F 39 8.83 -13.42 -19.79
N ASP F 40 8.37 -13.42 -21.04
CA ASP F 40 7.18 -12.65 -21.38
C ASP F 40 5.97 -13.52 -21.03
N ASP F 41 4.81 -13.21 -21.60
CA ASP F 41 3.60 -13.97 -21.29
C ASP F 41 3.58 -15.41 -21.77
N ASP F 42 4.01 -15.64 -23.00
CA ASP F 42 4.04 -17.00 -23.58
C ASP F 42 5.02 -17.87 -22.79
N VAL F 43 6.24 -17.37 -22.63
CA VAL F 43 7.26 -18.09 -21.91
C VAL F 43 6.84 -18.41 -20.48
N LYS F 44 6.04 -17.53 -19.89
CA LYS F 44 5.58 -17.76 -18.53
C LYS F 44 4.58 -18.91 -18.47
N GLU F 45 3.73 -19.01 -19.49
CA GLU F 45 2.76 -20.10 -19.53
C GLU F 45 3.48 -21.39 -19.82
N ALA F 46 4.41 -21.35 -20.76
CA ALA F 46 5.18 -22.53 -21.13
C ALA F 46 5.86 -23.11 -19.91
N LEU F 47 6.43 -22.26 -19.07
CA LEU F 47 7.12 -22.74 -17.90
C LEU F 47 6.20 -23.44 -16.92
N LYS F 48 4.92 -23.09 -16.95
CA LYS F 48 3.98 -23.72 -16.03
C LYS F 48 3.69 -25.16 -16.43
N ARG F 49 3.95 -25.49 -17.69
CA ARG F 49 3.68 -26.83 -18.19
C ARG F 49 4.86 -27.76 -18.03
N LEU F 50 6.04 -27.21 -17.75
CA LEU F 50 7.20 -28.06 -17.58
C LEU F 50 6.98 -29.09 -16.47
N PRO F 51 7.46 -30.33 -16.68
CA PRO F 51 7.31 -31.38 -15.68
C PRO F 51 8.11 -31.00 -14.46
N GLU F 52 7.62 -31.34 -13.28
CA GLU F 52 8.29 -31.04 -12.02
C GLU F 52 9.82 -31.12 -12.05
N ASP F 53 10.37 -32.21 -12.58
CA ASP F 53 11.83 -32.39 -12.63
C ASP F 53 12.59 -31.44 -13.55
N LEU F 54 12.06 -31.15 -14.73
CA LEU F 54 12.73 -30.24 -15.64
C LEU F 54 12.70 -28.82 -15.07
N TYR F 55 11.67 -28.54 -14.28
CA TYR F 55 11.49 -27.25 -13.66
C TYR F 55 12.52 -27.00 -12.55
N ASN F 56 12.71 -27.98 -11.68
CA ASN F 56 13.67 -27.79 -10.62
C ASN F 56 15.09 -27.74 -11.12
N GLU F 57 15.32 -28.38 -12.25
CA GLU F 57 16.64 -28.41 -12.86
C GLU F 57 16.98 -27.02 -13.41
N ARG F 58 16.02 -26.46 -14.13
CA ARG F 58 16.20 -25.14 -14.70
C ARG F 58 16.40 -24.17 -13.56
N MET F 59 15.61 -24.33 -12.51
CA MET F 59 15.70 -23.45 -11.35
C MET F 59 17.10 -23.44 -10.75
N PHE F 60 17.68 -24.63 -10.52
CA PHE F 60 19.02 -24.69 -9.96
C PHE F 60 20.03 -24.05 -10.90
N ARG F 61 19.96 -24.41 -12.18
CA ARG F 61 20.86 -23.87 -13.20
C ARG F 61 20.88 -22.35 -13.16
N ILE F 62 19.68 -21.78 -13.09
CA ILE F 62 19.52 -20.35 -13.02
C ILE F 62 20.04 -19.77 -11.69
N LYS F 63 19.61 -20.32 -10.57
CA LYS F 63 20.12 -19.81 -9.29
C LYS F 63 21.64 -19.94 -9.23
N ARG F 64 22.17 -20.97 -9.88
CA ARG F 64 23.62 -21.18 -9.90
C ARG F 64 24.28 -20.02 -10.66
N ALA F 65 23.73 -19.71 -11.83
CA ALA F 65 24.26 -18.65 -12.67
C ALA F 65 24.23 -17.33 -11.93
N LEU F 66 23.15 -17.07 -11.20
CA LEU F 66 23.04 -15.82 -10.46
C LEU F 66 24.13 -15.71 -9.40
N ASP F 67 24.46 -16.83 -8.77
CA ASP F 67 25.47 -16.83 -7.74
C ASP F 67 26.84 -16.58 -8.39
N LEU F 68 27.04 -17.12 -9.59
CA LEU F 68 28.30 -16.92 -10.31
C LEU F 68 28.40 -15.45 -10.68
N SER F 69 27.29 -14.89 -11.12
CA SER F 69 27.29 -13.48 -11.50
C SER F 69 27.69 -12.58 -10.34
N LEU F 70 27.06 -12.74 -9.18
CA LEU F 70 27.40 -11.88 -8.06
C LEU F 70 28.86 -12.06 -7.69
N LYS F 71 29.35 -13.29 -7.85
CA LYS F 71 30.74 -13.61 -7.52
C LYS F 71 31.75 -13.13 -8.56
N HIS F 72 31.27 -12.83 -9.77
CA HIS F 72 32.14 -12.40 -10.86
C HIS F 72 33.11 -13.52 -11.22
N ARG F 73 32.51 -14.69 -11.45
CA ARG F 73 33.21 -15.91 -11.81
C ARG F 73 32.40 -16.62 -12.89
N ILE F 74 32.92 -17.74 -13.36
CA ILE F 74 32.22 -18.54 -14.34
C ILE F 74 32.57 -19.99 -14.04
N LEU F 75 32.02 -20.92 -14.79
CA LEU F 75 32.34 -22.30 -14.52
C LEU F 75 33.65 -22.71 -15.19
N PRO F 76 34.34 -23.71 -14.61
CA PRO F 76 35.58 -24.19 -15.20
C PRO F 76 35.25 -24.67 -16.61
N LYS F 77 36.15 -24.46 -17.55
CA LYS F 77 35.92 -24.88 -18.92
C LYS F 77 35.29 -26.29 -19.08
N GLU F 78 35.61 -27.21 -18.18
CA GLU F 78 35.10 -28.57 -18.23
C GLU F 78 33.57 -28.62 -18.14
N GLN F 79 33.03 -27.80 -17.24
CA GLN F 79 31.60 -27.73 -16.99
C GLN F 79 30.76 -26.92 -17.96
N TRP F 80 31.39 -26.36 -18.98
CA TRP F 80 30.63 -25.57 -19.95
C TRP F 80 29.72 -26.41 -20.85
N VAL F 81 28.48 -25.98 -20.97
CA VAL F 81 27.52 -26.69 -21.81
C VAL F 81 28.05 -26.68 -23.24
N LYS F 82 28.12 -27.84 -23.88
CA LYS F 82 28.61 -27.91 -25.25
C LYS F 82 27.47 -27.68 -26.25
N TYR F 83 27.77 -26.99 -27.35
CA TYR F 83 26.78 -26.69 -28.36
C TYR F 83 25.82 -27.81 -28.67
N GLU F 84 26.38 -28.97 -28.99
CA GLU F 84 25.58 -30.12 -29.34
C GLU F 84 24.90 -30.84 -28.19
N GLU F 85 25.25 -30.50 -26.94
CA GLU F 85 24.61 -31.14 -25.80
C GLU F 85 23.59 -30.24 -25.09
N ASP F 86 23.24 -29.12 -25.72
CA ASP F 86 22.28 -28.18 -25.15
C ASP F 86 20.85 -28.67 -25.37
N LYS F 87 20.13 -28.93 -24.30
CA LYS F 87 18.79 -29.45 -24.44
C LYS F 87 17.76 -28.35 -24.50
N PRO F 88 17.05 -28.26 -25.63
CA PRO F 88 15.99 -27.26 -25.88
C PRO F 88 14.71 -27.68 -25.17
N TYR F 89 14.84 -27.86 -23.86
CA TYR F 89 13.77 -28.32 -23.00
C TYR F 89 12.44 -27.59 -23.01
N LEU F 90 12.44 -26.27 -23.29
CA LEU F 90 11.19 -25.51 -23.28
C LEU F 90 10.60 -25.22 -24.65
N GLU F 91 11.44 -25.18 -25.68
CA GLU F 91 11.01 -24.87 -27.05
C GLU F 91 9.72 -25.57 -27.47
N PRO F 92 9.60 -26.87 -27.19
CA PRO F 92 8.40 -27.62 -27.57
C PRO F 92 7.12 -27.03 -26.98
N TYR F 93 7.13 -26.79 -25.67
CA TYR F 93 5.98 -26.22 -24.97
C TYR F 93 5.67 -24.82 -25.46
N LEU F 94 6.69 -23.96 -25.46
CA LEU F 94 6.56 -22.60 -25.91
C LEU F 94 5.89 -22.50 -27.30
N LYS F 95 6.31 -23.36 -28.23
CA LYS F 95 5.74 -23.32 -29.58
C LYS F 95 4.23 -23.59 -29.63
N GLU F 96 3.77 -24.53 -28.82
CA GLU F 96 2.35 -24.88 -28.76
C GLU F 96 1.56 -23.74 -28.14
N VAL F 97 2.10 -23.19 -27.06
CA VAL F 97 1.49 -22.07 -26.35
C VAL F 97 1.20 -20.92 -27.31
N ILE F 98 2.13 -20.70 -28.22
CA ILE F 98 1.97 -19.65 -29.21
C ILE F 98 0.95 -20.05 -30.27
N ARG F 99 0.92 -21.34 -30.59
CA ARG F 99 -0.01 -21.86 -31.58
C ARG F 99 -1.42 -21.72 -31.07
N GLU F 100 -1.60 -22.03 -29.79
CA GLU F 100 -2.90 -21.94 -29.12
C GLU F 100 -3.37 -20.50 -29.07
N ARG F 101 -2.44 -19.60 -28.80
CA ARG F 101 -2.75 -18.19 -28.71
C ARG F 101 -3.19 -17.69 -30.07
N LEU F 102 -2.41 -18.02 -31.11
CA LEU F 102 -2.74 -17.57 -32.45
C LEU F 102 -4.07 -18.13 -32.89
N GLU F 103 -4.43 -19.32 -32.43
CA GLU F 103 -5.73 -19.89 -32.77
C GLU F 103 -6.79 -18.94 -32.22
N ARG F 104 -6.76 -18.74 -30.90
CA ARG F 104 -7.67 -17.84 -30.22
C ARG F 104 -7.71 -16.48 -30.90
N GLU F 105 -6.54 -15.83 -31.00
CA GLU F 105 -6.48 -14.52 -31.60
C GLU F 105 -7.21 -14.47 -32.93
N ALA F 106 -6.94 -15.44 -33.79
CA ALA F 106 -7.56 -15.49 -35.11
C ALA F 106 -9.08 -15.72 -35.07
N TRP F 107 -9.50 -16.59 -34.16
CA TRP F 107 -10.90 -16.94 -33.99
C TRP F 107 -11.76 -15.79 -33.44
N ASN F 108 -11.18 -14.95 -32.59
CA ASN F 108 -11.95 -13.84 -32.02
C ASN F 108 -12.08 -12.69 -32.99
N LYS F 109 -11.38 -12.79 -34.11
CA LYS F 109 -11.43 -11.78 -35.17
C LYS F 109 -12.62 -12.17 -36.02
N LYS F 110 -12.63 -13.42 -36.47
CA LYS F 110 -13.73 -13.95 -37.27
C LYS F 110 -15.01 -13.78 -36.46
N ILE G 2 4.79 -7.11 1.51
CA ILE G 2 5.15 -8.56 1.61
C ILE G 2 5.63 -9.08 0.25
N HIS G 3 6.95 -9.20 0.10
CA HIS G 3 7.54 -9.71 -1.13
C HIS G 3 8.44 -10.91 -0.86
N PHE G 4 8.66 -11.24 0.41
CA PHE G 4 9.48 -12.38 0.78
C PHE G 4 8.65 -13.57 1.27
N GLY G 5 8.51 -14.57 0.39
CA GLY G 5 7.75 -15.75 0.70
C GLY G 5 6.81 -16.09 -0.44
N ASN G 6 6.67 -15.18 -1.40
CA ASN G 6 5.78 -15.39 -2.54
C ASN G 6 6.55 -15.48 -3.84
N LEU G 7 7.84 -15.12 -3.79
CA LEU G 7 8.70 -15.08 -4.96
C LEU G 7 8.73 -16.29 -5.89
N ALA G 8 9.24 -17.43 -5.44
CA ALA G 8 9.30 -18.61 -6.31
C ALA G 8 9.18 -19.97 -5.63
N ARG G 9 8.85 -20.98 -6.44
CA ARG G 9 8.70 -22.34 -5.98
C ARG G 9 10.06 -22.99 -6.15
N VAL G 10 10.76 -23.20 -5.06
CA VAL G 10 12.08 -23.79 -5.12
C VAL G 10 12.17 -25.10 -4.37
N ARG G 11 12.79 -26.10 -5.00
CA ARG G 11 12.93 -27.38 -4.34
C ARG G 11 14.30 -28.01 -4.48
N HIS G 12 14.78 -28.57 -3.38
CA HIS G 12 16.04 -29.30 -3.32
C HIS G 12 17.36 -28.56 -3.47
N ILE G 13 17.44 -27.33 -3.03
CA ILE G 13 18.72 -26.67 -3.15
C ILE G 13 19.26 -26.42 -1.75
N ILE G 14 20.51 -26.79 -1.53
CA ILE G 14 21.15 -26.61 -0.23
C ILE G 14 22.20 -25.52 -0.34
N THR G 15 22.39 -24.76 0.73
CA THR G 15 23.40 -23.71 0.71
C THR G 15 24.15 -23.62 2.02
N TYR G 16 25.43 -23.36 1.93
CA TYR G 16 26.26 -23.26 3.11
C TYR G 16 26.94 -21.92 3.04
N SER G 17 26.99 -21.25 4.18
CA SER G 17 27.61 -19.94 4.28
C SER G 17 28.20 -19.78 5.69
N LEU G 18 29.22 -18.93 5.83
CA LEU G 18 29.86 -18.71 7.14
C LEU G 18 29.78 -17.26 7.59
N SER G 19 29.61 -17.05 8.88
CA SER G 19 29.57 -15.71 9.47
C SER G 19 30.75 -14.91 8.93
N PRO G 20 30.56 -13.59 8.73
CA PRO G 20 31.59 -12.68 8.22
C PRO G 20 32.82 -12.64 9.10
N PHE G 21 32.63 -13.00 10.37
CA PHE G 21 33.71 -12.98 11.32
C PHE G 21 34.57 -14.23 11.32
N GLU G 22 34.17 -15.25 10.55
CA GLU G 22 34.94 -16.49 10.50
C GLU G 22 35.75 -16.52 9.23
N GLN G 23 35.49 -15.58 8.32
CA GLN G 23 36.21 -15.54 7.05
C GLN G 23 36.88 -14.22 6.75
N ARG G 24 37.76 -14.23 5.74
CA ARG G 24 38.53 -13.06 5.30
C ARG G 24 37.70 -12.24 4.34
N ALA G 25 37.79 -10.93 4.47
CA ALA G 25 37.03 -9.99 3.63
C ALA G 25 37.42 -9.99 2.15
N ILE G 26 38.71 -9.89 1.90
CA ILE G 26 39.26 -9.89 0.55
C ILE G 26 40.27 -11.03 0.49
N PRO G 27 39.78 -12.26 0.27
CA PRO G 27 40.67 -13.42 0.20
C PRO G 27 41.22 -13.74 -1.17
N ASN G 28 42.33 -14.48 -1.16
CA ASN G 28 43.02 -14.95 -2.35
C ASN G 28 43.11 -13.91 -3.46
N ILE G 29 43.73 -12.77 -3.15
CA ILE G 29 43.85 -11.72 -4.15
C ILE G 29 44.64 -12.14 -5.39
N PHE G 30 45.67 -12.93 -5.18
CA PHE G 30 46.49 -13.36 -6.29
C PHE G 30 46.06 -14.65 -6.91
N SER G 31 45.71 -15.64 -6.10
CA SER G 31 45.30 -16.93 -6.64
C SER G 31 43.94 -16.96 -7.36
N ASP G 32 43.05 -16.02 -7.02
CA ASP G 32 41.72 -15.99 -7.61
C ASP G 32 41.31 -14.61 -8.16
N ALA G 33 41.44 -13.58 -7.32
CA ALA G 33 41.05 -12.22 -7.70
C ALA G 33 41.61 -11.71 -9.01
N LEU G 34 42.90 -11.39 -9.01
CA LEU G 34 43.59 -10.85 -10.18
C LEU G 34 43.43 -11.67 -11.46
N PRO G 35 43.64 -13.00 -11.38
CA PRO G 35 43.48 -13.84 -12.57
C PRO G 35 42.16 -13.49 -13.30
N ASN G 36 41.07 -13.48 -12.54
CA ASN G 36 39.73 -13.15 -13.06
C ASN G 36 39.64 -11.72 -13.57
N VAL G 37 40.25 -10.80 -12.85
CA VAL G 37 40.22 -9.42 -13.30
C VAL G 37 40.81 -9.39 -14.70
N TRP G 38 41.83 -10.22 -14.91
CA TRP G 38 42.46 -10.31 -16.20
C TRP G 38 41.47 -10.97 -17.15
N ARG G 39 40.96 -12.13 -16.74
CA ARG G 39 39.99 -12.89 -17.53
C ARG G 39 38.91 -12.00 -18.11
N ARG G 40 38.30 -11.20 -17.23
CA ARG G 40 37.22 -10.29 -17.57
C ARG G 40 37.69 -9.23 -18.56
N PHE G 41 38.81 -8.61 -18.25
CA PHE G 41 39.37 -7.58 -19.12
C PHE G 41 39.53 -8.14 -20.52
N SER G 42 40.21 -9.27 -20.60
CA SER G 42 40.47 -9.94 -21.85
C SER G 42 39.21 -10.17 -22.67
N SER G 43 38.30 -10.94 -22.09
CA SER G 43 37.04 -11.28 -22.74
C SER G 43 36.30 -10.10 -23.37
N GLN G 44 36.48 -8.91 -22.81
CA GLN G 44 35.77 -7.72 -23.28
C GLN G 44 36.49 -6.73 -24.23
N VAL G 45 37.78 -6.54 -24.02
CA VAL G 45 38.61 -5.60 -24.79
C VAL G 45 38.33 -5.47 -26.28
N PHE G 46 38.15 -6.60 -26.94
CA PHE G 46 37.93 -6.56 -28.37
C PHE G 46 36.52 -6.21 -28.79
N LYS G 47 35.69 -5.87 -27.82
CA LYS G 47 34.31 -5.48 -28.11
C LYS G 47 34.18 -4.00 -27.85
N VAL G 48 34.75 -3.56 -26.73
CA VAL G 48 34.72 -2.15 -26.35
C VAL G 48 35.77 -1.31 -27.07
N ALA G 49 37.03 -1.64 -26.85
CA ALA G 49 38.13 -0.90 -27.43
C ALA G 49 38.03 -0.44 -28.88
N PRO G 50 37.71 -1.34 -29.82
CA PRO G 50 37.60 -1.00 -31.23
C PRO G 50 36.89 0.29 -31.61
N PRO G 51 35.57 0.40 -31.34
CA PRO G 51 34.92 1.64 -31.71
C PRO G 51 35.49 2.90 -31.05
N PHE G 52 36.10 2.77 -29.87
CA PHE G 52 36.70 3.94 -29.23
C PHE G 52 37.95 4.31 -30.00
N LEU G 53 38.72 3.30 -30.38
CA LEU G 53 39.92 3.54 -31.16
C LEU G 53 39.52 4.23 -32.47
N GLY G 54 38.52 3.70 -33.16
CA GLY G 54 38.07 4.32 -34.39
C GLY G 54 37.63 5.76 -34.17
N ALA G 55 37.03 6.02 -33.01
CA ALA G 55 36.57 7.36 -32.68
C ALA G 55 37.78 8.28 -32.54
N TYR G 56 38.82 7.76 -31.91
CA TYR G 56 40.04 8.52 -31.72
C TYR G 56 40.65 9.00 -33.02
N LEU G 57 40.89 8.05 -33.92
CA LEU G 57 41.46 8.33 -35.22
C LEU G 57 40.64 9.43 -35.86
N LEU G 58 39.34 9.21 -35.98
CA LEU G 58 38.47 10.23 -36.59
C LEU G 58 38.72 11.61 -35.97
N TYR G 59 38.83 11.63 -34.65
CA TYR G 59 39.11 12.86 -33.95
C TYR G 59 40.43 13.41 -34.43
N SER G 60 41.49 12.61 -34.27
CA SER G 60 42.83 12.99 -34.69
C SER G 60 42.88 13.51 -36.09
N TRP G 61 42.28 12.77 -37.02
CA TRP G 61 42.29 13.22 -38.39
C TRP G 61 41.63 14.59 -38.44
N GLY G 62 40.31 14.62 -38.25
CA GLY G 62 39.59 15.88 -38.30
C GLY G 62 40.26 17.05 -37.59
N THR G 63 40.95 16.80 -36.48
CA THR G 63 41.61 17.91 -35.80
C THR G 63 42.75 18.43 -36.66
N GLN G 64 43.68 17.55 -37.00
CA GLN G 64 44.83 17.91 -37.82
C GLN G 64 44.45 18.50 -39.18
N GLU G 65 43.45 17.89 -39.83
CA GLU G 65 42.98 18.36 -41.11
C GLU G 65 42.48 19.77 -41.03
N PHE G 66 41.93 20.12 -39.87
CA PHE G 66 41.38 21.46 -39.66
C PHE G 66 42.47 22.50 -39.59
N GLU G 67 43.58 22.15 -38.94
CA GLU G 67 44.72 23.06 -38.79
C GLU G 67 45.45 23.22 -40.12
N ARG G 68 45.51 22.14 -40.89
CA ARG G 68 46.17 22.18 -42.18
C ARG G 68 45.43 23.16 -43.08
N LEU G 69 44.13 23.29 -42.90
CA LEU G 69 43.38 24.21 -43.75
C LEU G 69 43.51 25.65 -43.31
N LYS G 70 44.20 25.89 -42.19
CA LYS G 70 44.40 27.25 -41.69
C LYS G 70 45.74 27.77 -42.19
N ARG G 71 46.62 26.83 -42.54
CA ARG G 71 47.96 27.15 -43.04
C ARG G 71 47.83 27.64 -44.48
N LYS G 72 48.86 28.34 -44.95
CA LYS G 72 48.84 28.86 -46.31
C LYS G 72 49.51 27.91 -47.26
N ASN G 73 48.98 27.89 -48.47
CA ASN G 73 49.46 27.07 -49.56
C ASN G 73 50.30 27.99 -50.44
N PRO G 74 51.64 27.79 -50.46
CA PRO G 74 52.52 28.64 -51.26
C PRO G 74 52.14 28.76 -52.73
N ALA G 75 51.43 27.78 -53.24
CA ALA G 75 51.02 27.80 -54.63
C ALA G 75 49.97 28.86 -54.95
N ASP G 76 49.81 29.86 -54.08
CA ASP G 76 48.83 30.91 -54.35
C ASP G 76 49.60 32.21 -54.52
N TYR G 77 50.88 32.16 -54.15
CA TYR G 77 51.78 33.30 -54.20
C TYR G 77 53.01 33.04 -55.06
N GLU G 78 53.00 31.99 -55.87
CA GLU G 78 54.16 31.68 -56.71
C GLU G 78 54.36 32.62 -57.88
N ASN G 79 53.38 33.46 -58.18
CA ASN G 79 53.54 34.38 -59.29
C ASN G 79 52.90 35.70 -58.89
N ASP G 80 53.23 36.15 -57.69
CA ASP G 80 52.66 37.38 -57.16
C ASP G 80 53.61 38.59 -57.21
N GLN G 81 54.80 38.40 -57.78
CA GLN G 81 55.78 39.47 -57.91
C GLN G 81 55.14 40.87 -58.05
CA GLU H 8 80.16 50.87 -12.15
C GLU H 8 79.74 49.51 -12.75
N GLU H 9 80.18 48.43 -12.12
CA GLU H 9 79.88 47.06 -12.57
C GLU H 9 78.47 46.60 -12.17
N GLU H 10 77.48 47.47 -12.38
CA GLU H 10 76.09 47.16 -12.05
C GLU H 10 75.13 47.87 -13.00
N GLU H 11 74.61 47.10 -13.96
CA GLU H 11 73.68 47.59 -14.98
C GLU H 11 72.38 46.76 -14.97
N LEU H 12 71.23 47.43 -14.88
CA LEU H 12 69.92 46.74 -14.83
C LEU H 12 69.51 46.04 -16.12
N VAL H 13 69.56 44.72 -16.14
CA VAL H 13 69.21 43.92 -17.31
C VAL H 13 68.04 42.97 -17.06
N ASP H 14 67.12 42.92 -18.00
CA ASP H 14 65.95 42.07 -17.87
C ASP H 14 66.29 40.63 -18.27
N PRO H 15 66.33 39.71 -17.31
CA PRO H 15 66.66 38.32 -17.66
C PRO H 15 65.84 37.84 -18.85
N LEU H 16 64.70 38.49 -19.08
CA LEU H 16 63.87 38.08 -20.19
C LEU H 16 64.59 38.26 -21.51
N THR H 17 65.13 39.46 -21.72
CA THR H 17 65.84 39.77 -22.95
C THR H 17 67.04 38.86 -23.15
N THR H 18 67.72 38.51 -22.05
CA THR H 18 68.88 37.62 -22.11
C THR H 18 68.48 36.23 -22.60
N ILE H 19 67.56 35.58 -21.87
CA ILE H 19 67.08 34.25 -22.21
C ILE H 19 66.44 34.15 -23.57
N ARG H 20 65.89 35.28 -24.04
CA ARG H 20 65.29 35.30 -25.37
C ARG H 20 66.43 35.07 -26.37
N GLU H 21 67.55 35.73 -26.13
CA GLU H 21 68.69 35.60 -27.02
C GLU H 21 69.21 34.18 -27.02
N HIS H 22 69.50 33.65 -25.84
CA HIS H 22 70.01 32.28 -25.74
C HIS H 22 69.10 31.26 -26.43
N CYS H 23 67.79 31.46 -26.33
CA CYS H 23 66.85 30.53 -26.96
C CYS H 23 66.77 30.68 -28.48
N GLU H 24 66.96 31.89 -28.98
CA GLU H 24 66.92 32.11 -30.42
C GLU H 24 68.07 31.41 -31.13
N GLN H 25 69.05 30.97 -30.35
CA GLN H 25 70.22 30.26 -30.85
C GLN H 25 70.02 28.77 -30.60
N THR H 26 68.80 28.29 -30.87
CA THR H 26 68.43 26.90 -30.71
C THR H 26 68.07 26.35 -32.05
N GLU H 27 68.36 25.08 -32.28
CA GLU H 27 68.07 24.48 -33.56
C GLU H 27 66.64 24.80 -34.04
N LYS H 28 65.65 24.59 -33.17
CA LYS H 28 64.24 24.83 -33.52
C LYS H 28 63.93 26.26 -33.93
N CYS H 29 64.51 27.23 -33.21
CA CYS H 29 64.29 28.65 -33.51
C CYS H 29 65.04 29.06 -34.75
N VAL H 30 66.32 28.69 -34.80
CA VAL H 30 67.17 29.02 -35.93
C VAL H 30 66.46 28.66 -37.21
N LYS H 31 65.82 27.51 -37.21
CA LYS H 31 65.11 27.05 -38.38
C LYS H 31 63.86 27.89 -38.63
N ALA H 32 63.02 28.02 -37.60
CA ALA H 32 61.78 28.78 -37.69
C ALA H 32 62.07 30.22 -38.07
N ARG H 33 63.17 30.73 -37.53
CA ARG H 33 63.63 32.09 -37.77
C ARG H 33 64.07 32.21 -39.24
N GLU H 34 64.64 31.14 -39.75
CA GLU H 34 65.12 31.09 -41.12
C GLU H 34 64.00 31.18 -42.15
N ARG H 35 62.95 30.38 -41.96
CA ARG H 35 61.83 30.40 -42.89
C ARG H 35 61.09 31.73 -42.82
N LEU H 36 61.19 32.40 -41.67
CA LEU H 36 60.54 33.68 -41.47
C LEU H 36 61.16 34.75 -42.33
N GLU H 37 62.48 34.87 -42.23
CA GLU H 37 63.18 35.87 -43.01
C GLU H 37 63.04 35.66 -44.51
N LEU H 38 62.89 34.41 -44.93
CA LEU H 38 62.73 34.14 -46.36
C LEU H 38 61.38 34.70 -46.80
N CYS H 39 60.38 34.54 -45.95
CA CYS H 39 59.04 35.03 -46.26
C CYS H 39 59.11 36.54 -46.35
N ASP H 40 59.61 37.14 -45.27
CA ASP H 40 59.74 38.59 -45.21
C ASP H 40 60.33 39.08 -46.52
N ALA H 41 61.44 38.47 -46.89
CA ALA H 41 62.16 38.76 -48.11
C ALA H 41 61.27 38.87 -49.34
N ARG H 42 60.56 37.80 -49.68
CA ARG H 42 59.73 37.87 -50.86
C ARG H 42 58.50 38.73 -50.71
N VAL H 43 57.88 38.72 -49.54
CA VAL H 43 56.69 39.53 -49.31
C VAL H 43 57.04 41.01 -49.43
N SER H 44 58.22 41.35 -48.90
CA SER H 44 58.72 42.72 -48.91
C SER H 44 59.07 43.22 -50.31
N SER H 45 59.63 42.32 -51.12
CA SER H 45 60.03 42.65 -52.46
C SER H 45 58.94 42.52 -53.50
N ARG H 46 57.68 42.58 -53.09
CA ARG H 46 56.59 42.47 -54.03
C ARG H 46 55.57 43.57 -53.87
N SER H 47 55.09 44.09 -54.99
CA SER H 47 54.13 45.16 -54.93
C SER H 47 52.68 44.71 -55.09
N HIS H 48 52.46 43.41 -55.25
CA HIS H 48 51.09 42.91 -55.45
C HIS H 48 50.71 41.60 -54.75
N THR H 49 51.54 41.11 -53.81
CA THR H 49 51.27 39.86 -53.08
C THR H 49 50.37 40.00 -51.82
N GLU H 50 49.27 39.26 -51.82
CA GLU H 50 48.35 39.27 -50.69
C GLU H 50 48.93 38.49 -49.51
N GLU H 51 50.04 37.81 -49.76
CA GLU H 51 50.73 37.00 -48.76
C GLU H 51 51.12 37.80 -47.52
N GLN H 52 51.35 37.09 -46.40
CA GLN H 52 51.74 37.71 -45.13
C GLN H 52 52.69 36.75 -44.44
N CYS H 53 53.39 37.20 -43.40
CA CYS H 53 54.32 36.28 -42.75
C CYS H 53 53.95 35.95 -41.32
N THR H 54 52.68 36.10 -40.98
CA THR H 54 52.18 35.83 -39.64
C THR H 54 52.52 34.41 -39.23
N GLU H 55 52.09 33.47 -40.06
CA GLU H 55 52.31 32.06 -39.82
C GLU H 55 53.77 31.77 -39.44
N GLU H 56 54.69 32.25 -40.25
CA GLU H 56 56.09 32.01 -39.96
C GLU H 56 56.47 32.69 -38.66
N LEU H 57 56.03 33.94 -38.49
CA LEU H 57 56.34 34.67 -37.28
C LEU H 57 55.86 33.92 -36.05
N PHE H 58 54.67 33.34 -36.15
CA PHE H 58 54.08 32.58 -35.06
C PHE H 58 54.92 31.34 -34.77
N ASP H 59 55.18 30.53 -35.80
CA ASP H 59 55.98 29.32 -35.58
C ASP H 59 57.25 29.69 -34.82
N PHE H 60 57.81 30.86 -35.11
CA PHE H 60 59.02 31.28 -34.44
C PHE H 60 58.78 31.65 -33.00
N LEU H 61 57.85 32.57 -32.79
CA LEU H 61 57.53 33.03 -31.45
C LEU H 61 57.12 31.90 -30.53
N HIS H 62 56.44 30.90 -31.12
CA HIS H 62 55.98 29.76 -30.36
C HIS H 62 57.13 28.95 -29.80
N ALA H 63 58.07 28.63 -30.66
CA ALA H 63 59.25 27.85 -30.26
C ALA H 63 60.16 28.63 -29.32
N ARG H 64 60.35 29.91 -29.63
CA ARG H 64 61.21 30.75 -28.82
C ARG H 64 60.64 30.86 -27.42
N ASP H 65 59.39 31.34 -27.36
CA ASP H 65 58.70 31.55 -26.10
C ASP H 65 58.53 30.29 -25.27
N HIS H 66 58.20 29.17 -25.91
CA HIS H 66 58.06 27.93 -25.15
C HIS H 66 59.38 27.69 -24.39
N CYS H 67 60.50 27.92 -25.07
CA CYS H 67 61.82 27.73 -24.50
C CYS H 67 62.04 28.69 -23.32
N VAL H 68 61.66 29.94 -23.50
CA VAL H 68 61.82 30.94 -22.46
C VAL H 68 61.12 30.59 -21.17
N ALA H 69 59.88 30.10 -21.29
CA ALA H 69 59.06 29.72 -20.14
C ALA H 69 59.77 28.70 -19.23
N HIS H 70 60.55 27.83 -19.85
CA HIS H 70 61.29 26.80 -19.12
C HIS H 70 62.35 27.36 -18.20
N LYS H 71 62.88 28.53 -18.57
CA LYS H 71 63.97 29.13 -17.82
C LYS H 71 63.73 30.47 -17.11
N LEU H 72 62.95 31.35 -17.75
CA LEU H 72 62.70 32.67 -17.20
C LEU H 72 62.38 32.81 -15.71
N PHE H 73 61.34 32.15 -15.22
CA PHE H 73 61.02 32.34 -13.82
C PHE H 73 62.08 31.97 -12.81
N ASN H 74 63.15 31.32 -13.27
CA ASN H 74 64.22 30.93 -12.36
C ASN H 74 64.99 32.14 -11.93
N LYS H 75 65.13 33.09 -12.86
CA LYS H 75 65.87 34.31 -12.63
C LYS H 75 65.09 35.48 -12.02
N LEU H 76 63.77 35.33 -11.87
CA LEU H 76 62.93 36.36 -11.28
C LEU H 76 62.58 36.08 -9.81
N LYS H 77 62.10 37.09 -9.10
CA LYS H 77 61.74 36.88 -7.70
C LYS H 77 60.23 36.66 -7.47
N UNK I 1 4.14 -31.26 31.75
CA UNK I 1 4.93 -30.09 32.22
C UNK I 1 6.45 -30.32 32.21
N UNK I 2 6.91 -31.34 31.48
CA UNK I 2 8.34 -31.65 31.40
C UNK I 2 8.64 -32.81 30.43
N UNK I 3 7.99 -32.79 29.28
CA UNK I 3 8.15 -33.81 28.24
C UNK I 3 6.97 -33.75 27.25
N UNK I 4 7.21 -34.17 26.01
CA UNK I 4 6.14 -34.16 25.04
C UNK I 4 6.46 -33.58 23.67
N UNK I 5 6.43 -32.24 23.57
CA UNK I 5 6.68 -31.57 22.30
C UNK I 5 5.74 -32.14 21.26
N UNK I 6 4.52 -31.61 21.17
CA UNK I 6 3.55 -32.15 20.21
C UNK I 6 3.61 -31.62 18.79
N UNK I 7 3.35 -32.53 17.86
CA UNK I 7 3.36 -32.30 16.43
C UNK I 7 2.56 -31.09 15.90
N UNK I 8 2.34 -31.03 14.57
CA UNK I 8 1.60 -29.99 13.82
C UNK I 8 0.93 -30.46 12.52
N UNK I 9 -0.40 -30.31 12.45
CA UNK I 9 -1.13 -30.74 11.26
C UNK I 9 -1.78 -29.63 10.43
N UNK I 10 -2.67 -30.03 9.53
CA UNK I 10 -3.38 -29.09 8.66
C UNK I 10 -4.84 -28.92 9.09
N UNK I 11 -5.51 -27.89 8.56
CA UNK I 11 -6.88 -27.67 8.96
C UNK I 11 -7.90 -27.75 7.85
N UNK I 12 -7.43 -27.75 6.60
CA UNK I 12 -8.32 -27.82 5.46
C UNK I 12 -9.28 -28.99 5.62
N UNK I 13 -8.72 -30.15 5.95
CA UNK I 13 -9.50 -31.36 6.14
C UNK I 13 -8.55 -32.50 6.47
N UNK I 14 -7.52 -32.17 7.25
CA UNK I 14 -6.52 -33.14 7.65
C UNK I 14 -5.19 -32.80 6.96
N UNK I 15 -4.09 -33.32 7.49
CA UNK I 15 -2.79 -33.05 6.89
C UNK I 15 -2.37 -34.13 5.91
CA ARG I 16 7.22 -39.95 9.95
C ARG I 16 6.60 -41.31 9.65
N PRO I 17 6.90 -41.89 8.47
CA PRO I 17 6.39 -43.20 8.03
C PRO I 17 7.17 -44.40 8.56
N LEU I 18 6.47 -45.52 8.76
CA LEU I 18 7.09 -46.73 9.28
C LEU I 18 7.21 -47.80 8.17
N LEU I 19 8.45 -48.20 7.88
CA LEU I 19 8.72 -49.17 6.81
C LEU I 19 9.12 -50.61 7.23
N CYS I 20 9.92 -50.74 8.29
CA CYS I 20 10.37 -52.06 8.76
C CYS I 20 9.64 -52.61 9.99
N ARG I 21 9.73 -53.92 10.21
CA ARG I 21 9.10 -54.55 11.37
C ARG I 21 9.67 -53.96 12.65
N GLU I 22 10.93 -53.53 12.59
CA GLU I 22 11.64 -52.94 13.74
C GLU I 22 11.01 -51.63 14.21
N SER I 23 10.54 -50.81 13.27
CA SER I 23 9.94 -49.51 13.57
C SER I 23 8.46 -49.62 13.94
N MET I 24 7.75 -50.53 13.27
CA MET I 24 6.34 -50.73 13.51
C MET I 24 6.03 -51.38 14.86
N SER I 25 6.85 -52.35 15.27
CA SER I 25 6.65 -53.07 16.54
C SER I 25 6.19 -52.17 17.70
N GLY I 26 4.98 -52.45 18.21
CA GLY I 26 4.41 -51.69 19.31
C GLY I 26 3.34 -50.71 18.86
N ARG I 27 3.12 -50.64 17.55
CA ARG I 27 2.13 -49.74 16.97
C ARG I 27 0.71 -50.34 16.90
N SER I 28 0.56 -51.60 17.31
CA SER I 28 -0.76 -52.23 17.31
C SER I 28 -1.45 -51.92 18.63
N ALA I 29 -2.74 -51.59 18.60
CA ALA I 29 -3.46 -51.25 19.83
C ALA I 29 -3.21 -52.31 20.87
N ARG I 30 -2.71 -51.89 22.03
CA ARG I 30 -2.42 -52.83 23.10
C ARG I 30 -3.68 -53.01 23.95
N ARG I 31 -4.34 -51.89 24.24
CA ARG I 31 -5.56 -51.88 25.06
C ARG I 31 -6.48 -50.71 24.68
N ASP I 32 -7.12 -50.10 25.68
CA ASP I 32 -8.05 -48.99 25.42
C ASP I 32 -7.38 -47.72 24.90
N LEU I 33 -8.19 -46.81 24.39
CA LEU I 33 -7.72 -45.54 23.87
C LEU I 33 -7.94 -44.45 24.91
N VAL I 34 -6.90 -43.70 25.25
CA VAL I 34 -7.03 -42.64 26.25
C VAL I 34 -6.70 -41.29 25.62
N ALA I 35 -7.23 -40.23 26.21
CA ALA I 35 -6.99 -38.90 25.72
C ALA I 35 -6.52 -38.09 26.91
N GLY I 36 -5.67 -37.11 26.66
CA GLY I 36 -5.17 -36.28 27.73
C GLY I 36 -4.87 -34.90 27.19
N ILE I 37 -5.04 -33.89 28.05
CA ILE I 37 -4.75 -32.52 27.66
C ILE I 37 -4.14 -31.79 28.84
N SER I 38 -3.16 -30.96 28.56
CA SER I 38 -2.50 -30.23 29.62
C SER I 38 -2.63 -28.74 29.36
N LEU I 39 -2.31 -27.92 30.35
CA LEU I 39 -2.38 -26.48 30.20
C LEU I 39 -1.05 -25.95 29.63
N ASN I 40 0.06 -26.56 30.07
CA ASN I 40 1.41 -26.16 29.64
C ASN I 40 2.26 -27.34 29.14
N ALA I 41 1.61 -28.32 28.54
CA ALA I 41 2.34 -29.46 28.03
C ALA I 41 1.59 -29.99 26.82
N PRO I 42 2.27 -30.82 26.01
CA PRO I 42 1.69 -31.41 24.81
C PRO I 42 0.46 -32.29 25.07
N ALA I 43 -0.34 -32.50 24.03
CA ALA I 43 -1.53 -33.34 24.12
C ALA I 43 -1.10 -34.80 23.99
N SER I 44 -1.57 -35.64 24.91
CA SER I 44 -1.25 -37.06 24.91
C SER I 44 -2.35 -37.93 24.28
N VAL I 45 -1.97 -39.16 23.96
CA VAL I 45 -2.87 -40.14 23.36
C VAL I 45 -2.14 -41.50 23.33
N ARG I 46 -2.77 -42.54 23.90
CA ARG I 46 -2.21 -43.90 23.97
C ARG I 46 -2.74 -44.87 22.91
N ALA J 1 46.59 -8.16 24.39
CA ALA J 1 45.89 -8.06 23.07
C ALA J 1 44.94 -6.87 23.10
N LEU J 2 45.30 -5.81 22.39
CA LEU J 2 44.46 -4.62 22.35
C LEU J 2 43.13 -4.91 21.67
N LEU J 3 43.18 -5.69 20.58
CA LEU J 3 41.99 -5.99 19.83
C LEU J 3 40.94 -6.56 20.77
N ARG J 4 41.33 -7.51 21.60
CA ARG J 4 40.39 -8.08 22.53
C ARG J 4 39.99 -7.01 23.55
N GLN J 5 40.98 -6.33 24.10
CA GLN J 5 40.72 -5.29 25.09
C GLN J 5 39.76 -4.29 24.52
N ALA J 6 40.08 -3.82 23.31
CA ALA J 6 39.27 -2.86 22.60
C ALA J 6 37.84 -3.38 22.44
N TYR J 7 37.73 -4.58 21.89
CA TYR J 7 36.44 -5.17 21.70
C TYR J 7 35.67 -5.17 23.02
N SER J 8 36.25 -5.73 24.07
CA SER J 8 35.58 -5.81 25.35
C SER J 8 35.15 -4.48 25.96
N ALA J 9 36.11 -3.57 26.12
CA ALA J 9 35.86 -2.27 26.69
C ALA J 9 35.09 -1.27 25.81
N LEU J 10 35.46 -1.20 24.53
CA LEU J 10 34.88 -0.25 23.59
C LEU J 10 33.78 -0.68 22.62
N PHE J 11 34.04 -1.70 21.82
CA PHE J 11 33.08 -2.11 20.79
C PHE J 11 31.93 -3.06 21.13
N ARG J 12 31.93 -3.66 22.32
CA ARG J 12 30.87 -4.60 22.69
C ARG J 12 29.54 -3.92 22.99
N ARG J 13 29.50 -3.13 24.07
CA ARG J 13 28.29 -2.42 24.45
C ARG J 13 28.06 -1.22 23.52
N THR J 14 26.95 -1.25 22.79
CA THR J 14 26.63 -0.19 21.84
C THR J 14 26.70 1.22 22.43
N SER J 15 26.52 1.35 23.73
CA SER J 15 26.60 2.67 24.33
C SER J 15 28.06 3.13 24.37
N THR J 16 28.97 2.21 24.68
CA THR J 16 30.39 2.54 24.75
C THR J 16 30.99 2.71 23.36
N PHE J 17 30.39 2.05 22.38
CA PHE J 17 30.88 2.20 21.02
C PHE J 17 30.66 3.64 20.58
N ALA J 18 29.46 4.16 20.82
CA ALA J 18 29.15 5.55 20.45
C ALA J 18 30.09 6.49 21.19
N LEU J 19 30.26 6.20 22.47
CA LEU J 19 31.13 7.04 23.27
C LEU J 19 32.52 7.07 22.65
N THR J 20 32.98 5.91 22.16
CA THR J 20 34.30 5.81 21.55
C THR J 20 34.36 6.62 20.27
N VAL J 21 33.31 6.57 19.47
CA VAL J 21 33.28 7.33 18.23
C VAL J 21 33.36 8.82 18.52
N VAL J 22 32.57 9.28 19.49
CA VAL J 22 32.54 10.70 19.86
C VAL J 22 33.89 11.18 20.41
N LEU J 23 34.38 10.52 21.44
CA LEU J 23 35.65 10.92 22.02
C LEU J 23 36.77 10.67 21.02
N GLY J 24 36.56 9.69 20.13
CA GLY J 24 37.54 9.36 19.13
C GLY J 24 37.59 10.45 18.08
N ALA J 25 36.42 10.96 17.72
CA ALA J 25 36.32 12.02 16.75
C ALA J 25 37.03 13.26 17.29
N VAL J 26 36.66 13.72 18.48
CA VAL J 26 37.29 14.91 19.04
C VAL J 26 38.81 14.88 18.93
N LEU J 27 39.42 13.79 19.40
CA LEU J 27 40.87 13.64 19.33
C LEU J 27 41.36 13.62 17.89
N PHE J 28 40.65 12.91 17.03
CA PHE J 28 41.04 12.82 15.63
C PHE J 28 41.06 14.18 14.97
N GLU J 29 40.05 15.00 15.25
CA GLU J 29 39.99 16.33 14.65
C GLU J 29 41.23 17.15 15.04
N ARG J 30 41.36 17.39 16.34
CA ARG J 30 42.49 18.14 16.87
C ARG J 30 43.78 17.73 16.16
N ALA J 31 44.08 16.44 16.19
CA ALA J 31 45.29 15.94 15.57
C ALA J 31 45.32 16.12 14.06
N PHE J 32 44.31 15.61 13.39
CA PHE J 32 44.25 15.70 11.94
C PHE J 32 44.42 17.12 11.43
N ASP J 33 43.77 18.09 12.07
CA ASP J 33 43.90 19.46 11.59
C ASP J 33 45.35 19.95 11.72
N GLN J 34 45.91 19.86 12.93
CA GLN J 34 47.28 20.29 13.18
C GLN J 34 48.24 19.71 12.16
N GLY J 35 48.11 18.41 11.92
CA GLY J 35 48.98 17.76 10.95
C GLY J 35 48.82 18.31 9.56
N ALA J 36 47.57 18.40 9.08
CA ALA J 36 47.31 18.91 7.74
C ALA J 36 47.85 20.31 7.58
N ASP J 37 47.47 21.20 8.48
CA ASP J 37 47.96 22.57 8.41
C ASP J 37 49.48 22.57 8.37
N ALA J 38 50.11 21.73 9.18
CA ALA J 38 51.56 21.64 9.20
C ALA J 38 52.10 21.24 7.83
N ILE J 39 51.51 20.21 7.24
CA ILE J 39 51.96 19.75 5.93
C ILE J 39 51.79 20.85 4.90
N PHE J 40 50.69 21.60 4.99
CA PHE J 40 50.43 22.66 4.03
C PHE J 40 51.43 23.80 4.13
N GLU J 41 51.68 24.27 5.35
CA GLU J 41 52.61 25.38 5.54
C GLU J 41 54.04 24.99 5.21
N HIS J 42 54.43 23.77 5.53
CA HIS J 42 55.79 23.35 5.22
C HIS J 42 55.94 23.38 3.72
N LEU J 43 54.99 22.76 3.02
CA LEU J 43 55.04 22.73 1.58
C LEU J 43 55.02 24.13 0.98
N ASN J 44 54.68 25.14 1.79
CA ASN J 44 54.62 26.51 1.29
C ASN J 44 55.45 27.55 2.07
N GLU J 45 56.67 27.19 2.41
CA GLU J 45 57.54 28.09 3.16
C GLU J 45 57.81 29.46 2.56
N GLY J 46 57.74 30.47 3.42
CA GLY J 46 57.98 31.84 3.01
C GLY J 46 56.98 32.44 2.03
N LYS J 47 55.87 31.75 1.79
CA LYS J 47 54.90 32.26 0.84
C LYS J 47 53.69 32.87 1.48
N LEU J 48 53.36 32.35 2.64
CA LEU J 48 52.17 32.83 3.33
C LEU J 48 52.42 34.07 4.16
N TRP J 49 51.34 34.82 4.38
CA TRP J 49 51.41 36.04 5.16
C TRP J 49 51.92 35.71 6.55
N LYS J 50 51.61 34.51 7.02
CA LYS J 50 52.08 34.09 8.31
C LYS J 50 53.61 34.31 8.36
N HIS J 51 54.29 33.89 7.30
CA HIS J 51 55.74 33.98 7.17
C HIS J 51 56.34 35.36 6.96
N ILE J 52 55.85 36.10 5.97
CA ILE J 52 56.37 37.44 5.70
C ILE J 52 55.86 38.57 6.60
N LYS J 53 54.78 38.34 7.31
CA LYS J 53 54.17 39.35 8.19
C LYS J 53 55.09 40.21 9.05
N HIS J 54 56.13 39.60 9.62
CA HIS J 54 57.05 40.32 10.50
C HIS J 54 57.71 41.55 9.93
N LYS J 55 57.90 41.58 8.62
CA LYS J 55 58.55 42.71 7.97
C LYS J 55 57.83 44.04 8.10
N TYR J 56 56.50 44.01 8.16
CA TYR J 56 55.72 45.24 8.24
C TYR J 56 54.98 45.29 9.57
N GLU J 57 55.06 44.16 10.27
CA GLU J 57 54.41 44.00 11.56
C GLU J 57 55.22 44.71 12.65
N ALA J 58 55.00 46.02 12.78
CA ALA J 58 55.69 46.86 13.77
C ALA J 58 57.18 47.14 13.51
N SER J 59 57.66 46.84 12.31
CA SER J 59 59.07 47.08 11.95
C SER J 59 59.21 48.12 10.83
N GLU J 60 58.18 48.93 10.63
CA GLU J 60 58.21 49.96 9.59
C GLU J 60 57.53 51.28 10.00
N GLU J 61 58.09 52.38 9.50
CA GLU J 61 57.64 53.75 9.75
C GLU J 61 57.73 54.18 11.22
N THR K 3 -33.83 -31.21 -44.05
CA THR K 3 -33.16 -29.91 -43.67
C THR K 3 -33.96 -29.12 -42.63
N TYR K 4 -33.24 -28.40 -41.77
CA TYR K 4 -33.85 -27.59 -40.72
C TYR K 4 -35.08 -26.83 -41.23
N ALA K 5 -34.84 -26.00 -42.25
CA ALA K 5 -35.90 -25.20 -42.85
C ALA K 5 -37.18 -26.00 -43.06
N GLN K 6 -37.04 -27.18 -43.66
CA GLN K 6 -38.17 -28.04 -43.93
C GLN K 6 -38.77 -28.73 -42.71
N THR K 7 -37.95 -29.36 -41.87
CA THR K 7 -38.50 -30.00 -40.69
C THR K 7 -39.41 -29.02 -39.98
N LEU K 8 -39.07 -27.74 -40.10
CA LEU K 8 -39.84 -26.67 -39.45
C LEU K 8 -41.23 -26.43 -40.05
N GLN K 9 -41.38 -26.72 -41.34
CA GLN K 9 -42.66 -26.53 -42.02
C GLN K 9 -43.59 -27.71 -41.79
N ASN K 10 -43.04 -28.91 -41.93
CA ASN K 10 -43.83 -30.11 -41.75
C ASN K 10 -44.30 -30.35 -40.33
N ILE K 11 -44.18 -29.34 -39.47
CA ILE K 11 -44.63 -29.50 -38.11
C ILE K 11 -46.14 -29.32 -38.09
N PRO K 12 -46.87 -30.36 -37.63
CA PRO K 12 -48.33 -30.29 -37.58
C PRO K 12 -48.83 -28.99 -36.98
N GLU K 13 -49.86 -28.41 -37.58
CA GLU K 13 -50.42 -27.15 -37.12
C GLU K 13 -51.21 -27.27 -35.83
N THR K 14 -51.40 -26.12 -35.18
CA THR K 14 -52.15 -26.07 -33.93
C THR K 14 -53.57 -25.59 -34.20
N ASN K 15 -54.54 -26.43 -33.84
CA ASN K 15 -55.94 -26.12 -34.06
C ASN K 15 -56.52 -25.35 -32.88
N VAL K 16 -57.32 -24.35 -33.19
CA VAL K 16 -57.95 -23.56 -32.16
C VAL K 16 -59.40 -23.28 -32.53
N THR K 17 -60.32 -23.73 -31.69
CA THR K 17 -61.74 -23.50 -31.92
C THR K 17 -62.32 -22.97 -30.63
N THR K 18 -63.24 -22.02 -30.78
CA THR K 18 -63.86 -21.40 -29.63
C THR K 18 -65.25 -21.98 -29.36
N LEU K 19 -65.58 -22.10 -28.08
CA LEU K 19 -66.89 -22.59 -27.69
C LEU K 19 -67.73 -21.34 -27.46
N ASP K 20 -68.99 -21.41 -27.84
CA ASP K 20 -69.89 -20.27 -27.70
C ASP K 20 -69.99 -19.73 -26.27
N ASN K 21 -69.44 -20.46 -25.30
CA ASN K 21 -69.50 -19.99 -23.92
C ASN K 21 -68.29 -19.11 -23.59
N GLY K 22 -67.34 -19.02 -24.54
CA GLY K 22 -66.16 -18.21 -24.35
C GLY K 22 -64.81 -18.90 -24.21
N LEU K 23 -64.83 -20.22 -24.06
CA LEU K 23 -63.61 -21.00 -23.91
C LEU K 23 -62.96 -21.34 -25.25
N ARG K 24 -61.64 -21.39 -25.26
CA ARG K 24 -60.88 -21.70 -26.46
C ARG K 24 -60.21 -23.05 -26.33
N VAL K 25 -60.40 -23.91 -27.31
CA VAL K 25 -59.78 -25.22 -27.28
C VAL K 25 -58.72 -25.32 -28.37
N ALA K 26 -57.52 -25.74 -27.97
CA ALA K 26 -56.42 -25.87 -28.89
C ALA K 26 -55.54 -27.09 -28.63
N SER K 27 -54.86 -27.55 -29.67
CA SER K 27 -54.01 -28.73 -29.54
C SER K 27 -53.14 -29.00 -30.76
N GLU K 28 -52.09 -29.77 -30.53
CA GLU K 28 -51.18 -30.19 -31.58
C GLU K 28 -51.12 -31.70 -31.52
N GLU K 29 -51.59 -32.33 -32.59
CA GLU K 29 -51.65 -33.76 -32.70
C GLU K 29 -50.38 -34.40 -33.22
N SER K 30 -49.84 -35.31 -32.42
CA SER K 30 -48.63 -36.05 -32.75
C SER K 30 -48.98 -37.51 -32.95
N SER K 31 -47.95 -38.32 -33.18
CA SER K 31 -48.14 -39.74 -33.39
C SER K 31 -48.00 -40.46 -32.04
N GLN K 32 -47.76 -39.71 -30.99
CA GLN K 32 -47.55 -40.28 -29.66
C GLN K 32 -48.71 -40.88 -28.90
N PRO K 33 -48.50 -42.06 -28.29
CA PRO K 33 -49.40 -42.89 -27.48
C PRO K 33 -49.73 -42.28 -26.15
N THR K 34 -48.87 -41.39 -25.70
CA THR K 34 -49.04 -40.69 -24.45
C THR K 34 -49.40 -39.24 -24.81
N CYS K 35 -49.88 -38.47 -23.85
CA CYS K 35 -50.24 -37.08 -24.11
C CYS K 35 -50.38 -36.23 -22.85
N THR K 36 -50.65 -34.94 -23.06
CA THR K 36 -50.81 -33.99 -21.97
C THR K 36 -51.91 -33.00 -22.34
N VAL K 37 -52.85 -32.81 -21.43
CA VAL K 37 -53.91 -31.84 -21.65
C VAL K 37 -54.21 -31.15 -20.33
N GLY K 38 -54.53 -29.86 -20.40
CA GLY K 38 -54.82 -29.09 -19.22
C GLY K 38 -55.43 -27.74 -19.57
N VAL K 39 -55.78 -27.00 -18.54
CA VAL K 39 -56.37 -25.68 -18.73
C VAL K 39 -55.49 -24.56 -18.18
N TRP K 40 -55.09 -23.66 -19.07
CA TRP K 40 -54.27 -22.50 -18.73
C TRP K 40 -55.22 -21.35 -18.50
N ILE K 41 -55.16 -20.78 -17.30
CA ILE K 41 -56.05 -19.67 -16.95
C ILE K 41 -55.32 -18.33 -16.81
N GLY K 42 -55.97 -17.27 -17.26
CA GLY K 42 -55.40 -15.93 -17.13
C GLY K 42 -55.69 -15.33 -15.76
N ALA K 43 -55.21 -15.99 -14.71
CA ALA K 43 -55.41 -15.54 -13.34
C ALA K 43 -54.13 -15.68 -12.52
N GLY K 44 -53.98 -14.85 -11.50
CA GLY K 44 -52.79 -14.92 -10.67
C GLY K 44 -52.81 -13.92 -9.53
N SER K 45 -51.68 -13.74 -8.86
CA SER K 45 -51.60 -12.80 -7.75
C SER K 45 -51.77 -11.36 -8.23
N ARG K 46 -51.51 -11.13 -9.52
CA ARG K 46 -51.68 -9.76 -10.04
C ARG K 46 -53.16 -9.40 -9.97
N TYR K 47 -54.01 -10.40 -10.21
CA TYR K 47 -55.45 -10.21 -10.17
C TYR K 47 -55.96 -10.10 -8.75
N GLU K 48 -55.14 -10.49 -7.78
CA GLU K 48 -55.55 -10.41 -6.39
C GLU K 48 -55.57 -8.97 -5.91
N ASN K 49 -56.11 -8.77 -4.73
CA ASN K 49 -56.19 -7.46 -4.11
C ASN K 49 -55.46 -7.58 -2.79
N GLU K 50 -55.38 -6.50 -2.05
CA GLU K 50 -54.66 -6.50 -0.78
C GLU K 50 -55.17 -7.45 0.25
N LYS K 51 -56.45 -7.82 0.14
CA LYS K 51 -57.04 -8.72 1.14
C LYS K 51 -57.21 -10.19 0.75
N ASN K 52 -57.10 -10.50 -0.54
CA ASN K 52 -57.23 -11.89 -0.96
C ASN K 52 -55.90 -12.43 -1.49
N ASN K 53 -54.85 -11.64 -1.35
CA ASN K 53 -53.50 -12.02 -1.80
C ASN K 53 -53.17 -13.42 -1.29
N GLY K 54 -52.93 -14.35 -2.21
CA GLY K 54 -52.60 -15.71 -1.83
C GLY K 54 -53.76 -16.67 -1.99
N ALA K 55 -54.93 -16.14 -2.35
CA ALA K 55 -56.09 -16.98 -2.56
C ALA K 55 -55.79 -17.92 -3.72
N GLY K 56 -55.44 -17.37 -4.87
CA GLY K 56 -55.13 -18.19 -6.02
C GLY K 56 -54.14 -19.31 -5.72
N TYR K 57 -53.30 -19.10 -4.72
CA TYR K 57 -52.31 -20.10 -4.32
C TYR K 57 -53.01 -21.11 -3.41
N PHE K 58 -53.77 -20.57 -2.46
CA PHE K 58 -54.53 -21.38 -1.50
C PHE K 58 -55.46 -22.31 -2.28
N VAL K 59 -55.89 -21.85 -3.46
CA VAL K 59 -56.76 -22.63 -4.33
C VAL K 59 -55.97 -23.76 -4.97
N GLU K 60 -54.76 -23.45 -5.44
CA GLU K 60 -53.92 -24.46 -6.07
C GLU K 60 -53.70 -25.63 -5.11
N HIS K 61 -53.76 -25.33 -3.82
CA HIS K 61 -53.58 -26.34 -2.78
C HIS K 61 -54.80 -27.23 -2.56
N LEU K 62 -55.98 -26.75 -2.94
CA LEU K 62 -57.20 -27.51 -2.78
C LEU K 62 -57.66 -28.11 -4.10
N ALA K 63 -57.24 -27.49 -5.20
CA ALA K 63 -57.62 -27.94 -6.53
C ALA K 63 -57.57 -29.46 -6.69
N PHE K 64 -56.67 -30.10 -5.94
CA PHE K 64 -56.50 -31.55 -6.03
C PHE K 64 -57.08 -32.34 -4.86
N LYS K 65 -57.52 -31.64 -3.82
CA LYS K 65 -58.07 -32.33 -2.66
C LYS K 65 -59.54 -32.69 -2.83
N GLY K 66 -59.90 -32.99 -4.09
CA GLY K 66 -61.25 -33.41 -4.41
C GLY K 66 -62.30 -32.38 -4.80
N THR K 67 -63.25 -32.84 -5.62
CA THR K 67 -64.38 -32.02 -6.10
C THR K 67 -65.66 -32.53 -5.44
N LYS K 68 -66.79 -31.93 -5.78
CA LYS K 68 -68.07 -32.34 -5.22
C LYS K 68 -68.56 -33.66 -5.79
N LYS K 69 -68.51 -33.80 -7.11
CA LYS K 69 -68.95 -35.04 -7.76
C LYS K 69 -68.14 -36.25 -7.27
N ARG K 70 -66.97 -36.01 -6.68
CA ARG K 70 -66.14 -37.08 -6.16
C ARG K 70 -65.07 -36.56 -5.20
N PRO K 71 -65.28 -36.77 -3.89
CA PRO K 71 -64.38 -36.35 -2.81
C PRO K 71 -62.94 -36.85 -2.92
N CYS K 72 -62.09 -36.37 -2.00
CA CYS K 72 -60.64 -36.67 -1.97
C CYS K 72 -60.20 -38.08 -2.37
N ALA K 73 -60.36 -39.04 -1.46
CA ALA K 73 -59.97 -40.42 -1.72
C ALA K 73 -60.31 -40.87 -3.14
N ALA K 74 -61.58 -40.72 -3.51
CA ALA K 74 -62.05 -41.11 -4.83
C ALA K 74 -61.25 -40.46 -5.94
N PHE K 75 -61.19 -39.13 -5.91
CA PHE K 75 -60.47 -38.38 -6.93
C PHE K 75 -59.05 -38.90 -7.12
N GLU K 76 -58.24 -38.83 -6.08
CA GLU K 76 -56.87 -39.30 -6.16
C GLU K 76 -56.79 -40.70 -6.74
N LYS K 77 -57.46 -41.64 -6.07
CA LYS K 77 -57.48 -43.03 -6.47
C LYS K 77 -57.86 -43.20 -7.92
N GLU K 78 -58.82 -42.42 -8.40
CA GLU K 78 -59.24 -42.53 -9.79
C GLU K 78 -58.14 -42.11 -10.77
N VAL K 79 -57.41 -41.06 -10.41
CA VAL K 79 -56.33 -40.56 -11.25
C VAL K 79 -55.12 -41.49 -11.20
N GLU K 80 -54.64 -41.76 -9.99
CA GLU K 80 -53.52 -42.64 -9.82
C GLU K 80 -53.74 -43.91 -10.62
N SER K 81 -54.79 -44.65 -10.25
CA SER K 81 -55.15 -45.92 -10.89
C SER K 81 -55.14 -45.96 -12.42
N MET K 82 -55.18 -44.80 -13.07
CA MET K 82 -55.14 -44.80 -14.53
C MET K 82 -53.76 -44.40 -15.04
N GLY K 83 -52.81 -44.34 -14.10
CA GLY K 83 -51.43 -44.00 -14.39
C GLY K 83 -51.19 -42.58 -14.87
N ALA K 84 -52.18 -41.71 -14.70
CA ALA K 84 -52.06 -40.32 -15.13
C ALA K 84 -51.41 -39.42 -14.09
N HIS K 85 -50.75 -38.37 -14.57
CA HIS K 85 -50.06 -37.41 -13.70
C HIS K 85 -50.79 -36.08 -13.65
N PHE K 86 -51.17 -35.66 -12.44
CA PHE K 86 -51.85 -34.40 -12.29
C PHE K 86 -50.95 -33.38 -11.59
N ASN K 87 -50.72 -32.27 -12.28
CA ASN K 87 -49.88 -31.19 -11.75
C ASN K 87 -50.41 -29.86 -12.25
N GLY K 88 -49.84 -28.78 -11.72
CA GLY K 88 -50.24 -27.44 -12.11
C GLY K 88 -49.52 -26.39 -11.29
N TYR K 89 -49.73 -25.11 -11.61
CA TYR K 89 -49.06 -24.02 -10.91
C TYR K 89 -49.86 -22.72 -10.92
N THR K 90 -49.24 -21.66 -10.43
CA THR K 90 -49.90 -20.37 -10.38
C THR K 90 -48.87 -19.24 -10.18
N SER K 91 -48.71 -18.39 -11.19
CA SER K 91 -47.77 -17.27 -11.11
C SER K 91 -48.52 -15.97 -10.85
N ARG K 92 -47.89 -14.83 -11.16
CA ARG K 92 -48.50 -13.52 -10.96
C ARG K 92 -49.63 -13.24 -11.95
N GLU K 93 -49.44 -13.66 -13.21
CA GLU K 93 -50.42 -13.44 -14.25
C GLU K 93 -50.90 -14.69 -14.97
N GLN K 94 -50.69 -15.87 -14.39
CA GLN K 94 -51.11 -17.09 -15.09
C GLN K 94 -51.13 -18.33 -14.20
N THR K 95 -52.25 -19.07 -14.24
CA THR K 95 -52.42 -20.30 -13.46
C THR K 95 -52.64 -21.46 -14.45
N ALA K 96 -52.32 -22.68 -14.04
CA ALA K 96 -52.53 -23.81 -14.93
C ALA K 96 -52.61 -25.13 -14.18
N PHE K 97 -53.53 -25.99 -14.63
CA PHE K 97 -53.72 -27.33 -14.07
C PHE K 97 -53.72 -28.23 -15.31
N TYR K 98 -52.83 -29.21 -15.33
CA TYR K 98 -52.75 -30.09 -16.49
C TYR K 98 -52.47 -31.52 -16.08
N ILE K 99 -52.74 -32.44 -17.02
CA ILE K 99 -52.55 -33.86 -16.77
C ILE K 99 -51.84 -34.58 -17.92
N LYS K 100 -51.02 -35.55 -17.53
CA LYS K 100 -50.26 -36.38 -18.45
C LYS K 100 -50.84 -37.77 -18.35
N ALA K 101 -51.34 -38.29 -19.46
CA ALA K 101 -51.92 -39.62 -19.50
C ALA K 101 -51.81 -40.19 -20.91
N LEU K 102 -52.41 -41.36 -21.12
CA LEU K 102 -52.39 -42.00 -22.42
C LEU K 102 -53.42 -41.32 -23.31
N SER K 103 -53.12 -41.19 -24.59
CA SER K 103 -54.01 -40.56 -25.54
C SER K 103 -55.43 -41.17 -25.47
N LYS K 104 -55.49 -42.40 -24.97
CA LYS K 104 -56.73 -43.14 -24.79
C LYS K 104 -57.67 -42.46 -23.80
N ASP K 105 -57.13 -42.06 -22.66
CA ASP K 105 -57.92 -41.41 -21.63
C ASP K 105 -58.20 -39.95 -21.86
N MET K 106 -57.74 -39.42 -23.00
CA MET K 106 -57.93 -38.02 -23.36
C MET K 106 -59.30 -37.44 -22.95
N PRO K 107 -60.39 -38.17 -23.24
CA PRO K 107 -61.72 -37.70 -22.87
C PRO K 107 -61.99 -37.76 -21.36
N LYS K 108 -61.67 -38.88 -20.73
CA LYS K 108 -61.88 -39.00 -19.29
C LYS K 108 -61.03 -37.97 -18.53
N VAL K 109 -59.91 -37.59 -19.13
CA VAL K 109 -59.04 -36.59 -18.52
C VAL K 109 -59.83 -35.27 -18.51
N VAL K 110 -60.22 -34.83 -19.71
CA VAL K 110 -60.98 -33.60 -19.89
C VAL K 110 -62.10 -33.44 -18.87
N GLU K 111 -62.78 -34.53 -18.56
CA GLU K 111 -63.86 -34.46 -17.60
C GLU K 111 -63.29 -34.11 -16.23
N LEU K 112 -62.16 -34.73 -15.89
CA LEU K 112 -61.53 -34.48 -14.61
C LEU K 112 -61.12 -33.02 -14.48
N LEU K 113 -60.49 -32.51 -15.54
CA LEU K 113 -60.05 -31.12 -15.55
C LEU K 113 -61.27 -30.29 -15.23
N ALA K 114 -62.21 -30.27 -16.18
CA ALA K 114 -63.45 -29.52 -16.05
C ALA K 114 -64.01 -29.64 -14.64
N ASP K 115 -63.93 -30.83 -14.08
CA ASP K 115 -64.44 -31.06 -12.75
C ASP K 115 -63.67 -30.30 -11.68
N VAL K 116 -62.39 -30.09 -11.91
CA VAL K 116 -61.55 -29.39 -10.93
C VAL K 116 -61.70 -27.88 -10.93
N VAL K 117 -61.59 -27.29 -12.11
CA VAL K 117 -61.72 -25.85 -12.28
C VAL K 117 -63.15 -25.37 -11.95
N GLN K 118 -64.14 -26.17 -12.33
CA GLN K 118 -65.55 -25.86 -12.12
C GLN K 118 -66.14 -26.29 -10.78
N ASN K 119 -65.80 -27.50 -10.32
CA ASN K 119 -66.36 -28.04 -9.08
C ASN K 119 -65.47 -28.24 -7.85
N CYS K 120 -64.48 -27.40 -7.63
CA CYS K 120 -63.62 -27.61 -6.46
C CYS K 120 -64.47 -27.76 -5.16
N ALA K 121 -64.21 -28.84 -4.43
CA ALA K 121 -64.94 -29.12 -3.19
C ALA K 121 -64.82 -28.04 -2.12
N LEU K 122 -63.60 -27.60 -1.86
CA LEU K 122 -63.39 -26.56 -0.85
C LEU K 122 -63.94 -27.02 0.51
N GLU K 123 -63.60 -28.24 0.88
CA GLU K 123 -64.03 -28.80 2.15
C GLU K 123 -63.51 -27.96 3.31
N GLU K 124 -64.42 -27.43 4.12
CA GLU K 124 -64.06 -26.60 5.27
C GLU K 124 -62.97 -27.22 6.16
N SER K 125 -62.91 -28.55 6.19
CA SER K 125 -61.93 -29.26 7.02
C SER K 125 -60.56 -29.31 6.36
N GLN K 126 -60.57 -29.34 5.02
CA GLN K 126 -59.34 -29.41 4.23
C GLN K 126 -58.60 -28.08 4.34
N ILE K 127 -59.35 -26.99 4.25
CA ILE K 127 -58.80 -25.65 4.33
C ILE K 127 -57.98 -25.38 5.58
N GLU K 128 -58.34 -25.98 6.71
CA GLU K 128 -57.59 -25.76 7.94
C GLU K 128 -56.31 -26.57 7.95
N LYS K 129 -56.14 -27.42 6.95
CA LYS K 129 -54.96 -28.24 6.84
C LYS K 129 -53.96 -27.59 5.89
N GLU K 130 -54.43 -27.20 4.70
CA GLU K 130 -53.60 -26.55 3.69
C GLU K 130 -53.10 -25.21 4.20
N ARG K 131 -53.78 -24.69 5.22
CA ARG K 131 -53.43 -23.43 5.85
C ARG K 131 -52.13 -23.65 6.61
N GLY K 132 -52.05 -24.77 7.33
CA GLY K 132 -50.84 -25.09 8.07
C GLY K 132 -49.70 -25.46 7.14
N VAL K 133 -50.03 -26.18 6.06
CA VAL K 133 -49.08 -26.61 5.05
C VAL K 133 -48.50 -25.42 4.29
N ILE K 134 -49.37 -24.54 3.80
CA ILE K 134 -48.91 -23.36 3.09
C ILE K 134 -47.96 -22.59 4.00
N LEU K 135 -48.35 -22.34 5.25
CA LEU K 135 -47.48 -21.63 6.17
C LEU K 135 -46.08 -22.24 6.30
N GLN K 136 -45.94 -23.53 6.01
CA GLN K 136 -44.64 -24.19 6.09
C GLN K 136 -43.88 -23.92 4.83
N GLU K 137 -44.55 -24.11 3.70
CA GLU K 137 -43.91 -23.86 2.42
C GLU K 137 -43.38 -22.44 2.38
N LEU K 138 -43.97 -21.56 3.18
CA LEU K 138 -43.51 -20.18 3.22
C LEU K 138 -42.19 -20.14 3.96
N LYS K 139 -42.11 -20.84 5.09
CA LYS K 139 -40.88 -20.87 5.86
C LYS K 139 -39.77 -21.57 5.07
N GLU K 140 -40.14 -22.54 4.25
CA GLU K 140 -39.15 -23.23 3.43
C GLU K 140 -38.68 -22.24 2.38
N MET K 141 -39.56 -21.89 1.46
CA MET K 141 -39.24 -20.96 0.38
C MET K 141 -38.49 -19.72 0.87
N ASP K 142 -38.62 -19.40 2.15
CA ASP K 142 -37.97 -18.23 2.69
C ASP K 142 -36.46 -18.46 2.69
N ASN K 143 -36.06 -19.72 2.63
CA ASN K 143 -34.63 -20.03 2.64
C ASN K 143 -34.07 -20.27 1.25
N ASP K 144 -34.80 -19.86 0.23
CA ASP K 144 -34.31 -19.98 -1.13
C ASP K 144 -34.04 -18.57 -1.64
N MET K 145 -32.83 -18.09 -1.32
CA MET K 145 -32.36 -16.76 -1.69
C MET K 145 -32.71 -16.29 -3.08
N THR K 146 -32.58 -17.18 -4.05
CA THR K 146 -32.87 -16.83 -5.44
C THR K 146 -34.28 -16.30 -5.62
N ASN K 147 -35.22 -16.90 -4.90
CA ASN K 147 -36.62 -16.45 -4.99
C ASN K 147 -36.91 -15.29 -4.02
N VAL K 148 -36.33 -15.31 -2.83
CA VAL K 148 -36.51 -14.17 -1.93
C VAL K 148 -36.06 -12.94 -2.70
N THR K 149 -35.05 -13.12 -3.54
CA THR K 149 -34.48 -12.05 -4.33
C THR K 149 -35.36 -11.54 -5.45
N PHE K 150 -35.84 -12.44 -6.29
CA PHE K 150 -36.73 -12.01 -7.36
C PHE K 150 -38.04 -11.42 -6.82
N ASP K 151 -38.49 -11.91 -5.66
CA ASP K 151 -39.72 -11.39 -5.08
C ASP K 151 -39.42 -9.94 -4.71
N TYR K 152 -38.31 -9.74 -4.00
CA TYR K 152 -37.89 -8.40 -3.61
C TYR K 152 -37.69 -7.52 -4.82
N LEU K 153 -37.18 -8.09 -5.93
CA LEU K 153 -36.98 -7.29 -7.13
C LEU K 153 -38.31 -6.73 -7.57
N HIS K 154 -39.36 -7.57 -7.56
CA HIS K 154 -40.70 -7.13 -7.94
C HIS K 154 -41.22 -6.17 -6.88
N ALA K 155 -41.10 -6.61 -5.63
CA ALA K 155 -41.57 -5.84 -4.51
C ALA K 155 -41.16 -4.38 -4.56
N THR K 156 -40.22 -4.06 -5.45
CA THR K 156 -39.75 -2.68 -5.54
C THR K 156 -39.82 -2.19 -6.98
N ALA K 157 -39.41 -3.00 -7.93
CA ALA K 157 -39.45 -2.61 -9.33
C ALA K 157 -40.84 -2.12 -9.67
N PHE K 158 -41.83 -2.72 -8.99
CA PHE K 158 -43.24 -2.38 -9.18
C PHE K 158 -43.89 -1.99 -7.85
N GLN K 159 -43.07 -1.52 -6.91
CA GLN K 159 -43.54 -1.12 -5.59
C GLN K 159 -44.84 -0.32 -5.67
N GLY K 160 -45.72 -0.56 -4.69
CA GLY K 160 -46.98 0.15 -4.64
C GLY K 160 -48.04 -0.25 -5.66
N THR K 161 -47.83 -1.37 -6.36
CA THR K 161 -48.82 -1.83 -7.34
C THR K 161 -49.11 -3.32 -7.16
N ALA K 162 -49.85 -3.88 -8.09
CA ALA K 162 -50.24 -5.30 -8.03
C ALA K 162 -49.07 -6.24 -8.26
N LEU K 163 -48.27 -5.97 -9.27
CA LEU K 163 -47.14 -6.82 -9.57
C LEU K 163 -46.12 -6.84 -8.42
N ALA K 164 -46.31 -5.97 -7.44
CA ALA K 164 -45.40 -5.93 -6.30
C ALA K 164 -45.60 -7.07 -5.32
N ARG K 165 -46.73 -7.78 -5.44
CA ARG K 165 -47.03 -8.88 -4.52
C ARG K 165 -46.46 -10.25 -4.88
N THR K 166 -46.19 -11.06 -3.85
CA THR K 166 -45.68 -12.40 -4.02
C THR K 166 -46.82 -13.33 -4.42
N VAL K 167 -46.55 -14.42 -5.12
CA VAL K 167 -47.63 -15.32 -5.52
C VAL K 167 -48.24 -16.08 -4.33
N GLU K 168 -47.42 -16.41 -3.33
CA GLU K 168 -47.90 -17.11 -2.16
C GLU K 168 -48.68 -16.22 -1.19
N GLY K 169 -48.68 -14.91 -1.45
CA GLY K 169 -49.41 -14.01 -0.58
C GLY K 169 -48.68 -13.71 0.72
N THR K 170 -49.39 -13.07 1.64
CA THR K 170 -48.85 -12.69 2.94
C THR K 170 -49.12 -13.74 4.01
N THR K 171 -48.64 -13.48 5.22
CA THR K 171 -48.89 -14.40 6.31
C THR K 171 -50.32 -14.18 6.78
N GLU K 172 -50.70 -12.92 6.98
CA GLU K 172 -52.05 -12.61 7.44
C GLU K 172 -53.08 -13.16 6.50
N ASN K 173 -53.00 -12.80 5.22
CA ASN K 173 -53.94 -13.30 4.25
C ASN K 173 -54.15 -14.81 4.37
N ILE K 174 -53.05 -15.55 4.54
CA ILE K 174 -53.16 -17.00 4.62
C ILE K 174 -53.75 -17.48 5.94
N LYS K 175 -53.44 -16.78 7.02
CA LYS K 175 -53.96 -17.14 8.32
C LYS K 175 -55.46 -16.86 8.47
N HIS K 176 -56.00 -16.01 7.61
CA HIS K 176 -57.41 -15.66 7.71
C HIS K 176 -58.28 -15.90 6.48
N LEU K 177 -57.68 -16.12 5.32
CA LEU K 177 -58.45 -16.36 4.10
C LEU K 177 -59.59 -17.35 4.40
N THR K 178 -60.77 -17.10 3.81
CA THR K 178 -61.94 -17.93 4.06
C THR K 178 -62.47 -18.76 2.90
N ARG K 179 -63.26 -19.77 3.28
CA ARG K 179 -63.89 -20.67 2.34
C ARG K 179 -64.60 -19.75 1.33
N ALA K 180 -65.11 -18.65 1.85
CA ALA K 180 -65.82 -17.67 1.06
C ALA K 180 -64.91 -17.05 0.01
N ASP K 181 -63.81 -16.46 0.47
CA ASP K 181 -62.84 -15.80 -0.38
C ASP K 181 -62.32 -16.73 -1.45
N LEU K 182 -61.94 -17.95 -1.04
CA LEU K 182 -61.45 -18.94 -1.99
C LEU K 182 -62.55 -19.15 -3.01
N ALA K 183 -63.74 -19.42 -2.49
CA ALA K 183 -64.92 -19.64 -3.31
C ALA K 183 -65.03 -18.50 -4.29
N SER K 184 -65.15 -17.29 -3.75
CA SER K 184 -65.26 -16.09 -4.56
C SER K 184 -64.22 -16.05 -5.67
N TYR K 185 -62.94 -16.14 -5.29
CA TYR K 185 -61.83 -16.10 -6.24
C TYR K 185 -62.10 -17.01 -7.45
N ILE K 186 -62.43 -18.27 -7.15
CA ILE K 186 -62.69 -19.28 -8.17
C ILE K 186 -63.84 -18.91 -9.11
N ASP K 187 -64.92 -18.40 -8.51
CA ASP K 187 -66.12 -18.01 -9.25
C ASP K 187 -65.88 -16.72 -10.01
N THR K 188 -64.98 -15.90 -9.47
CA THR K 188 -64.66 -14.61 -10.07
C THR K 188 -63.67 -14.72 -11.23
N HIS K 189 -62.67 -15.59 -11.08
CA HIS K 189 -61.63 -15.72 -12.10
C HIS K 189 -61.66 -16.92 -13.04
N PHE K 190 -61.92 -18.12 -12.52
CA PHE K 190 -61.93 -19.32 -13.37
C PHE K 190 -63.16 -19.32 -14.28
N LYS K 191 -63.03 -18.67 -15.44
CA LYS K 191 -64.14 -18.55 -16.38
C LYS K 191 -63.77 -18.70 -17.84
N ALA K 192 -64.56 -19.51 -18.54
CA ALA K 192 -64.38 -19.83 -19.97
C ALA K 192 -63.67 -18.83 -20.88
N PRO K 193 -64.12 -17.57 -20.90
CA PRO K 193 -63.43 -16.63 -21.80
C PRO K 193 -61.95 -16.46 -21.44
N ARG K 194 -61.66 -16.46 -20.14
CA ARG K 194 -60.31 -16.33 -19.62
C ARG K 194 -59.57 -17.67 -19.48
N MET K 195 -60.09 -18.73 -20.08
CA MET K 195 -59.46 -20.06 -20.02
C MET K 195 -59.15 -20.64 -21.40
N VAL K 196 -58.22 -21.59 -21.41
CA VAL K 196 -57.84 -22.26 -22.64
C VAL K 196 -57.58 -23.74 -22.37
N LEU K 197 -58.20 -24.59 -23.17
CA LEU K 197 -58.01 -26.03 -23.03
C LEU K 197 -56.96 -26.41 -24.05
N ALA K 198 -55.77 -26.72 -23.53
CA ALA K 198 -54.64 -27.08 -24.39
C ALA K 198 -54.37 -28.57 -24.29
N ALA K 199 -54.03 -29.16 -25.43
CA ALA K 199 -53.76 -30.56 -25.46
C ALA K 199 -52.67 -30.84 -26.47
N ALA K 200 -51.79 -31.77 -26.12
CA ALA K 200 -50.70 -32.15 -27.02
C ALA K 200 -50.40 -33.65 -26.89
N GLY K 201 -50.10 -34.26 -28.03
CA GLY K 201 -49.78 -35.68 -28.07
C GLY K 201 -50.59 -36.36 -29.16
N GLY K 202 -51.05 -37.57 -28.91
CA GLY K 202 -51.86 -38.28 -29.90
C GLY K 202 -53.35 -38.07 -29.64
N ILE K 203 -53.90 -36.97 -30.11
CA ILE K 203 -55.30 -36.67 -29.86
C ILE K 203 -55.96 -35.97 -31.03
N SER K 204 -57.20 -36.37 -31.31
CA SER K 204 -57.99 -35.76 -32.38
C SER K 204 -58.58 -34.44 -31.87
N HIS K 205 -58.24 -33.35 -32.55
CA HIS K 205 -58.75 -32.05 -32.16
C HIS K 205 -60.25 -32.20 -31.92
N LYS K 206 -60.90 -32.90 -32.84
CA LYS K 206 -62.34 -33.18 -32.79
C LYS K 206 -62.70 -33.82 -31.47
N GLU K 207 -62.36 -35.09 -31.30
CA GLU K 207 -62.65 -35.80 -30.06
C GLU K 207 -62.41 -34.90 -28.85
N LEU K 208 -61.43 -34.00 -28.99
CA LEU K 208 -61.10 -33.07 -27.91
C LEU K 208 -62.21 -32.05 -27.72
N VAL K 209 -62.42 -31.24 -28.76
CA VAL K 209 -63.46 -30.21 -28.71
C VAL K 209 -64.82 -30.83 -28.38
N ASP K 210 -65.06 -32.05 -28.86
CA ASP K 210 -66.32 -32.73 -28.59
C ASP K 210 -66.45 -32.95 -27.08
N ALA K 211 -65.48 -33.64 -26.52
CA ALA K 211 -65.47 -33.91 -25.09
C ALA K 211 -65.51 -32.60 -24.33
N ALA K 212 -65.03 -31.54 -25.00
CA ALA K 212 -64.98 -30.21 -24.41
C ALA K 212 -66.38 -29.64 -24.22
N ARG K 213 -67.13 -29.61 -25.32
CA ARG K 213 -68.49 -29.09 -25.35
C ARG K 213 -69.34 -29.74 -24.27
N GLN K 214 -69.12 -31.03 -24.10
CA GLN K 214 -69.85 -31.85 -23.15
C GLN K 214 -69.55 -31.57 -21.67
N HIS K 215 -68.33 -31.17 -21.33
CA HIS K 215 -68.00 -30.91 -19.94
C HIS K 215 -67.78 -29.44 -19.57
N PHE K 216 -67.46 -28.65 -20.58
CA PHE K 216 -67.27 -27.22 -20.41
C PHE K 216 -68.51 -26.58 -21.06
N SER K 217 -69.64 -26.74 -20.37
CA SER K 217 -70.94 -26.27 -20.82
C SER K 217 -71.35 -24.85 -20.41
N GLY K 218 -71.39 -24.62 -19.09
CA GLY K 218 -71.77 -23.33 -18.52
C GLY K 218 -71.74 -22.12 -19.45
N VAL K 219 -72.91 -21.71 -19.92
CA VAL K 219 -73.00 -20.56 -20.83
C VAL K 219 -73.35 -19.23 -20.19
N SER K 220 -72.75 -18.18 -20.74
CA SER K 220 -72.94 -16.82 -20.31
C SER K 220 -74.25 -16.22 -20.84
N PHE K 221 -74.86 -15.38 -20.02
CA PHE K 221 -76.12 -14.74 -20.36
C PHE K 221 -75.92 -13.29 -20.79
N THR K 222 -75.37 -12.50 -19.87
CA THR K 222 -75.08 -11.09 -20.13
C THR K 222 -73.77 -10.92 -20.91
N TYR K 223 -73.49 -9.70 -21.33
CA TYR K 223 -72.27 -9.41 -22.07
C TYR K 223 -71.10 -9.40 -21.10
N LYS K 224 -71.32 -8.89 -19.90
CA LYS K 224 -70.26 -8.83 -18.90
C LYS K 224 -69.55 -10.17 -18.75
N GLU K 225 -70.31 -11.26 -18.72
CA GLU K 225 -69.73 -12.57 -18.56
C GLU K 225 -68.72 -12.94 -19.65
N ASP K 226 -69.01 -12.56 -20.89
CA ASP K 226 -68.13 -12.83 -22.04
C ASP K 226 -67.03 -11.78 -22.12
N ALA K 227 -66.88 -10.98 -21.07
CA ALA K 227 -65.89 -9.91 -21.08
C ALA K 227 -64.64 -10.19 -20.24
N VAL K 228 -63.49 -10.09 -20.90
CA VAL K 228 -62.19 -10.29 -20.27
C VAL K 228 -61.76 -8.92 -19.73
N PRO K 229 -61.67 -8.78 -18.39
CA PRO K 229 -61.28 -7.53 -17.72
C PRO K 229 -59.86 -7.05 -18.01
N ILE K 230 -59.73 -5.75 -18.30
CA ILE K 230 -58.43 -5.15 -18.55
C ILE K 230 -57.91 -4.76 -17.17
N LEU K 231 -56.65 -5.07 -16.91
CA LEU K 231 -56.04 -4.76 -15.62
C LEU K 231 -55.46 -3.38 -15.52
N PRO K 232 -55.48 -2.79 -14.30
CA PRO K 232 -54.92 -1.45 -14.11
C PRO K 232 -53.40 -1.58 -14.21
N ARG K 233 -52.79 -0.76 -15.05
CA ARG K 233 -51.35 -0.80 -15.28
C ARG K 233 -50.45 -0.55 -14.05
N CYS K 234 -49.31 -1.25 -14.02
CA CYS K 234 -48.34 -1.15 -12.93
C CYS K 234 -47.16 -0.24 -13.28
N ARG K 235 -46.85 0.66 -12.37
CA ARG K 235 -45.78 1.63 -12.55
C ARG K 235 -44.40 1.16 -12.08
N PHE K 236 -43.45 1.22 -13.00
CA PHE K 236 -42.07 0.83 -12.71
C PHE K 236 -41.31 1.92 -11.96
N THR K 237 -40.48 1.52 -11.00
CA THR K 237 -39.72 2.49 -10.22
C THR K 237 -38.23 2.13 -10.12
N GLY K 238 -37.38 3.06 -10.54
CA GLY K 238 -35.96 2.84 -10.43
C GLY K 238 -35.67 2.96 -8.95
N SER K 239 -35.23 1.88 -8.33
CA SER K 239 -34.96 1.93 -6.90
C SER K 239 -34.29 0.66 -6.43
N GLU K 240 -33.95 0.63 -5.15
CA GLU K 240 -33.30 -0.54 -4.61
C GLU K 240 -33.90 -0.88 -3.28
N ILE K 241 -33.60 -2.10 -2.85
CA ILE K 241 -34.03 -2.63 -1.57
C ILE K 241 -32.86 -3.54 -1.20
N ARG K 242 -32.34 -3.33 0.01
CA ARG K 242 -31.20 -4.10 0.47
C ARG K 242 -31.49 -4.85 1.73
N ALA K 243 -31.62 -6.16 1.61
CA ALA K 243 -31.86 -7.02 2.75
C ALA K 243 -30.53 -7.58 3.15
N ARG K 244 -29.91 -6.97 4.14
CA ARG K 244 -28.59 -7.42 4.55
C ARG K 244 -28.55 -8.37 5.71
N ASP K 245 -27.69 -9.38 5.56
CA ASP K 245 -27.48 -10.39 6.57
C ASP K 245 -26.10 -10.96 6.29
N ASP K 246 -25.10 -10.46 7.01
CA ASP K 246 -23.74 -10.93 6.81
C ASP K 246 -23.59 -12.38 7.26
N ALA K 247 -24.57 -12.90 7.98
CA ALA K 247 -24.51 -14.29 8.44
C ALA K 247 -24.78 -15.28 7.32
N LEU K 248 -25.20 -14.80 6.15
CA LEU K 248 -25.46 -15.70 5.02
C LEU K 248 -24.16 -15.93 4.28
N PRO K 249 -23.92 -17.17 3.84
CA PRO K 249 -22.72 -17.60 3.11
C PRO K 249 -22.39 -16.78 1.86
N VAL K 250 -23.36 -16.60 0.99
CA VAL K 250 -23.10 -15.84 -0.21
C VAL K 250 -24.16 -14.78 -0.40
N ALA K 251 -23.93 -13.86 -1.33
CA ALA K 251 -24.88 -12.82 -1.58
C ALA K 251 -25.52 -12.94 -2.98
N HIS K 252 -26.77 -12.49 -3.06
CA HIS K 252 -27.54 -12.52 -4.30
C HIS K 252 -27.88 -11.09 -4.71
N VAL K 253 -27.74 -10.81 -5.99
CA VAL K 253 -28.03 -9.48 -6.50
C VAL K 253 -28.77 -9.67 -7.82
N ALA K 254 -29.78 -8.82 -8.04
CA ALA K 254 -30.58 -8.83 -9.26
C ALA K 254 -30.83 -7.38 -9.64
N LEU K 255 -30.66 -7.08 -10.92
CA LEU K 255 -30.85 -5.73 -11.41
C LEU K 255 -31.65 -5.78 -12.69
N ALA K 256 -32.57 -4.84 -12.88
CA ALA K 256 -33.38 -4.85 -14.09
C ALA K 256 -34.02 -3.53 -14.48
N VAL K 257 -34.33 -3.42 -15.75
CA VAL K 257 -34.97 -2.25 -16.32
C VAL K 257 -36.40 -2.67 -16.69
N GLU K 258 -37.27 -1.74 -17.08
CA GLU K 258 -38.62 -2.14 -17.44
C GLU K 258 -38.71 -2.79 -18.84
N GLY K 259 -39.46 -3.88 -18.92
CA GLY K 259 -39.66 -4.62 -20.18
C GLY K 259 -40.88 -4.19 -20.96
N PRO K 260 -40.97 -4.55 -22.25
CA PRO K 260 -42.07 -4.21 -23.15
C PRO K 260 -43.42 -4.92 -23.05
N GLY K 261 -43.45 -6.13 -22.50
CA GLY K 261 -44.72 -6.82 -22.42
C GLY K 261 -44.98 -7.72 -23.62
N TRP K 262 -45.41 -8.94 -23.34
CA TRP K 262 -45.68 -9.97 -24.33
C TRP K 262 -45.83 -9.59 -25.78
N ALA K 263 -46.74 -8.68 -26.06
CA ALA K 263 -47.03 -8.25 -27.43
C ALA K 263 -45.95 -7.62 -28.29
N ASP K 264 -44.99 -6.93 -27.66
CA ASP K 264 -43.95 -6.24 -28.41
C ASP K 264 -42.92 -7.10 -29.12
N PRO K 265 -42.74 -6.88 -30.43
CA PRO K 265 -41.80 -7.63 -31.26
C PRO K 265 -40.36 -7.55 -30.75
N ASP K 266 -40.08 -6.45 -30.05
CA ASP K 266 -38.75 -6.24 -29.51
C ASP K 266 -38.32 -7.38 -28.58
N ASN K 267 -39.28 -8.03 -27.92
CA ASN K 267 -38.96 -9.13 -27.02
C ASN K 267 -38.09 -10.17 -27.68
N VAL K 268 -38.20 -10.30 -29.00
CA VAL K 268 -37.38 -11.27 -29.72
C VAL K 268 -35.91 -10.78 -29.60
N VAL K 269 -35.65 -9.54 -30.03
CA VAL K 269 -34.31 -8.96 -29.97
C VAL K 269 -33.78 -9.04 -28.54
N LEU K 270 -34.61 -8.65 -27.56
CA LEU K 270 -34.18 -8.71 -26.17
C LEU K 270 -33.64 -10.09 -25.82
N HIS K 271 -34.36 -11.12 -26.25
CA HIS K 271 -33.92 -12.49 -25.95
C HIS K 271 -32.62 -12.83 -26.67
N VAL K 272 -32.45 -12.29 -27.87
CA VAL K 272 -31.24 -12.51 -28.64
C VAL K 272 -30.10 -11.87 -27.86
N ALA K 273 -30.39 -10.74 -27.22
CA ALA K 273 -29.41 -10.02 -26.43
C ALA K 273 -28.97 -10.82 -25.22
N ASN K 274 -29.93 -11.35 -24.47
CA ASN K 274 -29.55 -12.15 -23.32
C ASN K 274 -28.77 -13.38 -23.76
N ALA K 275 -28.95 -13.77 -25.02
CA ALA K 275 -28.24 -14.94 -25.56
C ALA K 275 -26.76 -14.62 -25.66
N ILE K 276 -26.45 -13.37 -25.99
CA ILE K 276 -25.08 -12.93 -26.11
C ILE K 276 -24.37 -12.94 -24.74
N ILE K 277 -25.04 -12.40 -23.73
CA ILE K 277 -24.49 -12.37 -22.39
C ILE K 277 -24.56 -13.72 -21.73
N GLY K 278 -25.63 -14.46 -22.04
CA GLY K 278 -25.82 -15.81 -21.53
C GLY K 278 -25.96 -16.05 -20.04
N ARG K 279 -25.33 -17.13 -19.57
CA ARG K 279 -25.37 -17.48 -18.17
C ARG K 279 -24.20 -18.38 -17.83
N TYR K 280 -23.85 -18.42 -16.55
CA TYR K 280 -22.74 -19.21 -16.08
C TYR K 280 -23.06 -19.85 -14.74
N ASP K 281 -22.24 -20.81 -14.37
CA ASP K 281 -22.39 -21.53 -13.12
C ASP K 281 -21.16 -22.45 -13.00
N ARG K 282 -20.47 -22.34 -11.87
CA ARG K 282 -19.25 -23.12 -11.62
C ARG K 282 -19.12 -24.51 -12.23
N THR K 283 -20.22 -25.12 -12.64
CA THR K 283 -20.11 -26.47 -13.19
C THR K 283 -19.92 -26.50 -14.68
N PHE K 284 -20.16 -25.39 -15.35
CA PHE K 284 -19.96 -25.32 -16.80
C PHE K 284 -18.52 -25.72 -17.08
N GLY K 285 -18.35 -26.81 -17.81
CA GLY K 285 -17.02 -27.28 -18.13
C GLY K 285 -16.25 -26.41 -19.10
N GLY K 286 -16.97 -25.74 -20.00
CA GLY K 286 -16.34 -24.88 -20.99
C GLY K 286 -15.33 -23.93 -20.38
N GLY K 287 -15.54 -23.56 -19.11
CA GLY K 287 -14.63 -22.69 -18.39
C GLY K 287 -14.22 -21.39 -19.05
N LYS K 288 -12.96 -21.05 -18.95
CA LYS K 288 -12.41 -19.80 -19.51
C LYS K 288 -12.51 -19.66 -21.02
N HIS K 289 -13.09 -20.64 -21.69
CA HIS K 289 -13.22 -20.58 -23.13
C HIS K 289 -14.64 -20.32 -23.60
N LEU K 290 -15.55 -20.13 -22.64
CA LEU K 290 -16.93 -19.86 -22.97
C LEU K 290 -16.97 -18.64 -23.88
N SER K 291 -17.99 -18.56 -24.72
CA SER K 291 -18.10 -17.44 -25.62
C SER K 291 -18.64 -16.21 -24.89
N SER K 292 -19.43 -16.43 -23.85
CA SER K 292 -19.99 -15.35 -23.05
C SER K 292 -18.86 -14.63 -22.32
N ARG K 293 -18.58 -13.40 -22.72
CA ARG K 293 -17.51 -12.62 -22.11
C ARG K 293 -17.63 -12.53 -20.59
N LEU K 294 -18.83 -12.25 -20.11
CA LEU K 294 -19.05 -12.13 -18.67
C LEU K 294 -18.73 -13.46 -18.01
N ALA K 295 -19.03 -14.55 -18.71
CA ALA K 295 -18.76 -15.88 -18.19
C ALA K 295 -17.26 -16.07 -18.04
N ALA K 296 -16.52 -15.68 -19.09
CA ALA K 296 -15.07 -15.78 -19.12
C ALA K 296 -14.47 -14.99 -17.97
N LEU K 297 -14.85 -13.73 -17.85
CA LEU K 297 -14.36 -12.90 -16.75
C LEU K 297 -14.70 -13.59 -15.45
N ALA K 298 -15.96 -13.95 -15.30
CA ALA K 298 -16.43 -14.63 -14.11
C ALA K 298 -15.44 -15.75 -13.76
N VAL K 299 -15.12 -16.55 -14.78
CA VAL K 299 -14.20 -17.66 -14.62
C VAL K 299 -12.79 -17.18 -14.26
N GLU K 300 -12.19 -16.39 -15.15
CA GLU K 300 -10.86 -15.87 -14.93
C GLU K 300 -10.70 -15.27 -13.55
N HIS K 301 -11.51 -14.25 -13.24
CA HIS K 301 -11.40 -13.57 -11.96
C HIS K 301 -12.20 -14.09 -10.80
N LYS K 302 -12.75 -15.30 -10.93
CA LYS K 302 -13.53 -15.92 -9.86
C LYS K 302 -14.57 -14.91 -9.35
N LEU K 303 -15.33 -14.37 -10.30
CA LEU K 303 -16.33 -13.35 -10.02
C LEU K 303 -17.61 -13.79 -9.30
N CYS K 304 -18.07 -15.02 -9.55
CA CYS K 304 -19.30 -15.46 -8.93
C CYS K 304 -19.47 -16.96 -8.95
N HIS K 305 -20.55 -17.43 -8.33
CA HIS K 305 -20.88 -18.84 -8.29
C HIS K 305 -21.80 -19.17 -9.46
N SER K 306 -22.52 -18.14 -9.92
CA SER K 306 -23.46 -18.26 -11.04
C SER K 306 -24.11 -16.93 -11.36
N PHE K 307 -24.67 -16.85 -12.56
CA PHE K 307 -25.37 -15.65 -13.00
C PHE K 307 -26.28 -16.00 -14.17
N GLN K 308 -27.38 -15.28 -14.28
CA GLN K 308 -28.36 -15.50 -15.34
C GLN K 308 -29.00 -14.21 -15.84
N THR K 309 -29.30 -14.20 -17.12
CA THR K 309 -29.97 -13.07 -17.75
C THR K 309 -31.41 -13.52 -17.86
N PHE K 310 -32.34 -12.59 -17.96
CA PHE K 310 -33.73 -12.96 -18.06
C PHE K 310 -34.57 -11.86 -18.69
N ASN K 311 -35.65 -12.25 -19.35
CA ASN K 311 -36.58 -11.31 -19.95
C ASN K 311 -37.99 -11.74 -19.58
N THR K 312 -38.33 -11.53 -18.30
CA THR K 312 -39.64 -11.88 -17.79
C THR K 312 -40.69 -10.92 -18.28
N SER K 313 -41.58 -11.41 -19.13
CA SER K 313 -42.63 -10.58 -19.69
C SER K 313 -43.98 -10.73 -19.00
N TYR K 314 -44.82 -9.73 -19.19
CA TYR K 314 -46.17 -9.69 -18.65
C TYR K 314 -47.06 -9.05 -19.71
N SER K 315 -48.35 -9.02 -19.45
CA SER K 315 -49.30 -8.45 -20.40
C SER K 315 -48.90 -7.06 -20.93
N ASP K 316 -48.79 -6.10 -20.02
CA ASP K 316 -48.48 -4.69 -20.30
C ASP K 316 -47.06 -4.19 -19.91
N THR K 317 -46.25 -5.02 -19.25
CA THR K 317 -44.92 -4.60 -18.81
C THR K 317 -43.93 -5.77 -18.81
N GLY K 318 -42.98 -5.74 -17.87
CA GLY K 318 -41.98 -6.80 -17.75
C GLY K 318 -40.70 -6.41 -17.03
N LEU K 319 -39.77 -7.37 -16.91
CA LEU K 319 -38.47 -7.13 -16.26
C LEU K 319 -37.35 -7.73 -17.10
N PHE K 320 -36.38 -6.88 -17.42
CA PHE K 320 -35.24 -7.29 -18.22
C PHE K 320 -34.03 -7.00 -17.38
N GLY K 321 -33.25 -8.04 -17.07
CA GLY K 321 -32.06 -7.83 -16.26
C GLY K 321 -31.21 -9.06 -16.04
N PHE K 322 -30.54 -9.10 -14.90
CA PHE K 322 -29.69 -10.21 -14.55
C PHE K 322 -29.62 -10.44 -13.04
N HIS K 323 -29.22 -11.64 -12.68
CA HIS K 323 -29.11 -12.04 -11.29
C HIS K 323 -27.88 -12.92 -11.11
N PHE K 324 -27.05 -12.55 -10.14
CA PHE K 324 -25.85 -13.31 -9.85
C PHE K 324 -25.71 -13.62 -8.37
N VAL K 325 -24.93 -14.68 -8.09
CA VAL K 325 -24.66 -15.16 -6.75
C VAL K 325 -23.16 -15.15 -6.56
N ALA K 326 -22.67 -14.38 -5.57
CA ALA K 326 -21.24 -14.28 -5.33
C ALA K 326 -20.86 -14.22 -3.87
N ASP K 327 -19.56 -14.29 -3.61
CA ASP K 327 -19.05 -14.23 -2.25
C ASP K 327 -19.01 -12.76 -1.91
N PRO K 328 -19.09 -12.44 -0.61
CA PRO K 328 -19.06 -11.04 -0.16
C PRO K 328 -18.03 -10.12 -0.83
N LEU K 329 -16.81 -10.61 -1.03
CA LEU K 329 -15.75 -9.79 -1.59
C LEU K 329 -15.59 -9.72 -3.11
N SER K 330 -16.48 -10.35 -3.86
CA SER K 330 -16.36 -10.24 -5.31
C SER K 330 -17.62 -9.61 -5.90
N ILE K 331 -18.47 -9.07 -5.03
CA ILE K 331 -19.70 -8.46 -5.48
C ILE K 331 -19.49 -7.27 -6.39
N ASP K 332 -18.62 -6.36 -5.96
CA ASP K 332 -18.38 -5.16 -6.77
C ASP K 332 -17.80 -5.42 -8.16
N ASP K 333 -16.77 -6.24 -8.25
CA ASP K 333 -16.19 -6.51 -9.55
C ASP K 333 -17.16 -7.19 -10.50
N MET K 334 -17.99 -8.09 -9.96
CA MET K 334 -18.97 -8.81 -10.78
C MET K 334 -19.99 -7.82 -11.36
N MET K 335 -20.62 -7.04 -10.48
CA MET K 335 -21.59 -6.05 -10.89
C MET K 335 -20.96 -5.16 -11.94
N PHE K 336 -19.75 -4.67 -11.63
CA PHE K 336 -19.00 -3.82 -12.53
C PHE K 336 -18.91 -4.41 -13.95
N CYS K 337 -18.43 -5.64 -14.06
CA CYS K 337 -18.30 -6.32 -15.34
C CYS K 337 -19.62 -6.55 -16.03
N ALA K 338 -20.61 -6.95 -15.24
CA ALA K 338 -21.95 -7.21 -15.76
C ALA K 338 -22.49 -5.95 -16.45
N GLN K 339 -22.67 -4.89 -15.67
CA GLN K 339 -23.17 -3.64 -16.21
C GLN K 339 -22.37 -3.31 -17.44
N GLY K 340 -21.09 -3.66 -17.39
CA GLY K 340 -20.22 -3.39 -18.52
C GLY K 340 -20.74 -4.04 -19.78
N GLU K 341 -21.11 -5.30 -19.67
CA GLU K 341 -21.60 -6.02 -20.83
C GLU K 341 -22.88 -5.44 -21.40
N TRP K 342 -23.73 -4.89 -20.55
CA TRP K 342 -24.95 -4.27 -21.01
C TRP K 342 -24.57 -3.08 -21.87
N MET K 343 -23.64 -2.26 -21.39
CA MET K 343 -23.22 -1.10 -22.15
C MET K 343 -22.66 -1.52 -23.50
N ARG K 344 -21.98 -2.65 -23.53
CA ARG K 344 -21.41 -3.13 -24.78
C ARG K 344 -22.54 -3.47 -25.74
N LEU K 345 -23.62 -4.06 -25.20
CA LEU K 345 -24.80 -4.43 -25.99
C LEU K 345 -25.37 -3.22 -26.73
N CYS K 346 -25.46 -2.10 -26.03
CA CYS K 346 -26.00 -0.89 -26.61
C CYS K 346 -25.04 -0.22 -27.56
N THR K 347 -23.73 -0.35 -27.31
CA THR K 347 -22.77 0.35 -28.13
C THR K 347 -21.89 -0.39 -29.09
N SER K 348 -21.56 -1.64 -28.83
CA SER K 348 -20.65 -2.30 -29.75
C SER K 348 -20.85 -3.78 -30.08
N THR K 349 -22.11 -4.18 -30.26
CA THR K 349 -22.40 -5.57 -30.59
C THR K 349 -21.83 -5.90 -31.98
N THR K 350 -21.38 -7.15 -32.13
CA THR K 350 -20.78 -7.63 -33.38
C THR K 350 -21.68 -8.63 -34.06
N GLU K 351 -21.66 -8.66 -35.39
CA GLU K 351 -22.49 -9.61 -36.11
C GLU K 351 -22.16 -11.01 -35.61
N SER K 352 -20.88 -11.28 -35.39
CA SER K 352 -20.44 -12.58 -34.92
C SER K 352 -21.21 -12.96 -33.68
N GLU K 353 -21.36 -12.00 -32.75
CA GLU K 353 -22.07 -12.23 -31.49
C GLU K 353 -23.55 -12.52 -31.67
N VAL K 354 -24.21 -11.75 -32.53
CA VAL K 354 -25.63 -11.96 -32.77
C VAL K 354 -25.82 -13.26 -33.53
N LYS K 355 -24.98 -13.48 -34.54
CA LYS K 355 -25.06 -14.69 -35.34
C LYS K 355 -25.09 -15.92 -34.42
N ARG K 356 -24.21 -15.95 -33.44
CA ARG K 356 -24.14 -17.04 -32.50
C ARG K 356 -25.33 -16.99 -31.56
N ALA K 357 -25.57 -15.82 -31.01
CA ALA K 357 -26.67 -15.63 -30.07
C ALA K 357 -27.99 -16.14 -30.64
N LYS K 358 -28.18 -16.01 -31.95
CA LYS K 358 -29.38 -16.48 -32.63
C LYS K 358 -29.42 -18.01 -32.64
N ASN K 359 -28.29 -18.64 -32.97
CA ASN K 359 -28.27 -20.10 -32.98
C ASN K 359 -28.58 -20.64 -31.60
N HIS K 360 -28.09 -19.98 -30.57
CA HIS K 360 -28.36 -20.44 -29.23
C HIS K 360 -29.86 -20.32 -29.00
N LEU K 361 -30.40 -19.13 -29.23
CA LEU K 361 -31.82 -18.89 -29.03
C LEU K 361 -32.70 -19.87 -29.77
N ARG K 362 -32.34 -20.24 -31.00
CA ARG K 362 -33.15 -21.20 -31.76
C ARG K 362 -33.25 -22.51 -31.00
N SER K 363 -32.09 -23.15 -30.81
CA SER K 363 -32.02 -24.40 -30.09
C SER K 363 -32.81 -24.24 -28.79
N ALA K 364 -32.85 -23.02 -28.27
CA ALA K 364 -33.58 -22.73 -27.03
C ALA K 364 -35.08 -22.88 -27.18
N MET K 365 -35.63 -22.23 -28.21
CA MET K 365 -37.07 -22.28 -28.47
C MET K 365 -37.49 -23.70 -28.81
N VAL K 366 -36.64 -24.42 -29.54
CA VAL K 366 -36.93 -25.79 -29.92
C VAL K 366 -36.96 -26.67 -28.68
N ALA K 367 -35.99 -26.47 -27.80
CA ALA K 367 -35.94 -27.28 -26.59
C ALA K 367 -37.13 -27.04 -25.66
N GLN K 368 -37.94 -26.04 -25.98
CA GLN K 368 -39.11 -25.74 -25.15
C GLN K 368 -40.34 -26.56 -25.60
N LEU K 369 -40.16 -27.34 -26.66
CA LEU K 369 -41.22 -28.17 -27.21
C LEU K 369 -40.73 -29.60 -27.24
N ASP K 370 -40.02 -29.97 -26.17
CA ASP K 370 -39.47 -31.30 -26.06
C ASP K 370 -40.29 -32.10 -25.06
N GLY K 371 -41.42 -32.61 -25.56
CA GLY K 371 -42.33 -33.38 -24.74
C GLY K 371 -43.75 -32.89 -24.93
N THR K 372 -44.72 -33.60 -24.38
CA THR K 372 -46.09 -33.19 -24.54
C THR K 372 -46.44 -32.07 -23.56
N THR K 373 -46.00 -32.17 -22.31
CA THR K 373 -46.30 -31.12 -21.33
C THR K 373 -45.71 -29.80 -21.84
N PRO K 374 -44.40 -29.78 -22.14
CA PRO K 374 -43.82 -28.52 -22.62
C PRO K 374 -44.42 -27.94 -23.92
N VAL K 375 -45.05 -28.77 -24.75
CA VAL K 375 -45.66 -28.24 -25.97
C VAL K 375 -47.03 -27.70 -25.62
N CYS K 376 -47.61 -28.27 -24.57
CA CYS K 376 -48.92 -27.88 -24.10
C CYS K 376 -48.81 -26.56 -23.36
N GLU K 377 -47.73 -26.42 -22.59
CA GLU K 377 -47.48 -25.21 -21.83
C GLU K 377 -47.37 -24.03 -22.78
N THR K 378 -46.78 -24.30 -23.94
CA THR K 378 -46.58 -23.27 -24.97
C THR K 378 -47.92 -22.83 -25.53
N ILE K 379 -48.71 -23.81 -25.98
CA ILE K 379 -50.02 -23.55 -26.52
C ILE K 379 -50.88 -22.77 -25.51
N GLY K 380 -51.03 -23.32 -24.30
CA GLY K 380 -51.81 -22.66 -23.27
C GLY K 380 -51.42 -21.20 -23.14
N SER K 381 -50.12 -20.95 -23.11
CA SER K 381 -49.59 -19.59 -22.98
C SER K 381 -49.74 -18.74 -24.22
N HIS K 382 -49.30 -19.23 -25.38
CA HIS K 382 -49.44 -18.45 -26.60
C HIS K 382 -50.83 -17.86 -26.76
N LEU K 383 -51.85 -18.71 -26.74
CA LEU K 383 -53.22 -18.24 -26.88
C LEU K 383 -53.48 -17.16 -25.84
N LEU K 384 -53.31 -17.53 -24.58
CA LEU K 384 -53.53 -16.64 -23.44
C LEU K 384 -52.80 -15.28 -23.55
N ASN K 385 -51.58 -15.28 -24.12
CA ASN K 385 -50.77 -14.06 -24.25
C ASN K 385 -50.74 -13.38 -25.61
N TYR K 386 -50.60 -14.14 -26.68
CA TYR K 386 -50.56 -13.55 -28.03
C TYR K 386 -51.91 -13.68 -28.71
N GLY K 387 -52.83 -14.40 -28.06
CA GLY K 387 -54.15 -14.60 -28.64
C GLY K 387 -54.10 -15.54 -29.84
N ARG K 388 -53.08 -16.40 -29.86
CA ARG K 388 -52.88 -17.37 -30.93
C ARG K 388 -51.57 -18.13 -30.74
N ARG K 389 -51.32 -19.06 -31.64
CA ARG K 389 -50.09 -19.83 -31.55
C ARG K 389 -49.10 -19.28 -32.55
N ILE K 390 -47.83 -19.25 -32.12
CA ILE K 390 -46.73 -18.80 -32.96
C ILE K 390 -45.83 -20.02 -33.15
N SER K 391 -45.75 -20.47 -34.40
CA SER K 391 -44.95 -21.64 -34.76
C SER K 391 -43.46 -21.37 -34.73
N LEU K 392 -42.67 -22.43 -34.58
CA LEU K 392 -41.23 -22.27 -34.57
C LEU K 392 -40.87 -21.67 -35.92
N GLU K 393 -41.59 -22.10 -36.96
CA GLU K 393 -41.30 -21.55 -38.28
C GLU K 393 -41.36 -20.02 -38.24
N GLU K 394 -42.26 -19.48 -37.43
CA GLU K 394 -42.40 -18.03 -37.33
C GLU K 394 -41.28 -17.47 -36.46
N TRP K 395 -41.20 -17.94 -35.23
CA TRP K 395 -40.16 -17.49 -34.32
C TRP K 395 -38.87 -17.37 -35.09
N ASP K 396 -38.56 -18.41 -35.87
CA ASP K 396 -37.34 -18.45 -36.67
C ASP K 396 -37.22 -17.33 -37.71
N SER K 397 -38.32 -16.98 -38.34
CA SER K 397 -38.32 -15.92 -39.32
C SER K 397 -37.94 -14.59 -38.66
N ARG K 398 -38.51 -14.35 -37.48
CA ARG K 398 -38.25 -13.13 -36.72
C ARG K 398 -36.82 -13.11 -36.18
N ILE K 399 -36.38 -14.24 -35.61
CA ILE K 399 -35.04 -14.38 -35.05
C ILE K 399 -33.96 -14.17 -36.11
N SER K 400 -34.22 -14.63 -37.33
CA SER K 400 -33.25 -14.48 -38.39
C SER K 400 -33.12 -13.04 -38.91
N ALA K 401 -34.14 -12.23 -38.66
CA ALA K 401 -34.14 -10.84 -39.12
C ALA K 401 -33.31 -9.94 -38.22
N VAL K 402 -33.03 -10.43 -37.02
CA VAL K 402 -32.24 -9.70 -36.02
C VAL K 402 -30.76 -9.64 -36.40
N ASP K 403 -30.15 -8.47 -36.22
CA ASP K 403 -28.74 -8.25 -36.53
C ASP K 403 -28.11 -7.29 -35.52
N ALA K 404 -26.80 -7.13 -35.61
CA ALA K 404 -26.07 -6.24 -34.70
C ALA K 404 -26.78 -4.90 -34.58
N ARG K 405 -26.73 -4.13 -35.67
CA ARG K 405 -27.33 -2.81 -35.72
C ARG K 405 -28.66 -2.79 -34.98
N MET K 406 -29.46 -3.84 -35.20
CA MET K 406 -30.77 -3.94 -34.55
C MET K 406 -30.70 -4.16 -33.04
N VAL K 407 -29.88 -5.11 -32.60
CA VAL K 407 -29.73 -5.38 -31.18
C VAL K 407 -29.30 -4.11 -30.43
N ARG K 408 -28.38 -3.36 -31.04
CA ARG K 408 -27.90 -2.15 -30.42
C ARG K 408 -29.04 -1.15 -30.22
N ASP K 409 -29.80 -0.90 -31.27
CA ASP K 409 -30.91 0.05 -31.17
C ASP K 409 -31.91 -0.32 -30.10
N VAL K 410 -32.26 -1.60 -30.05
CA VAL K 410 -33.22 -2.07 -29.06
C VAL K 410 -32.69 -1.91 -27.64
N CYS K 411 -31.51 -2.48 -27.38
CA CYS K 411 -30.91 -2.41 -26.05
C CYS K 411 -30.74 -0.98 -25.55
N SER K 412 -30.31 -0.09 -26.44
CA SER K 412 -30.13 1.31 -26.06
C SER K 412 -31.48 1.87 -25.64
N LYS K 413 -32.51 1.52 -26.40
CA LYS K 413 -33.87 1.96 -26.14
C LYS K 413 -34.37 1.53 -24.77
N TYR K 414 -34.03 0.31 -24.37
CA TYR K 414 -34.49 -0.22 -23.09
C TYR K 414 -33.54 -0.17 -21.91
N ILE K 415 -32.24 -0.01 -22.18
CA ILE K 415 -31.26 -0.01 -21.10
C ILE K 415 -30.50 1.28 -20.84
N TYR K 416 -30.03 1.88 -21.91
CA TYR K 416 -29.24 3.08 -21.79
C TYR K 416 -29.82 4.23 -20.98
N ASP K 417 -29.03 4.63 -19.98
CA ASP K 417 -29.35 5.73 -19.07
C ASP K 417 -30.64 5.57 -18.26
N LYS K 418 -31.15 4.34 -18.17
CA LYS K 418 -32.37 4.13 -17.40
C LYS K 418 -32.03 4.06 -15.93
N CYS K 419 -33.04 4.21 -15.07
CA CYS K 419 -32.84 4.10 -13.63
C CYS K 419 -33.35 2.70 -13.36
N PRO K 420 -32.45 1.76 -13.06
CA PRO K 420 -32.87 0.38 -12.79
C PRO K 420 -33.41 0.07 -11.40
N ALA K 421 -33.92 -1.13 -11.26
CA ALA K 421 -34.44 -1.60 -9.99
C ALA K 421 -33.43 -2.60 -9.48
N LEU K 422 -33.01 -2.41 -8.24
CA LEU K 422 -32.01 -3.28 -7.67
C LEU K 422 -32.44 -3.98 -6.38
N ALA K 423 -32.19 -5.28 -6.32
CA ALA K 423 -32.52 -6.08 -5.15
C ALA K 423 -31.28 -6.82 -4.66
N ALA K 424 -30.94 -6.65 -3.39
CA ALA K 424 -29.77 -7.31 -2.84
C ALA K 424 -30.00 -7.93 -1.47
N VAL K 425 -29.61 -9.19 -1.38
CA VAL K 425 -29.77 -9.97 -0.17
C VAL K 425 -28.46 -10.68 0.18
N GLY K 426 -28.15 -10.72 1.47
CA GLY K 426 -26.95 -11.39 1.93
C GLY K 426 -25.94 -10.41 2.48
N PRO K 427 -24.67 -10.82 2.59
CA PRO K 427 -23.52 -10.04 3.09
C PRO K 427 -23.09 -9.07 1.99
N ILE K 428 -24.00 -8.16 1.66
CA ILE K 428 -23.83 -7.19 0.59
C ILE K 428 -23.11 -5.86 0.82
N GLU K 429 -22.32 -5.77 1.89
CA GLU K 429 -21.62 -4.51 2.16
C GLU K 429 -20.75 -3.99 1.03
N GLN K 430 -20.11 -4.88 0.28
CA GLN K 430 -19.23 -4.45 -0.80
C GLN K 430 -19.93 -3.92 -2.04
N LEU K 431 -21.22 -4.19 -2.17
CA LEU K 431 -21.99 -3.68 -3.32
C LEU K 431 -22.55 -2.40 -2.78
N LEU K 432 -22.32 -1.27 -3.43
CA LEU K 432 -22.93 -0.12 -2.83
C LEU K 432 -23.36 1.01 -3.75
N ASP K 433 -24.04 1.98 -3.12
CA ASP K 433 -24.57 3.18 -3.72
C ASP K 433 -25.38 3.05 -5.00
N TYR K 434 -26.68 3.38 -4.90
CA TYR K 434 -27.57 3.33 -6.06
C TYR K 434 -26.99 4.26 -7.10
N ASN K 435 -26.43 5.36 -6.63
CA ASN K 435 -25.83 6.36 -7.49
C ASN K 435 -24.76 5.79 -8.39
N ARG K 436 -23.84 5.05 -7.78
CA ARG K 436 -22.75 4.44 -8.54
C ARG K 436 -23.28 3.47 -9.59
N ILE K 437 -24.28 2.69 -9.20
CA ILE K 437 -24.87 1.72 -10.12
C ILE K 437 -25.59 2.43 -11.25
N ARG K 438 -26.24 3.53 -10.92
CA ARG K 438 -26.99 4.30 -11.90
C ARG K 438 -26.04 4.83 -12.96
N SER K 439 -24.86 5.25 -12.50
CA SER K 439 -23.85 5.79 -13.38
C SER K 439 -23.26 4.69 -14.26
N GLY K 440 -23.46 3.45 -13.87
CA GLY K 440 -22.94 2.35 -14.67
C GLY K 440 -23.89 2.10 -15.81
N MET K 441 -24.93 2.92 -15.89
CA MET K 441 -25.93 2.76 -16.93
C MET K 441 -25.62 3.55 -18.20
N TYR K 442 -24.45 4.18 -18.26
CA TYR K 442 -24.09 4.91 -19.47
C TYR K 442 -22.60 5.01 -19.71
N TRP K 443 -22.27 5.23 -20.98
CA TRP K 443 -20.90 5.30 -21.50
C TRP K 443 -20.26 3.90 -21.33
N ILE K 444 -20.09 3.17 -22.44
CA ILE K 444 -19.54 1.80 -22.43
C ILE K 444 -18.24 1.61 -21.65
N CYS L 20 -44.41 -33.24 -46.67
CA CYS L 20 -43.57 -34.35 -47.22
C CYS L 20 -43.19 -35.39 -46.14
N PRO L 21 -42.21 -35.10 -45.24
CA PRO L 21 -41.82 -36.05 -44.20
C PRO L 21 -42.93 -36.99 -43.66
N GLY L 22 -42.56 -38.22 -43.32
CA GLY L 22 -43.55 -39.16 -42.81
C GLY L 22 -43.06 -40.18 -41.80
N ALA L 23 -43.41 -41.44 -42.04
CA ALA L 23 -43.03 -42.57 -41.18
C ALA L 23 -41.70 -43.20 -41.58
N GLU L 24 -40.74 -43.10 -40.67
CA GLU L 24 -39.41 -43.63 -40.89
C GLU L 24 -39.22 -44.85 -39.98
N ASP L 25 -38.21 -45.67 -40.28
CA ASP L 25 -37.96 -46.85 -39.46
C ASP L 25 -36.59 -46.88 -38.79
N LEU L 26 -36.60 -47.38 -37.55
CA LEU L 26 -35.45 -47.47 -36.68
C LEU L 26 -34.39 -48.50 -37.05
N GLU L 27 -33.58 -48.20 -38.07
CA GLU L 27 -32.53 -49.12 -38.49
C GLU L 27 -31.44 -49.32 -37.43
N ILE L 28 -30.55 -50.28 -37.64
CA ILE L 28 -29.53 -50.57 -36.63
C ILE L 28 -28.44 -51.55 -37.10
N THR L 29 -27.44 -51.04 -37.82
CA THR L 29 -26.32 -51.83 -38.32
C THR L 29 -25.38 -52.28 -37.19
N LYS L 30 -24.32 -53.00 -37.54
CA LYS L 30 -23.31 -53.47 -36.59
C LYS L 30 -22.04 -53.86 -37.36
N LEU L 31 -21.11 -52.92 -37.45
CA LEU L 31 -19.85 -53.13 -38.15
C LEU L 31 -19.09 -54.36 -37.67
N PRO L 32 -18.07 -54.79 -38.43
CA PRO L 32 -17.24 -55.95 -38.12
C PRO L 32 -16.64 -55.95 -36.73
N ASN L 33 -16.09 -54.81 -36.31
CA ASN L 33 -15.44 -54.68 -34.99
C ASN L 33 -16.40 -54.73 -33.80
N GLY L 34 -17.70 -54.84 -34.10
CA GLY L 34 -18.70 -54.92 -33.04
C GLY L 34 -19.32 -53.60 -32.66
N LEU L 35 -19.03 -52.55 -33.41
CA LEU L 35 -19.57 -51.23 -33.13
C LEU L 35 -21.02 -51.14 -33.59
N ILE L 36 -21.94 -51.00 -32.64
CA ILE L 36 -23.35 -50.91 -32.98
C ILE L 36 -23.79 -49.48 -33.31
N ILE L 37 -24.60 -49.36 -34.37
CA ILE L 37 -25.09 -48.08 -34.86
C ILE L 37 -26.62 -48.01 -34.94
N ALA L 38 -27.26 -47.35 -33.99
CA ALA L 38 -28.72 -47.19 -33.98
C ALA L 38 -29.08 -45.89 -34.71
N SER L 39 -30.32 -45.75 -35.18
CA SER L 39 -30.72 -44.54 -35.90
C SER L 39 -32.23 -44.42 -36.08
N LEU L 40 -32.74 -43.19 -36.08
CA LEU L 40 -34.17 -42.95 -36.25
C LEU L 40 -34.45 -41.52 -36.66
N GLU L 41 -35.10 -41.35 -37.80
CA GLU L 41 -35.42 -40.02 -38.29
C GLU L 41 -36.86 -39.64 -37.90
N ASN L 42 -37.00 -38.66 -37.00
CA ASN L 42 -38.32 -38.20 -36.58
C ASN L 42 -38.52 -36.77 -37.05
N PHE L 43 -37.69 -36.39 -38.01
CA PHE L 43 -37.71 -35.06 -38.61
C PHE L 43 -37.83 -33.91 -37.64
N SER L 44 -37.39 -34.13 -36.40
CA SER L 44 -37.42 -33.06 -35.41
C SER L 44 -36.47 -32.00 -35.92
N PRO L 45 -36.80 -30.72 -35.70
CA PRO L 45 -35.93 -29.65 -36.16
C PRO L 45 -34.52 -29.73 -35.51
N ALA L 46 -34.35 -30.67 -34.60
CA ALA L 46 -33.09 -30.81 -33.91
C ALA L 46 -32.59 -32.24 -33.82
N SER L 47 -31.27 -32.39 -33.87
CA SER L 47 -30.66 -33.70 -33.77
C SER L 47 -30.12 -33.86 -32.36
N ARG L 48 -29.71 -35.08 -32.03
CA ARG L 48 -29.16 -35.40 -30.73
C ARG L 48 -28.39 -36.73 -30.85
N ILE L 49 -27.12 -36.64 -31.26
CA ILE L 49 -26.28 -37.83 -31.44
C ILE L 49 -25.60 -38.21 -30.14
N GLY L 50 -25.33 -39.49 -29.95
CA GLY L 50 -24.67 -39.90 -28.72
C GLY L 50 -23.74 -41.10 -28.83
N VAL L 51 -22.80 -41.20 -27.88
CA VAL L 51 -21.88 -42.32 -27.84
C VAL L 51 -22.06 -43.01 -26.48
N PHE L 52 -22.63 -44.20 -26.51
CA PHE L 52 -22.87 -44.96 -25.29
C PHE L 52 -21.73 -45.94 -25.10
N ILE L 53 -21.29 -46.12 -23.86
CA ILE L 53 -20.17 -47.00 -23.60
C ILE L 53 -20.28 -47.76 -22.29
N LYS L 54 -19.71 -48.96 -22.30
CA LYS L 54 -19.71 -49.83 -21.13
C LYS L 54 -18.49 -49.44 -20.29
N ALA L 55 -18.64 -48.46 -19.42
CA ALA L 55 -17.54 -48.03 -18.59
C ALA L 55 -18.10 -47.36 -17.35
N GLY L 56 -17.33 -47.30 -16.27
CA GLY L 56 -17.84 -46.66 -15.08
C GLY L 56 -17.08 -47.02 -13.84
N SER L 57 -17.43 -46.40 -12.72
CA SER L 57 -16.76 -46.67 -11.45
C SER L 57 -16.72 -48.18 -11.13
N ARG L 58 -17.38 -48.97 -11.96
CA ARG L 58 -17.46 -50.42 -11.78
C ARG L 58 -16.13 -51.10 -12.14
N TYR L 59 -15.43 -50.54 -13.12
CA TYR L 59 -14.18 -51.11 -13.56
C TYR L 59 -13.00 -50.50 -12.79
N GLU L 60 -13.30 -49.69 -11.80
CA GLU L 60 -12.26 -49.05 -11.02
C GLU L 60 -11.71 -50.06 -10.01
N THR L 61 -10.43 -49.92 -9.71
CA THR L 61 -9.76 -50.77 -8.74
C THR L 61 -9.27 -49.83 -7.65
N THR L 62 -9.12 -50.36 -6.44
CA THR L 62 -8.66 -49.54 -5.32
C THR L 62 -7.48 -48.64 -5.73
N ALA L 63 -6.80 -49.03 -6.79
CA ALA L 63 -5.65 -48.29 -7.29
C ALA L 63 -5.99 -47.04 -8.14
N ASN L 64 -7.07 -47.08 -8.91
CA ASN L 64 -7.42 -45.95 -9.76
C ASN L 64 -8.78 -45.30 -9.53
N LEU L 65 -9.34 -45.51 -8.35
CA LEU L 65 -10.63 -44.93 -7.99
C LEU L 65 -10.76 -43.50 -8.48
N GLY L 66 -11.98 -43.09 -8.78
CA GLY L 66 -12.23 -41.74 -9.24
C GLY L 66 -11.88 -41.46 -10.68
N THR L 67 -10.96 -42.22 -11.26
CA THR L 67 -10.56 -41.96 -12.64
C THR L 67 -11.74 -41.92 -13.61
N ALA L 68 -12.84 -42.56 -13.24
CA ALA L 68 -14.03 -42.56 -14.09
C ALA L 68 -14.69 -41.18 -14.01
N HIS L 69 -14.82 -40.69 -12.77
CA HIS L 69 -15.40 -39.38 -12.46
C HIS L 69 -14.64 -38.27 -13.19
N LEU L 70 -13.32 -38.22 -12.96
CA LEU L 70 -12.49 -37.21 -13.58
C LEU L 70 -12.56 -37.28 -15.10
N LEU L 71 -12.62 -38.48 -15.64
CA LEU L 71 -12.71 -38.64 -17.08
C LEU L 71 -13.98 -37.95 -17.58
N ARG L 72 -15.00 -37.95 -16.75
CA ARG L 72 -16.28 -37.35 -17.08
C ARG L 72 -16.14 -35.84 -17.21
N LEU L 73 -15.44 -35.23 -16.27
CA LEU L 73 -15.27 -33.78 -16.27
C LEU L 73 -14.29 -33.34 -17.32
N ALA L 74 -13.44 -34.28 -17.74
CA ALA L 74 -12.40 -34.00 -18.73
C ALA L 74 -12.84 -33.91 -20.16
N SER L 75 -14.13 -34.04 -20.41
CA SER L 75 -14.63 -33.97 -21.77
C SER L 75 -14.16 -32.75 -22.60
N PRO L 76 -14.10 -31.55 -21.98
CA PRO L 76 -13.68 -30.34 -22.69
C PRO L 76 -12.16 -30.09 -22.88
N LEU L 77 -11.31 -31.02 -22.39
CA LEU L 77 -9.84 -30.92 -22.51
C LEU L 77 -9.41 -31.18 -23.94
N THR L 78 -8.25 -30.65 -24.33
CA THR L 78 -7.79 -30.82 -25.72
C THR L 78 -7.72 -32.27 -26.20
N THR L 79 -7.99 -32.43 -27.49
CA THR L 79 -7.97 -33.72 -28.16
C THR L 79 -7.07 -33.58 -29.36
N LYS L 80 -6.60 -34.70 -29.89
CA LYS L 80 -5.70 -34.66 -31.03
C LYS L 80 -6.25 -33.88 -32.21
N GLY L 81 -7.57 -33.88 -32.36
CA GLY L 81 -8.17 -33.18 -33.48
C GLY L 81 -8.59 -31.75 -33.23
N ALA L 82 -9.09 -31.48 -32.03
CA ALA L 82 -9.54 -30.15 -31.68
C ALA L 82 -8.96 -29.73 -30.33
N SER L 83 -8.86 -28.42 -30.12
CA SER L 83 -8.32 -27.88 -28.89
C SER L 83 -9.39 -27.51 -27.88
N SER L 84 -8.99 -27.49 -26.61
CA SER L 84 -9.85 -27.15 -25.50
C SER L 84 -10.67 -25.92 -25.87
N PHE L 85 -10.03 -25.02 -26.61
CA PHE L 85 -10.65 -23.79 -27.07
C PHE L 85 -11.64 -24.05 -28.21
N ARG L 86 -11.18 -24.63 -29.30
CA ARG L 86 -12.09 -24.86 -30.42
C ARG L 86 -13.29 -25.75 -30.08
N ILE L 87 -13.11 -26.71 -29.17
CA ILE L 87 -14.23 -27.58 -28.79
C ILE L 87 -15.39 -26.74 -28.23
N THR L 88 -15.11 -25.98 -27.17
CA THR L 88 -16.14 -25.16 -26.57
C THR L 88 -16.62 -24.03 -27.47
N ARG L 89 -15.69 -23.31 -28.08
CA ARG L 89 -16.09 -22.23 -28.98
C ARG L 89 -16.84 -22.78 -30.17
N GLY L 90 -16.24 -23.77 -30.85
CA GLY L 90 -16.85 -24.37 -32.02
C GLY L 90 -18.27 -24.88 -31.83
N ILE L 91 -18.52 -25.52 -30.69
CA ILE L 91 -19.84 -26.06 -30.40
C ILE L 91 -20.82 -24.92 -30.12
N GLU L 92 -20.40 -23.96 -29.30
CA GLU L 92 -21.26 -22.83 -28.98
C GLU L 92 -21.55 -21.96 -30.20
N ALA L 93 -20.67 -22.03 -31.19
CA ALA L 93 -20.79 -21.26 -32.41
C ALA L 93 -22.07 -21.55 -33.18
N VAL L 94 -22.60 -22.76 -33.00
CA VAL L 94 -23.82 -23.17 -33.68
C VAL L 94 -24.97 -23.42 -32.69
N GLY L 95 -24.81 -22.90 -31.48
CA GLY L 95 -25.84 -23.10 -30.47
C GLY L 95 -25.94 -24.56 -30.14
N GLY L 96 -24.80 -25.22 -30.06
CA GLY L 96 -24.78 -26.63 -29.73
C GLY L 96 -24.67 -26.88 -28.23
N SER L 97 -24.54 -28.15 -27.87
CA SER L 97 -24.39 -28.54 -26.49
C SER L 97 -23.49 -29.75 -26.46
N LEU L 98 -23.08 -30.17 -25.27
CA LEU L 98 -22.19 -31.31 -25.13
C LEU L 98 -22.12 -31.72 -23.67
N SER L 99 -22.57 -32.94 -23.37
CA SER L 99 -22.57 -33.41 -22.01
C SER L 99 -22.18 -34.89 -21.86
N VAL L 100 -21.97 -35.30 -20.62
CA VAL L 100 -21.59 -36.68 -20.34
C VAL L 100 -22.39 -37.18 -19.13
N TYR L 101 -23.24 -38.15 -19.38
CA TYR L 101 -24.04 -38.72 -18.31
C TYR L 101 -23.47 -40.10 -18.08
N SER L 102 -23.43 -40.54 -16.83
CA SER L 102 -22.90 -41.86 -16.57
C SER L 102 -23.35 -42.50 -15.26
N THR L 103 -23.56 -43.81 -15.30
CA THR L 103 -23.98 -44.61 -14.15
C THR L 103 -22.72 -45.31 -13.64
N ARG L 104 -22.89 -46.31 -12.78
CA ARG L 104 -21.70 -47.00 -12.30
C ARG L 104 -21.18 -47.90 -13.37
N GLU L 105 -21.96 -48.13 -14.43
CA GLU L 105 -21.49 -49.04 -15.47
C GLU L 105 -21.71 -48.64 -16.91
N LYS L 106 -22.06 -47.38 -17.13
CA LYS L 106 -22.25 -46.92 -18.50
C LYS L 106 -21.95 -45.43 -18.59
N MET L 107 -21.35 -45.02 -19.70
CA MET L 107 -21.03 -43.61 -19.89
C MET L 107 -21.57 -43.15 -21.23
N THR L 108 -22.29 -42.04 -21.23
CA THR L 108 -22.83 -41.53 -22.47
C THR L 108 -22.32 -40.13 -22.81
N TYR L 109 -21.82 -39.98 -24.03
CA TYR L 109 -21.32 -38.71 -24.51
C TYR L 109 -22.23 -38.26 -25.61
N CYS L 110 -23.07 -37.28 -25.35
CA CYS L 110 -23.98 -36.79 -26.38
C CYS L 110 -23.89 -35.28 -26.64
N VAL L 111 -24.37 -34.88 -27.80
CA VAL L 111 -24.37 -33.48 -28.22
C VAL L 111 -25.67 -33.16 -28.95
N GLU L 112 -26.25 -31.98 -28.71
CA GLU L 112 -27.47 -31.57 -29.39
C GLU L 112 -27.13 -30.41 -30.30
N CYS L 113 -28.02 -30.14 -31.27
CA CYS L 113 -27.82 -29.04 -32.21
C CYS L 113 -28.88 -29.10 -33.30
N LEU L 114 -29.06 -28.01 -34.00
CA LEU L 114 -30.03 -27.97 -35.08
C LEU L 114 -29.56 -28.91 -36.19
N ARG L 115 -30.52 -29.45 -36.94
CA ARG L 115 -30.25 -30.38 -38.02
C ARG L 115 -29.10 -30.00 -38.91
N ASP L 116 -28.99 -28.72 -39.23
CA ASP L 116 -27.94 -28.29 -40.14
C ASP L 116 -26.54 -28.16 -39.58
N HIS L 117 -26.36 -28.53 -38.32
CA HIS L 117 -25.04 -28.39 -37.73
C HIS L 117 -24.53 -29.70 -37.20
N VAL L 118 -25.21 -30.78 -37.56
CA VAL L 118 -24.79 -32.09 -37.08
C VAL L 118 -23.31 -32.34 -37.40
N ASP L 119 -23.00 -32.46 -38.69
CA ASP L 119 -21.63 -32.71 -39.13
C ASP L 119 -20.56 -31.92 -38.37
N THR L 120 -20.85 -30.66 -38.03
CA THR L 120 -19.90 -29.81 -37.31
C THR L 120 -19.72 -30.25 -35.87
N VAL L 121 -20.83 -30.38 -35.15
CA VAL L 121 -20.82 -30.81 -33.76
C VAL L 121 -20.27 -32.23 -33.63
N MET L 122 -20.32 -32.97 -34.72
CA MET L 122 -19.86 -34.33 -34.68
C MET L 122 -18.37 -34.47 -34.46
N GLU L 123 -17.60 -33.63 -35.14
CA GLU L 123 -16.15 -33.65 -35.04
C GLU L 123 -15.67 -33.69 -33.59
N TYR L 124 -16.17 -32.76 -32.79
CA TYR L 124 -15.77 -32.71 -31.39
C TYR L 124 -16.24 -33.96 -30.67
N LEU L 125 -17.42 -34.44 -30.97
CA LEU L 125 -17.91 -35.65 -30.31
C LEU L 125 -16.91 -36.79 -30.57
N LEU L 126 -16.65 -37.06 -31.85
CA LEU L 126 -15.71 -38.11 -32.26
C LEU L 126 -14.39 -37.92 -31.54
N ASN L 127 -13.86 -36.71 -31.66
CA ASN L 127 -12.59 -36.29 -31.06
C ASN L 127 -12.52 -36.55 -29.55
N VAL L 128 -13.52 -36.10 -28.82
CA VAL L 128 -13.53 -36.26 -27.37
C VAL L 128 -13.46 -37.71 -26.89
N THR L 129 -14.34 -38.54 -27.42
CA THR L 129 -14.45 -39.95 -27.04
C THR L 129 -13.38 -40.92 -27.56
N THR L 130 -12.76 -40.59 -28.69
CA THR L 130 -11.75 -41.46 -29.30
C THR L 130 -10.31 -40.96 -29.30
N ALA L 131 -10.12 -39.64 -29.34
CA ALA L 131 -8.76 -39.09 -29.39
C ALA L 131 -8.33 -38.11 -28.29
N PRO L 132 -8.64 -38.39 -27.02
CA PRO L 132 -8.21 -37.43 -26.01
C PRO L 132 -6.67 -37.37 -25.89
N GLU L 133 -6.15 -36.34 -25.22
CA GLU L 133 -4.72 -36.16 -25.01
C GLU L 133 -4.35 -36.10 -23.53
N PHE L 134 -5.32 -35.73 -22.70
CA PHE L 134 -5.11 -35.63 -21.26
C PHE L 134 -3.75 -35.04 -20.92
N ARG L 135 -3.48 -33.86 -21.47
CA ARG L 135 -2.24 -33.15 -21.22
C ARG L 135 -2.08 -32.96 -19.71
N PRO L 136 -0.93 -33.39 -19.17
CA PRO L 136 -0.63 -33.29 -17.75
C PRO L 136 -1.12 -32.00 -17.08
N TRP L 137 -0.72 -30.85 -17.60
CA TRP L 137 -1.13 -29.58 -17.03
C TRP L 137 -2.66 -29.40 -17.08
N GLU L 138 -3.27 -29.54 -18.26
CA GLU L 138 -4.72 -29.40 -18.37
C GLU L 138 -5.38 -30.27 -17.30
N VAL L 139 -4.88 -31.49 -17.16
CA VAL L 139 -5.38 -32.45 -16.18
C VAL L 139 -5.14 -31.99 -14.75
N THR L 140 -3.98 -31.41 -14.49
CA THR L 140 -3.69 -30.95 -13.15
C THR L 140 -4.61 -29.81 -12.75
N ASP L 141 -4.81 -28.87 -13.68
CA ASP L 141 -5.65 -27.71 -13.39
C ASP L 141 -7.11 -28.08 -13.20
N LEU L 142 -7.50 -29.22 -13.79
CA LEU L 142 -8.88 -29.69 -13.73
C LEU L 142 -9.28 -30.38 -12.44
N GLN L 143 -8.42 -31.27 -11.93
CA GLN L 143 -8.74 -32.02 -10.73
C GLN L 143 -9.37 -31.29 -9.56
N PRO L 144 -8.87 -30.10 -9.20
CA PRO L 144 -9.50 -29.41 -8.07
C PRO L 144 -11.02 -29.24 -8.26
N GLN L 145 -11.47 -29.42 -9.49
CA GLN L 145 -12.89 -29.32 -9.84
C GLN L 145 -13.71 -30.47 -9.25
N LEU L 146 -13.09 -31.65 -9.13
CA LEU L 146 -13.77 -32.80 -8.57
C LEU L 146 -14.28 -32.43 -7.20
N LYS L 147 -13.52 -31.61 -6.48
CA LYS L 147 -13.92 -31.20 -5.15
C LYS L 147 -15.25 -30.43 -5.20
N VAL L 148 -15.37 -29.53 -6.18
CA VAL L 148 -16.57 -28.69 -6.39
C VAL L 148 -17.74 -29.53 -6.90
N ASP L 149 -17.56 -30.12 -8.08
CA ASP L 149 -18.59 -30.95 -8.70
C ASP L 149 -19.21 -31.88 -7.69
N LYS L 150 -18.36 -32.53 -6.91
CA LYS L 150 -18.80 -33.45 -5.89
C LYS L 150 -19.59 -32.73 -4.80
N ALA L 151 -19.21 -31.51 -4.47
CA ALA L 151 -19.87 -30.73 -3.42
C ALA L 151 -21.32 -30.34 -3.72
N VAL L 152 -21.63 -30.02 -4.97
CA VAL L 152 -23.00 -29.64 -5.29
C VAL L 152 -23.88 -30.89 -5.32
N ALA L 153 -23.32 -32.00 -5.81
CA ALA L 153 -24.08 -33.25 -5.87
C ALA L 153 -24.50 -33.65 -4.44
N PHE L 154 -23.54 -33.69 -3.53
CA PHE L 154 -23.81 -34.06 -2.14
C PHE L 154 -24.65 -33.06 -1.37
N GLN L 155 -25.25 -32.12 -2.07
CA GLN L 155 -26.12 -31.15 -1.42
C GLN L 155 -27.46 -31.82 -1.11
N SER L 156 -27.77 -32.87 -1.87
CA SER L 156 -28.98 -33.65 -1.72
C SER L 156 -28.55 -34.90 -0.94
N PRO L 157 -29.08 -35.10 0.29
CA PRO L 157 -28.68 -36.28 1.07
C PRO L 157 -29.03 -37.52 0.28
N GLN L 158 -30.06 -37.38 -0.55
CA GLN L 158 -30.52 -38.45 -1.44
C GLN L 158 -29.27 -39.14 -2.04
N VAL L 159 -28.29 -38.36 -2.48
CA VAL L 159 -27.06 -38.89 -3.11
C VAL L 159 -26.02 -39.51 -2.15
N GLY L 160 -26.07 -39.12 -0.90
CA GLY L 160 -25.13 -39.68 0.06
C GLY L 160 -25.44 -41.12 0.45
N VAL L 161 -26.69 -41.41 0.79
CA VAL L 161 -27.01 -42.76 1.19
C VAL L 161 -26.88 -43.73 0.03
N LEU L 162 -27.18 -43.27 -1.19
CA LEU L 162 -27.06 -44.17 -2.32
C LEU L 162 -25.61 -44.59 -2.56
N GLU L 163 -24.68 -43.69 -2.26
CA GLU L 163 -23.26 -44.01 -2.40
C GLU L 163 -22.91 -45.08 -1.38
N ASN L 164 -23.26 -44.81 -0.13
CA ASN L 164 -22.99 -45.73 0.97
C ASN L 164 -23.80 -47.03 0.91
N LEU L 165 -24.87 -47.03 0.12
CA LEU L 165 -25.70 -48.22 -0.05
C LEU L 165 -24.90 -49.18 -0.90
N HIS L 166 -24.58 -48.78 -2.13
CA HIS L 166 -23.79 -49.61 -2.99
C HIS L 166 -22.51 -50.09 -2.31
N ALA L 167 -22.16 -49.43 -1.21
CA ALA L 167 -20.96 -49.78 -0.44
C ALA L 167 -21.25 -50.89 0.56
N ALA L 168 -22.48 -50.95 1.04
CA ALA L 168 -22.86 -51.99 1.99
C ALA L 168 -23.47 -53.16 1.23
N ALA L 169 -24.03 -52.87 0.06
CA ALA L 169 -24.65 -53.90 -0.75
C ALA L 169 -23.65 -54.73 -1.50
N TYR L 170 -22.41 -54.25 -1.59
CA TYR L 170 -21.41 -54.99 -2.32
C TYR L 170 -20.03 -55.02 -1.69
N LYS L 171 -19.15 -55.78 -2.32
CA LYS L 171 -17.77 -55.91 -1.86
C LYS L 171 -16.86 -55.43 -2.98
N THR L 172 -17.45 -55.21 -4.17
CA THR L 172 -16.68 -54.76 -5.34
C THR L 172 -17.50 -54.15 -6.48
N ALA L 173 -16.82 -53.88 -7.59
CA ALA L 173 -17.39 -53.30 -8.83
C ALA L 173 -18.48 -52.27 -8.58
N LEU L 174 -19.64 -52.76 -8.19
CA LEU L 174 -20.78 -51.92 -7.90
C LEU L 174 -20.61 -51.21 -6.56
N ALA L 175 -19.69 -51.71 -5.74
CA ALA L 175 -19.44 -51.12 -4.43
C ALA L 175 -18.64 -49.84 -4.59
N ASN L 176 -18.08 -49.65 -5.78
CA ASN L 176 -17.28 -48.48 -6.09
C ASN L 176 -18.14 -47.24 -6.21
N PRO L 177 -17.81 -46.15 -5.48
CA PRO L 177 -18.53 -44.88 -5.49
C PRO L 177 -18.59 -44.24 -6.87
N LEU L 178 -19.59 -43.39 -7.09
CA LEU L 178 -19.80 -42.73 -8.37
C LEU L 178 -19.05 -41.39 -8.47
N TYR L 179 -18.72 -40.82 -7.30
CA TYR L 179 -17.98 -39.56 -7.22
C TYR L 179 -16.64 -39.79 -6.54
N CYS L 180 -15.57 -39.43 -7.25
CA CYS L 180 -14.21 -39.58 -6.77
C CYS L 180 -14.07 -39.36 -5.29
N PRO L 181 -13.52 -40.36 -4.60
CA PRO L 181 -13.33 -40.25 -3.15
C PRO L 181 -12.39 -39.10 -2.84
N ASP L 182 -12.58 -38.50 -1.68
CA ASP L 182 -11.79 -37.35 -1.26
C ASP L 182 -10.27 -37.54 -1.36
N TYR L 183 -9.72 -38.48 -0.62
CA TYR L 183 -8.27 -38.72 -0.63
C TYR L 183 -7.64 -38.80 -2.03
N ARG L 184 -8.41 -39.21 -3.03
CA ARG L 184 -7.83 -39.32 -4.36
C ARG L 184 -7.89 -38.08 -5.24
N ILE L 185 -8.46 -37.00 -4.74
CA ILE L 185 -8.55 -35.77 -5.52
C ILE L 185 -7.14 -35.26 -5.74
N GLY L 186 -6.83 -35.03 -7.01
CA GLY L 186 -5.52 -34.53 -7.37
C GLY L 186 -4.48 -35.61 -7.57
N LYS L 187 -4.79 -36.85 -7.19
CA LYS L 187 -3.83 -37.94 -7.33
C LYS L 187 -4.07 -38.81 -8.54
N ILE L 188 -5.01 -38.42 -9.38
CA ILE L 188 -5.30 -39.19 -10.59
C ILE L 188 -4.24 -38.74 -11.58
N THR L 189 -3.98 -39.56 -12.61
CA THR L 189 -2.94 -39.22 -13.57
C THR L 189 -3.34 -39.35 -15.03
N SER L 190 -2.60 -38.67 -15.89
CA SER L 190 -2.88 -38.73 -17.32
C SER L 190 -2.75 -40.17 -17.77
N GLU L 191 -1.93 -40.91 -17.05
CA GLU L 191 -1.74 -42.30 -17.41
C GLU L 191 -3.03 -43.05 -17.11
N GLN L 192 -3.48 -42.99 -15.87
CA GLN L 192 -4.70 -43.66 -15.44
C GLN L 192 -5.86 -43.34 -16.38
N LEU L 193 -5.97 -42.09 -16.78
CA LEU L 193 -7.04 -41.70 -17.68
C LEU L 193 -6.85 -42.41 -19.01
N HIS L 194 -5.65 -42.29 -19.57
CA HIS L 194 -5.38 -42.95 -20.84
C HIS L 194 -5.66 -44.43 -20.78
N HIS L 195 -5.08 -45.12 -19.80
CA HIS L 195 -5.30 -46.56 -19.70
C HIS L 195 -6.79 -46.87 -19.57
N PHE L 196 -7.48 -46.15 -18.70
CA PHE L 196 -8.91 -46.40 -18.54
C PHE L 196 -9.59 -46.35 -19.90
N VAL L 197 -9.34 -45.29 -20.66
CA VAL L 197 -9.94 -45.11 -21.97
C VAL L 197 -9.51 -46.18 -22.97
N GLN L 198 -8.23 -46.51 -22.99
CA GLN L 198 -7.71 -47.52 -23.92
C GLN L 198 -8.23 -48.93 -23.60
N ASN L 199 -8.54 -49.18 -22.33
CA ASN L 199 -9.02 -50.49 -21.88
C ASN L 199 -10.55 -50.64 -21.82
N ASN L 200 -11.31 -49.59 -22.12
CA ASN L 200 -12.76 -49.66 -22.05
C ASN L 200 -13.50 -49.08 -23.22
N PHE L 201 -13.06 -47.93 -23.70
CA PHE L 201 -13.70 -47.28 -24.85
C PHE L 201 -13.27 -47.99 -26.12
N THR L 202 -13.64 -49.27 -26.21
CA THR L 202 -13.34 -50.14 -27.34
C THR L 202 -14.59 -50.46 -28.13
N SER L 203 -14.47 -50.45 -29.45
CA SER L 203 -15.59 -50.69 -30.38
C SER L 203 -16.66 -51.73 -30.00
N ALA L 204 -16.25 -52.79 -29.32
CA ALA L 204 -17.21 -53.83 -28.95
C ALA L 204 -17.96 -53.52 -27.64
N ARG L 205 -17.69 -52.35 -27.07
CA ARG L 205 -18.33 -51.94 -25.82
C ARG L 205 -19.03 -50.61 -26.01
N MET L 206 -18.92 -50.07 -27.22
CA MET L 206 -19.50 -48.78 -27.58
C MET L 206 -20.58 -48.84 -28.64
N ALA L 207 -21.51 -47.88 -28.55
CA ALA L 207 -22.60 -47.77 -29.50
C ALA L 207 -22.80 -46.31 -29.89
N LEU L 208 -23.00 -46.07 -31.19
CA LEU L 208 -23.21 -44.72 -31.71
C LEU L 208 -24.66 -44.50 -32.14
N VAL L 209 -25.53 -44.17 -31.18
CA VAL L 209 -26.95 -43.92 -31.43
C VAL L 209 -27.16 -42.56 -32.10
N GLY L 210 -28.37 -42.27 -32.57
CA GLY L 210 -28.60 -40.97 -33.21
C GLY L 210 -29.98 -40.56 -33.73
N ILE L 211 -30.77 -39.92 -32.86
CA ILE L 211 -32.09 -39.43 -33.21
C ILE L 211 -31.96 -38.20 -34.12
N GLY L 212 -32.94 -37.95 -34.97
CA GLY L 212 -32.87 -36.78 -35.84
C GLY L 212 -31.91 -36.87 -37.01
N VAL L 213 -31.46 -38.06 -37.37
CA VAL L 213 -30.54 -38.20 -38.50
C VAL L 213 -30.78 -39.45 -39.35
N LYS L 214 -30.30 -39.41 -40.60
CA LYS L 214 -30.46 -40.54 -41.52
C LYS L 214 -29.37 -41.58 -41.23
N HIS L 215 -29.80 -42.83 -41.09
CA HIS L 215 -28.88 -43.93 -40.76
C HIS L 215 -27.60 -44.08 -41.59
N SER L 216 -27.67 -43.85 -42.90
CA SER L 216 -26.47 -44.01 -43.72
C SER L 216 -25.39 -43.03 -43.31
N ASP L 217 -25.80 -41.80 -42.99
CA ASP L 217 -24.90 -40.72 -42.57
C ASP L 217 -24.24 -41.00 -41.22
N LEU L 218 -25.06 -41.34 -40.22
CA LEU L 218 -24.55 -41.63 -38.89
C LEU L 218 -23.63 -42.83 -38.96
N LYS L 219 -23.89 -43.70 -39.92
CA LYS L 219 -23.07 -44.91 -40.11
C LYS L 219 -21.70 -44.56 -40.68
N GLN L 220 -21.71 -43.84 -41.81
CA GLN L 220 -20.48 -43.43 -42.47
C GLN L 220 -19.52 -42.75 -41.50
N VAL L 221 -20.10 -41.97 -40.59
CA VAL L 221 -19.33 -41.26 -39.58
C VAL L 221 -18.61 -42.30 -38.72
N ALA L 222 -19.40 -43.11 -38.03
CA ALA L 222 -18.90 -44.15 -37.13
C ALA L 222 -17.76 -45.00 -37.71
N GLU L 223 -17.92 -45.42 -38.95
CA GLU L 223 -16.90 -46.26 -39.56
C GLU L 223 -15.61 -45.54 -39.95
N GLN L 224 -15.64 -44.89 -41.10
CA GLN L 224 -14.48 -44.17 -41.63
C GLN L 224 -13.96 -43.07 -40.72
N PHE L 225 -14.28 -43.16 -39.42
CA PHE L 225 -13.82 -42.16 -38.46
C PHE L 225 -13.35 -42.70 -37.12
N LEU L 226 -14.11 -43.59 -36.49
CA LEU L 226 -13.71 -44.13 -35.19
C LEU L 226 -12.46 -45.02 -35.29
N ASN L 227 -11.57 -44.96 -34.29
CA ASN L 227 -10.33 -45.75 -34.34
C ASN L 227 -9.81 -46.50 -33.09
N ILE L 228 -9.99 -46.00 -31.87
CA ILE L 228 -9.54 -46.80 -30.71
C ILE L 228 -10.47 -47.98 -30.88
N ARG L 229 -9.91 -49.19 -31.02
CA ARG L 229 -10.80 -50.29 -31.30
C ARG L 229 -10.64 -51.64 -30.65
N SER L 230 -11.32 -52.57 -31.32
CA SER L 230 -11.45 -54.01 -31.07
C SER L 230 -11.38 -54.58 -29.66
N GLY L 231 -12.11 -55.67 -29.49
CA GLY L 231 -12.12 -56.37 -28.22
C GLY L 231 -12.93 -55.71 -27.15
N ALA L 232 -12.92 -56.32 -25.96
CA ALA L 232 -13.67 -55.79 -24.84
C ALA L 232 -12.79 -55.41 -23.67
N GLY L 233 -11.48 -55.39 -23.88
CA GLY L 233 -10.54 -55.03 -22.81
C GLY L 233 -10.93 -55.42 -21.40
N THR L 234 -10.42 -54.68 -20.41
CA THR L 234 -10.71 -54.93 -19.00
C THR L 234 -12.15 -55.40 -18.80
N SER L 235 -12.31 -56.49 -18.05
CA SER L 235 -13.64 -56.99 -17.78
C SER L 235 -13.91 -56.79 -16.29
N SER L 236 -15.10 -56.30 -15.98
CA SER L 236 -15.46 -56.04 -14.60
C SER L 236 -15.51 -57.31 -13.78
N ALA L 237 -15.05 -57.21 -12.53
CA ALA L 237 -15.08 -58.35 -11.64
C ALA L 237 -16.55 -58.60 -11.28
N LYS L 238 -16.92 -59.87 -11.10
CA LYS L 238 -18.30 -60.20 -10.75
C LYS L 238 -18.78 -59.39 -9.55
N ALA L 239 -20.08 -59.13 -9.50
CA ALA L 239 -20.64 -58.37 -8.41
C ALA L 239 -20.97 -59.28 -7.22
N THR L 240 -20.05 -59.34 -6.27
CA THR L 240 -20.24 -60.13 -5.06
C THR L 240 -21.20 -59.32 -4.20
N TYR L 241 -21.96 -59.99 -3.34
CA TYR L 241 -22.89 -59.28 -2.46
C TYR L 241 -22.36 -59.34 -1.03
N TRP L 242 -22.39 -58.21 -0.32
CA TRP L 242 -21.89 -58.20 1.04
C TRP L 242 -23.00 -58.22 2.07
N GLY L 243 -23.91 -57.26 1.98
CA GLY L 243 -24.99 -57.18 2.94
C GLY L 243 -24.50 -56.51 4.22
N GLY L 244 -23.96 -55.32 4.07
CA GLY L 244 -23.45 -54.59 5.21
C GLY L 244 -24.42 -53.51 5.62
N GLU L 245 -24.11 -52.86 6.72
CA GLU L 245 -24.94 -51.81 7.24
C GLU L 245 -24.02 -50.63 7.60
N ILE L 246 -24.18 -49.53 6.87
CA ILE L 246 -23.37 -48.32 7.07
C ILE L 246 -24.22 -47.18 7.62
N ARG L 247 -23.83 -46.65 8.78
CA ARG L 247 -24.61 -45.55 9.38
C ARG L 247 -23.83 -44.23 9.44
N GLU L 248 -24.52 -43.12 9.17
CA GLU L 248 -23.88 -41.80 9.19
C GLU L 248 -24.58 -40.79 10.08
N GLN L 249 -24.03 -40.57 11.27
CA GLN L 249 -24.58 -39.62 12.22
C GLN L 249 -24.08 -38.22 11.87
N ASN L 250 -24.97 -37.35 11.40
CA ASN L 250 -24.55 -36.00 11.01
C ASN L 250 -25.39 -34.83 11.53
N GLY L 251 -26.35 -35.09 12.41
CA GLY L 251 -27.14 -34.00 12.96
C GLY L 251 -28.44 -33.60 12.26
N HIS L 252 -28.52 -33.84 10.94
CA HIS L 252 -29.70 -33.51 10.14
C HIS L 252 -31.01 -33.87 10.83
N SER L 253 -31.95 -32.93 10.86
CA SER L 253 -33.24 -33.20 11.49
C SER L 253 -33.95 -34.34 10.76
N LEU L 254 -33.61 -34.54 9.49
CA LEU L 254 -34.23 -35.58 8.70
C LEU L 254 -33.32 -36.77 8.44
N VAL L 255 -33.83 -37.95 8.75
CA VAL L 255 -33.11 -39.20 8.56
C VAL L 255 -33.55 -39.89 7.26
N HIS L 256 -32.57 -40.25 6.45
CA HIS L 256 -32.84 -40.97 5.21
C HIS L 256 -32.40 -42.40 5.48
N ALA L 257 -33.17 -43.37 5.01
CA ALA L 257 -32.83 -44.77 5.22
C ALA L 257 -33.21 -45.59 4.00
N ALA L 258 -32.38 -46.58 3.71
CA ALA L 258 -32.62 -47.45 2.57
C ALA L 258 -32.22 -48.87 2.91
N VAL L 259 -33.20 -49.77 2.91
CA VAL L 259 -32.96 -51.16 3.20
C VAL L 259 -33.27 -51.95 1.93
N VAL L 260 -32.30 -52.73 1.47
CA VAL L 260 -32.50 -53.51 0.26
C VAL L 260 -31.94 -54.92 0.36
N THR L 261 -32.17 -55.68 -0.70
CA THR L 261 -31.72 -57.06 -0.82
C THR L 261 -31.36 -57.24 -2.27
N GLU L 262 -30.58 -58.27 -2.56
CA GLU L 262 -30.20 -58.55 -3.94
C GLU L 262 -31.49 -58.59 -4.75
N GLY L 263 -31.55 -57.78 -5.80
CA GLY L 263 -32.74 -57.72 -6.62
C GLY L 263 -32.52 -58.52 -7.87
N ALA L 264 -32.98 -58.01 -9.00
CA ALA L 264 -32.82 -58.73 -10.27
C ALA L 264 -31.87 -58.04 -11.21
N ALA L 265 -31.28 -58.81 -12.11
CA ALA L 265 -30.34 -58.28 -13.10
C ALA L 265 -31.12 -57.70 -14.26
N VAL L 266 -30.43 -57.09 -15.21
CA VAL L 266 -31.06 -56.52 -16.39
C VAL L 266 -31.41 -57.69 -17.31
N GLY L 267 -32.25 -57.44 -18.32
CA GLY L 267 -32.63 -58.50 -19.25
C GLY L 267 -33.15 -59.80 -18.64
N SER L 268 -33.33 -59.80 -17.32
CA SER L 268 -33.84 -60.96 -16.59
C SER L 268 -35.37 -60.94 -16.60
N ALA L 269 -35.97 -62.12 -16.47
CA ALA L 269 -37.42 -62.25 -16.45
C ALA L 269 -37.92 -61.77 -15.10
N GLU L 270 -37.16 -62.11 -14.06
CA GLU L 270 -37.48 -61.73 -12.68
C GLU L 270 -37.45 -60.19 -12.50
N ALA L 271 -37.05 -59.48 -13.55
CA ALA L 271 -36.98 -58.01 -13.53
C ALA L 271 -38.37 -57.41 -13.45
N ASN L 272 -39.11 -57.55 -14.55
CA ASN L 272 -40.48 -57.07 -14.67
C ASN L 272 -41.26 -57.26 -13.39
N ALA L 273 -41.12 -58.45 -12.81
CA ALA L 273 -41.82 -58.80 -11.58
C ALA L 273 -41.60 -57.77 -10.48
N PHE L 274 -40.33 -57.40 -10.27
CA PHE L 274 -39.97 -56.42 -9.26
C PHE L 274 -40.48 -55.04 -9.62
N SER L 275 -40.23 -54.65 -10.86
CA SER L 275 -40.65 -53.36 -11.35
C SER L 275 -42.11 -53.20 -10.98
N VAL L 276 -42.87 -54.28 -11.13
CA VAL L 276 -44.29 -54.25 -10.79
C VAL L 276 -44.51 -54.17 -9.28
N LEU L 277 -43.82 -55.02 -8.52
CA LEU L 277 -43.96 -54.97 -7.07
C LEU L 277 -43.57 -53.57 -6.62
N GLN L 278 -42.79 -52.90 -7.45
CA GLN L 278 -42.34 -51.54 -7.15
C GLN L 278 -43.58 -50.65 -7.13
N HIS L 279 -44.20 -50.49 -8.30
CA HIS L 279 -45.40 -49.67 -8.41
C HIS L 279 -46.48 -50.08 -7.43
N VAL L 280 -46.56 -51.36 -7.11
CA VAL L 280 -47.54 -51.83 -6.16
C VAL L 280 -47.26 -51.27 -4.77
N LEU L 281 -46.00 -51.35 -4.33
CA LEU L 281 -45.63 -50.82 -3.03
C LEU L 281 -45.67 -49.31 -3.08
N GLY L 282 -45.51 -48.80 -4.30
CA GLY L 282 -45.54 -47.36 -4.53
C GLY L 282 -44.19 -46.72 -4.72
N ALA L 283 -44.02 -46.03 -5.85
CA ALA L 283 -42.75 -45.37 -6.14
C ALA L 283 -42.97 -44.06 -6.88
N GLY L 284 -43.03 -42.96 -6.14
CA GLY L 284 -43.22 -41.65 -6.76
C GLY L 284 -44.67 -41.22 -6.89
N PRO L 285 -45.01 -39.99 -6.43
CA PRO L 285 -46.37 -39.47 -6.51
C PRO L 285 -46.78 -39.03 -7.92
N LEU L 286 -48.09 -39.07 -8.20
CA LEU L 286 -48.60 -38.67 -9.51
C LEU L 286 -49.50 -37.45 -9.38
N ILE L 287 -49.75 -37.05 -8.13
CA ILE L 287 -50.59 -35.89 -7.85
C ILE L 287 -49.84 -34.89 -6.96
N LYS L 288 -49.67 -33.67 -7.47
CA LYS L 288 -48.97 -32.61 -6.75
C LYS L 288 -49.48 -32.37 -5.34
N ARG L 289 -48.59 -32.43 -4.35
CA ARG L 289 -48.97 -32.22 -2.95
C ARG L 289 -50.01 -33.22 -2.53
N GLY L 290 -50.22 -34.23 -3.37
CA GLY L 290 -51.23 -35.22 -3.06
C GLY L 290 -50.75 -36.43 -2.27
N SER L 291 -51.72 -37.16 -1.72
CA SER L 291 -51.45 -38.39 -0.96
C SER L 291 -51.47 -39.50 -2.00
N SER L 292 -50.77 -40.59 -1.72
CA SER L 292 -50.74 -41.70 -2.66
C SER L 292 -51.46 -42.88 -2.04
N VAL L 293 -52.68 -43.11 -2.49
CA VAL L 293 -53.49 -44.22 -1.98
C VAL L 293 -53.04 -45.51 -2.66
N THR L 294 -52.80 -45.41 -3.97
CA THR L 294 -52.36 -46.53 -4.78
C THR L 294 -50.97 -47.01 -4.33
N SER L 295 -50.45 -46.36 -3.29
CA SER L 295 -49.15 -46.72 -2.76
C SER L 295 -49.34 -47.35 -1.39
N LYS L 296 -49.17 -48.66 -1.34
CA LYS L 296 -49.33 -49.41 -0.09
C LYS L 296 -48.27 -48.98 0.90
N LEU L 297 -47.03 -48.97 0.42
CA LEU L 297 -45.90 -48.59 1.25
C LEU L 297 -46.14 -47.21 1.87
N TYR L 298 -46.50 -46.25 1.03
CA TYR L 298 -46.76 -44.90 1.51
C TYR L 298 -47.89 -44.98 2.54
N GLN L 299 -49.06 -45.39 2.06
CA GLN L 299 -50.26 -45.53 2.88
C GLN L 299 -49.98 -46.26 4.18
N GLY L 300 -49.13 -47.28 4.13
CA GLY L 300 -48.82 -48.01 5.34
C GLY L 300 -48.11 -47.12 6.35
N VAL L 301 -47.05 -46.46 5.89
CA VAL L 301 -46.24 -45.59 6.75
C VAL L 301 -47.05 -44.40 7.23
N ALA L 302 -47.98 -43.94 6.40
CA ALA L 302 -48.82 -42.81 6.76
C ALA L 302 -49.58 -43.14 8.05
N LYS L 303 -50.19 -44.32 8.08
CA LYS L 303 -50.93 -44.77 9.25
C LYS L 303 -50.01 -44.86 10.45
N ALA L 304 -48.75 -45.21 10.19
CA ALA L 304 -47.74 -45.36 11.23
C ALA L 304 -47.34 -44.07 11.97
N THR L 305 -46.85 -43.09 11.22
CA THR L 305 -46.42 -41.82 11.83
C THR L 305 -47.46 -40.72 11.66
N THR L 306 -47.18 -39.56 12.26
CA THR L 306 -48.09 -38.42 12.20
C THR L 306 -47.46 -37.22 11.51
N GLN L 307 -46.13 -37.11 11.64
CA GLN L 307 -45.37 -36.01 11.06
C GLN L 307 -44.98 -36.32 9.61
N PRO L 308 -44.53 -35.28 8.89
CA PRO L 308 -44.11 -35.40 7.49
C PRO L 308 -43.01 -36.44 7.27
N PHE L 309 -43.04 -37.03 6.08
CA PHE L 309 -42.10 -38.07 5.69
C PHE L 309 -42.31 -38.41 4.21
N ASP L 310 -41.60 -39.43 3.76
CA ASP L 310 -41.74 -39.93 2.40
C ASP L 310 -41.12 -41.31 2.37
N ALA L 311 -41.75 -42.20 1.62
CA ALA L 311 -41.27 -43.57 1.50
C ALA L 311 -41.56 -44.04 0.09
N SER L 312 -40.65 -44.85 -0.47
CA SER L 312 -40.86 -45.34 -1.83
C SER L 312 -40.23 -46.69 -2.06
N ALA L 313 -40.58 -47.26 -3.21
CA ALA L 313 -40.04 -48.55 -3.59
C ALA L 313 -38.78 -48.25 -4.36
N PHE L 314 -37.67 -48.81 -3.89
CA PHE L 314 -36.39 -48.62 -4.53
C PHE L 314 -36.06 -49.81 -5.44
N ASN L 315 -35.65 -49.55 -6.68
CA ASN L 315 -35.33 -50.65 -7.58
C ASN L 315 -34.29 -50.31 -8.64
N VAL L 316 -33.15 -51.02 -8.58
CA VAL L 316 -32.05 -50.83 -9.53
C VAL L 316 -31.70 -52.13 -10.24
N ASN L 317 -31.55 -52.06 -11.57
CA ASN L 317 -31.21 -53.25 -12.34
C ASN L 317 -29.85 -53.11 -13.05
N TYR L 318 -28.86 -53.86 -12.60
CA TYR L 318 -27.51 -53.83 -13.16
C TYR L 318 -27.16 -55.10 -13.93
N SER L 319 -26.31 -54.94 -14.96
CA SER L 319 -25.85 -56.04 -15.80
C SER L 319 -25.84 -57.43 -15.15
N ASP L 320 -25.08 -57.58 -14.07
CA ASP L 320 -24.98 -58.86 -13.39
C ASP L 320 -25.50 -58.81 -11.96
N SER L 321 -26.54 -58.04 -11.72
CA SER L 321 -27.10 -57.95 -10.37
C SER L 321 -28.05 -56.77 -10.27
N GLY L 322 -28.64 -56.60 -9.10
CA GLY L 322 -29.57 -55.51 -8.92
C GLY L 322 -29.80 -55.25 -7.45
N LEU L 323 -30.62 -54.25 -7.16
CA LEU L 323 -30.96 -53.90 -5.79
C LEU L 323 -32.44 -53.55 -5.68
N PHE L 324 -33.08 -54.03 -4.62
CA PHE L 324 -34.51 -53.77 -4.40
C PHE L 324 -34.83 -53.60 -2.91
N GLY L 325 -35.77 -52.70 -2.64
CA GLY L 325 -36.18 -52.42 -1.28
C GLY L 325 -36.91 -51.11 -1.25
N PHE L 326 -36.87 -50.45 -0.11
CA PHE L 326 -37.55 -49.19 0.04
C PHE L 326 -36.59 -48.12 0.56
N TYR L 327 -36.98 -46.86 0.40
CA TYR L 327 -36.17 -45.72 0.84
C TYR L 327 -37.11 -44.80 1.61
N THR L 328 -36.69 -44.35 2.79
CA THR L 328 -37.56 -43.51 3.61
C THR L 328 -36.94 -42.27 4.23
N ILE L 329 -37.62 -41.15 4.08
CA ILE L 329 -37.16 -39.88 4.66
C ILE L 329 -38.10 -39.56 5.82
N SER L 330 -37.57 -39.12 6.95
CA SER L 330 -38.44 -38.84 8.09
C SER L 330 -37.75 -38.12 9.23
N GLN L 331 -38.54 -37.45 10.08
CA GLN L 331 -37.97 -36.75 11.21
C GLN L 331 -37.22 -37.78 12.04
N ALA L 332 -36.06 -37.39 12.54
CA ALA L 332 -35.22 -38.29 13.32
C ALA L 332 -35.97 -39.14 14.35
N ALA L 333 -36.66 -38.48 15.27
CA ALA L 333 -37.39 -39.19 16.30
C ALA L 333 -38.44 -40.19 15.81
N HIS L 334 -38.81 -40.12 14.53
CA HIS L 334 -39.84 -41.03 14.00
C HIS L 334 -39.35 -42.00 12.92
N ALA L 335 -38.04 -42.07 12.70
CA ALA L 335 -37.54 -42.99 11.68
C ALA L 335 -37.74 -44.42 12.15
N GLY L 336 -37.84 -44.61 13.47
CA GLY L 336 -38.04 -45.93 14.02
C GLY L 336 -39.38 -46.49 13.59
N GLU L 337 -40.45 -45.82 14.02
CA GLU L 337 -41.78 -46.27 13.66
C GLU L 337 -41.96 -46.26 12.13
N VAL L 338 -41.34 -45.31 11.44
CA VAL L 338 -41.48 -45.22 9.99
C VAL L 338 -40.83 -46.35 9.20
N ILE L 339 -39.63 -46.76 9.60
CA ILE L 339 -38.96 -47.84 8.87
C ILE L 339 -39.64 -49.18 9.08
N ARG L 340 -40.08 -49.44 10.31
CA ARG L 340 -40.77 -50.67 10.67
C ARG L 340 -41.96 -50.81 9.72
N ALA L 341 -42.80 -49.77 9.74
CA ALA L 341 -43.99 -49.70 8.92
C ALA L 341 -43.68 -50.14 7.49
N ALA L 342 -42.67 -49.53 6.90
CA ALA L 342 -42.28 -49.85 5.54
C ALA L 342 -41.93 -51.34 5.42
N MET L 343 -41.43 -51.91 6.51
CA MET L 343 -41.07 -53.33 6.54
C MET L 343 -42.35 -54.18 6.57
N ASN L 344 -43.15 -54.00 7.60
CA ASN L 344 -44.39 -54.76 7.76
C ASN L 344 -45.16 -54.77 6.47
N GLN L 345 -45.18 -53.63 5.79
CA GLN L 345 -45.89 -53.53 4.53
C GLN L 345 -45.26 -54.34 3.41
N LEU L 346 -44.04 -54.84 3.66
CA LEU L 346 -43.33 -55.66 2.68
C LEU L 346 -43.55 -57.14 3.01
N LYS L 347 -43.60 -57.44 4.31
CA LYS L 347 -43.84 -58.79 4.76
C LYS L 347 -45.30 -59.08 4.41
N ALA L 348 -46.18 -58.15 4.79
CA ALA L 348 -47.60 -58.28 4.51
C ALA L 348 -47.87 -58.53 3.03
N ALA L 349 -47.05 -57.94 2.18
CA ALA L 349 -47.20 -58.10 0.73
C ALA L 349 -46.60 -59.41 0.24
N ALA L 350 -45.62 -59.90 0.99
CA ALA L 350 -44.95 -61.15 0.63
C ALA L 350 -45.81 -62.33 1.03
N GLN L 351 -46.82 -62.07 1.86
CA GLN L 351 -47.74 -63.10 2.33
C GLN L 351 -49.10 -62.96 1.63
N GLY L 352 -49.08 -62.87 0.29
CA GLY L 352 -50.30 -62.74 -0.47
C GLY L 352 -51.14 -61.49 -0.25
N GLY L 353 -50.59 -60.46 0.40
CA GLY L 353 -51.35 -59.24 0.64
C GLY L 353 -51.43 -58.34 -0.59
N VAL L 354 -51.60 -58.97 -1.75
CA VAL L 354 -51.67 -58.27 -3.02
C VAL L 354 -52.93 -58.69 -3.81
N THR L 355 -53.83 -57.73 -4.02
CA THR L 355 -55.06 -57.97 -4.80
C THR L 355 -54.67 -58.26 -6.25
N GLU L 356 -55.55 -58.92 -6.98
CA GLU L 356 -55.27 -59.22 -8.38
C GLU L 356 -55.42 -57.92 -9.18
N GLU L 357 -56.04 -56.92 -8.54
CA GLU L 357 -56.26 -55.63 -9.16
C GLU L 357 -55.06 -54.71 -8.95
N ASP L 358 -54.44 -54.79 -7.78
CA ASP L 358 -53.28 -53.98 -7.48
C ASP L 358 -52.26 -54.27 -8.56
N VAL L 359 -52.21 -55.54 -8.97
CA VAL L 359 -51.29 -55.97 -10.01
C VAL L 359 -51.69 -55.34 -11.33
N THR L 360 -53.00 -55.11 -11.50
CA THR L 360 -53.51 -54.51 -12.72
C THR L 360 -53.17 -53.01 -12.74
N LYS L 361 -53.44 -52.32 -11.63
CA LYS L 361 -53.17 -50.89 -11.52
C LYS L 361 -51.71 -50.62 -11.82
N ALA L 362 -50.82 -51.23 -11.04
CA ALA L 362 -49.38 -51.06 -11.21
C ALA L 362 -49.01 -51.22 -12.68
N LYS L 363 -49.32 -52.38 -13.25
CA LYS L 363 -49.03 -52.65 -14.66
C LYS L 363 -49.35 -51.48 -15.59
N ASN L 364 -50.34 -50.66 -15.21
CA ASN L 364 -50.73 -49.52 -16.02
C ASN L 364 -49.80 -48.37 -15.72
N GLN L 365 -49.65 -48.08 -14.42
CA GLN L 365 -48.78 -47.00 -13.97
C GLN L 365 -47.40 -47.21 -14.59
N LEU L 366 -46.97 -48.47 -14.69
CA LEU L 366 -45.68 -48.80 -15.26
C LEU L 366 -45.62 -48.57 -16.78
N LYS L 367 -46.61 -49.05 -17.50
CA LYS L 367 -46.64 -48.86 -18.96
C LYS L 367 -46.75 -47.38 -19.32
N ALA L 368 -47.47 -46.63 -18.49
CA ALA L 368 -47.65 -45.20 -18.71
C ALA L 368 -46.29 -44.54 -18.48
N THR L 369 -45.79 -44.70 -17.25
CA THR L 369 -44.49 -44.18 -16.86
C THR L 369 -43.48 -44.45 -17.97
N TYR L 370 -43.35 -45.71 -18.39
CA TYR L 370 -42.44 -46.07 -19.47
C TYR L 370 -42.68 -45.23 -20.72
N LEU L 371 -43.91 -45.25 -21.22
CA LEU L 371 -44.29 -44.50 -22.42
C LEU L 371 -44.09 -42.99 -22.37
N MET L 372 -44.26 -42.41 -21.19
CA MET L 372 -44.08 -40.97 -21.01
C MET L 372 -42.59 -40.65 -21.03
N SER L 373 -41.83 -41.50 -20.35
CA SER L 373 -40.38 -41.37 -20.23
C SER L 373 -39.64 -41.33 -21.56
N VAL L 374 -40.37 -41.32 -22.67
CA VAL L 374 -39.72 -41.33 -23.96
C VAL L 374 -40.20 -40.21 -24.89
N GLU L 375 -40.87 -39.21 -24.33
CA GLU L 375 -41.34 -38.07 -25.12
C GLU L 375 -40.13 -37.14 -25.34
N THR L 376 -39.24 -37.12 -24.35
CA THR L 376 -38.01 -36.33 -24.31
C THR L 376 -37.01 -36.76 -25.36
N ALA L 377 -36.36 -35.81 -26.03
CA ALA L 377 -35.35 -36.15 -27.01
C ALA L 377 -34.33 -37.01 -26.26
N GLN L 378 -34.08 -36.58 -25.02
CA GLN L 378 -33.15 -37.24 -24.14
C GLN L 378 -33.61 -38.65 -23.83
N GLY L 379 -34.76 -38.75 -23.15
CA GLY L 379 -35.31 -40.04 -22.78
C GLY L 379 -35.40 -41.07 -23.90
N LEU L 380 -35.72 -40.60 -25.10
CA LEU L 380 -35.83 -41.47 -26.27
C LEU L 380 -34.48 -42.07 -26.63
N LEU L 381 -33.49 -41.20 -26.89
CA LEU L 381 -32.15 -41.65 -27.26
C LEU L 381 -31.58 -42.58 -26.20
N ASN L 382 -31.85 -42.25 -24.94
CA ASN L 382 -31.38 -43.09 -23.84
C ASN L 382 -31.96 -44.49 -24.01
N GLU L 383 -33.27 -44.56 -24.15
CA GLU L 383 -33.97 -45.84 -24.34
C GLU L 383 -33.37 -46.63 -25.51
N ILE L 384 -33.36 -46.03 -26.70
CA ILE L 384 -32.81 -46.66 -27.90
C ILE L 384 -31.37 -47.13 -27.72
N GLY L 385 -30.52 -46.23 -27.25
CA GLY L 385 -29.13 -46.59 -27.04
C GLY L 385 -28.92 -47.70 -26.03
N SER L 386 -29.61 -47.64 -24.89
CA SER L 386 -29.45 -48.66 -23.87
C SER L 386 -29.51 -50.07 -24.45
N GLU L 387 -30.52 -50.31 -25.30
CA GLU L 387 -30.67 -51.60 -25.94
C GLU L 387 -29.53 -51.86 -26.89
N ALA L 388 -29.42 -51.03 -27.91
CA ALA L 388 -28.36 -51.17 -28.91
C ALA L 388 -26.96 -51.49 -28.33
N LEU L 389 -26.79 -51.33 -27.02
CA LEU L 389 -25.50 -51.61 -26.39
C LEU L 389 -25.53 -52.94 -25.64
N LEU L 390 -26.47 -53.09 -24.72
CA LEU L 390 -26.60 -54.32 -23.93
C LEU L 390 -27.48 -55.35 -24.62
N SER L 391 -27.53 -55.29 -25.95
CA SER L 391 -28.35 -56.20 -26.73
C SER L 391 -27.93 -56.22 -28.19
N GLY L 392 -28.34 -55.19 -28.94
CA GLY L 392 -28.00 -55.12 -30.34
C GLY L 392 -29.28 -55.04 -31.13
N THR L 393 -30.38 -54.88 -30.41
CA THR L 393 -31.71 -54.81 -31.02
C THR L 393 -32.63 -53.83 -30.30
N HIS L 394 -33.86 -53.70 -30.83
CA HIS L 394 -34.86 -52.81 -30.25
C HIS L 394 -36.19 -53.51 -30.01
N THR L 395 -36.48 -53.79 -28.74
CA THR L 395 -37.72 -54.45 -28.33
C THR L 395 -38.88 -53.48 -28.56
N ALA L 396 -39.73 -53.80 -29.54
CA ALA L 396 -40.88 -52.96 -29.87
C ALA L 396 -41.67 -52.58 -28.61
N PRO L 397 -42.31 -51.41 -28.61
CA PRO L 397 -43.07 -50.97 -27.44
C PRO L 397 -44.20 -51.92 -27.05
N SER L 398 -44.75 -52.62 -28.03
CA SER L 398 -45.84 -53.57 -27.80
C SER L 398 -45.34 -54.85 -27.14
N VAL L 399 -44.07 -55.17 -27.40
CA VAL L 399 -43.42 -56.36 -26.86
C VAL L 399 -43.09 -56.14 -25.39
N VAL L 400 -42.62 -54.94 -25.06
CA VAL L 400 -42.27 -54.60 -23.69
C VAL L 400 -43.55 -54.53 -22.87
N ALA L 401 -44.66 -54.23 -23.56
CA ALA L 401 -45.97 -54.16 -22.93
C ALA L 401 -46.43 -55.60 -22.69
N GLN L 402 -46.25 -56.45 -23.70
CA GLN L 402 -46.64 -57.86 -23.59
C GLN L 402 -45.88 -58.56 -22.46
N LYS L 403 -44.64 -58.12 -22.24
CA LYS L 403 -43.75 -58.69 -21.22
C LYS L 403 -44.17 -58.22 -19.83
N ILE L 404 -44.66 -56.98 -19.76
CA ILE L 404 -45.05 -56.41 -18.48
C ILE L 404 -46.33 -57.01 -17.89
N ASP L 405 -47.45 -56.96 -18.62
CA ASP L 405 -48.70 -57.53 -18.08
C ASP L 405 -48.66 -59.04 -17.95
N SER L 406 -47.68 -59.68 -18.58
CA SER L 406 -47.56 -61.13 -18.49
C SER L 406 -46.85 -61.47 -17.17
N VAL L 407 -47.34 -60.87 -16.09
CA VAL L 407 -46.76 -61.11 -14.77
C VAL L 407 -47.86 -61.48 -13.77
N THR L 408 -47.84 -62.73 -13.35
CA THR L 408 -48.84 -63.25 -12.42
C THR L 408 -48.85 -62.50 -11.09
N SER L 409 -49.93 -62.70 -10.35
CA SER L 409 -50.12 -62.10 -9.03
C SER L 409 -49.16 -62.79 -8.08
N ALA L 410 -48.61 -63.91 -8.51
CA ALA L 410 -47.69 -64.69 -7.70
C ALA L 410 -46.27 -64.11 -7.79
N ASP L 411 -45.78 -63.96 -9.02
CA ASP L 411 -44.44 -63.42 -9.28
C ASP L 411 -44.18 -62.27 -8.31
N VAL L 412 -45.21 -61.43 -8.18
CA VAL L 412 -45.18 -60.28 -7.30
C VAL L 412 -44.96 -60.72 -5.85
N VAL L 413 -45.89 -61.50 -5.30
CA VAL L 413 -45.76 -61.95 -3.93
C VAL L 413 -44.43 -62.65 -3.70
N ASN L 414 -43.97 -63.40 -4.70
CA ASN L 414 -42.68 -64.10 -4.61
C ASN L 414 -41.55 -63.08 -4.48
N ALA L 415 -41.58 -62.09 -5.36
CA ALA L 415 -40.59 -61.03 -5.34
C ALA L 415 -40.53 -60.55 -3.91
N ALA L 416 -41.69 -60.14 -3.39
CA ALA L 416 -41.79 -59.66 -2.02
C ALA L 416 -41.11 -60.62 -1.05
N LYS L 417 -41.38 -61.92 -1.23
CA LYS L 417 -40.78 -62.94 -0.37
C LYS L 417 -39.27 -62.83 -0.41
N LYS L 418 -38.71 -63.00 -1.61
CA LYS L 418 -37.28 -62.93 -1.85
C LYS L 418 -36.62 -61.81 -1.05
N PHE L 419 -37.39 -60.76 -0.79
CA PHE L 419 -36.90 -59.62 -0.03
C PHE L 419 -36.91 -59.90 1.47
N VAL L 420 -38.05 -60.37 1.96
CA VAL L 420 -38.19 -60.65 3.39
C VAL L 420 -37.27 -61.78 3.82
N SER L 421 -36.77 -62.54 2.86
CA SER L 421 -35.89 -63.65 3.14
C SER L 421 -34.39 -63.32 2.97
N GLY L 422 -34.04 -62.83 1.79
CA GLY L 422 -32.66 -62.47 1.48
C GLY L 422 -31.94 -61.67 2.56
N LYS L 423 -30.62 -61.61 2.44
CA LYS L 423 -29.79 -60.86 3.38
C LYS L 423 -29.90 -59.39 3.01
N LYS L 424 -30.31 -58.56 3.96
CA LYS L 424 -30.47 -57.14 3.72
C LYS L 424 -29.23 -56.31 4.03
N SER L 425 -29.07 -55.22 3.28
CA SER L 425 -27.97 -54.27 3.49
C SER L 425 -28.66 -52.91 3.64
N MET L 426 -28.27 -52.17 4.67
CA MET L 426 -28.90 -50.88 4.95
C MET L 426 -27.95 -49.67 5.00
N ALA L 427 -28.42 -48.54 4.47
CA ALA L 427 -27.66 -47.30 4.45
C ALA L 427 -28.56 -46.20 5.04
N ALA L 428 -28.07 -45.49 6.06
CA ALA L 428 -28.84 -44.44 6.72
C ALA L 428 -27.98 -43.27 7.18
N SER L 429 -28.49 -42.03 6.99
CA SER L 429 -27.76 -40.83 7.39
C SER L 429 -28.62 -39.67 7.94
N GLY L 430 -28.30 -39.26 9.17
CA GLY L 430 -29.02 -38.17 9.81
C GLY L 430 -28.80 -38.31 11.29
N ASP L 431 -29.71 -37.76 12.11
CA ASP L 431 -29.61 -37.90 13.56
C ASP L 431 -30.21 -39.29 13.78
N LEU L 432 -29.37 -40.31 13.64
CA LEU L 432 -29.80 -41.70 13.75
C LEU L 432 -30.11 -42.21 15.17
N GLY L 433 -30.06 -41.30 16.15
CA GLY L 433 -30.31 -41.67 17.53
C GLY L 433 -31.49 -42.57 17.83
N SER L 434 -32.51 -42.52 16.98
CA SER L 434 -33.71 -43.34 17.17
C SER L 434 -33.96 -44.17 15.93
N THR L 435 -32.90 -44.40 15.16
CA THR L 435 -33.02 -45.20 13.95
C THR L 435 -32.61 -46.63 14.29
N PRO L 436 -33.33 -47.62 13.75
CA PRO L 436 -33.01 -49.02 14.04
C PRO L 436 -31.86 -49.60 13.22
N PHE L 437 -31.24 -50.64 13.75
CA PHE L 437 -30.15 -51.34 13.09
C PHE L 437 -30.75 -52.47 12.25
N LEU L 438 -30.09 -52.80 11.15
CA LEU L 438 -30.54 -53.84 10.24
C LEU L 438 -31.02 -55.09 10.96
N ASP L 439 -30.38 -55.45 12.07
CA ASP L 439 -30.79 -56.65 12.81
C ASP L 439 -31.98 -56.45 13.76
N GLU L 440 -32.58 -55.27 13.74
CA GLU L 440 -33.74 -55.02 14.61
C GLU L 440 -35.00 -54.93 13.76
N LEU L 441 -34.90 -55.34 12.50
CA LEU L 441 -36.05 -55.30 11.61
C LEU L 441 -36.59 -56.70 11.31
N ALA M 2 -6.64 -7.86 -12.09
CA ALA M 2 -7.88 -7.15 -11.66
C ALA M 2 -8.69 -6.62 -12.86
N PRO M 3 -10.03 -6.68 -12.77
CA PRO M 3 -10.97 -6.21 -13.80
C PRO M 3 -10.86 -4.73 -14.23
N ASN M 4 -11.24 -3.79 -13.36
CA ASN M 4 -11.13 -2.37 -13.72
C ASN M 4 -9.80 -1.74 -13.35
N ILE M 5 -9.24 -1.01 -14.31
CA ILE M 5 -7.95 -0.35 -14.20
C ILE M 5 -7.88 0.72 -13.12
N ARG M 6 -8.98 0.93 -12.41
CA ARG M 6 -8.99 1.94 -11.35
C ARG M 6 -8.43 1.35 -10.06
N LYS M 7 -8.39 0.02 -10.00
CA LYS M 7 -7.88 -0.68 -8.83
C LYS M 7 -6.49 -1.28 -9.02
N SER M 8 -6.19 -1.73 -10.23
CA SER M 8 -4.90 -2.35 -10.53
C SER M 8 -3.72 -1.38 -10.70
N HIS M 9 -3.90 -0.38 -11.56
CA HIS M 9 -2.88 0.63 -11.84
C HIS M 9 -2.23 1.16 -10.56
N PRO M 10 -0.89 1.17 -10.50
CA PRO M 10 -0.19 1.67 -9.31
C PRO M 10 -0.54 3.11 -8.89
N LEU M 11 -0.93 3.95 -9.86
CA LEU M 11 -1.28 5.35 -9.55
C LEU M 11 -2.77 5.61 -9.37
N LEU M 12 -3.58 5.25 -10.35
CA LEU M 12 -5.02 5.45 -10.26
C LEU M 12 -5.51 4.82 -8.97
N LYS M 13 -4.97 3.66 -8.65
CA LYS M 13 -5.31 2.93 -7.44
C LYS M 13 -5.19 3.85 -6.22
N MET M 14 -4.16 4.71 -6.21
CA MET M 14 -3.95 5.63 -5.10
C MET M 14 -5.01 6.73 -5.14
N ILE M 15 -5.32 7.20 -6.34
CA ILE M 15 -6.33 8.24 -6.52
C ILE M 15 -7.69 7.68 -6.14
N ASN M 16 -7.92 6.41 -6.48
CA ASN M 16 -9.17 5.74 -6.16
C ASN M 16 -9.35 5.51 -4.65
N ASN M 17 -8.31 5.01 -3.98
CA ASN M 17 -8.42 4.72 -2.55
C ASN M 17 -8.38 5.94 -1.63
N SER M 18 -8.51 7.14 -2.19
CA SER M 18 -8.49 8.35 -1.38
C SER M 18 -9.42 9.46 -1.90
N LEU M 19 -10.10 9.21 -3.01
CA LEU M 19 -11.00 10.20 -3.58
C LEU M 19 -12.15 9.64 -4.40
N ILE M 20 -12.34 8.33 -4.37
CA ILE M 20 -13.43 7.77 -5.16
C ILE M 20 -14.11 6.58 -4.50
N ASP M 21 -13.32 5.58 -4.11
CA ASP M 21 -13.89 4.40 -3.48
C ASP M 21 -13.63 4.43 -1.99
N LEU M 22 -13.14 5.57 -1.52
CA LEU M 22 -12.84 5.75 -0.10
C LEU M 22 -14.08 5.81 0.78
N PRO M 23 -14.12 5.01 1.84
CA PRO M 23 -15.24 4.94 2.79
C PRO M 23 -15.39 6.16 3.71
N ALA M 24 -16.54 6.80 3.61
CA ALA M 24 -16.83 7.99 4.41
C ALA M 24 -18.15 7.88 5.14
N PRO M 25 -18.20 8.42 6.38
CA PRO M 25 -19.42 8.38 7.17
C PRO M 25 -20.53 9.05 6.36
N SER M 26 -21.73 8.53 6.45
CA SER M 26 -22.87 9.08 5.73
C SER M 26 -23.37 10.41 6.32
N ASN M 27 -22.99 10.67 7.57
CA ASN M 27 -23.46 11.86 8.25
C ASN M 27 -22.50 13.01 8.52
N ILE M 28 -21.37 13.10 7.84
CA ILE M 28 -20.48 14.20 8.15
C ILE M 28 -21.10 15.49 7.61
N SER M 29 -21.02 16.53 8.44
CA SER M 29 -21.59 17.83 8.13
C SER M 29 -20.67 18.75 7.36
N ALA M 30 -21.03 20.02 7.36
CA ALA M 30 -20.27 21.01 6.66
C ALA M 30 -18.94 21.26 7.34
N TRP M 31 -18.87 20.98 8.63
CA TRP M 31 -17.60 21.21 9.31
C TRP M 31 -16.48 20.32 8.78
N TRP M 32 -16.86 19.35 7.95
CA TRP M 32 -15.87 18.43 7.36
C TRP M 32 -15.45 18.89 5.97
N ASN M 33 -15.91 20.07 5.57
CA ASN M 33 -15.58 20.62 4.25
C ASN M 33 -14.29 21.43 4.23
N PHE M 34 -13.82 21.86 5.39
CA PHE M 34 -12.61 22.67 5.46
C PHE M 34 -11.29 21.97 5.10
N GLY M 35 -11.30 20.64 5.13
CA GLY M 35 -10.09 19.92 4.77
C GLY M 35 -9.78 20.17 3.31
N SER M 36 -10.74 19.87 2.46
CA SER M 36 -10.54 20.08 1.04
C SER M 36 -10.27 21.55 0.76
N LEU M 37 -11.01 22.44 1.42
CA LEU M 37 -10.82 23.87 1.19
C LEU M 37 -9.39 24.20 1.49
N LEU M 38 -8.91 23.76 2.65
CA LEU M 38 -7.54 24.00 3.05
C LEU M 38 -6.61 23.55 1.94
N ALA M 39 -6.85 22.35 1.43
CA ALA M 39 -6.05 21.82 0.33
C ALA M 39 -6.13 22.74 -0.90
N VAL M 40 -7.35 22.95 -1.41
CA VAL M 40 -7.55 23.80 -2.58
C VAL M 40 -6.91 25.15 -2.36
N CYS M 41 -7.19 25.70 -1.20
CA CYS M 41 -6.65 26.97 -0.79
C CYS M 41 -5.13 26.98 -1.04
N LEU M 42 -4.46 25.89 -0.65
CA LEU M 42 -3.02 25.72 -0.78
C LEU M 42 -2.55 25.74 -2.23
N MET M 43 -3.24 25.00 -3.08
CA MET M 43 -2.89 24.94 -4.49
C MET M 43 -3.02 26.33 -5.11
N THR M 44 -3.99 27.08 -4.63
CA THR M 44 -4.24 28.43 -5.14
C THR M 44 -3.13 29.39 -4.74
N GLN M 45 -2.69 29.31 -3.49
CA GLN M 45 -1.63 30.19 -3.01
C GLN M 45 -0.38 29.97 -3.83
N ILE M 46 0.02 28.70 -3.94
CA ILE M 46 1.20 28.31 -4.69
C ILE M 46 1.11 28.81 -6.12
N LEU M 47 -0.03 28.60 -6.74
CA LEU M 47 -0.22 29.07 -8.10
C LEU M 47 -0.11 30.59 -8.26
N THR M 48 -0.81 31.34 -7.41
CA THR M 48 -0.75 32.80 -7.51
C THR M 48 0.62 33.27 -7.05
N GLY M 49 1.15 32.58 -6.08
CA GLY M 49 2.44 32.96 -5.55
C GLY M 49 3.54 32.88 -6.59
N LEU M 50 3.51 31.83 -7.39
CA LEU M 50 4.51 31.65 -8.45
C LEU M 50 4.37 32.79 -9.45
N LEU M 51 3.14 33.00 -9.91
CA LEU M 51 2.87 34.07 -10.84
C LEU M 51 3.41 35.41 -10.33
N LEU M 52 3.36 35.62 -9.02
CA LEU M 52 3.88 36.85 -8.45
C LEU M 52 5.39 36.85 -8.34
N ALA M 53 5.94 35.70 -8.02
CA ALA M 53 7.39 35.56 -7.87
C ALA M 53 8.11 35.79 -9.21
N MET M 54 7.41 35.66 -10.30
CA MET M 54 8.06 35.87 -11.57
C MET M 54 8.22 37.34 -11.90
N HIS M 55 7.81 38.20 -10.98
CA HIS M 55 7.90 39.65 -11.19
C HIS M 55 8.44 40.39 -9.98
N TYR M 56 8.75 39.63 -8.93
CA TYR M 56 9.25 40.24 -7.71
C TYR M 56 10.77 40.30 -7.72
N THR M 57 11.33 41.26 -7.00
CA THR M 57 12.78 41.34 -6.88
C THR M 57 13.08 41.45 -5.40
N ALA M 58 13.83 40.49 -4.88
CA ALA M 58 14.15 40.48 -3.47
C ALA M 58 15.36 41.30 -3.15
N ASP M 59 15.17 42.60 -3.11
CA ASP M 59 16.26 43.51 -2.79
C ASP M 59 15.60 44.73 -2.15
N THR M 60 16.08 45.14 -0.97
CA THR M 60 15.50 46.28 -0.29
C THR M 60 15.24 47.46 -1.24
N SER M 61 16.20 47.73 -2.11
CA SER M 61 16.06 48.84 -3.04
C SER M 61 15.06 48.62 -4.19
N LEU M 62 14.52 47.42 -4.32
CA LEU M 62 13.58 47.15 -5.41
C LEU M 62 12.31 46.39 -5.04
N ALA M 63 12.28 45.80 -3.84
CA ALA M 63 11.12 45.04 -3.38
C ALA M 63 9.82 45.82 -3.51
N PHE M 64 9.72 46.91 -2.76
CA PHE M 64 8.53 47.73 -2.76
C PHE M 64 8.05 48.06 -4.16
N SER M 65 8.94 48.56 -4.98
CA SER M 65 8.57 48.96 -6.32
C SER M 65 8.30 47.80 -7.29
N SER M 66 8.88 46.63 -7.03
CA SER M 66 8.65 45.50 -7.92
C SER M 66 7.19 45.11 -7.77
N VAL M 67 6.73 45.12 -6.52
CA VAL M 67 5.36 44.78 -6.19
C VAL M 67 4.44 45.81 -6.87
N ALA M 68 4.83 47.08 -6.79
CA ALA M 68 4.06 48.14 -7.40
C ALA M 68 4.07 48.00 -8.92
N HIS M 69 5.23 47.66 -9.47
CA HIS M 69 5.36 47.47 -10.91
C HIS M 69 4.44 46.30 -11.33
N THR M 70 4.35 45.29 -10.48
CA THR M 70 3.50 44.13 -10.77
C THR M 70 2.02 44.51 -10.85
N CYS M 71 1.58 45.36 -9.93
CA CYS M 71 0.20 45.79 -9.90
C CYS M 71 -0.13 46.78 -11.01
N ARG M 72 0.80 47.69 -11.28
CA ARG M 72 0.58 48.70 -12.31
C ARG M 72 0.88 48.33 -13.75
N ASN M 73 1.85 47.45 -14.00
CA ASN M 73 2.19 47.10 -15.38
C ASN M 73 1.90 45.69 -15.83
N VAL M 74 1.99 44.74 -14.92
CA VAL M 74 1.75 43.35 -15.29
C VAL M 74 0.26 43.05 -15.53
N GLN M 75 -0.04 42.44 -16.68
CA GLN M 75 -1.40 42.08 -17.06
C GLN M 75 -2.08 41.32 -15.94
N TYR M 76 -3.01 41.96 -15.27
CA TYR M 76 -3.73 41.34 -14.15
C TYR M 76 -2.86 41.13 -12.94
N GLY M 77 -1.71 41.77 -12.91
CA GLY M 77 -0.86 41.63 -11.75
C GLY M 77 -1.65 42.07 -10.53
N TRP M 78 -2.37 43.17 -10.65
CA TRP M 78 -3.16 43.67 -9.51
C TRP M 78 -4.14 42.61 -8.99
N LEU M 79 -4.75 41.87 -9.90
CA LEU M 79 -5.70 40.82 -9.54
C LEU M 79 -4.97 39.71 -8.79
N ILE M 80 -3.94 39.18 -9.43
CA ILE M 80 -3.11 38.12 -8.89
C ILE M 80 -2.58 38.53 -7.51
N ARG M 81 -2.16 39.78 -7.40
CA ARG M 81 -1.65 40.26 -6.13
C ARG M 81 -2.77 40.21 -5.09
N ASN M 82 -3.96 40.72 -5.45
CA ASN M 82 -5.11 40.72 -4.53
C ASN M 82 -5.42 39.30 -4.08
N LEU M 83 -5.69 38.43 -5.05
CA LEU M 83 -5.99 37.04 -4.75
C LEU M 83 -4.97 36.39 -3.79
N HIS M 84 -3.67 36.60 -4.04
CA HIS M 84 -2.65 35.97 -3.19
C HIS M 84 -2.73 36.52 -1.78
N ALA M 85 -2.75 37.84 -1.66
CA ALA M 85 -2.79 38.47 -0.35
C ALA M 85 -4.03 38.10 0.45
N ASN M 86 -5.19 38.18 -0.19
CA ASN M 86 -6.43 37.82 0.50
C ASN M 86 -6.55 36.31 0.71
N GLY M 87 -5.99 35.55 -0.23
CA GLY M 87 -6.04 34.09 -0.13
C GLY M 87 -5.41 33.65 1.18
N ALA M 88 -4.42 34.40 1.64
CA ALA M 88 -3.76 34.09 2.90
C ALA M 88 -4.82 34.04 4.01
N SER M 89 -5.67 35.05 4.08
CA SER M 89 -6.72 35.08 5.10
C SER M 89 -7.69 33.93 4.96
N PHE M 90 -8.22 33.73 3.75
CA PHE M 90 -9.14 32.63 3.53
C PHE M 90 -8.46 31.38 4.13
N PHE M 91 -7.18 31.23 3.86
CA PHE M 91 -6.44 30.08 4.37
C PHE M 91 -6.58 29.98 5.87
N PHE M 92 -6.27 31.05 6.59
CA PHE M 92 -6.38 31.01 8.05
C PHE M 92 -7.78 30.85 8.58
N ILE M 93 -8.74 31.54 7.95
CA ILE M 93 -10.13 31.40 8.36
C ILE M 93 -10.41 29.91 8.32
N CYS M 94 -10.12 29.32 7.18
CA CYS M 94 -10.36 27.89 7.01
C CYS M 94 -9.64 27.05 8.02
N ILE M 95 -8.39 27.39 8.30
CA ILE M 95 -7.67 26.55 9.23
C ILE M 95 -8.22 26.62 10.64
N PHE M 96 -8.78 27.78 11.02
CA PHE M 96 -9.32 27.91 12.37
C PHE M 96 -10.61 27.12 12.51
N LEU M 97 -11.44 27.14 11.46
CA LEU M 97 -12.67 26.37 11.51
C LEU M 97 -12.31 24.87 11.50
N HIS M 98 -11.28 24.49 10.73
CA HIS M 98 -10.83 23.09 10.66
C HIS M 98 -10.41 22.66 12.08
N ILE M 99 -9.62 23.50 12.74
CA ILE M 99 -9.15 23.21 14.10
C ILE M 99 -10.30 23.14 15.08
N GLY M 100 -11.19 24.13 15.01
CA GLY M 100 -12.35 24.15 15.90
C GLY M 100 -13.12 22.84 15.77
N ARG M 101 -13.57 22.57 14.56
CA ARG M 101 -14.30 21.34 14.25
C ARG M 101 -13.67 20.15 14.93
N GLY M 102 -12.35 20.04 14.86
CA GLY M 102 -11.70 18.89 15.45
C GLY M 102 -11.72 18.85 16.95
N LEU M 103 -11.72 20.02 17.56
CA LEU M 103 -11.74 20.10 19.02
C LEU M 103 -13.13 19.76 19.56
N TYR M 104 -14.13 20.29 18.88
CA TYR M 104 -15.52 20.08 19.24
C TYR M 104 -16.01 18.66 19.01
N TYR M 105 -15.38 17.90 18.12
CA TYR M 105 -15.83 16.55 17.85
C TYR M 105 -14.79 15.51 18.19
N GLY M 106 -13.82 15.93 19.00
CA GLY M 106 -12.75 15.04 19.42
C GLY M 106 -12.09 14.27 18.30
N SER M 107 -11.75 14.98 17.22
CA SER M 107 -11.08 14.36 16.08
C SER M 107 -9.64 14.12 16.53
N TYR M 108 -9.17 14.96 17.43
CA TYR M 108 -7.82 14.86 17.94
C TYR M 108 -7.55 13.52 18.57
N LEU M 109 -8.55 12.67 18.71
CA LEU M 109 -8.27 11.36 19.28
C LEU M 109 -7.55 10.52 18.25
N TYR M 110 -7.39 11.09 17.06
CA TYR M 110 -6.65 10.47 15.97
C TYR M 110 -5.26 11.12 16.07
N LYS M 111 -4.61 10.91 17.20
CA LYS M 111 -3.32 11.52 17.46
C LYS M 111 -2.39 11.92 16.35
N GLU M 112 -1.97 10.98 15.49
CA GLU M 112 -1.03 11.38 14.43
C GLU M 112 -1.63 12.35 13.43
N THR M 113 -2.90 12.14 13.08
CA THR M 113 -3.52 13.07 12.15
C THR M 113 -3.51 14.42 12.84
N TRP M 114 -3.81 14.42 14.13
CA TRP M 114 -3.83 15.66 14.93
C TRP M 114 -2.49 16.35 14.96
N ASN M 115 -1.44 15.63 15.37
CA ASN M 115 -0.11 16.23 15.44
C ASN M 115 0.44 16.72 14.10
N THR M 116 0.28 15.95 13.03
CA THR M 116 0.75 16.45 11.76
C THR M 116 0.01 17.77 11.55
N GLY M 117 -1.28 17.77 11.88
CA GLY M 117 -2.04 18.98 11.74
C GLY M 117 -1.45 20.18 12.47
N VAL M 118 -0.96 19.98 13.69
CA VAL M 118 -0.38 21.09 14.42
C VAL M 118 0.84 21.58 13.66
N ILE M 119 1.59 20.65 13.08
CA ILE M 119 2.76 21.01 12.32
C ILE M 119 2.35 21.80 11.07
N LEU M 120 1.24 21.41 10.46
CA LEU M 120 0.79 22.15 9.29
C LEU M 120 0.53 23.60 9.66
N LEU M 121 -0.12 23.80 10.80
CA LEU M 121 -0.43 25.15 11.28
C LEU M 121 0.84 25.95 11.54
N LEU M 122 1.78 25.35 12.24
CA LEU M 122 3.02 26.06 12.50
C LEU M 122 3.71 26.45 11.20
N THR M 123 3.82 25.52 10.27
CA THR M 123 4.47 25.82 8.99
C THR M 123 3.76 26.96 8.28
N LEU M 124 2.43 26.88 8.24
CA LEU M 124 1.59 27.91 7.61
C LEU M 124 1.84 29.30 8.21
N MET M 125 1.90 29.37 9.54
CA MET M 125 2.16 30.64 10.23
C MET M 125 3.48 31.22 9.75
N ALA M 126 4.54 30.42 9.83
CA ALA M 126 5.86 30.84 9.38
C ALA M 126 5.78 31.29 7.91
N THR M 127 5.11 30.49 7.08
CA THR M 127 4.99 30.84 5.68
C THR M 127 4.46 32.26 5.49
N ALA M 128 3.36 32.58 6.18
CA ALA M 128 2.76 33.92 6.03
C ALA M 128 3.66 34.98 6.64
N PHE M 129 4.22 34.69 7.80
CA PHE M 129 5.08 35.68 8.41
C PHE M 129 6.18 36.17 7.48
N VAL M 130 6.83 35.24 6.77
CA VAL M 130 7.91 35.63 5.85
C VAL M 130 7.37 36.24 4.54
N GLY M 131 6.24 35.73 4.07
CA GLY M 131 5.67 36.29 2.86
C GLY M 131 5.32 37.77 3.04
N TYR M 132 4.74 38.08 4.19
CA TYR M 132 4.35 39.44 4.52
C TYR M 132 5.53 40.39 4.47
N VAL M 133 6.70 39.94 4.89
CA VAL M 133 7.85 40.85 4.85
C VAL M 133 8.25 41.27 3.43
N LEU M 134 8.05 40.39 2.45
CA LEU M 134 8.44 40.67 1.07
C LEU M 134 8.15 42.02 0.43
N PRO M 135 6.91 42.55 0.51
CA PRO M 135 6.64 43.84 -0.11
C PRO M 135 7.44 44.98 0.49
N TRP M 136 8.04 44.72 1.65
CA TRP M 136 8.90 45.70 2.28
C TRP M 136 8.28 47.05 2.54
N GLY M 137 7.11 47.05 3.15
CA GLY M 137 6.44 48.29 3.50
C GLY M 137 6.75 48.55 4.97
N GLN M 138 6.24 49.65 5.52
CA GLN M 138 6.49 49.98 6.92
C GLN M 138 6.12 48.85 7.90
N MET M 139 4.94 48.27 7.74
CA MET M 139 4.54 47.22 8.64
C MET M 139 5.32 45.94 8.34
N SER M 140 5.73 45.78 7.08
CA SER M 140 6.50 44.61 6.69
C SER M 140 7.79 44.57 7.51
N PHE M 141 8.49 45.70 7.49
CA PHE M 141 9.75 45.84 8.20
C PHE M 141 9.65 45.77 9.70
N TRP M 142 8.75 46.55 10.26
CA TRP M 142 8.60 46.59 11.71
C TRP M 142 8.03 45.33 12.33
N GLY M 143 7.17 44.64 11.60
CA GLY M 143 6.65 43.40 12.14
C GLY M 143 7.85 42.46 12.21
N ALA M 144 8.60 42.41 11.10
CA ALA M 144 9.78 41.56 11.02
C ALA M 144 10.70 41.87 12.20
N THR M 145 10.93 43.18 12.42
CA THR M 145 11.80 43.67 13.49
C THR M 145 11.34 43.30 14.89
N VAL M 146 10.10 43.65 15.19
CA VAL M 146 9.50 43.38 16.48
C VAL M 146 9.56 41.92 16.90
N ILE M 147 9.09 41.03 16.03
CA ILE M 147 9.06 39.62 16.34
C ILE M 147 10.38 38.86 16.32
N THR M 148 11.28 39.20 15.40
CA THR M 148 12.54 38.48 15.37
C THR M 148 13.42 38.92 16.52
N ASN M 149 13.18 40.12 17.04
CA ASN M 149 13.98 40.64 18.14
C ASN M 149 13.70 39.86 19.43
N LEU M 150 12.56 39.20 19.48
CA LEU M 150 12.20 38.46 20.69
C LEU M 150 13.18 37.37 21.05
N PHE M 151 13.72 36.70 20.04
CA PHE M 151 14.67 35.62 20.28
C PHE M 151 15.91 36.06 21.03
N SER M 152 16.19 37.36 21.04
CA SER M 152 17.36 37.85 21.76
C SER M 152 17.12 37.70 23.27
N ALA M 153 15.86 37.37 23.59
CA ALA M 153 15.40 37.18 24.96
C ALA M 153 15.73 35.80 25.50
N ILE M 154 16.15 34.89 24.63
CA ILE M 154 16.54 33.56 25.09
C ILE M 154 17.97 33.74 25.61
N PRO M 155 18.19 33.55 26.93
CA PRO M 155 19.57 33.74 27.44
C PRO M 155 20.62 32.84 26.79
N TYR M 156 21.83 33.37 26.71
CA TYR M 156 22.97 32.68 26.11
C TYR M 156 22.93 32.69 24.57
N ILE M 157 22.17 31.76 23.98
CA ILE M 157 22.05 31.67 22.53
C ILE M 157 21.09 32.76 22.00
N GLY M 158 20.92 33.83 22.78
CA GLY M 158 20.02 34.90 22.40
C GLY M 158 20.50 35.77 21.26
N HIS M 159 21.35 36.75 21.60
CA HIS M 159 21.90 37.66 20.60
C HIS M 159 22.52 36.94 19.43
N THR M 160 22.85 35.66 19.64
CA THR M 160 23.46 34.85 18.59
C THR M 160 22.44 34.38 17.55
N LEU M 161 21.47 33.61 18.01
CA LEU M 161 20.43 33.07 17.14
C LEU M 161 19.74 34.18 16.33
N VAL M 162 19.68 35.38 16.88
CA VAL M 162 19.03 36.51 16.21
C VAL M 162 19.85 37.10 15.07
N GLU M 163 21.13 37.36 15.34
CA GLU M 163 22.06 37.93 14.35
C GLU M 163 22.41 36.92 13.27
N TRP M 164 22.01 35.70 13.52
CA TRP M 164 22.23 34.63 12.58
C TRP M 164 21.05 34.65 11.62
N ALA M 165 19.85 34.82 12.17
CA ALA M 165 18.62 34.85 11.38
C ALA M 165 18.49 36.07 10.49
N TRP M 166 19.02 37.21 10.94
CA TRP M 166 18.95 38.43 10.14
C TRP M 166 20.04 38.44 9.08
N GLY M 167 21.15 37.78 9.39
CA GLY M 167 22.26 37.76 8.47
C GLY M 167 23.04 39.05 8.67
N GLY M 168 22.90 39.62 9.86
CA GLY M 168 23.58 40.87 10.18
C GLY M 168 23.16 41.43 11.53
N PHE M 169 23.01 42.74 11.62
CA PHE M 169 22.66 43.37 12.87
C PHE M 169 21.25 43.92 12.97
N SER M 170 20.55 43.92 11.85
CA SER M 170 19.19 44.42 11.82
C SER M 170 18.51 43.79 10.64
N VAL M 171 17.20 43.94 10.58
CA VAL M 171 16.47 43.41 9.46
C VAL M 171 16.94 44.21 8.26
N ASP M 172 17.70 43.60 7.37
CA ASP M 172 18.18 44.32 6.20
C ASP M 172 18.12 43.43 4.98
N ASN M 173 18.79 43.85 3.90
CA ASN M 173 18.76 43.08 2.68
C ASN M 173 19.05 41.59 2.85
N PRO M 174 20.09 41.24 3.63
CA PRO M 174 20.40 39.83 3.81
C PRO M 174 19.25 39.03 4.41
N THR M 175 18.35 39.73 5.09
CA THR M 175 17.19 39.10 5.71
C THR M 175 16.09 38.94 4.67
N LEU M 176 15.89 39.98 3.90
CA LEU M 176 14.87 39.98 2.87
C LEU M 176 15.12 38.81 1.92
N THR M 177 16.34 38.70 1.40
CA THR M 177 16.63 37.62 0.46
C THR M 177 16.41 36.24 1.02
N ARG M 178 16.82 36.00 2.27
CA ARG M 178 16.60 34.67 2.81
C ARG M 178 15.12 34.42 3.12
N PHE M 179 14.36 35.47 3.37
CA PHE M 179 12.94 35.28 3.64
C PHE M 179 12.20 34.91 2.37
N PHE M 180 12.60 35.51 1.24
CA PHE M 180 11.98 35.19 -0.04
C PHE M 180 12.20 33.70 -0.31
N ALA M 181 13.43 33.23 -0.10
CA ALA M 181 13.76 31.83 -0.32
C ALA M 181 12.87 30.96 0.56
N LEU M 182 12.81 31.30 1.84
CA LEU M 182 11.97 30.57 2.78
C LEU M 182 10.49 30.59 2.39
N HIS M 183 10.01 31.75 1.95
CA HIS M 183 8.61 31.89 1.56
C HIS M 183 8.30 31.02 0.33
N PHE M 184 9.30 30.82 -0.53
CA PHE M 184 9.14 30.02 -1.74
C PHE M 184 9.15 28.54 -1.33
N LEU M 185 10.02 28.19 -0.39
CA LEU M 185 10.14 26.82 0.05
C LEU M 185 9.01 26.20 0.90
N LEU M 186 8.68 26.83 2.04
CA LEU M 186 7.65 26.30 2.96
C LEU M 186 6.33 25.78 2.40
N PRO M 187 5.73 26.47 1.45
CA PRO M 187 4.47 25.95 0.92
C PRO M 187 4.67 24.53 0.46
N PHE M 188 5.81 24.23 -0.14
CA PHE M 188 6.03 22.87 -0.61
C PHE M 188 6.11 21.92 0.54
N ALA M 189 6.78 22.31 1.63
CA ALA M 189 6.84 21.46 2.81
C ALA M 189 5.41 21.23 3.30
N ILE M 190 4.59 22.28 3.23
CA ILE M 190 3.22 22.13 3.66
C ILE M 190 2.54 21.05 2.83
N ALA M 191 2.56 21.19 1.50
CA ALA M 191 1.94 20.20 0.61
C ALA M 191 2.46 18.81 0.93
N GLY M 192 3.77 18.71 1.12
CA GLY M 192 4.33 17.43 1.46
C GLY M 192 3.72 16.90 2.73
N ILE M 193 3.83 17.68 3.81
CA ILE M 193 3.27 17.29 5.10
C ILE M 193 1.78 16.99 5.03
N THR M 194 1.06 17.70 4.16
CA THR M 194 -0.35 17.42 4.02
C THR M 194 -0.56 15.97 3.54
N ILE M 195 0.30 15.47 2.66
CA ILE M 195 0.17 14.10 2.19
C ILE M 195 0.27 13.16 3.39
N ILE M 196 1.17 13.46 4.31
CA ILE M 196 1.32 12.63 5.52
C ILE M 196 0.05 12.75 6.37
N HIS M 197 -0.45 13.98 6.53
CA HIS M 197 -1.66 14.26 7.31
C HIS M 197 -2.76 13.29 6.82
N LEU M 198 -3.05 13.34 5.52
CA LEU M 198 -4.08 12.47 4.94
C LEU M 198 -3.75 10.99 5.00
N THR M 199 -2.47 10.65 5.09
CA THR M 199 -2.11 9.24 5.15
C THR M 199 -2.48 8.66 6.50
N PHE M 200 -2.11 9.35 7.57
CA PHE M 200 -2.48 8.87 8.88
C PHE M 200 -4.00 8.84 8.94
N LEU M 201 -4.63 9.91 8.48
CA LEU M 201 -6.07 9.97 8.51
C LEU M 201 -6.71 8.71 7.92
N HIS M 202 -6.31 8.32 6.72
CA HIS M 202 -6.90 7.14 6.08
C HIS M 202 -6.74 5.82 6.81
N GLU M 203 -5.89 5.81 7.83
CA GLU M 203 -5.70 4.60 8.62
C GLU M 203 -7.00 4.27 9.34
N SER M 204 -7.61 5.31 9.92
CA SER M 204 -8.86 5.18 10.67
C SER M 204 -10.10 5.51 9.86
N GLY M 205 -9.98 6.49 8.95
CA GLY M 205 -11.13 6.89 8.18
C GLY M 205 -11.63 8.10 8.94
N SER M 206 -12.63 8.81 8.40
CA SER M 206 -13.14 9.99 9.07
C SER M 206 -13.99 9.72 10.30
N ASN M 207 -13.99 10.70 11.20
CA ASN M 207 -14.79 10.65 12.41
C ASN M 207 -16.13 11.28 11.96
N ASN M 208 -17.18 11.19 12.75
CA ASN M 208 -18.44 11.80 12.34
C ASN M 208 -19.04 12.56 13.51
N PRO M 209 -19.95 13.50 13.25
CA PRO M 209 -20.57 14.29 14.33
C PRO M 209 -21.17 13.60 15.57
N LEU M 210 -21.65 12.36 15.46
CA LEU M 210 -22.22 11.70 16.63
C LEU M 210 -21.16 10.97 17.42
N GLY M 211 -19.96 10.90 16.89
CA GLY M 211 -18.86 10.24 17.59
C GLY M 211 -19.01 8.75 17.90
N ILE M 212 -19.76 8.04 17.06
CA ILE M 212 -19.97 6.61 17.25
C ILE M 212 -19.62 5.91 15.93
N SER M 213 -19.10 4.70 16.01
CA SER M 213 -18.72 3.94 14.82
C SER M 213 -19.69 4.03 13.63
N SER M 214 -19.19 4.49 12.49
CA SER M 214 -20.01 4.63 11.29
C SER M 214 -19.82 3.55 10.24
N ASP M 215 -19.30 2.40 10.66
CA ASP M 215 -19.06 1.28 9.74
C ASP M 215 -20.37 0.69 9.26
N SER M 216 -21.40 0.88 10.07
CA SER M 216 -22.74 0.40 9.80
C SER M 216 -23.38 1.16 8.65
N ASP M 217 -22.83 2.32 8.32
CA ASP M 217 -23.39 3.15 7.26
C ASP M 217 -22.32 4.00 6.57
N LYS M 218 -21.64 3.43 5.58
CA LYS M 218 -20.60 4.19 4.87
C LYS M 218 -20.91 4.36 3.39
N ILE M 219 -20.58 5.52 2.84
CA ILE M 219 -20.85 5.80 1.43
C ILE M 219 -19.57 6.18 0.71
N PRO M 220 -19.49 5.90 -0.59
CA PRO M 220 -18.29 6.22 -1.37
C PRO M 220 -18.09 7.72 -1.51
N PHE M 221 -16.85 8.19 -1.28
CA PHE M 221 -16.51 9.60 -1.37
C PHE M 221 -17.12 10.24 -2.60
N HIS M 222 -17.01 9.57 -3.74
CA HIS M 222 -17.63 10.09 -4.95
C HIS M 222 -18.91 9.26 -5.13
N PRO M 223 -20.03 9.92 -5.49
CA PRO M 223 -20.19 11.36 -5.74
C PRO M 223 -20.64 12.20 -4.55
N TYR M 224 -20.99 11.52 -3.47
CA TYR M 224 -21.47 12.24 -2.29
C TYR M 224 -20.59 13.40 -1.86
N TYR M 225 -19.36 13.11 -1.45
CA TYR M 225 -18.48 14.18 -0.99
C TYR M 225 -17.76 14.97 -2.05
N SER M 226 -17.57 14.40 -3.23
CA SER M 226 -16.91 15.16 -4.27
C SER M 226 -17.85 16.31 -4.57
N PHE M 227 -19.16 16.04 -4.59
CA PHE M 227 -20.14 17.09 -4.85
C PHE M 227 -20.32 18.03 -3.67
N LYS M 228 -20.38 17.46 -2.47
CA LYS M 228 -20.56 18.28 -1.27
C LYS M 228 -19.41 19.27 -1.10
N ASP M 229 -18.19 18.84 -1.41
CA ASP M 229 -17.02 19.71 -1.29
C ASP M 229 -16.97 20.79 -2.35
N ILE M 230 -17.28 20.44 -3.59
CA ILE M 230 -17.30 21.43 -4.67
C ILE M 230 -18.29 22.54 -4.33
N LEU M 231 -19.42 22.14 -3.77
CA LEU M 231 -20.43 23.09 -3.36
C LEU M 231 -19.83 23.94 -2.26
N GLY M 232 -19.19 23.30 -1.29
CA GLY M 232 -18.57 24.01 -0.20
C GLY M 232 -17.53 24.98 -0.71
N LEU M 233 -16.86 24.63 -1.80
CA LEU M 233 -15.83 25.48 -2.39
C LEU M 233 -16.48 26.76 -2.93
N THR M 234 -17.51 26.62 -3.76
CA THR M 234 -18.18 27.79 -4.33
C THR M 234 -18.80 28.67 -3.26
N LEU M 235 -19.31 28.06 -2.20
CA LEU M 235 -19.93 28.83 -1.14
C LEU M 235 -18.94 29.71 -0.41
N MET M 236 -17.72 29.22 -0.19
CA MET M 236 -16.73 30.03 0.49
C MET M 236 -16.08 31.01 -0.49
N LEU M 237 -15.85 30.52 -1.70
CA LEU M 237 -15.25 31.33 -2.75
C LEU M 237 -15.98 32.65 -3.01
N THR M 238 -17.28 32.69 -2.79
CA THR M 238 -18.04 33.93 -3.02
C THR M 238 -17.63 35.07 -2.09
N PRO M 239 -17.66 34.85 -0.77
CA PRO M 239 -17.26 35.94 0.13
C PRO M 239 -15.85 36.39 -0.19
N PHE M 240 -14.96 35.42 -0.41
CA PHE M 240 -13.56 35.66 -0.76
C PHE M 240 -13.45 36.68 -1.90
N LEU M 241 -13.89 36.28 -3.09
CA LEU M 241 -13.84 37.15 -4.26
C LEU M 241 -14.53 38.48 -4.05
N THR M 242 -15.67 38.45 -3.34
CA THR M 242 -16.44 39.66 -3.05
C THR M 242 -15.56 40.63 -2.27
N LEU M 243 -14.78 40.07 -1.36
CA LEU M 243 -13.88 40.87 -0.55
C LEU M 243 -12.70 41.34 -1.40
N ALA M 244 -12.02 40.40 -2.05
CA ALA M 244 -10.85 40.73 -2.87
C ALA M 244 -11.17 41.56 -4.12
N LEU M 245 -12.45 41.72 -4.43
CA LEU M 245 -12.80 42.49 -5.60
C LEU M 245 -13.49 43.80 -5.26
N PHE M 246 -14.25 43.82 -4.17
CA PHE M 246 -14.96 45.03 -3.80
C PHE M 246 -14.29 45.83 -2.67
N SER M 247 -13.71 45.16 -1.69
CA SER M 247 -13.03 45.86 -0.61
C SER M 247 -11.64 45.27 -0.43
N PRO M 248 -10.79 45.42 -1.45
CA PRO M 248 -9.41 44.92 -1.55
C PRO M 248 -8.49 45.15 -0.36
N ASN M 249 -8.63 46.29 0.31
CA ASN M 249 -7.75 46.60 1.44
C ASN M 249 -8.42 46.62 2.79
N LEU M 250 -9.61 46.05 2.87
CA LEU M 250 -10.31 46.04 4.14
C LEU M 250 -9.41 45.56 5.27
N LEU M 251 -8.99 44.30 5.19
CA LEU M 251 -8.16 43.68 6.23
C LEU M 251 -6.72 44.12 6.35
N GLY M 252 -6.25 44.98 5.46
CA GLY M 252 -4.84 45.37 5.50
C GLY M 252 -4.47 46.74 6.03
N ASP M 253 -3.30 46.80 6.67
CA ASP M 253 -2.80 48.04 7.24
C ASP M 253 -2.35 48.99 6.14
N PRO M 254 -2.75 50.26 6.21
CA PRO M 254 -2.37 51.27 5.21
C PRO M 254 -0.91 51.68 5.37
N GLU M 255 -0.37 51.42 6.56
CA GLU M 255 1.02 51.75 6.85
C GLU M 255 1.96 50.98 5.89
N ASN M 256 1.44 49.93 5.27
CA ASN M 256 2.25 49.12 4.37
C ASN M 256 2.23 49.65 2.94
N PHE M 257 1.80 50.89 2.78
CA PHE M 257 1.79 51.53 1.47
C PHE M 257 2.85 52.59 1.53
N THR M 258 3.73 52.42 2.51
CA THR M 258 4.81 53.33 2.74
C THR M 258 6.10 52.53 2.83
N PRO M 259 7.05 52.80 1.93
CA PRO M 259 8.31 52.06 1.95
C PRO M 259 8.92 52.05 3.34
N ALA M 260 9.35 50.86 3.78
CA ALA M 260 9.95 50.70 5.09
C ALA M 260 10.98 51.79 5.35
N ASN M 261 11.07 52.20 6.60
CA ASN M 261 12.00 53.23 7.01
C ASN M 261 12.42 52.89 8.43
N PRO M 262 13.68 52.50 8.59
CA PRO M 262 14.28 52.12 9.88
C PRO M 262 14.31 53.24 10.89
N LEU M 263 14.14 54.46 10.41
CA LEU M 263 14.19 55.64 11.27
C LEU M 263 12.83 56.23 11.60
N VAL M 264 11.80 55.41 11.59
CA VAL M 264 10.47 55.90 11.89
C VAL M 264 9.59 54.75 12.33
N THR M 265 9.35 54.68 13.62
CA THR M 265 8.52 53.62 14.12
C THR M 265 7.06 53.97 13.94
N PRO M 266 6.27 53.05 13.40
CA PRO M 266 4.87 53.41 13.24
C PRO M 266 4.25 53.52 14.64
N PRO M 267 3.17 54.30 14.76
CA PRO M 267 2.50 54.47 16.05
C PRO M 267 1.94 53.16 16.60
N HIS M 268 1.23 52.44 15.74
CA HIS M 268 0.64 51.17 16.15
C HIS M 268 1.10 49.98 15.30
N ILE M 269 2.04 49.23 15.87
CA ILE M 269 2.61 48.05 15.25
C ILE M 269 1.76 46.85 15.67
N LYS M 270 0.74 46.58 14.87
CA LYS M 270 -0.14 45.45 15.15
C LYS M 270 -0.11 44.50 13.94
N PRO M 271 -0.28 43.19 14.19
CA PRO M 271 -0.27 42.16 13.15
C PRO M 271 -1.55 42.06 12.34
N GLU M 272 -1.52 41.18 11.36
CA GLU M 272 -2.68 40.90 10.53
C GLU M 272 -3.66 40.23 11.49
N TRP M 273 -4.95 40.30 11.18
CA TRP M 273 -5.90 39.72 12.09
C TRP M 273 -5.53 38.36 12.64
N TYR M 274 -5.26 37.41 11.74
CA TYR M 274 -4.93 36.04 12.16
C TYR M 274 -3.80 35.84 13.15
N PHE M 275 -3.12 36.91 13.57
CA PHE M 275 -2.03 36.76 14.54
C PHE M 275 -2.34 37.56 15.79
N LEU M 276 -3.34 38.44 15.68
CA LEU M 276 -3.76 39.31 16.77
C LEU M 276 -3.80 38.58 18.10
N PHE M 277 -4.65 37.55 18.17
CA PHE M 277 -4.77 36.77 19.40
C PHE M 277 -3.45 36.39 20.06
N ALA M 278 -2.48 35.99 19.25
CA ALA M 278 -1.19 35.56 19.77
C ALA M 278 -0.36 36.73 20.19
N TYR M 279 -0.59 37.86 19.52
CA TYR M 279 0.16 39.06 19.85
C TYR M 279 -0.33 39.55 21.20
N ALA M 280 -1.62 39.32 21.46
CA ALA M 280 -2.25 39.71 22.71
C ALA M 280 -1.63 38.92 23.85
N ILE M 281 -1.64 37.60 23.71
CA ILE M 281 -1.07 36.75 24.73
C ILE M 281 0.40 37.09 24.95
N LEU M 282 1.07 37.53 23.89
CA LEU M 282 2.47 37.87 24.01
C LEU M 282 2.69 38.98 25.03
N ARG M 283 2.02 40.10 24.80
CA ARG M 283 2.15 41.26 25.66
C ARG M 283 1.52 41.07 27.02
N SER M 284 0.61 40.10 27.15
CA SER M 284 -0.05 39.86 28.44
C SER M 284 0.96 39.64 29.57
N ILE M 285 2.12 39.07 29.26
CA ILE M 285 3.13 38.85 30.29
C ILE M 285 4.26 39.85 30.13
N PRO M 286 4.23 40.94 30.90
CA PRO M 286 5.32 41.93 30.78
C PRO M 286 6.59 41.25 31.28
N ASN M 287 7.56 41.07 30.39
CA ASN M 287 8.84 40.41 30.68
C ASN M 287 9.16 39.70 29.38
N LYS M 288 10.05 40.27 28.59
CA LYS M 288 10.41 39.69 27.31
C LYS M 288 10.39 38.17 27.27
N LEU M 289 11.11 37.50 28.17
CA LEU M 289 11.14 36.04 28.16
C LEU M 289 9.82 35.32 28.50
N GLY M 290 9.11 35.79 29.53
CA GLY M 290 7.86 35.15 29.88
C GLY M 290 6.86 35.24 28.74
N GLY M 291 6.71 36.44 28.20
CA GLY M 291 5.79 36.67 27.10
C GLY M 291 6.06 35.77 25.92
N VAL M 292 7.33 35.46 25.69
CA VAL M 292 7.71 34.58 24.60
C VAL M 292 7.11 33.22 24.90
N LEU M 293 7.52 32.65 26.05
CA LEU M 293 7.01 31.34 26.47
C LEU M 293 5.48 31.27 26.36
N ALA M 294 4.80 32.31 26.83
CA ALA M 294 3.35 32.36 26.77
C ALA M 294 2.88 32.23 25.32
N LEU M 295 3.59 32.90 24.41
CA LEU M 295 3.28 32.86 22.98
C LEU M 295 3.46 31.45 22.48
N ALA M 296 4.64 30.90 22.73
CA ALA M 296 4.94 29.54 22.33
C ALA M 296 3.80 28.65 22.82
N ALA M 297 3.68 28.54 24.14
CA ALA M 297 2.63 27.75 24.73
C ALA M 297 1.23 27.97 24.11
N SER M 298 0.90 29.20 23.74
CA SER M 298 -0.42 29.46 23.18
C SER M 298 -0.79 28.56 22.01
N VAL M 299 0.17 28.30 21.14
CA VAL M 299 -0.08 27.44 19.97
C VAL M 299 0.33 26.00 20.29
N LEU M 300 1.46 25.85 20.97
CA LEU M 300 1.92 24.53 21.32
C LEU M 300 0.93 23.78 22.22
N ILE M 301 0.13 24.53 22.96
CA ILE M 301 -0.87 23.92 23.85
C ILE M 301 -1.66 22.83 23.13
N LEU M 302 -1.84 23.02 21.82
CA LEU M 302 -2.58 22.11 20.95
C LEU M 302 -2.10 20.65 20.97
N PHE M 303 -0.82 20.45 21.25
CA PHE M 303 -0.24 19.13 21.30
C PHE M 303 -0.75 18.35 22.50
N LEU M 304 -1.22 19.06 23.54
CA LEU M 304 -1.71 18.42 24.77
C LEU M 304 -3.19 18.04 24.77
N ILE M 305 -3.98 18.67 23.92
CA ILE M 305 -5.40 18.36 23.88
C ILE M 305 -5.71 16.88 23.95
N PRO M 306 -5.14 16.06 23.04
CA PRO M 306 -5.41 14.61 23.06
C PRO M 306 -5.28 13.96 24.44
N PHE M 307 -4.35 14.45 25.25
CA PHE M 307 -4.15 13.86 26.57
C PHE M 307 -5.03 14.46 27.65
N LEU M 308 -5.80 15.50 27.30
CA LEU M 308 -6.67 16.14 28.28
C LEU M 308 -8.12 15.77 28.06
N HIS M 309 -8.35 14.66 27.39
CA HIS M 309 -9.70 14.21 27.14
C HIS M 309 -10.11 13.25 28.25
N LYS M 310 -11.14 13.63 29.01
CA LYS M 310 -11.61 12.82 30.12
C LYS M 310 -12.94 12.13 29.86
N SER M 311 -13.77 12.75 29.02
CA SER M 311 -15.07 12.18 28.70
C SER M 311 -15.07 10.71 28.25
N LYS M 312 -16.21 10.07 28.40
CA LYS M 312 -16.37 8.68 28.02
C LYS M 312 -16.99 8.65 26.65
N GLN M 313 -17.30 9.84 26.16
CA GLN M 313 -17.89 10.01 24.85
C GLN M 313 -16.89 10.83 24.03
N ARG M 314 -16.92 10.67 22.71
CA ARG M 314 -15.97 11.37 21.87
C ARG M 314 -16.23 12.85 21.58
N THR M 315 -17.39 13.12 20.98
CA THR M 315 -17.79 14.47 20.63
C THR M 315 -18.44 15.25 21.76
N MET M 316 -18.80 16.49 21.46
CA MET M 316 -19.45 17.37 22.44
C MET M 316 -20.92 17.45 22.08
N THR M 317 -21.39 16.56 21.22
CA THR M 317 -22.78 16.61 20.81
C THR M 317 -23.74 16.41 21.98
N PHE M 318 -23.45 15.41 22.80
CA PHE M 318 -24.31 15.09 23.95
C PHE M 318 -23.65 15.51 25.27
N ARG M 319 -22.92 16.63 25.24
CA ARG M 319 -22.24 17.15 26.43
C ARG M 319 -22.44 18.68 26.51
N PRO M 320 -23.63 19.10 26.95
CA PRO M 320 -24.03 20.51 27.08
C PRO M 320 -23.12 21.39 27.94
N LEU M 321 -22.53 20.83 28.99
CA LEU M 321 -21.64 21.64 29.83
C LEU M 321 -20.39 21.96 29.02
N SER M 322 -19.88 20.96 28.31
CA SER M 322 -18.69 21.14 27.48
C SER M 322 -19.01 22.14 26.37
N GLN M 323 -20.22 22.06 25.83
CA GLN M 323 -20.61 22.95 24.76
C GLN M 323 -20.52 24.43 25.08
N THR M 324 -20.97 24.84 26.26
CA THR M 324 -20.87 26.26 26.57
C THR M 324 -19.41 26.57 26.84
N LEU M 325 -18.74 25.67 27.55
CA LEU M 325 -17.35 25.90 27.84
C LEU M 325 -16.63 26.09 26.49
N PHE M 326 -17.04 25.29 25.49
CA PHE M 326 -16.45 25.37 24.16
C PHE M 326 -16.64 26.74 23.56
N TRP M 327 -17.89 27.21 23.55
CA TRP M 327 -18.22 28.53 23.01
C TRP M 327 -17.69 29.67 23.85
N LEU M 328 -17.41 29.39 25.12
CA LEU M 328 -16.87 30.41 25.99
C LEU M 328 -15.47 30.67 25.48
N LEU M 329 -14.79 29.56 25.16
CA LEU M 329 -13.43 29.59 24.64
C LEU M 329 -13.34 30.36 23.34
N VAL M 330 -14.25 30.04 22.41
CA VAL M 330 -14.29 30.72 21.11
C VAL M 330 -14.40 32.20 21.37
N ALA M 331 -15.28 32.57 22.29
CA ALA M 331 -15.48 33.97 22.64
C ALA M 331 -14.19 34.51 23.23
N ASN M 332 -13.58 33.69 24.07
CA ASN M 332 -12.32 34.04 24.72
C ASN M 332 -11.36 34.54 23.65
N LEU M 333 -11.26 33.75 22.56
CA LEU M 333 -10.39 34.06 21.43
C LEU M 333 -10.74 35.35 20.67
N LEU M 334 -12.02 35.62 20.50
CA LEU M 334 -12.42 36.87 19.85
C LEU M 334 -11.92 38.04 20.70
N ILE M 335 -12.02 37.91 22.00
CA ILE M 335 -11.57 38.98 22.88
C ILE M 335 -10.07 39.19 22.75
N LEU M 336 -9.30 38.10 22.81
CA LEU M 336 -7.85 38.19 22.67
C LEU M 336 -7.51 38.85 21.33
N THR M 337 -8.25 38.48 20.30
CA THR M 337 -8.08 39.04 18.96
C THR M 337 -8.26 40.54 19.03
N TRP M 338 -9.33 40.98 19.68
CA TRP M 338 -9.64 42.39 19.85
C TRP M 338 -8.54 43.09 20.65
N ILE M 339 -8.17 42.50 21.79
CA ILE M 339 -7.12 43.09 22.59
C ILE M 339 -5.86 43.28 21.76
N GLY M 340 -5.51 42.28 20.95
CA GLY M 340 -4.31 42.37 20.13
C GLY M 340 -4.24 43.59 19.21
N SER M 341 -5.41 44.12 18.84
CA SER M 341 -5.48 45.27 17.93
C SER M 341 -5.51 46.62 18.65
N GLN M 342 -5.49 46.59 19.98
CA GLN M 342 -5.52 47.82 20.76
C GLN M 342 -4.19 48.15 21.39
N PRO M 343 -3.97 49.43 21.72
CA PRO M 343 -2.71 49.84 22.33
C PRO M 343 -2.53 49.17 23.67
N VAL M 344 -1.35 49.32 24.26
CA VAL M 344 -1.10 48.71 25.55
C VAL M 344 -1.37 49.73 26.64
N GLU M 345 -2.65 49.87 26.96
CA GLU M 345 -3.10 50.82 27.96
C GLU M 345 -4.33 50.30 28.65
N HIS M 346 -4.64 50.89 29.80
CA HIS M 346 -5.83 50.50 30.52
C HIS M 346 -6.99 50.97 29.62
N PRO M 347 -8.11 50.23 29.61
CA PRO M 347 -8.43 48.99 30.33
C PRO M 347 -7.91 47.74 29.66
N PHE M 348 -7.56 47.89 28.39
CA PHE M 348 -7.04 46.81 27.55
C PHE M 348 -6.00 45.93 28.22
N ILE M 349 -5.07 46.54 28.95
CA ILE M 349 -4.02 45.77 29.60
C ILE M 349 -4.53 44.70 30.55
N ILE M 350 -5.47 45.07 31.42
CA ILE M 350 -5.99 44.11 32.37
C ILE M 350 -6.90 43.08 31.70
N ILE M 351 -7.76 43.55 30.81
CA ILE M 351 -8.65 42.64 30.07
C ILE M 351 -7.77 41.61 29.35
N GLY M 352 -6.62 42.07 28.85
CA GLY M 352 -5.70 41.20 28.16
C GLY M 352 -5.21 40.03 29.01
N GLN M 353 -4.71 40.33 30.20
CA GLN M 353 -4.22 39.25 31.06
C GLN M 353 -5.34 38.34 31.50
N MET M 354 -6.55 38.87 31.57
CA MET M 354 -7.69 38.06 31.97
C MET M 354 -7.97 37.02 30.89
N ALA M 355 -8.20 37.50 29.68
CA ALA M 355 -8.47 36.63 28.55
C ALA M 355 -7.33 35.62 28.36
N SER M 356 -6.09 36.07 28.57
CA SER M 356 -4.93 35.18 28.44
C SER M 356 -5.00 34.13 29.51
N LEU M 357 -5.32 34.55 30.72
CA LEU M 357 -5.40 33.63 31.85
C LEU M 357 -6.53 32.63 31.68
N SER M 358 -7.70 33.12 31.30
CA SER M 358 -8.85 32.27 31.11
C SER M 358 -8.58 31.24 30.03
N TYR M 359 -7.89 31.68 28.97
CA TYR M 359 -7.53 30.83 27.83
C TYR M 359 -6.89 29.51 28.25
N PHE M 360 -5.79 29.60 28.99
CA PHE M 360 -5.10 28.40 29.45
C PHE M 360 -5.87 27.61 30.49
N THR M 361 -6.70 28.30 31.25
CA THR M 361 -7.48 27.65 32.29
C THR M 361 -8.55 26.77 31.67
N ILE M 362 -9.30 27.35 30.74
CA ILE M 362 -10.33 26.62 30.05
C ILE M 362 -9.84 25.32 29.44
N LEU M 363 -8.64 25.33 28.86
CA LEU M 363 -8.07 24.13 28.22
C LEU M 363 -7.30 23.21 29.14
N LEU M 364 -6.51 23.78 30.04
CA LEU M 364 -5.72 22.96 30.95
C LEU M 364 -6.51 22.42 32.14
N ILE M 365 -7.40 23.25 32.68
CA ILE M 365 -8.15 22.88 33.86
C ILE M 365 -9.63 22.60 33.73
N LEU M 366 -10.37 23.52 33.14
CA LEU M 366 -11.80 23.29 33.05
C LEU M 366 -12.23 22.13 32.17
N PHE M 367 -11.89 22.17 30.89
CA PHE M 367 -12.30 21.09 30.00
C PHE M 367 -12.09 19.70 30.57
N PRO M 368 -10.90 19.40 31.09
CA PRO M 368 -10.74 18.05 31.63
C PRO M 368 -11.62 17.80 32.87
N THR M 369 -11.78 18.84 33.69
CA THR M 369 -12.59 18.77 34.91
C THR M 369 -14.08 18.59 34.62
N ILE M 370 -14.66 19.50 33.86
CA ILE M 370 -16.08 19.42 33.51
C ILE M 370 -16.35 18.04 32.88
N GLY M 371 -15.44 17.58 32.04
CA GLY M 371 -15.59 16.30 31.39
C GLY M 371 -15.75 15.16 32.37
N THR M 372 -14.92 15.14 33.41
CA THR M 372 -15.00 14.09 34.45
C THR M 372 -16.35 14.19 35.14
N LEU M 373 -16.68 15.39 35.57
CA LEU M 373 -17.95 15.68 36.24
C LEU M 373 -19.11 15.16 35.38
N GLU M 374 -19.08 15.48 34.09
CA GLU M 374 -20.13 15.04 33.18
C GLU M 374 -20.26 13.52 33.16
N ASN M 375 -19.13 12.83 33.25
CA ASN M 375 -19.12 11.36 33.24
C ASN M 375 -19.92 10.84 34.41
N LYS M 376 -19.75 11.47 35.56
CA LYS M 376 -20.47 11.07 36.76
C LYS M 376 -21.96 11.27 36.60
N MET M 377 -22.38 12.34 35.95
CA MET M 377 -23.79 12.61 35.75
C MET M 377 -24.50 11.65 34.81
N LEU M 378 -23.74 10.75 34.19
CA LEU M 378 -24.31 9.75 33.28
C LEU M 378 -24.28 8.45 34.06
N ASN M 379 -23.76 8.56 35.27
CA ASN M 379 -23.63 7.43 36.19
C ASN M 379 -22.54 6.49 35.67
N TYR M 380 -21.40 7.08 35.35
CA TYR M 380 -20.22 6.40 34.84
C TYR M 380 -18.99 6.74 35.67
N GLY N 1 -0.50 65.05 20.07
CA GLY N 1 -0.50 64.75 21.55
C GLY N 1 -1.85 64.34 22.10
N GLU N 2 -2.25 63.10 21.80
CA GLU N 2 -3.55 62.54 22.23
C GLU N 2 -4.71 63.19 21.50
N LEU N 3 -5.89 62.56 21.60
CA LEU N 3 -7.09 63.06 20.96
C LEU N 3 -6.89 63.44 19.49
N GLU N 4 -7.70 62.85 18.64
CA GLU N 4 -7.61 63.11 17.22
C GLU N 4 -8.99 63.20 16.61
N LEU N 5 -9.14 64.07 15.63
CA LEU N 5 -10.42 64.25 14.97
C LEU N 5 -10.49 63.34 13.72
N HIS N 6 -11.54 62.54 13.62
CA HIS N 6 -11.69 61.65 12.49
C HIS N 6 -12.57 62.26 11.42
N PRO N 7 -12.11 62.27 10.17
CA PRO N 7 -12.90 62.86 9.09
C PRO N 7 -14.26 62.22 8.93
N PRO N 8 -15.16 62.91 8.23
CA PRO N 8 -16.53 62.45 7.95
C PRO N 8 -16.50 61.67 6.65
N ALA N 9 -17.61 61.06 6.27
CA ALA N 9 -17.61 60.29 5.06
C ALA N 9 -18.34 60.97 3.92
N PHE N 10 -17.58 61.58 3.01
CA PHE N 10 -18.23 62.23 1.89
C PHE N 10 -18.70 61.15 0.91
N PRO N 11 -19.82 61.38 0.24
CA PRO N 11 -20.39 60.44 -0.73
C PRO N 11 -19.75 60.63 -2.11
N TRP N 12 -18.60 60.01 -2.34
CA TRP N 12 -17.94 60.16 -3.62
C TRP N 12 -18.68 59.43 -4.75
N SER N 13 -18.53 59.93 -5.97
CA SER N 13 -19.20 59.32 -7.11
C SER N 13 -18.66 57.94 -7.44
N HIS N 14 -17.57 57.56 -6.76
CA HIS N 14 -16.91 56.28 -6.98
C HIS N 14 -16.90 55.43 -5.69
N GLY N 15 -17.82 55.72 -4.79
CA GLY N 15 -17.90 54.97 -3.55
C GLY N 15 -18.69 53.67 -3.71
N GLY N 16 -19.73 53.70 -4.53
CA GLY N 16 -20.54 52.51 -4.74
C GLY N 16 -19.72 51.34 -5.24
N PRO N 17 -20.02 50.11 -4.81
CA PRO N 17 -19.24 48.96 -5.27
C PRO N 17 -19.34 48.83 -6.77
N LEU N 18 -20.43 49.31 -7.34
CA LEU N 18 -20.56 49.21 -8.80
C LEU N 18 -20.33 50.54 -9.50
N SER N 19 -19.99 51.57 -8.72
CA SER N 19 -19.77 52.91 -9.26
C SER N 19 -18.31 53.24 -9.57
N ALA N 20 -18.07 53.53 -10.84
CA ALA N 20 -16.75 53.87 -11.34
C ALA N 20 -16.32 55.26 -10.91
N LEU N 21 -15.22 55.72 -11.48
CA LEU N 21 -14.70 57.04 -11.19
C LEU N 21 -15.30 58.01 -12.20
N ASP N 22 -15.44 59.28 -11.81
CA ASP N 22 -15.95 60.32 -12.70
C ASP N 22 -14.70 60.83 -13.41
N HIS N 23 -14.49 60.33 -14.63
CA HIS N 23 -13.30 60.69 -15.36
C HIS N 23 -13.08 62.16 -15.64
N SER N 24 -14.16 62.93 -15.63
CA SER N 24 -14.05 64.36 -15.86
C SER N 24 -13.45 65.00 -14.61
N SER N 25 -13.86 64.51 -13.44
CA SER N 25 -13.36 65.02 -12.17
C SER N 25 -11.90 64.62 -11.96
N VAL N 26 -11.49 63.52 -12.59
CA VAL N 26 -10.12 63.06 -12.46
C VAL N 26 -9.22 63.95 -13.30
N ARG N 27 -9.69 64.27 -14.50
CA ARG N 27 -8.94 65.11 -15.42
C ARG N 27 -8.65 66.45 -14.75
N ARG N 28 -9.64 67.00 -14.07
CA ARG N 28 -9.43 68.26 -13.40
C ARG N 28 -8.39 68.06 -12.29
N GLY N 29 -8.61 67.03 -11.47
CA GLY N 29 -7.71 66.73 -10.37
C GLY N 29 -6.27 66.62 -10.84
N PHE N 30 -6.07 66.15 -12.09
CA PHE N 30 -4.75 66.03 -12.68
C PHE N 30 -4.12 67.41 -12.81
N GLN N 31 -4.91 68.35 -13.34
CA GLN N 31 -4.46 69.73 -13.52
C GLN N 31 -4.08 70.29 -12.16
N VAL N 32 -4.96 70.14 -11.18
CA VAL N 32 -4.64 70.61 -9.84
C VAL N 32 -3.26 70.09 -9.48
N TYR N 33 -3.10 68.76 -9.50
CA TYR N 33 -1.80 68.19 -9.17
C TYR N 33 -0.69 68.83 -9.97
N LYS N 34 -0.84 68.80 -11.30
CA LYS N 34 0.14 69.34 -12.22
C LYS N 34 0.51 70.79 -12.02
N GLN N 35 -0.48 71.63 -11.76
CA GLN N 35 -0.26 73.07 -11.55
C GLN N 35 -0.03 73.52 -10.12
N VAL N 36 -0.33 72.66 -9.14
CA VAL N 36 -0.17 73.07 -7.75
C VAL N 36 0.66 72.16 -6.86
N CYS N 37 0.21 70.92 -6.67
CA CYS N 37 0.90 69.98 -5.79
C CYS N 37 2.22 69.49 -6.36
N SER N 38 2.25 69.30 -7.68
CA SER N 38 3.43 68.81 -8.38
C SER N 38 4.63 69.72 -8.25
N ALA N 39 4.55 70.68 -7.34
CA ALA N 39 5.65 71.60 -7.14
C ALA N 39 6.46 71.21 -5.92
N CYS N 40 5.89 70.36 -5.08
CA CYS N 40 6.56 69.89 -3.87
C CYS N 40 6.34 68.40 -3.74
N HIS N 41 5.30 67.92 -4.41
CA HIS N 41 4.92 66.52 -4.36
C HIS N 41 5.24 65.71 -5.60
N SER N 42 5.93 64.58 -5.38
CA SER N 42 6.30 63.68 -6.46
C SER N 42 5.21 62.64 -6.65
N MET N 43 5.19 62.07 -7.85
CA MET N 43 4.23 61.03 -8.17
C MET N 43 5.00 60.03 -9.04
N ASP N 44 5.96 59.39 -8.40
CA ASP N 44 6.87 58.45 -9.01
C ASP N 44 6.30 57.28 -9.82
N TYR N 45 5.12 56.77 -9.46
CA TYR N 45 4.55 55.62 -10.17
C TYR N 45 3.62 55.87 -11.36
N VAL N 46 3.37 57.14 -11.67
CA VAL N 46 2.51 57.41 -12.80
C VAL N 46 3.29 58.05 -13.92
N ALA N 47 2.97 57.65 -15.14
CA ALA N 47 3.63 58.17 -16.33
C ALA N 47 2.58 58.84 -17.20
N PHE N 48 3.03 59.68 -18.11
CA PHE N 48 2.13 60.39 -18.99
C PHE N 48 1.28 59.44 -19.82
N ARG N 49 1.86 58.33 -20.27
CA ARG N 49 1.10 57.38 -21.08
C ARG N 49 -0.12 56.83 -20.33
N ASN N 50 -0.03 56.77 -19.00
CA ASN N 50 -1.13 56.28 -18.18
C ASN N 50 -2.41 57.10 -18.33
N LEU N 51 -2.26 58.37 -18.68
CA LEU N 51 -3.40 59.28 -18.83
C LEU N 51 -4.21 58.95 -20.06
N ILE N 52 -3.52 58.52 -21.11
CA ILE N 52 -4.17 58.18 -22.36
C ILE N 52 -5.31 57.20 -22.20
N GLY N 53 -6.48 57.57 -22.73
CA GLY N 53 -7.64 56.70 -22.66
C GLY N 53 -8.34 56.70 -21.32
N VAL N 54 -7.86 57.54 -20.41
CA VAL N 54 -8.46 57.64 -19.09
C VAL N 54 -8.98 59.05 -18.88
N THR N 55 -8.08 60.03 -18.97
CA THR N 55 -8.43 61.44 -18.81
C THR N 55 -8.01 62.28 -20.01
N HIS N 56 -6.99 61.87 -20.74
CA HIS N 56 -6.57 62.64 -21.89
C HIS N 56 -6.50 61.87 -23.18
N THR N 57 -6.27 62.62 -24.24
CA THR N 57 -6.13 62.09 -25.59
C THR N 57 -4.68 61.65 -25.69
N GLU N 58 -4.35 60.88 -26.71
CA GLU N 58 -2.97 60.48 -26.87
C GLU N 58 -2.16 61.72 -27.28
N ALA N 59 -2.76 62.57 -28.09
CA ALA N 59 -2.11 63.80 -28.55
C ALA N 59 -1.86 64.74 -27.37
N GLU N 60 -2.88 64.87 -26.51
CA GLU N 60 -2.78 65.72 -25.32
C GLU N 60 -1.69 65.21 -24.41
N ALA N 61 -1.64 63.89 -24.27
CA ALA N 61 -0.66 63.24 -23.40
C ALA N 61 0.74 63.52 -23.90
N LYS N 62 0.98 63.24 -25.17
CA LYS N 62 2.30 63.47 -25.74
C LYS N 62 2.71 64.93 -25.50
N ALA N 63 1.78 65.87 -25.70
CA ALA N 63 2.06 67.29 -25.49
C ALA N 63 2.47 67.56 -24.05
N LEU N 64 1.68 67.05 -23.11
CA LEU N 64 1.95 67.20 -21.69
C LEU N 64 3.33 66.74 -21.27
N ALA N 65 3.77 65.62 -21.83
CA ALA N 65 5.07 65.08 -21.50
C ALA N 65 6.20 65.94 -22.02
N GLU N 66 5.94 66.63 -23.14
CA GLU N 66 6.93 67.48 -23.78
C GLU N 66 7.20 68.82 -23.10
N GLU N 67 6.25 69.26 -22.27
CA GLU N 67 6.40 70.51 -21.53
C GLU N 67 7.54 70.33 -20.54
N VAL N 68 8.02 69.10 -20.41
CA VAL N 68 9.09 68.78 -19.46
C VAL N 68 10.40 68.32 -20.10
N GLU N 69 11.52 68.80 -19.58
CA GLU N 69 12.83 68.40 -20.06
C GLU N 69 13.31 67.32 -19.10
N VAL N 70 13.74 66.17 -19.61
CA VAL N 70 14.22 65.12 -18.73
C VAL N 70 15.72 64.95 -18.94
N GLN N 71 16.37 64.33 -17.97
CA GLN N 71 17.80 64.11 -18.06
C GLN N 71 18.09 62.69 -18.53
N ASP N 72 18.58 62.58 -19.77
CA ASP N 72 18.92 61.29 -20.34
C ASP N 72 20.44 61.19 -20.33
N GLY N 73 20.96 60.08 -20.83
CA GLY N 73 22.40 59.90 -20.86
C GLY N 73 22.84 58.52 -20.41
N PRO N 74 24.14 58.23 -20.48
CA PRO N 74 25.18 59.15 -20.96
C PRO N 74 25.21 59.19 -22.48
N ASP N 75 25.93 60.18 -23.01
CA ASP N 75 26.07 60.31 -24.46
C ASP N 75 27.43 59.77 -24.87
N GLU N 76 27.88 60.10 -26.08
CA GLU N 76 29.16 59.63 -26.60
C GLU N 76 30.29 59.78 -25.60
N ASN N 77 30.44 60.98 -25.04
CA ASN N 77 31.51 61.24 -24.08
C ASN N 77 31.07 60.98 -22.65
N GLY N 78 30.05 60.15 -22.50
CA GLY N 78 29.54 59.79 -21.18
C GLY N 78 29.09 61.02 -20.43
N GLU N 79 28.20 61.79 -21.04
CA GLU N 79 27.69 63.01 -20.44
C GLU N 79 26.17 62.98 -20.33
N LEU N 80 25.65 63.47 -19.22
CA LEU N 80 24.21 63.53 -19.04
C LEU N 80 23.76 64.69 -19.92
N PHE N 81 22.47 64.75 -20.27
CA PHE N 81 21.99 65.84 -21.11
C PHE N 81 20.48 65.93 -21.05
N MET N 82 19.92 67.02 -21.56
CA MET N 82 18.48 67.18 -21.53
C MET N 82 17.82 66.72 -22.82
N ARG N 83 16.52 66.49 -22.73
CA ARG N 83 15.74 66.08 -23.89
C ARG N 83 14.27 66.30 -23.55
N PRO N 84 13.44 66.52 -24.57
CA PRO N 84 12.01 66.73 -24.31
C PRO N 84 11.38 65.40 -23.92
N GLY N 85 10.46 65.45 -22.94
CA GLY N 85 9.81 64.25 -22.45
C GLY N 85 8.94 63.48 -23.43
N LYS N 86 8.82 62.18 -23.19
CA LYS N 86 8.02 61.26 -24.01
C LYS N 86 6.95 60.74 -23.06
N ILE N 87 5.92 60.11 -23.61
CA ILE N 87 4.84 59.57 -22.78
C ILE N 87 5.30 58.41 -21.90
N SER N 88 6.46 57.86 -22.21
CA SER N 88 7.02 56.74 -21.46
C SER N 88 7.69 57.23 -20.18
N ASP N 89 7.72 58.54 -19.99
CA ASP N 89 8.35 59.11 -18.81
C ASP N 89 7.37 59.26 -17.68
N TYR N 90 7.89 59.27 -16.46
CA TYR N 90 7.05 59.41 -15.29
C TYR N 90 7.03 60.86 -14.87
N PHE N 91 6.00 61.24 -14.12
CA PHE N 91 5.88 62.60 -13.65
C PHE N 91 7.18 63.01 -12.96
N PRO N 92 7.68 64.21 -13.28
CA PRO N 92 8.93 64.77 -12.76
C PRO N 92 9.00 64.99 -11.25
N LYS N 93 10.13 64.65 -10.66
CA LYS N 93 10.33 64.84 -9.23
C LYS N 93 10.71 66.30 -9.01
N PRO N 94 10.17 66.94 -7.97
CA PRO N 94 10.46 68.34 -7.66
C PRO N 94 11.83 68.50 -7.03
N TYR N 95 12.35 67.43 -6.45
CA TYR N 95 13.67 67.46 -5.82
C TYR N 95 14.44 66.18 -6.13
N PRO N 96 15.78 66.24 -6.04
CA PRO N 96 16.68 65.11 -6.29
C PRO N 96 16.66 64.02 -5.22
N ASN N 97 16.44 64.42 -3.98
CA ASN N 97 16.41 63.48 -2.85
C ASN N 97 15.75 64.15 -1.66
N PRO N 98 15.24 63.37 -0.70
CA PRO N 98 14.59 63.95 0.49
C PRO N 98 15.36 65.09 1.15
N GLU N 99 16.66 64.91 1.33
CA GLU N 99 17.48 65.94 1.95
C GLU N 99 17.21 67.31 1.31
N ALA N 100 17.16 67.33 -0.02
CA ALA N 100 16.92 68.56 -0.77
C ALA N 100 15.50 69.05 -0.53
N ALA N 101 14.54 68.14 -0.67
CA ALA N 101 13.14 68.47 -0.46
C ALA N 101 12.94 69.08 0.92
N ARG N 102 13.49 68.43 1.95
CA ARG N 102 13.37 68.90 3.33
C ARG N 102 13.97 70.28 3.44
N ALA N 103 15.14 70.47 2.84
CA ALA N 103 15.82 71.76 2.87
C ALA N 103 14.90 72.88 2.34
N ALA N 104 14.13 72.58 1.31
CA ALA N 104 13.22 73.55 0.71
C ALA N 104 11.83 73.66 1.34
N ASN N 105 11.59 72.94 2.44
CA ASN N 105 10.28 72.97 3.09
C ASN N 105 10.40 73.01 4.60
N ASN N 106 11.50 73.58 5.09
CA ASN N 106 11.69 73.68 6.54
C ASN N 106 11.97 72.31 7.14
N GLY N 107 12.83 71.54 6.51
CA GLY N 107 13.14 70.22 7.02
C GLY N 107 11.97 69.26 7.02
N ALA N 108 10.85 69.66 6.42
CA ALA N 108 9.65 68.83 6.33
C ALA N 108 9.75 68.05 5.03
N LEU N 109 9.04 66.92 4.93
CA LEU N 109 9.12 66.14 3.72
C LEU N 109 7.78 65.84 3.07
N PRO N 110 7.51 66.49 1.93
CA PRO N 110 6.26 66.25 1.23
C PRO N 110 6.34 64.88 0.54
N PRO N 111 5.62 63.88 1.10
CA PRO N 111 5.58 62.50 0.59
C PRO N 111 5.13 62.35 -0.86
N ASP N 112 5.54 61.25 -1.48
CA ASP N 112 5.15 60.98 -2.85
C ASP N 112 3.66 60.69 -2.75
N LEU N 113 2.89 61.24 -3.68
CA LEU N 113 1.46 61.04 -3.67
C LEU N 113 0.92 59.85 -4.46
N SER N 114 1.80 59.02 -4.99
CA SER N 114 1.35 57.88 -5.79
C SER N 114 0.37 56.94 -5.08
N TYR N 115 0.61 56.66 -3.81
CA TYR N 115 -0.27 55.77 -3.06
C TYR N 115 -0.80 56.44 -1.80
N ILE N 116 -0.87 57.76 -1.81
CA ILE N 116 -1.32 58.46 -0.59
C ILE N 116 -2.70 58.09 0.00
N VAL N 117 -3.75 58.07 -0.84
CA VAL N 117 -5.07 57.76 -0.33
C VAL N 117 -5.20 56.36 0.28
N ASN N 118 -4.14 55.55 0.19
CA ASN N 118 -4.19 54.20 0.77
C ASN N 118 -3.14 54.10 1.84
N ALA N 119 -2.34 55.16 1.95
CA ALA N 119 -1.26 55.22 2.92
C ALA N 119 -1.72 55.93 4.16
N ARG N 120 -2.95 56.43 4.08
CA ARG N 120 -3.54 57.16 5.19
C ARG N 120 -4.93 56.63 5.51
N HIS N 121 -5.24 56.53 6.81
CA HIS N 121 -6.56 56.08 7.22
C HIS N 121 -7.53 57.18 6.79
N GLY N 122 -8.64 56.80 6.16
CA GLY N 122 -9.59 57.81 5.73
C GLY N 122 -9.55 57.95 4.22
N GLY N 123 -8.35 57.92 3.67
CA GLY N 123 -8.22 58.03 2.22
C GLY N 123 -8.62 59.40 1.72
N GLU N 124 -9.39 59.44 0.63
CA GLU N 124 -9.81 60.71 0.08
C GLU N 124 -10.56 61.52 1.12
N ASP N 125 -11.42 60.84 1.88
CA ASP N 125 -12.17 61.53 2.92
C ASP N 125 -11.20 62.26 3.86
N TYR N 126 -10.04 61.67 4.13
CA TYR N 126 -9.05 62.32 4.98
C TYR N 126 -8.39 63.46 4.23
N VAL N 127 -7.69 63.13 3.15
CA VAL N 127 -7.02 64.14 2.35
C VAL N 127 -7.91 65.36 2.13
N PHE N 128 -9.15 65.14 1.73
CA PHE N 128 -10.09 66.23 1.50
C PHE N 128 -10.34 67.07 2.76
N SER N 129 -10.74 66.43 3.86
CA SER N 129 -10.97 67.14 5.10
C SER N 129 -9.76 67.93 5.55
N LEU N 130 -8.56 67.38 5.31
CA LEU N 130 -7.33 68.06 5.70
C LEU N 130 -7.06 69.30 4.85
N LEU N 131 -7.27 69.19 3.55
CA LEU N 131 -7.04 70.33 2.66
C LEU N 131 -7.96 71.50 2.98
N THR N 132 -9.23 71.18 3.17
CA THR N 132 -10.24 72.19 3.47
C THR N 132 -10.41 72.40 4.97
N GLY N 133 -9.51 71.86 5.79
CA GLY N 133 -9.69 71.99 7.23
C GLY N 133 -8.78 72.88 8.07
N TYR N 134 -7.96 73.73 7.45
CA TYR N 134 -7.07 74.60 8.22
C TYR N 134 -7.82 75.68 8.99
N CYS N 135 -7.29 76.05 10.15
CA CYS N 135 -7.92 77.06 11.01
C CYS N 135 -6.98 77.41 12.14
N ASP N 136 -7.40 78.39 12.95
CA ASP N 136 -6.58 78.83 14.08
C ASP N 136 -6.62 77.88 15.27
N PRO N 137 -5.49 77.74 15.96
CA PRO N 137 -5.41 76.85 17.12
C PRO N 137 -6.32 77.27 18.24
N PRO N 138 -6.89 76.30 18.97
CA PRO N 138 -7.78 76.63 20.09
C PRO N 138 -6.96 77.15 21.25
N ALA N 139 -7.65 77.62 22.28
CA ALA N 139 -6.99 78.16 23.46
C ALA N 139 -6.03 77.16 24.11
N GLY N 140 -4.88 77.67 24.58
CA GLY N 140 -3.89 76.83 25.22
C GLY N 140 -2.90 76.16 24.28
N VAL N 141 -3.21 76.17 23.00
CA VAL N 141 -2.37 75.52 21.99
C VAL N 141 -1.49 76.49 21.21
N VAL N 142 -0.21 76.15 21.09
CA VAL N 142 0.74 76.98 20.36
C VAL N 142 1.44 76.18 19.27
N VAL N 143 1.29 76.63 18.03
CA VAL N 143 1.90 75.99 16.86
C VAL N 143 3.31 76.56 16.69
N ARG N 144 4.35 75.77 16.95
CA ARG N 144 5.70 76.31 16.80
C ARG N 144 5.91 76.87 15.39
N GLU N 145 6.78 77.87 15.29
CA GLU N 145 7.06 78.52 14.03
C GLU N 145 7.33 77.57 12.87
N GLY N 146 6.87 77.95 11.68
CA GLY N 146 7.08 77.13 10.50
C GLY N 146 5.97 76.11 10.29
N LEU N 147 5.18 75.87 11.33
CA LEU N 147 4.10 74.91 11.27
C LEU N 147 2.74 75.61 11.20
N HIS N 148 1.74 74.93 10.65
CA HIS N 148 0.40 75.50 10.55
C HIS N 148 -0.62 74.61 11.25
N TYR N 149 -1.65 75.23 11.80
CA TYR N 149 -2.63 74.44 12.50
C TYR N 149 -3.65 73.81 11.58
N ASN N 150 -3.87 72.52 11.80
CA ASN N 150 -4.84 71.74 11.07
C ASN N 150 -5.31 70.74 12.12
N PRO N 151 -6.61 70.72 12.40
CA PRO N 151 -7.12 69.78 13.40
C PRO N 151 -7.15 68.33 12.91
N TYR N 152 -7.24 68.16 11.59
CA TYR N 152 -7.30 66.85 10.99
C TYR N 152 -5.97 66.13 10.90
N PHE N 153 -4.89 66.87 11.07
CA PHE N 153 -3.57 66.27 11.03
C PHE N 153 -3.21 65.77 12.42
N PRO N 154 -2.54 64.62 12.52
CA PRO N 154 -2.18 64.14 13.86
C PRO N 154 -1.13 65.06 14.49
N GLY N 155 -1.43 65.58 15.67
CA GLY N 155 -0.54 66.50 16.36
C GLY N 155 -1.01 67.92 16.08
N GLN N 156 -1.87 68.03 15.07
CA GLN N 156 -2.46 69.28 14.63
C GLN N 156 -1.53 70.36 14.07
N ALA N 157 -0.23 70.13 14.18
CA ALA N 157 0.76 71.08 13.64
C ALA N 157 1.38 70.47 12.38
N ILE N 158 0.88 70.86 11.22
CA ILE N 158 1.36 70.32 9.97
C ILE N 158 2.41 71.24 9.37
N GLY N 159 3.33 70.68 8.60
CA GLY N 159 4.36 71.50 7.98
C GLY N 159 3.98 71.97 6.59
N MET N 160 2.73 71.77 6.21
CA MET N 160 2.30 72.21 4.90
C MET N 160 1.34 73.40 4.98
N ALA N 161 1.69 74.48 4.28
CA ALA N 161 0.85 75.66 4.27
C ALA N 161 -0.38 75.34 3.42
N PRO N 162 -1.55 75.88 3.79
CA PRO N 162 -2.77 75.61 3.02
C PRO N 162 -2.43 75.75 1.55
N PRO N 163 -2.37 74.62 0.83
CA PRO N 163 -2.05 74.53 -0.59
C PRO N 163 -3.03 75.14 -1.57
N ILE N 164 -4.32 75.12 -1.23
CA ILE N 164 -5.28 75.67 -2.14
C ILE N 164 -6.22 76.73 -1.60
N TYR N 165 -6.68 77.59 -2.51
CA TYR N 165 -7.60 78.68 -2.21
C TYR N 165 -8.36 79.04 -3.51
N ASN N 166 -9.58 79.54 -3.35
CA ASN N 166 -10.40 79.88 -4.50
C ASN N 166 -9.66 80.51 -5.64
N GLU N 167 -10.11 80.20 -6.85
CA GLU N 167 -9.52 80.72 -8.08
C GLU N 167 -7.99 80.60 -8.16
N ILE N 168 -7.38 79.78 -7.30
CA ILE N 168 -5.92 79.61 -7.32
C ILE N 168 -5.45 79.14 -8.69
N LEU N 169 -6.40 78.70 -9.51
CA LEU N 169 -6.11 78.24 -10.86
C LEU N 169 -7.44 78.26 -11.59
N GLU N 170 -7.42 78.00 -12.89
CA GLU N 170 -8.67 77.98 -13.65
C GLU N 170 -8.83 76.67 -14.37
N TYR N 171 -10.02 76.08 -14.28
CA TYR N 171 -10.28 74.83 -14.98
C TYR N 171 -10.65 75.18 -16.41
N ASP N 172 -9.84 74.74 -17.37
CA ASP N 172 -10.13 75.05 -18.76
C ASP N 172 -11.34 74.33 -19.34
N ASP N 173 -12.16 73.75 -18.47
CA ASP N 173 -13.38 73.07 -18.92
C ASP N 173 -14.54 73.94 -18.45
N GLY N 174 -14.18 75.09 -17.88
CA GLY N 174 -15.16 76.04 -17.38
C GLY N 174 -15.85 75.68 -16.08
N THR N 175 -15.12 75.08 -15.14
CA THR N 175 -15.72 74.74 -13.87
C THR N 175 -15.33 75.81 -12.87
N PRO N 176 -16.27 76.17 -11.97
CA PRO N 176 -16.04 77.19 -10.94
C PRO N 176 -15.01 76.72 -9.91
N ALA N 177 -13.76 77.16 -10.09
CA ALA N 177 -12.63 76.80 -9.22
C ALA N 177 -12.68 77.24 -7.76
N THR N 178 -13.69 76.80 -7.03
CA THR N 178 -13.82 77.14 -5.63
C THR N 178 -12.81 76.24 -4.92
N MET N 179 -12.45 76.56 -3.68
CA MET N 179 -11.49 75.73 -2.95
C MET N 179 -11.97 74.29 -2.77
N SER N 180 -13.21 74.13 -2.29
CA SER N 180 -13.75 72.79 -2.07
C SER N 180 -13.89 72.04 -3.38
N GLN N 181 -14.20 72.72 -4.47
CA GLN N 181 -14.33 72.05 -5.76
C GLN N 181 -12.96 71.46 -6.09
N ILE N 182 -11.92 72.25 -5.90
CA ILE N 182 -10.56 71.80 -6.16
C ILE N 182 -10.22 70.57 -5.34
N ALA N 183 -10.22 70.69 -4.02
CA ALA N 183 -9.91 69.55 -3.16
C ALA N 183 -10.66 68.30 -3.64
N LYS N 184 -11.94 68.45 -3.91
CA LYS N 184 -12.75 67.32 -4.39
C LYS N 184 -12.14 66.72 -5.64
N ASP N 185 -11.88 67.54 -6.66
CA ASP N 185 -11.29 67.02 -7.91
C ASP N 185 -9.93 66.35 -7.74
N VAL N 186 -9.03 66.97 -7.00
CA VAL N 186 -7.71 66.40 -6.79
C VAL N 186 -7.80 65.08 -6.01
N CYS N 187 -8.65 65.03 -4.99
CA CYS N 187 -8.79 63.80 -4.23
C CYS N 187 -9.29 62.69 -5.15
N THR N 188 -10.20 63.02 -6.07
CA THR N 188 -10.70 62.03 -7.03
C THR N 188 -9.53 61.55 -7.87
N PHE N 189 -8.63 62.48 -8.20
CA PHE N 189 -7.47 62.13 -8.99
C PHE N 189 -6.55 61.20 -8.20
N LEU N 190 -6.24 61.58 -6.96
CA LEU N 190 -5.39 60.77 -6.11
C LEU N 190 -5.86 59.33 -5.98
N ARG N 191 -7.17 59.13 -5.94
CA ARG N 191 -7.71 57.79 -5.84
C ARG N 191 -7.25 57.01 -7.07
N TRP N 192 -7.46 57.59 -8.25
CA TRP N 192 -7.06 56.94 -9.48
C TRP N 192 -5.56 56.66 -9.49
N ALA N 193 -4.76 57.68 -9.21
CA ALA N 193 -3.34 57.48 -9.19
C ALA N 193 -2.96 56.32 -8.26
N ALA N 194 -3.77 56.08 -7.23
CA ALA N 194 -3.49 55.03 -6.28
C ALA N 194 -3.81 53.65 -6.81
N GLU N 195 -4.84 53.56 -7.64
CA GLU N 195 -5.24 52.27 -8.16
C GLU N 195 -6.07 52.38 -9.41
N PRO N 196 -5.39 52.60 -10.54
CA PRO N 196 -5.92 52.75 -11.89
C PRO N 196 -6.89 51.63 -12.24
N GLU N 197 -6.64 50.45 -11.71
CA GLU N 197 -7.50 49.31 -11.99
C GLU N 197 -8.92 49.56 -11.47
N HIS N 198 -9.06 50.49 -10.53
CA HIS N 198 -10.35 50.80 -9.91
C HIS N 198 -11.59 50.42 -10.70
N ASP N 199 -11.74 50.97 -11.89
CA ASP N 199 -12.92 50.68 -12.70
C ASP N 199 -13.06 49.25 -13.16
N GLN N 200 -12.03 48.72 -13.84
CA GLN N 200 -12.07 47.35 -14.32
C GLN N 200 -12.29 46.40 -13.16
N ARG N 201 -11.70 46.72 -12.02
CA ARG N 201 -11.86 45.88 -10.85
C ARG N 201 -13.33 45.76 -10.48
N LYS N 202 -14.03 46.89 -10.46
CA LYS N 202 -15.44 46.88 -10.12
C LYS N 202 -16.30 46.22 -11.19
N ARG N 203 -16.02 46.50 -12.46
CA ARG N 203 -16.77 45.90 -13.55
C ARG N 203 -16.64 44.39 -13.46
N MET N 204 -15.48 43.93 -12.99
CA MET N 204 -15.23 42.49 -12.81
C MET N 204 -16.06 41.95 -11.66
N GLY N 205 -16.16 42.74 -10.58
CA GLY N 205 -16.92 42.34 -9.41
C GLY N 205 -18.36 42.03 -9.77
N LEU N 206 -18.88 42.79 -10.73
CA LEU N 206 -20.25 42.58 -11.20
C LEU N 206 -20.32 41.21 -11.87
N LYS N 207 -19.47 40.98 -12.87
CA LYS N 207 -19.46 39.70 -13.56
C LYS N 207 -19.30 38.54 -12.58
N MET N 208 -18.43 38.71 -11.58
CA MET N 208 -18.20 37.69 -10.58
C MET N 208 -19.47 37.35 -9.80
N LEU N 209 -20.18 38.36 -9.32
CA LEU N 209 -21.41 38.13 -8.56
C LEU N 209 -22.45 37.37 -9.34
N LEU N 210 -22.78 37.88 -10.52
CA LEU N 210 -23.77 37.22 -11.37
C LEU N 210 -23.42 35.75 -11.58
N ILE N 211 -22.23 35.49 -12.11
CA ILE N 211 -21.79 34.11 -12.32
C ILE N 211 -21.80 33.33 -11.00
N SER N 212 -21.29 33.93 -9.94
CA SER N 212 -21.26 33.27 -8.64
C SER N 212 -22.68 32.87 -8.21
N ALA N 213 -23.64 33.75 -8.44
CA ALA N 213 -25.03 33.50 -8.09
C ALA N 213 -25.54 32.29 -8.87
N LEU N 214 -25.41 32.37 -10.18
CA LEU N 214 -25.83 31.32 -11.08
C LEU N 214 -25.22 29.96 -10.76
N LEU N 215 -23.89 29.92 -10.63
CA LEU N 215 -23.18 28.67 -10.35
C LEU N 215 -23.49 28.07 -8.97
N THR N 216 -23.55 28.89 -7.93
CA THR N 216 -23.86 28.35 -6.60
C THR N 216 -25.23 27.69 -6.56
N SER N 217 -26.20 28.31 -7.25
CA SER N 217 -27.56 27.77 -7.32
C SER N 217 -27.49 26.40 -7.97
N LEU N 218 -27.03 26.38 -9.23
CA LEU N 218 -26.89 25.13 -9.96
C LEU N 218 -26.20 24.04 -9.15
N LEU N 219 -25.07 24.35 -8.54
CA LEU N 219 -24.36 23.34 -7.77
C LEU N 219 -25.11 22.87 -6.54
N TYR N 220 -25.91 23.76 -5.95
CA TYR N 220 -26.67 23.36 -4.78
C TYR N 220 -27.68 22.29 -5.19
N TYR N 221 -28.37 22.55 -6.29
CA TYR N 221 -29.36 21.62 -6.82
C TYR N 221 -28.75 20.25 -7.04
N MET N 222 -27.61 20.24 -7.71
CA MET N 222 -26.90 19.01 -8.03
C MET N 222 -26.42 18.23 -6.80
N LYS N 223 -25.96 18.95 -5.78
CA LYS N 223 -25.53 18.31 -4.56
C LYS N 223 -26.76 17.60 -3.98
N ARG N 224 -27.86 18.35 -3.92
CA ARG N 224 -29.15 17.87 -3.42
C ARG N 224 -29.71 16.68 -4.19
N HIS N 225 -29.66 16.77 -5.52
CA HIS N 225 -30.13 15.72 -6.43
C HIS N 225 -29.49 14.37 -6.13
N LYS N 226 -28.17 14.39 -5.90
CA LYS N 226 -27.45 13.17 -5.62
C LYS N 226 -27.76 12.70 -4.22
N TRP N 227 -27.68 13.61 -3.26
CA TRP N 227 -27.98 13.23 -1.88
C TRP N 227 -29.45 12.84 -1.65
N SER N 228 -30.34 13.29 -2.52
CA SER N 228 -31.75 12.94 -2.37
C SER N 228 -31.90 11.46 -1.98
N VAL N 229 -31.06 10.61 -2.56
CA VAL N 229 -31.07 9.17 -2.31
C VAL N 229 -30.87 8.77 -0.86
N LEU N 230 -30.05 9.52 -0.13
CA LEU N 230 -29.82 9.20 1.27
C LEU N 230 -30.78 9.99 2.15
N LYS N 231 -31.13 11.19 1.71
CA LYS N 231 -32.04 12.04 2.46
C LYS N 231 -33.43 11.44 2.63
N SER N 232 -33.90 10.71 1.63
CA SER N 232 -35.21 10.09 1.71
C SER N 232 -35.18 8.62 2.14
N ARG N 233 -33.99 8.03 2.10
CA ARG N 233 -33.79 6.62 2.47
C ARG N 233 -34.56 6.19 3.71
N LYS N 234 -35.15 5.00 3.64
CA LYS N 234 -35.91 4.43 4.74
C LYS N 234 -35.34 3.07 5.15
N MET N 235 -35.19 2.86 6.46
CA MET N 235 -34.66 1.59 6.94
C MET N 235 -35.55 0.94 8.00
N ALA N 236 -35.37 -0.37 8.16
CA ALA N 236 -36.13 -1.18 9.11
C ALA N 236 -35.30 -2.33 9.66
N TYR N 237 -35.55 -2.70 10.91
CA TYR N 237 -34.87 -3.81 11.58
C TYR N 237 -35.84 -4.98 11.73
N ARG N 238 -35.59 -6.06 10.97
CA ARG N 238 -36.44 -7.24 10.96
C ARG N 238 -35.81 -8.53 11.48
N PRO N 239 -35.51 -8.60 12.78
CA PRO N 239 -34.90 -9.83 13.31
C PRO N 239 -35.84 -11.02 13.16
N PRO N 240 -35.30 -12.26 13.14
CA PRO N 240 -36.10 -13.49 12.98
C PRO N 240 -37.13 -13.48 14.10
N LYS N 241 -36.64 -13.10 15.28
CA LYS N 241 -37.40 -12.98 16.51
C LYS N 241 -38.75 -13.73 16.45
N VAL O 1 -41.11 -13.80 7.63
CA VAL O 1 -40.79 -14.19 6.23
C VAL O 1 -40.77 -13.00 5.26
N HIS O 2 -40.05 -13.16 4.17
CA HIS O 2 -39.91 -12.11 3.19
C HIS O 2 -41.21 -11.73 2.47
N ASN O 3 -42.25 -12.55 2.60
CA ASN O 3 -43.53 -12.23 1.94
C ASN O 3 -44.23 -11.06 2.64
N ASP O 4 -43.91 -10.89 3.91
CA ASP O 4 -44.46 -9.84 4.79
C ASP O 4 -43.74 -8.50 4.61
N VAL O 5 -42.82 -8.44 3.67
CA VAL O 5 -42.07 -7.22 3.42
C VAL O 5 -42.60 -6.43 2.24
N THR O 6 -42.74 -5.12 2.46
CA THR O 6 -43.22 -4.20 1.44
C THR O 6 -42.45 -2.87 1.51
N VAL O 7 -42.31 -2.25 0.34
CA VAL O 7 -41.61 -0.97 0.23
C VAL O 7 -42.48 0.15 0.75
N PRO O 8 -41.96 0.95 1.68
CA PRO O 8 -42.73 2.07 2.22
C PRO O 8 -43.24 2.97 1.11
N ASP O 9 -44.02 3.96 1.49
CA ASP O 9 -44.57 4.88 0.52
C ASP O 9 -43.66 6.08 0.33
N PHE O 10 -43.31 6.34 -0.93
CA PHE O 10 -42.43 7.47 -1.23
C PHE O 10 -43.19 8.65 -1.85
N SER O 11 -44.45 8.82 -1.47
CA SER O 11 -45.28 9.92 -1.99
C SER O 11 -44.70 11.24 -1.51
N ALA O 12 -44.27 11.25 -0.26
CA ALA O 12 -43.72 12.46 0.33
C ALA O 12 -42.55 13.02 -0.48
N TYR O 13 -41.96 12.16 -1.33
CA TYR O 13 -40.80 12.55 -2.12
C TYR O 13 -40.90 12.41 -3.62
N ARG O 14 -41.73 11.49 -4.09
CA ARG O 14 -41.85 11.29 -5.53
C ARG O 14 -42.09 12.59 -6.28
N ARG O 15 -41.61 12.63 -7.52
CA ARG O 15 -41.82 13.82 -8.32
C ARG O 15 -43.27 13.74 -8.75
N GLU O 16 -43.79 14.87 -9.20
CA GLU O 16 -45.17 14.97 -9.66
C GLU O 16 -45.60 13.90 -10.68
N ASP O 17 -44.82 13.72 -11.74
CA ASP O 17 -45.20 12.76 -12.78
C ASP O 17 -45.16 11.28 -12.47
N VAL O 18 -44.48 10.88 -11.41
CA VAL O 18 -44.43 9.47 -11.05
C VAL O 18 -45.08 9.29 -9.70
N MET O 19 -46.11 10.10 -9.45
CA MET O 19 -46.84 10.07 -8.19
C MET O 19 -47.98 9.03 -8.25
N ASP O 20 -48.54 8.87 -9.45
CA ASP O 20 -49.65 7.94 -9.71
C ASP O 20 -49.23 6.53 -10.07
N ALA O 21 -49.52 5.60 -9.16
CA ALA O 21 -49.17 4.19 -9.30
C ALA O 21 -49.76 3.46 -10.48
N THR O 22 -50.65 4.11 -11.22
CA THR O 22 -51.26 3.42 -12.34
C THR O 22 -50.89 4.04 -13.69
N THR O 23 -49.78 4.77 -13.69
CA THR O 23 -49.30 5.44 -14.90
C THR O 23 -47.84 5.11 -15.17
N SER O 24 -47.54 4.77 -16.42
CA SER O 24 -46.18 4.45 -16.84
C SER O 24 -45.22 5.60 -16.58
N SER O 25 -44.19 5.34 -15.79
CA SER O 25 -43.22 6.37 -15.48
C SER O 25 -42.32 6.64 -16.69
N GLN O 26 -42.27 5.70 -17.62
CA GLN O 26 -41.44 5.85 -18.80
C GLN O 26 -41.76 7.09 -19.64
N THR O 27 -43.03 7.40 -19.77
CA THR O 27 -43.44 8.56 -20.56
C THR O 27 -42.80 9.87 -20.08
N SER O 28 -42.75 10.04 -18.76
CA SER O 28 -42.18 11.24 -18.15
C SER O 28 -40.69 11.15 -17.85
N SER O 29 -40.08 10.02 -18.19
CA SER O 29 -38.66 9.81 -17.90
C SER O 29 -37.76 10.81 -18.63
N GLU O 30 -37.88 10.88 -19.95
CA GLU O 30 -37.04 11.78 -20.72
C GLU O 30 -37.11 13.19 -20.16
N ASP O 31 -38.27 13.53 -19.60
CA ASP O 31 -38.52 14.85 -19.01
C ASP O 31 -37.74 15.06 -17.73
N ARG O 32 -37.89 14.13 -16.79
CA ARG O 32 -37.20 14.19 -15.51
C ARG O 32 -35.66 14.18 -15.64
N LYS O 33 -35.14 13.48 -16.63
CA LYS O 33 -33.70 13.41 -16.83
C LYS O 33 -33.23 14.62 -17.61
N GLY O 34 -33.96 14.95 -18.67
CA GLY O 34 -33.62 16.09 -19.48
C GLY O 34 -33.54 17.38 -18.66
N PHE O 35 -34.22 17.41 -17.52
CA PHE O 35 -34.20 18.60 -16.68
C PHE O 35 -32.99 18.63 -15.79
N SER O 36 -32.77 17.55 -15.04
CA SER O 36 -31.61 17.47 -14.16
C SER O 36 -30.33 17.59 -14.98
N TYR O 37 -30.31 16.94 -16.14
CA TYR O 37 -29.16 17.00 -17.03
C TYR O 37 -29.01 18.40 -17.62
N LEU O 38 -30.11 19.12 -17.79
CA LEU O 38 -30.02 20.48 -18.30
C LEU O 38 -29.34 21.38 -17.26
N VAL O 39 -29.63 21.12 -15.99
CA VAL O 39 -29.04 21.90 -14.90
C VAL O 39 -27.55 21.70 -14.95
N THR O 40 -27.18 20.42 -14.93
CA THR O 40 -25.79 20.01 -14.97
C THR O 40 -25.04 20.62 -16.16
N ALA O 41 -25.57 20.42 -17.37
CA ALA O 41 -24.96 20.97 -18.57
C ALA O 41 -24.73 22.46 -18.40
N THR O 42 -25.66 23.15 -17.77
CA THR O 42 -25.54 24.59 -17.57
C THR O 42 -24.38 24.92 -16.62
N ALA O 43 -24.26 24.14 -15.55
CA ALA O 43 -23.18 24.35 -14.59
C ALA O 43 -21.84 24.28 -15.33
N CYS O 44 -21.74 23.35 -16.26
CA CYS O 44 -20.54 23.20 -17.07
C CYS O 44 -20.29 24.49 -17.84
N VAL O 45 -21.26 24.89 -18.65
CA VAL O 45 -21.15 26.11 -19.44
C VAL O 45 -20.74 27.29 -18.57
N ALA O 46 -21.31 27.38 -17.36
CA ALA O 46 -20.99 28.46 -16.42
C ALA O 46 -19.56 28.31 -15.91
N THR O 47 -19.13 27.08 -15.72
CA THR O 47 -17.77 26.85 -15.25
C THR O 47 -16.80 27.02 -16.41
N ALA O 48 -17.17 26.58 -17.61
CA ALA O 48 -16.28 26.73 -18.76
C ALA O 48 -16.05 28.22 -19.03
N TYR O 49 -17.00 29.04 -18.62
CA TYR O 49 -16.86 30.48 -18.81
C TYR O 49 -15.79 30.95 -17.83
N ALA O 50 -16.07 30.81 -16.53
CA ALA O 50 -15.14 31.22 -15.49
C ALA O 50 -13.70 30.71 -15.72
N ALA O 51 -13.56 29.43 -16.04
CA ALA O 51 -12.24 28.85 -16.26
C ALA O 51 -11.54 29.51 -17.41
N LYS O 52 -12.21 29.57 -18.57
CA LYS O 52 -11.59 30.19 -19.73
C LYS O 52 -11.01 31.57 -19.37
N ASN O 53 -11.77 32.36 -18.63
CA ASN O 53 -11.32 33.69 -18.24
C ASN O 53 -10.11 33.69 -17.32
N VAL O 54 -10.21 33.01 -16.18
CA VAL O 54 -9.08 32.97 -15.25
C VAL O 54 -7.82 32.49 -15.95
N VAL O 55 -7.93 31.43 -16.76
CA VAL O 55 -6.76 30.96 -17.46
C VAL O 55 -6.27 32.06 -18.40
N THR O 56 -7.19 32.64 -19.14
CA THR O 56 -6.84 33.72 -20.04
C THR O 56 -6.05 34.81 -19.30
N GLN O 57 -6.59 35.25 -18.17
CA GLN O 57 -5.94 36.29 -17.38
C GLN O 57 -4.55 35.86 -16.90
N PHE O 58 -4.47 34.70 -16.28
CA PHE O 58 -3.18 34.23 -15.80
C PHE O 58 -2.18 34.05 -16.95
N ILE O 59 -2.56 33.31 -17.98
CA ILE O 59 -1.66 33.13 -19.10
C ILE O 59 -1.11 34.48 -19.55
N SER O 60 -2.02 35.41 -19.81
CA SER O 60 -1.61 36.73 -20.27
C SER O 60 -0.75 37.51 -19.29
N SER O 61 -0.76 37.16 -18.02
CA SER O 61 0.06 37.90 -17.07
C SER O 61 1.55 37.71 -17.39
N LEU O 62 1.85 36.71 -18.21
CA LEU O 62 3.22 36.43 -18.55
C LEU O 62 3.70 37.08 -19.82
N SER O 63 2.79 37.69 -20.57
CA SER O 63 3.23 38.35 -21.79
C SER O 63 3.73 39.73 -21.39
N ALA O 64 4.29 40.46 -22.36
CA ALA O 64 4.85 41.80 -22.11
C ALA O 64 3.97 42.77 -21.35
N SER O 65 4.55 43.40 -20.33
CA SER O 65 3.84 44.36 -19.51
C SER O 65 3.86 45.76 -20.08
N ALA O 66 2.86 46.54 -19.66
CA ALA O 66 2.66 47.92 -20.07
C ALA O 66 3.93 48.75 -20.26
N ASP O 67 4.83 48.64 -19.29
CA ASP O 67 6.06 49.40 -19.36
C ASP O 67 6.93 48.89 -20.51
N VAL O 68 6.94 47.58 -20.69
CA VAL O 68 7.73 47.01 -21.77
C VAL O 68 7.14 47.35 -23.13
N LEU O 69 5.83 47.20 -23.28
CA LEU O 69 5.20 47.52 -24.56
C LEU O 69 5.39 49.00 -24.88
N ALA O 70 5.56 49.78 -23.82
CA ALA O 70 5.73 51.22 -23.97
C ALA O 70 6.94 51.56 -24.83
N LEU O 71 7.88 50.62 -24.95
CA LEU O 71 9.08 50.85 -25.74
C LEU O 71 9.07 49.89 -26.92
N SER O 72 7.92 49.29 -27.17
CA SER O 72 7.74 48.35 -28.27
C SER O 72 8.16 48.98 -29.60
N LYS O 73 7.70 50.21 -29.83
CA LYS O 73 8.02 50.90 -31.07
C LYS O 73 8.36 52.39 -30.87
N ILE O 74 9.12 52.94 -31.81
CA ILE O 74 9.56 54.33 -31.75
C ILE O 74 9.17 55.07 -33.03
N GLU O 75 8.72 56.32 -32.87
CA GLU O 75 8.32 57.14 -34.02
C GLU O 75 9.35 58.27 -34.20
N ILE O 76 9.94 58.34 -35.38
CA ILE O 76 10.94 59.36 -35.68
C ILE O 76 10.41 60.38 -36.69
N LYS O 77 10.80 61.63 -36.50
CA LYS O 77 10.36 62.71 -37.40
C LYS O 77 11.39 62.98 -38.51
N LEU O 78 11.05 62.55 -39.73
CA LEU O 78 11.90 62.70 -40.90
C LEU O 78 12.34 64.15 -41.13
N SER O 79 11.59 65.07 -40.55
CA SER O 79 11.86 66.50 -40.67
C SER O 79 13.14 66.93 -39.94
N ASP O 80 13.49 66.19 -38.89
CA ASP O 80 14.67 66.45 -38.08
C ASP O 80 15.93 65.90 -38.73
N ILE O 81 15.74 65.01 -39.70
CA ILE O 81 16.85 64.38 -40.41
C ILE O 81 17.02 64.93 -41.82
N PRO O 82 18.08 65.73 -42.04
CA PRO O 82 18.39 66.35 -43.33
C PRO O 82 19.13 65.33 -44.21
N GLU O 83 19.22 65.61 -45.51
CA GLU O 83 19.91 64.71 -46.44
C GLU O 83 21.42 64.71 -46.25
N GLY O 84 22.04 63.56 -46.52
CA GLY O 84 23.48 63.43 -46.39
C GLY O 84 23.96 63.36 -44.95
N LYS O 85 23.03 63.22 -44.02
CA LYS O 85 23.37 63.13 -42.61
C LYS O 85 22.63 61.98 -41.92
N ASN O 86 23.41 61.02 -41.41
CA ASN O 86 22.87 59.85 -40.74
C ASN O 86 22.57 60.13 -39.27
N VAL O 87 21.33 59.87 -38.86
CA VAL O 87 20.93 60.09 -37.48
C VAL O 87 20.57 58.76 -36.83
N ALA O 88 21.15 58.49 -35.68
CA ALA O 88 20.92 57.24 -34.97
C ALA O 88 20.15 57.46 -33.66
N PHE O 89 19.14 56.62 -33.44
CA PHE O 89 18.32 56.71 -32.24
C PHE O 89 18.40 55.41 -31.45
N LYS O 90 17.85 55.42 -30.24
CA LYS O 90 17.84 54.23 -29.40
C LYS O 90 16.53 53.47 -29.51
N TRP O 91 16.59 52.25 -30.03
CA TRP O 91 15.40 51.43 -30.14
C TRP O 91 15.67 50.04 -29.57
N ARG O 92 14.83 49.61 -28.62
CA ARG O 92 14.98 48.30 -27.99
C ARG O 92 16.42 48.05 -27.54
N GLY O 93 16.97 49.03 -26.84
CA GLY O 93 18.33 48.93 -26.32
C GLY O 93 19.44 48.91 -27.34
N LYS O 94 19.08 48.76 -28.60
CA LYS O 94 20.05 48.71 -29.69
C LYS O 94 19.91 49.94 -30.58
N PRO O 95 21.03 50.41 -31.16
CA PRO O 95 21.01 51.59 -32.05
C PRO O 95 20.15 51.39 -33.29
N LEU O 96 19.39 52.43 -33.65
CA LEU O 96 18.52 52.42 -34.83
C LEU O 96 18.99 53.46 -35.84
N PHE O 97 19.37 53.00 -37.03
CA PHE O 97 19.85 53.90 -38.06
C PHE O 97 18.79 54.38 -39.04
N VAL O 98 18.70 55.71 -39.18
CA VAL O 98 17.77 56.36 -40.09
C VAL O 98 18.57 57.44 -40.83
N ARG O 99 19.03 57.14 -42.03
CA ARG O 99 19.80 58.11 -42.82
C ARG O 99 18.98 58.70 -43.97
N HIS O 100 19.10 60.01 -44.15
CA HIS O 100 18.41 60.70 -45.24
C HIS O 100 19.32 60.67 -46.45
N ARG O 101 18.96 59.82 -47.41
CA ARG O 101 19.75 59.67 -48.62
C ARG O 101 19.45 60.72 -49.67
N THR O 102 20.51 61.41 -50.10
CA THR O 102 20.38 62.44 -51.14
C THR O 102 20.08 61.70 -52.45
N GLN O 103 19.63 62.46 -53.45
CA GLN O 103 19.32 61.86 -54.75
C GLN O 103 20.64 61.31 -55.31
N ALA O 104 21.75 61.85 -54.80
CA ALA O 104 23.10 61.48 -55.20
C ALA O 104 23.50 60.09 -54.67
N GLU O 105 23.29 59.87 -53.37
CA GLU O 105 23.62 58.60 -52.73
C GLU O 105 22.74 57.46 -53.23
N ILE O 106 21.48 57.78 -53.55
CA ILE O 106 20.54 56.78 -54.05
C ILE O 106 20.99 56.26 -55.40
N ASN O 107 21.84 57.04 -56.05
CA ASN O 107 22.39 56.69 -57.37
C ASN O 107 23.52 55.68 -57.20
N GLN O 108 24.50 56.02 -56.38
CA GLN O 108 25.63 55.13 -56.12
C GLN O 108 25.05 53.75 -55.78
N GLU O 109 23.80 53.78 -55.30
CA GLU O 109 23.05 52.59 -54.92
C GLU O 109 22.65 51.69 -56.08
N ALA O 110 22.03 52.28 -57.10
CA ALA O 110 21.61 51.51 -58.27
C ALA O 110 22.82 50.83 -58.89
N GLU O 111 23.96 51.52 -58.83
CA GLU O 111 25.22 50.99 -59.39
C GLU O 111 25.81 49.91 -58.51
N VAL O 112 25.00 48.89 -58.19
CA VAL O 112 25.43 47.77 -57.34
C VAL O 112 25.05 46.42 -57.93
N ASP O 113 26.06 45.62 -58.27
CA ASP O 113 25.86 44.29 -58.84
C ASP O 113 25.08 43.40 -57.88
N VAL O 114 23.78 43.31 -58.08
CA VAL O 114 22.92 42.49 -57.24
C VAL O 114 23.46 41.08 -56.98
N SER O 115 24.18 40.51 -57.94
CA SER O 115 24.74 39.16 -57.75
C SER O 115 26.26 39.14 -57.54
N LYS O 116 26.74 40.06 -56.71
CA LYS O 116 28.17 40.18 -56.36
C LYS O 116 28.32 40.51 -54.87
N LEU O 117 27.30 40.12 -54.10
CA LEU O 117 27.28 40.35 -52.66
C LEU O 117 26.72 39.14 -51.90
N ARG O 118 27.36 38.82 -50.78
CA ARG O 118 26.98 37.68 -49.93
C ARG O 118 25.48 37.62 -49.65
N ASP O 119 24.91 38.75 -49.23
CA ASP O 119 23.48 38.82 -48.97
C ASP O 119 22.89 39.63 -50.12
N PRO O 120 22.68 38.97 -51.28
CA PRO O 120 22.15 39.54 -52.52
C PRO O 120 20.80 40.26 -52.45
N GLN O 121 20.85 41.60 -52.37
CA GLN O 121 19.64 42.42 -52.31
C GLN O 121 19.92 43.84 -52.78
N HIS O 122 19.10 44.33 -53.70
CA HIS O 122 19.25 45.68 -54.22
C HIS O 122 18.35 46.59 -53.38
N ASP O 123 18.72 47.86 -53.27
CA ASP O 123 17.96 48.84 -52.49
C ASP O 123 16.46 48.56 -52.53
N LEU O 124 15.97 48.23 -53.73
CA LEU O 124 14.57 47.92 -53.96
C LEU O 124 13.95 47.06 -52.85
N ASP O 125 14.62 45.94 -52.55
CA ASP O 125 14.16 44.98 -51.56
C ASP O 125 14.30 45.41 -50.10
N ARG O 126 15.16 46.40 -49.83
CA ARG O 126 15.40 46.86 -48.47
C ARG O 126 14.51 48.01 -47.99
N VAL O 127 14.59 49.16 -48.66
CA VAL O 127 13.81 50.34 -48.27
C VAL O 127 12.37 50.40 -48.79
N LYS O 128 11.92 51.63 -49.02
CA LYS O 128 10.59 51.95 -49.53
C LYS O 128 10.75 53.31 -50.19
N LYS O 129 11.09 54.32 -49.39
CA LYS O 129 11.32 55.66 -49.91
C LYS O 129 12.82 55.80 -50.02
N PRO O 130 13.33 55.90 -51.27
CA PRO O 130 14.76 56.05 -51.56
C PRO O 130 15.50 57.03 -50.64
N GLU O 131 14.98 58.25 -50.53
CA GLU O 131 15.59 59.27 -49.67
C GLU O 131 15.65 58.80 -48.20
N TRP O 132 15.07 57.62 -47.94
CA TRP O 132 15.01 57.04 -46.60
C TRP O 132 15.49 55.60 -46.45
N VAL O 133 16.47 55.42 -45.57
CA VAL O 133 17.05 54.11 -45.26
C VAL O 133 17.01 53.94 -43.73
N ILE O 134 16.43 52.83 -43.29
CA ILE O 134 16.31 52.54 -41.86
C ILE O 134 16.86 51.17 -41.51
N LEU O 135 17.99 51.17 -40.80
CA LEU O 135 18.68 49.94 -40.40
C LEU O 135 18.81 49.76 -38.90
N VAL O 136 19.15 48.53 -38.50
CA VAL O 136 19.36 48.19 -37.10
C VAL O 136 20.88 48.26 -36.94
N GLY O 137 21.34 49.29 -36.24
CA GLY O 137 22.77 49.50 -36.05
C GLY O 137 23.60 48.44 -35.36
N VAL O 138 23.65 47.25 -35.92
CA VAL O 138 24.44 46.16 -35.34
C VAL O 138 25.11 45.35 -36.44
N CYS O 139 26.44 45.26 -36.38
CA CYS O 139 27.17 44.49 -37.36
C CYS O 139 26.61 43.09 -37.31
N THR O 140 26.44 42.47 -38.48
CA THR O 140 25.88 41.12 -38.54
C THR O 140 26.90 40.03 -38.20
N HIS O 141 28.10 40.45 -37.83
CA HIS O 141 29.18 39.53 -37.47
C HIS O 141 29.09 39.09 -36.01
N LEU O 142 29.56 39.96 -35.12
CA LEU O 142 29.56 39.68 -33.69
C LEU O 142 29.05 40.87 -32.88
N GLY O 143 27.84 41.29 -33.21
CA GLY O 143 27.16 42.38 -32.53
C GLY O 143 27.76 43.73 -32.21
N CYS O 144 28.62 44.28 -33.07
CA CYS O 144 29.19 45.61 -32.81
C CYS O 144 28.33 46.68 -33.46
N VAL O 145 28.60 47.95 -33.11
CA VAL O 145 27.85 49.09 -33.65
C VAL O 145 28.71 49.90 -34.63
N PRO O 146 28.34 49.91 -35.92
CA PRO O 146 29.04 50.63 -37.01
C PRO O 146 29.28 52.13 -36.84
N ILE O 147 30.00 52.69 -37.81
CA ILE O 147 30.32 54.12 -37.83
C ILE O 147 30.02 54.62 -39.24
N ALA O 148 29.04 55.52 -39.34
CA ALA O 148 28.57 56.08 -40.62
C ALA O 148 29.46 57.15 -41.24
N ASN O 149 29.31 57.27 -42.56
CA ASN O 149 30.04 58.22 -43.40
C ASN O 149 31.42 57.71 -43.81
N SER O 150 32.04 56.91 -42.94
CA SER O 150 33.37 56.37 -43.23
C SER O 150 33.30 54.99 -43.88
N GLY O 151 34.46 54.37 -44.03
CA GLY O 151 34.52 53.07 -44.66
C GLY O 151 34.93 53.20 -46.10
N ASP O 152 35.23 52.07 -46.73
CA ASP O 152 35.65 52.04 -48.12
C ASP O 152 34.45 52.23 -49.06
N PHE O 153 33.23 52.15 -48.53
CA PHE O 153 32.06 52.35 -49.37
C PHE O 153 31.13 53.46 -48.87
N GLY O 154 31.73 54.46 -48.21
CA GLY O 154 31.01 55.60 -47.69
C GLY O 154 29.85 55.37 -46.75
N GLY O 155 29.43 54.11 -46.63
CA GLY O 155 28.32 53.78 -45.76
C GLY O 155 28.70 53.73 -44.29
N TYR O 156 28.92 52.51 -43.78
CA TYR O 156 29.29 52.33 -42.38
C TYR O 156 30.49 51.38 -42.23
N TYR O 157 31.23 51.56 -41.13
CA TYR O 157 32.41 50.75 -40.86
C TYR O 157 32.42 50.21 -39.42
N CYS O 158 32.47 48.88 -39.28
CA CYS O 158 32.52 48.24 -37.96
C CYS O 158 33.98 48.12 -37.52
N PRO O 159 34.41 49.00 -36.60
CA PRO O 159 35.79 48.99 -36.10
C PRO O 159 36.20 47.75 -35.29
N CYS O 160 35.41 46.69 -35.37
CA CYS O 160 35.70 45.46 -34.64
C CYS O 160 36.53 44.51 -35.50
N HIS O 161 36.03 44.11 -36.67
CA HIS O 161 36.79 43.23 -37.56
C HIS O 161 36.77 43.67 -39.02
N GLY O 162 36.48 44.95 -39.25
CA GLY O 162 36.43 45.44 -40.62
C GLY O 162 35.01 45.65 -41.13
N SER O 163 34.36 44.58 -41.57
CA SER O 163 32.99 44.64 -42.09
C SER O 163 32.57 46.03 -42.59
N HIS O 164 32.77 46.26 -43.89
CA HIS O 164 32.41 47.53 -44.51
C HIS O 164 31.03 47.43 -45.11
N TYR O 165 30.19 48.42 -44.83
CA TYR O 165 28.84 48.44 -45.34
C TYR O 165 28.63 49.70 -46.18
N ASP O 166 28.01 49.52 -47.35
CA ASP O 166 27.77 50.65 -48.25
C ASP O 166 26.78 51.63 -47.66
N ALA O 167 26.25 52.50 -48.52
CA ALA O 167 25.28 53.51 -48.11
C ALA O 167 23.89 52.90 -47.93
N SER O 168 23.71 51.68 -48.44
CA SER O 168 22.43 50.97 -48.31
C SER O 168 22.50 49.96 -47.17
N GLY O 169 23.64 49.92 -46.49
CA GLY O 169 23.81 49.00 -45.38
C GLY O 169 24.01 47.56 -45.80
N ARG O 170 24.94 47.33 -46.71
CA ARG O 170 25.23 45.98 -47.17
C ARG O 170 26.69 45.64 -46.93
N ILE O 171 26.92 44.40 -46.52
CA ILE O 171 28.26 43.93 -46.25
C ILE O 171 29.07 43.90 -47.53
N ARG O 172 30.19 44.62 -47.52
CA ARG O 172 31.06 44.67 -48.69
C ARG O 172 32.35 43.92 -48.33
N LYS O 173 33.32 44.66 -47.82
CA LYS O 173 34.61 44.11 -47.44
C LYS O 173 34.61 43.85 -45.94
N GLY O 174 34.85 42.60 -45.56
CA GLY O 174 34.88 42.25 -44.15
C GLY O 174 34.32 40.87 -43.83
N PRO O 175 34.42 40.45 -42.56
CA PRO O 175 33.94 39.15 -42.08
C PRO O 175 32.42 39.01 -41.92
N ALA O 176 31.72 40.09 -41.63
CA ALA O 176 30.27 40.03 -41.45
C ALA O 176 29.61 39.19 -42.54
N PRO O 177 28.67 38.30 -42.17
CA PRO O 177 28.00 37.49 -43.18
C PRO O 177 26.92 38.22 -43.99
N TYR O 178 26.00 38.87 -43.28
CA TYR O 178 24.88 39.59 -43.91
C TYR O 178 25.04 41.10 -43.94
N ASN O 179 23.95 41.80 -44.29
CA ASN O 179 23.94 43.26 -44.34
C ASN O 179 23.13 43.73 -43.12
N LEU O 180 23.42 44.95 -42.65
CA LEU O 180 22.71 45.50 -41.50
C LEU O 180 21.23 45.18 -41.65
N GLU O 181 20.59 44.75 -40.58
CA GLU O 181 19.17 44.39 -40.61
C GLU O 181 18.21 45.56 -40.81
N VAL O 182 17.13 45.30 -41.54
CA VAL O 182 16.09 46.30 -41.80
C VAL O 182 14.80 45.84 -41.12
N PRO O 183 14.44 46.50 -40.01
CA PRO O 183 13.26 46.24 -39.19
C PRO O 183 11.94 46.72 -39.79
N THR O 184 10.85 46.20 -39.24
CA THR O 184 9.52 46.56 -39.71
C THR O 184 9.26 48.04 -39.39
N TYR O 185 8.34 48.66 -40.13
CA TYR O 185 7.99 50.06 -39.92
C TYR O 185 7.04 50.55 -40.99
N GLN O 186 7.06 51.87 -41.19
CA GLN O 186 6.24 52.53 -42.20
C GLN O 186 6.28 54.04 -41.93
N PHE O 187 5.48 54.77 -42.70
CA PHE O 187 5.43 56.21 -42.56
C PHE O 187 4.03 56.70 -42.20
N VAL O 188 3.97 57.95 -41.73
CA VAL O 188 2.73 58.59 -41.35
C VAL O 188 2.91 60.11 -41.51
N GLY O 189 2.38 60.66 -42.60
CA GLY O 189 2.54 62.08 -42.86
C GLY O 189 3.97 62.30 -43.33
N ASP O 190 4.18 63.24 -44.27
CA ASP O 190 5.53 63.49 -44.78
C ASP O 190 6.52 64.05 -43.76
N ASP O 191 6.58 63.43 -42.59
CA ASP O 191 7.50 63.87 -41.54
C ASP O 191 7.62 62.90 -40.35
N LEU O 192 6.84 61.82 -40.34
CA LEU O 192 6.90 60.84 -39.25
C LEU O 192 7.04 59.39 -39.74
N VAL O 193 7.81 58.61 -38.99
CA VAL O 193 8.03 57.21 -39.30
C VAL O 193 7.89 56.42 -37.99
N VAL O 194 7.31 55.24 -38.05
CA VAL O 194 7.13 54.41 -36.85
C VAL O 194 7.76 53.03 -36.98
N VAL O 195 8.98 52.93 -36.47
CA VAL O 195 9.73 51.68 -36.49
C VAL O 195 9.27 50.78 -35.37
N GLY O 196 9.07 49.51 -35.68
CA GLY O 196 8.63 48.55 -34.67
C GLY O 196 7.19 48.11 -34.83
N GLY P 10 -27.30 10.29 47.63
CA GLY P 10 -28.76 10.31 47.94
C GLY P 10 -29.63 10.64 46.74
N ARG P 11 -30.94 10.75 46.97
CA ARG P 11 -31.90 11.06 45.91
C ARG P 11 -31.87 12.54 45.50
N LEU P 12 -30.70 13.16 45.61
CA LEU P 12 -30.48 14.56 45.26
C LEU P 12 -30.00 14.67 43.82
N MET P 13 -28.82 14.11 43.56
CA MET P 13 -28.26 14.13 42.22
C MET P 13 -29.01 13.08 41.41
N ASP P 14 -29.90 12.35 42.09
CA ASP P 14 -30.71 11.32 41.46
C ASP P 14 -31.76 12.04 40.60
N ARG P 15 -31.71 13.37 40.67
CA ARG P 15 -32.61 14.25 39.91
C ARG P 15 -31.73 14.90 38.87
N ILE P 16 -30.63 15.47 39.33
CA ILE P 16 -29.63 16.10 38.49
C ILE P 16 -29.35 15.21 37.28
N ARG P 17 -29.17 13.91 37.53
CA ARG P 17 -28.91 12.92 36.50
C ARG P 17 -30.01 12.92 35.46
N LYS P 18 -31.25 12.80 35.92
CA LYS P 18 -32.38 12.78 35.01
C LYS P 18 -32.37 14.09 34.21
N TRP P 19 -31.87 15.16 34.83
CA TRP P 19 -31.79 16.45 34.16
C TRP P 19 -30.78 16.40 33.02
N TYR P 20 -29.56 16.03 33.39
CA TYR P 20 -28.47 15.94 32.43
C TYR P 20 -28.84 14.97 31.31
N TYR P 21 -29.43 13.85 31.68
CA TYR P 21 -29.83 12.85 30.70
C TYR P 21 -30.69 13.46 29.60
N ASN P 22 -31.58 14.39 29.96
CA ASN P 22 -32.42 15.03 28.97
C ASN P 22 -31.65 16.16 28.29
N ALA P 23 -30.76 16.77 29.06
CA ALA P 23 -29.93 17.85 28.57
C ALA P 23 -29.12 17.36 27.36
N ALA P 24 -28.39 16.25 27.55
CA ALA P 24 -27.58 15.64 26.49
C ALA P 24 -28.42 15.48 25.23
N GLY P 25 -29.42 14.61 25.31
CA GLY P 25 -30.29 14.45 24.16
C GLY P 25 -29.97 13.37 23.16
N PHE P 26 -29.27 12.32 23.57
CA PHE P 26 -29.00 11.27 22.62
C PHE P 26 -30.26 10.46 22.41
N ASN P 27 -31.10 10.46 23.43
CA ASN P 27 -32.36 9.76 23.40
C ASN P 27 -33.27 10.30 22.30
N LYS P 28 -33.02 11.52 21.83
CA LYS P 28 -33.84 12.07 20.75
C LYS P 28 -33.53 11.30 19.45
N TYR P 29 -32.40 10.59 19.47
CA TYR P 29 -31.94 9.79 18.34
C TYR P 29 -32.32 8.33 18.53
N GLY P 30 -32.87 8.03 19.72
CA GLY P 30 -33.29 6.68 20.01
C GLY P 30 -32.12 5.82 20.43
N LEU P 31 -31.09 6.48 20.97
CA LEU P 31 -29.90 5.77 21.41
C LEU P 31 -29.87 5.58 22.91
N MET P 32 -29.35 4.45 23.36
CA MET P 32 -29.23 4.20 24.78
C MET P 32 -27.95 4.87 25.20
N ARG P 33 -27.82 5.17 26.48
CA ARG P 33 -26.60 5.81 26.98
C ARG P 33 -25.38 5.02 26.53
N ASP P 34 -25.40 3.71 26.71
CA ASP P 34 -24.29 2.85 26.32
C ASP P 34 -24.00 2.84 24.81
N ASP P 35 -24.96 3.32 24.02
CA ASP P 35 -24.78 3.40 22.57
C ASP P 35 -23.80 4.50 22.21
N THR P 36 -23.76 5.54 23.02
CA THR P 36 -22.89 6.68 22.76
C THR P 36 -21.46 6.60 23.27
N LEU P 37 -21.11 5.47 23.89
CA LEU P 37 -19.75 5.30 24.42
C LEU P 37 -18.66 5.34 23.34
N TYR P 38 -17.55 6.02 23.63
CA TYR P 38 -16.45 6.06 22.67
C TYR P 38 -15.84 4.68 22.73
N GLU P 39 -15.69 4.05 21.56
CA GLU P 39 -15.15 2.71 21.46
C GLU P 39 -13.65 2.55 21.65
N ASP P 40 -13.17 2.63 22.89
CA ASP P 40 -11.74 2.43 23.11
C ASP P 40 -11.49 0.92 23.19
N ASP P 41 -10.36 0.51 23.74
CA ASP P 41 -10.04 -0.92 23.81
C ASP P 41 -10.95 -1.79 24.67
N ASP P 42 -11.28 -1.31 25.87
CA ASP P 42 -12.15 -2.04 26.79
C ASP P 42 -13.54 -2.19 26.18
N VAL P 43 -14.09 -1.07 25.74
CA VAL P 43 -15.41 -1.05 25.13
C VAL P 43 -15.50 -1.97 23.94
N LYS P 44 -14.39 -2.09 23.21
CA LYS P 44 -14.36 -2.95 22.03
C LYS P 44 -14.43 -4.42 22.44
N GLU P 45 -13.73 -4.78 23.51
CA GLU P 45 -13.76 -6.17 23.96
C GLU P 45 -15.14 -6.47 24.50
N ALA P 46 -15.67 -5.52 25.28
CA ALA P 46 -16.99 -5.65 25.88
C ALA P 46 -18.01 -5.96 24.80
N LEU P 47 -18.01 -5.17 23.75
CA LEU P 47 -18.95 -5.41 22.67
C LEU P 47 -18.89 -6.80 22.04
N LYS P 48 -17.72 -7.45 22.11
CA LYS P 48 -17.57 -8.78 21.52
C LYS P 48 -18.27 -9.83 22.34
N ARG P 49 -18.54 -9.51 23.60
CA ARG P 49 -19.20 -10.43 24.49
C ARG P 49 -20.73 -10.32 24.46
N LEU P 50 -21.25 -9.20 23.98
CA LEU P 50 -22.70 -9.04 23.90
C LEU P 50 -23.33 -10.21 23.16
N PRO P 51 -24.51 -10.64 23.59
CA PRO P 51 -25.21 -11.74 22.94
C PRO P 51 -25.70 -11.28 21.58
N GLU P 52 -25.70 -12.20 20.62
CA GLU P 52 -26.13 -11.91 19.26
C GLU P 52 -27.25 -10.88 19.17
N ASP P 53 -28.35 -11.13 19.86
CA ASP P 53 -29.51 -10.24 19.83
C ASP P 53 -29.30 -8.81 20.35
N LEU P 54 -28.55 -8.64 21.45
CA LEU P 54 -28.33 -7.30 21.97
C LEU P 54 -27.42 -6.52 21.04
N TYR P 55 -26.59 -7.27 20.33
CA TYR P 55 -25.64 -6.69 19.39
C TYR P 55 -26.34 -6.15 18.15
N ASN P 56 -27.22 -6.93 17.55
CA ASN P 56 -27.91 -6.44 16.38
C ASN P 56 -28.84 -5.27 16.67
N GLU P 57 -29.35 -5.22 17.90
CA GLU P 57 -30.25 -4.15 18.32
C GLU P 57 -29.48 -2.84 18.44
N ARG P 58 -28.29 -2.91 19.05
CA ARG P 58 -27.43 -1.75 19.19
C ARG P 58 -27.05 -1.26 17.80
N MET P 59 -26.75 -2.22 16.94
CA MET P 59 -26.36 -1.92 15.57
C MET P 59 -27.43 -1.13 14.82
N PHE P 60 -28.68 -1.57 14.88
CA PHE P 60 -29.77 -0.87 14.21
C PHE P 60 -29.98 0.50 14.83
N ARG P 61 -29.98 0.55 16.16
CA ARG P 61 -30.15 1.82 16.85
C ARG P 61 -29.13 2.81 16.34
N ILE P 62 -27.86 2.38 16.34
CA ILE P 62 -26.78 3.24 15.88
C ILE P 62 -26.91 3.65 14.41
N LYS P 63 -27.06 2.68 13.52
CA LYS P 63 -27.21 3.00 12.10
C LYS P 63 -28.41 3.92 11.88
N ARG P 64 -29.43 3.78 12.74
CA ARG P 64 -30.66 4.59 12.66
C ARG P 64 -30.29 6.03 12.99
N ALA P 65 -29.57 6.19 14.09
CA ALA P 65 -29.13 7.50 14.54
C ALA P 65 -28.30 8.19 13.44
N LEU P 66 -27.40 7.44 12.82
CA LEU P 66 -26.55 8.01 11.77
C LEU P 66 -27.39 8.52 10.62
N ASP P 67 -28.45 7.78 10.28
CA ASP P 67 -29.31 8.19 9.17
C ASP P 67 -30.05 9.47 9.54
N LEU P 68 -30.42 9.59 10.81
CA LEU P 68 -31.10 10.79 11.28
C LEU P 68 -30.15 11.96 11.20
N SER P 69 -28.89 11.74 11.59
CA SER P 69 -27.90 12.81 11.56
C SER P 69 -27.63 13.34 10.14
N LEU P 70 -27.49 12.47 9.17
CA LEU P 70 -27.26 12.92 7.81
C LEU P 70 -28.48 13.70 7.33
N LYS P 71 -29.66 13.23 7.73
CA LYS P 71 -30.93 13.86 7.36
C LYS P 71 -31.22 15.16 8.11
N HIS P 72 -30.55 15.38 9.25
CA HIS P 72 -30.74 16.57 10.08
C HIS P 72 -32.15 16.57 10.65
N ARG P 73 -32.51 15.44 11.25
CA ARG P 73 -33.82 15.25 11.85
C ARG P 73 -33.58 14.56 13.18
N ILE P 74 -34.66 14.25 13.88
CA ILE P 74 -34.59 13.51 15.13
C ILE P 74 -35.86 12.70 15.20
N LEU P 75 -36.01 11.91 16.24
CA LEU P 75 -37.22 11.11 16.37
C LEU P 75 -38.38 11.91 16.95
N PRO P 76 -39.62 11.55 16.57
CA PRO P 76 -40.77 12.27 17.13
C PRO P 76 -40.70 12.09 18.65
N LYS P 77 -41.13 13.09 19.40
CA LYS P 77 -41.08 13.06 20.85
C LYS P 77 -41.57 11.75 21.48
N GLU P 78 -42.53 11.10 20.82
CA GLU P 78 -43.07 9.82 21.33
C GLU P 78 -42.00 8.73 21.40
N GLN P 79 -41.15 8.66 20.38
CA GLN P 79 -40.10 7.64 20.30
C GLN P 79 -38.84 7.87 21.12
N TRP P 80 -38.75 8.99 21.82
CA TRP P 80 -37.57 9.26 22.61
C TRP P 80 -37.42 8.33 23.81
N VAL P 81 -36.21 7.82 24.00
CA VAL P 81 -35.93 6.94 25.12
C VAL P 81 -36.16 7.73 26.40
N LYS P 82 -36.87 7.14 27.35
CA LYS P 82 -37.15 7.83 28.62
C LYS P 82 -36.11 7.49 29.67
N TYR P 83 -35.66 8.50 30.40
CA TYR P 83 -34.63 8.33 31.42
C TYR P 83 -34.69 7.00 32.18
N GLU P 84 -35.86 6.67 32.68
CA GLU P 84 -36.01 5.44 33.45
C GLU P 84 -36.11 4.15 32.65
N GLU P 85 -36.29 4.26 31.33
CA GLU P 85 -36.38 3.07 30.48
C GLU P 85 -35.10 2.80 29.66
N ASP P 86 -34.00 3.47 30.03
CA ASP P 86 -32.73 3.29 29.32
C ASP P 86 -32.01 2.07 29.81
N LYS P 87 -31.70 1.19 28.87
CA LYS P 87 -31.03 -0.07 29.15
C LYS P 87 -29.53 0.04 29.19
N PRO P 88 -28.93 -0.16 30.38
CA PRO P 88 -27.48 -0.08 30.48
C PRO P 88 -26.94 -1.45 30.07
N TYR P 89 -27.29 -1.87 28.86
CA TYR P 89 -26.94 -3.17 28.30
C TYR P 89 -25.47 -3.59 28.26
N LEU P 90 -24.55 -2.64 28.17
CA LEU P 90 -23.12 -2.97 28.08
C LEU P 90 -22.35 -2.79 29.39
N GLU P 91 -22.82 -1.87 30.22
CA GLU P 91 -22.15 -1.58 31.48
C GLU P 91 -21.66 -2.81 32.26
N PRO P 92 -22.50 -3.87 32.33
CA PRO P 92 -22.10 -5.09 33.06
C PRO P 92 -20.81 -5.70 32.51
N TYR P 93 -20.81 -5.94 31.20
CA TYR P 93 -19.66 -6.52 30.51
C TYR P 93 -18.42 -5.64 30.62
N LEU P 94 -18.58 -4.38 30.25
CA LEU P 94 -17.50 -3.42 30.29
C LEU P 94 -16.81 -3.36 31.67
N LYS P 95 -17.60 -3.48 32.74
CA LYS P 95 -17.06 -3.44 34.11
C LYS P 95 -16.13 -4.59 34.44
N GLU P 96 -16.49 -5.78 33.95
CA GLU P 96 -15.71 -7.01 34.15
C GLU P 96 -14.42 -6.95 33.34
N VAL P 97 -14.56 -6.55 32.07
CA VAL P 97 -13.44 -6.42 31.15
C VAL P 97 -12.35 -5.55 31.77
N ILE P 98 -12.74 -4.52 32.49
CA ILE P 98 -11.79 -3.64 33.12
C ILE P 98 -11.15 -4.27 34.36
N ARG P 99 -11.93 -5.07 35.08
CA ARG P 99 -11.42 -5.74 36.28
C ARG P 99 -10.36 -6.74 35.85
N GLU P 100 -10.72 -7.56 34.87
CA GLU P 100 -9.82 -8.57 34.33
C GLU P 100 -8.49 -7.91 33.96
N ARG P 101 -8.60 -6.78 33.28
CA ARG P 101 -7.45 -6.03 32.83
C ARG P 101 -6.64 -5.62 34.03
N LEU P 102 -7.31 -4.97 34.98
CA LEU P 102 -6.62 -4.52 36.18
C LEU P 102 -5.97 -5.68 36.94
N GLU P 103 -6.58 -6.86 36.86
CA GLU P 103 -6.00 -8.02 37.52
C GLU P 103 -4.65 -8.25 36.86
N ARG P 104 -4.69 -8.48 35.54
CA ARG P 104 -3.47 -8.70 34.76
C ARG P 104 -2.45 -7.59 35.02
N GLU P 105 -2.83 -6.34 34.76
CA GLU P 105 -1.92 -5.24 34.96
C GLU P 105 -1.20 -5.34 36.29
N ALA P 106 -1.97 -5.56 37.36
CA ALA P 106 -1.41 -5.66 38.70
C ALA P 106 -0.49 -6.85 38.89
N TRP P 107 -0.88 -7.99 38.31
CA TRP P 107 -0.12 -9.22 38.43
C TRP P 107 1.21 -9.21 37.69
N ASN P 108 1.30 -8.43 36.61
CA ASN P 108 2.53 -8.37 35.84
C ASN P 108 3.61 -7.49 36.48
N LYS P 109 3.24 -6.69 37.48
CA LYS P 109 4.21 -5.85 38.17
C LYS P 109 4.84 -6.76 39.21
N LYS P 110 3.96 -7.47 39.92
CA LYS P 110 4.32 -8.42 40.96
C LYS P 110 5.50 -9.31 40.55
N ILE Q 2 -8.47 -1.14 -0.23
CA ILE Q 2 -9.57 -2.06 0.17
C ILE Q 2 -10.11 -1.67 1.55
N HIS Q 3 -11.42 -1.40 1.63
CA HIS Q 3 -12.06 -1.02 2.89
C HIS Q 3 -13.56 -1.31 2.89
N PHE Q 4 -14.10 -1.72 1.75
CA PHE Q 4 -15.52 -2.04 1.62
C PHE Q 4 -15.78 -3.55 1.60
N GLY Q 5 -16.24 -4.07 2.73
CA GLY Q 5 -16.53 -5.47 2.86
C GLY Q 5 -15.93 -6.03 4.14
N ASN Q 6 -15.12 -5.22 4.83
CA ASN Q 6 -14.48 -5.64 6.07
C ASN Q 6 -14.93 -4.78 7.25
N LEU Q 7 -15.67 -3.72 6.93
CA LEU Q 7 -16.15 -2.75 7.93
C LEU Q 7 -16.88 -3.28 9.16
N ALA Q 8 -18.06 -3.86 8.99
CA ALA Q 8 -18.78 -4.36 10.16
C ALA Q 8 -19.72 -5.54 9.93
N ARG Q 9 -20.01 -6.25 11.01
CA ARG Q 9 -20.91 -7.40 10.98
C ARG Q 9 -22.32 -6.85 11.15
N VAL Q 10 -23.10 -6.86 10.08
CA VAL Q 10 -24.45 -6.34 10.15
C VAL Q 10 -25.51 -7.35 9.78
N ARG Q 11 -26.53 -7.46 10.61
CA ARG Q 11 -27.60 -8.39 10.34
C ARG Q 11 -28.99 -7.83 10.49
N HIS Q 12 -29.85 -8.25 9.57
CA HIS Q 12 -31.27 -7.90 9.55
C HIS Q 12 -31.74 -6.47 9.28
N ILE Q 13 -30.96 -5.69 8.55
CA ILE Q 13 -31.44 -4.34 8.30
C ILE Q 13 -31.80 -4.21 6.84
N ILE Q 14 -32.99 -3.67 6.59
CA ILE Q 14 -33.47 -3.50 5.24
C ILE Q 14 -33.51 -2.02 4.94
N THR Q 15 -33.26 -1.66 3.68
CA THR Q 15 -33.28 -0.26 3.28
C THR Q 15 -33.91 -0.09 1.92
N TYR Q 16 -34.65 1.00 1.78
CA TYR Q 16 -35.32 1.28 0.53
C TYR Q 16 -34.91 2.67 0.13
N SER Q 17 -34.59 2.83 -1.16
CA SER Q 17 -34.19 4.15 -1.67
C SER Q 17 -34.69 4.24 -3.10
N LEU Q 18 -34.84 5.47 -3.61
CA LEU Q 18 -35.30 5.67 -4.98
C LEU Q 18 -34.31 6.46 -5.82
N SER Q 19 -34.27 6.17 -7.12
CA SER Q 19 -33.41 6.87 -8.06
C SER Q 19 -33.60 8.37 -7.90
N PRO Q 20 -32.53 9.15 -8.09
CA PRO Q 20 -32.60 10.61 -7.95
C PRO Q 20 -33.59 11.22 -8.96
N PHE Q 21 -33.81 10.51 -10.05
CA PHE Q 21 -34.69 10.98 -11.09
C PHE Q 21 -36.17 10.69 -10.83
N GLU Q 22 -36.48 9.98 -9.76
CA GLU Q 22 -37.87 9.67 -9.45
C GLU Q 22 -38.34 10.56 -8.31
N GLN Q 23 -37.41 11.24 -7.64
CA GLN Q 23 -37.77 12.10 -6.54
C GLN Q 23 -37.36 13.55 -6.73
N ARG Q 24 -37.81 14.40 -5.82
CA ARG Q 24 -37.51 15.83 -5.89
C ARG Q 24 -36.23 16.11 -5.11
N ALA Q 25 -35.44 17.07 -5.59
CA ALA Q 25 -34.18 17.42 -4.95
C ALA Q 25 -34.34 18.13 -3.60
N ILE Q 26 -35.16 19.17 -3.56
CA ILE Q 26 -35.40 19.93 -2.35
C ILE Q 26 -36.90 19.87 -2.08
N PRO Q 27 -37.38 18.75 -1.49
CA PRO Q 27 -38.79 18.58 -1.19
C PRO Q 27 -39.25 19.11 0.16
N ASN Q 28 -40.55 19.40 0.23
CA ASN Q 28 -41.20 19.89 1.44
C ASN Q 28 -40.42 20.96 2.18
N ILE Q 29 -40.17 22.08 1.51
CA ILE Q 29 -39.41 23.16 2.13
C ILE Q 29 -40.11 23.76 3.36
N PHE Q 30 -41.43 23.86 3.28
CA PHE Q 30 -42.20 24.45 4.36
C PHE Q 30 -42.72 23.44 5.37
N SER Q 31 -43.22 22.31 4.90
CA SER Q 31 -43.74 21.31 5.83
C SER Q 31 -42.68 20.55 6.65
N ASP Q 32 -41.44 20.51 6.16
CA ASP Q 32 -40.38 19.76 6.86
C ASP Q 32 -39.09 20.56 7.03
N ALA Q 33 -38.61 21.12 5.93
CA ALA Q 33 -37.36 21.89 5.94
C ALA Q 33 -37.29 22.99 6.99
N LEU Q 34 -37.99 24.10 6.73
CA LEU Q 34 -37.98 25.24 7.62
C LEU Q 34 -38.26 24.94 9.09
N PRO Q 35 -39.31 24.16 9.37
CA PRO Q 35 -39.62 23.83 10.77
C PRO Q 35 -38.36 23.41 11.52
N ASN Q 36 -37.64 22.45 10.92
CA ASN Q 36 -36.41 21.89 11.49
C ASN Q 36 -35.31 22.93 11.58
N VAL Q 37 -35.18 23.78 10.57
CA VAL Q 37 -34.15 24.81 10.61
C VAL Q 37 -34.39 25.62 11.87
N TRP Q 38 -35.67 25.81 12.19
CA TRP Q 38 -36.05 26.55 13.38
C TRP Q 38 -35.68 25.72 14.59
N ARG Q 39 -36.15 24.47 14.59
CA ARG Q 39 -35.89 23.52 15.68
C ARG Q 39 -34.42 23.57 16.12
N ARG Q 40 -33.56 23.43 15.14
CA ARG Q 40 -32.12 23.42 15.33
C ARG Q 40 -31.64 24.72 15.90
N PHE Q 41 -32.05 25.83 15.28
CA PHE Q 41 -31.65 27.15 15.75
C PHE Q 41 -31.98 27.29 17.21
N SER Q 42 -33.24 27.02 17.52
CA SER Q 42 -33.75 27.11 18.87
C SER Q 42 -32.90 26.32 19.85
N SER Q 43 -32.84 25.02 19.63
CA SER Q 43 -32.08 24.13 20.49
C SER Q 43 -30.67 24.60 20.85
N GLN Q 44 -30.04 25.34 19.94
CA GLN Q 44 -28.67 25.81 20.16
C GLN Q 44 -28.43 27.24 20.68
N VAL Q 45 -29.26 28.18 20.24
CA VAL Q 45 -29.12 29.58 20.63
C VAL Q 45 -28.67 29.92 22.04
N PHE Q 46 -29.21 29.21 23.02
CA PHE Q 46 -28.86 29.48 24.41
C PHE Q 46 -27.55 28.88 24.90
N LYS Q 47 -26.80 28.30 23.97
CA LYS Q 47 -25.51 27.72 24.31
C LYS Q 47 -24.45 28.58 23.65
N VAL Q 48 -24.70 28.93 22.40
CA VAL Q 48 -23.80 29.74 21.62
C VAL Q 48 -23.88 31.23 21.97
N ALA Q 49 -25.04 31.83 21.70
CA ALA Q 49 -25.30 33.25 21.91
C ALA Q 49 -24.73 33.90 23.17
N PRO Q 50 -25.01 33.32 24.35
CA PRO Q 50 -24.54 33.84 25.63
C PRO Q 50 -23.11 34.36 25.70
N PRO Q 51 -22.11 33.48 25.58
CA PRO Q 51 -20.74 33.98 25.66
C PRO Q 51 -20.37 35.02 24.60
N PHE Q 52 -21.04 34.99 23.45
CA PHE Q 52 -20.76 35.98 22.43
C PHE Q 52 -21.31 37.30 22.91
N LEU Q 53 -22.50 37.26 23.49
CA LEU Q 53 -23.13 38.46 24.02
C LEU Q 53 -22.24 39.07 25.11
N GLY Q 54 -21.75 38.22 26.01
CA GLY Q 54 -20.88 38.70 27.06
C GLY Q 54 -19.63 39.35 26.49
N ALA Q 55 -19.10 38.75 25.43
CA ALA Q 55 -17.91 39.26 24.77
C ALA Q 55 -18.21 40.65 24.26
N TYR Q 56 -19.37 40.80 23.64
CA TYR Q 56 -19.78 42.08 23.08
C TYR Q 56 -19.74 43.19 24.11
N LEU Q 57 -20.44 42.95 25.21
CA LEU Q 57 -20.52 43.90 26.31
C LEU Q 57 -19.11 44.29 26.73
N LEU Q 58 -18.28 43.30 27.06
CA LEU Q 58 -16.92 43.58 27.47
C LEU Q 58 -16.26 44.49 26.45
N TYR Q 59 -16.50 44.21 25.17
CA TYR Q 59 -15.94 45.02 24.09
C TYR Q 59 -16.44 46.45 24.22
N SER Q 60 -17.77 46.60 24.18
CA SER Q 60 -18.42 47.90 24.29
C SER Q 60 -17.92 48.65 25.50
N TRP Q 61 -17.90 48.00 26.65
CA TRP Q 61 -17.42 48.69 27.83
C TRP Q 61 -16.01 49.22 27.59
N GLY Q 62 -15.05 48.28 27.48
CA GLY Q 62 -13.67 48.62 27.26
C GLY Q 62 -13.44 49.69 26.21
N THR Q 63 -14.22 49.67 25.13
CA THR Q 63 -14.07 50.67 24.09
C THR Q 63 -14.45 52.05 24.64
N GLN Q 64 -15.69 52.20 25.10
CA GLN Q 64 -16.18 53.46 25.66
C GLN Q 64 -15.35 53.98 26.82
N GLU Q 65 -14.99 53.09 27.75
CA GLU Q 65 -14.18 53.43 28.90
C GLU Q 65 -12.85 54.05 28.47
N PHE Q 66 -12.32 53.55 27.35
CA PHE Q 66 -11.05 54.03 26.82
C PHE Q 66 -11.15 55.46 26.32
N GLU Q 67 -12.26 55.77 25.67
CA GLU Q 67 -12.52 57.11 25.13
C GLU Q 67 -12.79 58.11 26.26
N ARG Q 68 -13.41 57.63 27.31
CA ARG Q 68 -13.73 58.48 28.45
C ARG Q 68 -12.43 58.90 29.12
N LEU Q 69 -11.41 58.07 29.07
CA LEU Q 69 -10.13 58.40 29.70
C LEU Q 69 -9.29 59.36 28.88
N LYS Q 70 -9.75 59.65 27.67
CA LYS Q 70 -9.06 60.57 26.77
C LYS Q 70 -9.63 61.97 26.94
N ARG Q 71 -10.86 62.03 27.45
CA ARG Q 71 -11.57 63.29 27.69
C ARG Q 71 -10.98 63.96 28.93
N LYS Q 72 -11.15 65.28 29.04
CA LYS Q 72 -10.62 66.00 30.18
C LYS Q 72 -11.64 66.10 31.28
N ASN Q 73 -11.11 66.04 32.51
CA ASN Q 73 -11.92 66.15 33.71
C ASN Q 73 -11.81 67.60 34.16
N PRO Q 74 -12.91 68.38 34.07
CA PRO Q 74 -12.87 69.79 34.48
C PRO Q 74 -12.36 70.02 35.90
N ALA Q 75 -12.45 69.00 36.75
CA ALA Q 75 -12.00 69.10 38.14
C ALA Q 75 -10.48 69.18 38.28
N ASP Q 76 -9.80 69.53 37.20
CA ASP Q 76 -8.34 69.65 37.23
C ASP Q 76 -7.99 71.11 36.94
N TYR Q 77 -9.00 71.84 36.45
CA TYR Q 77 -8.86 73.26 36.09
C TYR Q 77 -9.81 74.19 36.84
N GLU Q 78 -10.47 73.67 37.88
CA GLU Q 78 -11.40 74.48 38.67
C GLU Q 78 -10.61 75.40 39.60
N ASN Q 79 -9.31 75.08 39.77
CA ASN Q 79 -8.37 75.80 40.64
C ASN Q 79 -7.35 76.68 39.90
N ASP Q 80 -7.77 77.87 39.50
CA ASP Q 80 -6.92 78.85 38.82
C ASP Q 80 -7.79 79.89 38.11
N GLU R 11 -16.03 88.33 -8.19
CA GLU R 11 -15.73 87.36 -7.10
C GLU R 11 -16.58 86.08 -7.21
N LEU R 12 -16.10 84.99 -6.61
CA LEU R 12 -16.80 83.70 -6.61
C LEU R 12 -17.10 83.23 -5.19
N VAL R 13 -18.12 82.38 -5.02
CA VAL R 13 -18.43 81.88 -3.69
C VAL R 13 -18.32 80.37 -3.57
N ASP R 14 -17.57 79.93 -2.55
CA ASP R 14 -17.34 78.52 -2.29
C ASP R 14 -18.49 77.93 -1.50
N PRO R 15 -19.30 77.08 -2.13
CA PRO R 15 -20.44 76.48 -1.43
C PRO R 15 -20.03 75.92 -0.07
N LEU R 16 -18.74 75.64 0.09
CA LEU R 16 -18.26 75.12 1.36
C LEU R 16 -18.46 76.13 2.47
N THR R 17 -17.98 77.36 2.25
CA THR R 17 -18.11 78.42 3.24
C THR R 17 -19.58 78.70 3.59
N THR R 18 -20.45 78.64 2.58
CA THR R 18 -21.87 78.86 2.79
C THR R 18 -22.46 77.80 3.71
N ILE R 19 -22.38 76.54 3.30
CA ILE R 19 -22.91 75.42 4.09
C ILE R 19 -22.31 75.31 5.48
N ARG R 20 -21.09 75.80 5.63
CA ARG R 20 -20.43 75.77 6.93
C ARG R 20 -21.25 76.66 7.85
N GLU R 21 -21.65 77.81 7.31
CA GLU R 21 -22.44 78.78 8.06
C GLU R 21 -23.80 78.19 8.44
N HIS R 22 -24.55 77.73 7.45
CA HIS R 22 -25.86 77.14 7.71
C HIS R 22 -25.82 76.04 8.78
N CYS R 23 -24.76 75.24 8.77
CA CYS R 23 -24.64 74.15 9.74
C CYS R 23 -24.29 74.63 11.14
N GLU R 24 -23.49 75.68 11.23
CA GLU R 24 -23.10 76.21 12.54
C GLU R 24 -24.33 76.75 13.28
N GLN R 25 -25.42 76.93 12.54
CA GLN R 25 -26.69 77.45 13.09
C GLN R 25 -27.57 76.26 13.43
N THR R 26 -26.95 75.17 13.85
CA THR R 26 -27.67 73.94 14.22
C THR R 26 -27.61 73.73 15.72
N GLU R 27 -28.67 73.17 16.28
CA GLU R 27 -28.72 72.93 17.72
C GLU R 27 -27.43 72.29 18.21
N LYS R 28 -27.01 71.23 17.52
CA LYS R 28 -25.79 70.50 17.86
C LYS R 28 -24.51 71.35 17.88
N CYS R 29 -24.35 72.20 16.86
CA CYS R 29 -23.19 73.07 16.73
C CYS R 29 -23.25 74.21 17.72
N VAL R 30 -24.39 74.88 17.75
CA VAL R 30 -24.61 76.01 18.63
C VAL R 30 -24.20 75.65 20.06
N LYS R 31 -24.51 74.43 20.47
CA LYS R 31 -24.17 73.95 21.81
C LYS R 31 -22.67 73.70 21.94
N ALA R 32 -22.12 72.91 21.01
CA ALA R 32 -20.70 72.58 21.00
C ALA R 32 -19.87 73.86 20.87
N ARG R 33 -20.38 74.79 20.08
CA ARG R 33 -19.74 76.08 19.84
C ARG R 33 -19.76 76.90 21.13
N GLU R 34 -20.85 76.77 21.87
CA GLU R 34 -21.05 77.47 23.14
C GLU R 34 -20.04 76.99 24.17
N ARG R 35 -19.89 75.67 24.27
CA ARG R 35 -18.96 75.07 25.22
C ARG R 35 -17.54 75.52 24.92
N LEU R 36 -17.24 75.66 23.63
CA LEU R 36 -15.93 76.05 23.17
C LEU R 36 -15.51 77.44 23.65
N GLU R 37 -16.33 78.43 23.33
CA GLU R 37 -16.04 79.80 23.71
C GLU R 37 -15.89 79.99 25.22
N LEU R 38 -16.59 79.17 26.00
CA LEU R 38 -16.48 79.28 27.45
C LEU R 38 -15.09 78.82 27.86
N CYS R 39 -14.60 77.78 27.19
CA CYS R 39 -13.27 77.28 27.48
C CYS R 39 -12.25 78.35 27.10
N ASP R 40 -12.33 78.77 25.84
CA ASP R 40 -11.44 79.81 25.32
C ASP R 40 -11.36 80.92 26.36
N ALA R 41 -12.53 81.39 26.77
CA ALA R 41 -12.65 82.45 27.75
C ALA R 41 -11.75 82.27 28.96
N ARG R 42 -11.95 81.19 29.73
CA ARG R 42 -11.14 80.98 30.93
C ARG R 42 -9.69 80.63 30.67
N VAL R 43 -9.44 79.89 29.59
CA VAL R 43 -8.07 79.51 29.24
C VAL R 43 -7.29 80.77 28.86
N SER R 44 -7.96 81.67 28.13
CA SER R 44 -7.36 82.91 27.68
C SER R 44 -7.07 83.88 28.83
N SER R 45 -7.92 83.85 29.85
CA SER R 45 -7.79 84.75 30.99
C SER R 45 -6.99 84.27 32.20
N ARG R 46 -5.97 83.44 32.03
CA ARG R 46 -5.17 83.00 33.17
C ARG R 46 -3.68 82.99 32.82
N SER R 47 -2.82 82.63 33.77
CA SER R 47 -1.38 82.62 33.51
C SER R 47 -0.56 81.51 34.18
N HIS R 48 -1.11 80.31 34.23
CA HIS R 48 -0.42 79.15 34.81
C HIS R 48 -1.26 77.89 34.72
N THR R 49 -2.02 77.76 33.62
CA THR R 49 -2.88 76.61 33.39
C THR R 49 -2.36 75.78 32.22
N GLU R 50 -2.53 74.46 32.33
CA GLU R 50 -2.08 73.54 31.29
C GLU R 50 -3.17 73.38 30.24
N GLU R 51 -4.43 73.39 30.68
CA GLU R 51 -5.59 73.23 29.83
C GLU R 51 -5.48 73.83 28.43
N GLN R 52 -6.24 73.24 27.51
CA GLN R 52 -6.29 73.66 26.13
C GLN R 52 -7.75 73.42 25.78
N CYS R 53 -8.19 73.98 24.66
CA CYS R 53 -9.58 73.81 24.26
C CYS R 53 -9.72 72.95 23.00
N THR R 54 -8.76 72.06 22.81
CA THR R 54 -8.76 71.16 21.66
C THR R 54 -10.05 70.34 21.68
N GLU R 55 -10.24 69.62 22.78
CA GLU R 55 -11.43 68.78 22.95
C GLU R 55 -12.71 69.47 22.53
N GLU R 56 -12.94 70.67 23.03
CA GLU R 56 -14.14 71.43 22.70
C GLU R 56 -14.14 71.78 21.23
N LEU R 57 -13.01 72.26 20.75
CA LEU R 57 -12.87 72.62 19.34
C LEU R 57 -13.22 71.42 18.46
N PHE R 58 -12.73 70.24 18.86
CA PHE R 58 -13.00 69.02 18.12
C PHE R 58 -14.49 68.71 18.11
N ASP R 59 -15.10 68.62 19.30
CA ASP R 59 -16.53 68.32 19.40
C ASP R 59 -17.31 69.20 18.44
N PHE R 60 -16.86 70.44 18.30
CA PHE R 60 -17.52 71.37 17.39
C PHE R 60 -17.29 71.01 15.93
N LEU R 61 -16.02 70.92 15.55
CA LEU R 61 -15.64 70.62 14.18
C LEU R 61 -16.23 69.30 13.71
N HIS R 62 -16.35 68.38 14.64
CA HIS R 62 -16.91 67.07 14.31
C HIS R 62 -18.37 67.20 13.90
N ALA R 63 -19.16 67.84 14.75
CA ALA R 63 -20.58 68.04 14.50
C ALA R 63 -20.84 68.94 13.28
N ARG R 64 -20.03 70.00 13.15
CA ARG R 64 -20.17 70.92 12.03
C ARG R 64 -19.92 70.20 10.73
N ASP R 65 -18.71 69.66 10.64
CA ASP R 65 -18.25 68.95 9.46
C ASP R 65 -19.12 67.75 9.08
N HIS R 66 -19.55 66.96 10.06
CA HIS R 66 -20.40 65.83 9.75
C HIS R 66 -21.61 66.32 8.96
N CYS R 67 -22.15 67.46 9.39
CA CYS R 67 -23.30 68.10 8.77
C CYS R 67 -22.96 68.55 7.33
N VAL R 68 -21.79 69.17 7.16
CA VAL R 68 -21.38 69.65 5.85
C VAL R 68 -21.32 68.56 4.81
N ALA R 69 -20.76 67.42 5.20
CA ALA R 69 -20.61 66.27 4.32
C ALA R 69 -21.94 65.86 3.70
N HIS R 70 -23.01 65.89 4.49
CA HIS R 70 -24.33 65.52 4.01
C HIS R 70 -24.79 66.37 2.84
N LYS R 71 -24.34 67.62 2.82
CA LYS R 71 -24.81 68.55 1.79
C LYS R 71 -23.81 69.05 0.75
N LEU R 72 -22.58 69.31 1.18
CA LEU R 72 -21.57 69.87 0.29
C LEU R 72 -21.44 69.33 -1.13
N PHE R 73 -21.23 68.03 -1.30
CA PHE R 73 -21.06 67.49 -2.65
C PHE R 73 -22.21 67.70 -3.62
N ASN R 74 -23.36 68.13 -3.09
CA ASN R 74 -24.52 68.39 -3.94
C ASN R 74 -24.28 69.61 -4.81
N LYS R 75 -23.63 70.61 -4.23
CA LYS R 75 -23.36 71.86 -4.92
C LYS R 75 -22.08 71.87 -5.74
N LEU R 76 -21.29 70.80 -5.67
CA LEU R 76 -20.04 70.72 -6.42
C LEU R 76 -20.22 69.92 -7.71
N LYS R 77 -19.38 70.19 -8.70
CA LYS R 77 -19.48 69.51 -9.99
C LYS R 77 -18.55 68.31 -10.16
N UNK S 4 -28.25 -28.29 -23.89
CA UNK S 4 -28.00 -27.68 -22.56
C UNK S 4 -28.52 -26.24 -22.47
N UNK S 5 -29.52 -25.91 -23.30
CA UNK S 5 -30.13 -24.58 -23.35
C UNK S 5 -30.83 -24.23 -22.03
N UNK S 6 -30.93 -25.22 -21.14
CA UNK S 6 -31.55 -25.05 -19.84
C UNK S 6 -30.84 -25.88 -18.74
N UNK S 7 -31.00 -25.48 -17.49
CA UNK S 7 -30.38 -26.18 -16.40
C UNK S 7 -30.74 -25.53 -15.08
N UNK S 8 -30.36 -26.17 -13.97
CA UNK S 8 -30.65 -25.62 -12.66
C UNK S 8 -29.38 -25.39 -11.86
N UNK S 9 -28.54 -24.49 -12.40
CA UNK S 9 -27.25 -24.10 -11.81
C UNK S 9 -27.22 -23.83 -10.30
N UNK S 10 -26.25 -24.40 -9.57
CA UNK S 10 -26.18 -24.17 -8.12
C UNK S 10 -24.86 -23.57 -7.59
N UNK S 11 -24.70 -23.50 -6.25
CA UNK S 11 -23.53 -22.96 -5.54
C UNK S 11 -23.25 -23.54 -4.13
N UNK S 12 -22.07 -24.12 -3.95
CA UNK S 12 -21.70 -24.72 -2.67
C UNK S 12 -20.60 -24.05 -1.87
N UNK S 13 -20.11 -24.76 -0.86
CA UNK S 13 -19.05 -24.27 0.03
C UNK S 13 -17.72 -25.01 -0.15
N UNK S 14 -16.79 -24.77 0.78
CA UNK S 14 -15.46 -25.40 0.73
C UNK S 14 -15.00 -25.96 2.07
N UNK S 15 -13.71 -26.23 2.19
CA UNK S 15 -13.11 -26.79 3.41
C UNK S 15 -12.02 -25.89 3.97
CA ARG S 16 -34.85 -24.41 2.10
C ARG S 16 -35.07 -25.79 2.73
N PRO S 17 -35.47 -25.82 4.01
CA PRO S 17 -35.72 -27.08 4.74
C PRO S 17 -36.98 -27.80 4.26
N LEU S 18 -37.13 -29.07 4.64
CA LEU S 18 -38.33 -29.83 4.29
C LEU S 18 -39.19 -29.84 5.54
N LEU S 19 -40.37 -29.20 5.46
CA LEU S 19 -41.26 -29.09 6.62
C LEU S 19 -42.55 -29.89 6.55
N CYS S 20 -42.98 -30.24 5.32
CA CYS S 20 -44.21 -31.00 5.12
C CYS S 20 -43.96 -32.20 4.20
N ARG S 21 -44.96 -33.07 4.07
CA ARG S 21 -44.84 -34.25 3.21
C ARG S 21 -44.82 -33.84 1.74
N GLU S 22 -45.49 -32.72 1.45
CA GLU S 22 -45.58 -32.17 0.09
C GLU S 22 -44.19 -31.88 -0.47
N SER S 23 -43.31 -31.40 0.40
CA SER S 23 -41.94 -31.05 0.02
C SER S 23 -40.99 -32.24 0.23
N MET S 24 -41.52 -33.36 0.70
CA MET S 24 -40.71 -34.55 0.94
C MET S 24 -41.09 -35.72 0.06
N SER S 25 -42.23 -35.61 -0.63
CA SER S 25 -42.69 -36.68 -1.52
C SER S 25 -41.96 -36.65 -2.87
N GLY S 26 -41.46 -37.82 -3.28
CA GLY S 26 -40.72 -37.92 -4.53
C GLY S 26 -39.23 -37.71 -4.27
N ARG S 27 -38.93 -37.26 -3.05
CA ARG S 27 -37.56 -37.02 -2.63
C ARG S 27 -36.84 -38.33 -2.29
N SER S 28 -37.58 -39.45 -2.34
CA SER S 28 -37.02 -40.77 -2.03
C SER S 28 -36.46 -41.46 -3.26
N ALA S 29 -35.27 -42.03 -3.14
CA ALA S 29 -34.63 -42.69 -4.26
C ALA S 29 -35.57 -43.65 -4.93
N ARG S 30 -35.96 -43.32 -6.15
CA ARG S 30 -36.86 -44.16 -6.92
C ARG S 30 -36.07 -45.34 -7.49
N ARG S 31 -34.96 -45.02 -8.16
CA ARG S 31 -34.11 -46.05 -8.74
C ARG S 31 -32.62 -45.68 -8.61
N ASP S 32 -31.80 -46.15 -9.54
CA ASP S 32 -30.35 -45.91 -9.52
C ASP S 32 -29.94 -44.43 -9.49
N LEU S 33 -28.68 -44.19 -9.16
CA LEU S 33 -28.15 -42.83 -9.08
C LEU S 33 -27.28 -42.55 -10.32
N VAL S 34 -27.58 -41.46 -11.01
CA VAL S 34 -26.83 -41.10 -12.21
C VAL S 34 -26.15 -39.76 -12.02
N ALA S 35 -25.07 -39.54 -12.74
CA ALA S 35 -24.34 -38.28 -12.68
C ALA S 35 -24.19 -37.81 -14.11
N GLY S 36 -24.18 -36.50 -14.29
CA GLY S 36 -24.03 -35.95 -15.63
C GLY S 36 -23.35 -34.60 -15.55
N ILE S 37 -22.60 -34.28 -16.60
CA ILE S 37 -21.91 -33.00 -16.61
C ILE S 37 -21.91 -32.46 -18.02
N SER S 38 -22.09 -31.16 -18.14
CA SER S 38 -22.15 -30.54 -19.45
C SER S 38 -21.08 -29.48 -19.54
N LEU S 39 -20.72 -29.08 -20.76
CA LEU S 39 -19.73 -28.04 -20.96
C LEU S 39 -20.41 -26.68 -20.82
N ASN S 40 -21.71 -26.65 -21.11
CA ASN S 40 -22.51 -25.41 -21.07
C ASN S 40 -23.75 -25.43 -20.17
N ALA S 41 -23.94 -26.49 -19.37
CA ALA S 41 -25.11 -26.55 -18.52
C ALA S 41 -24.78 -26.98 -17.09
N PRO S 42 -25.76 -26.84 -16.16
CA PRO S 42 -25.63 -27.19 -14.73
C PRO S 42 -25.42 -28.67 -14.45
N ALA S 43 -24.55 -28.96 -13.48
CA ALA S 43 -24.27 -30.34 -13.11
C ALA S 43 -25.55 -31.02 -12.65
N SER S 44 -25.83 -32.19 -13.23
CA SER S 44 -27.03 -32.94 -12.87
C SER S 44 -26.77 -34.23 -12.07
N VAL S 45 -27.83 -34.71 -11.43
CA VAL S 45 -27.79 -35.92 -10.60
C VAL S 45 -29.24 -36.40 -10.36
N ARG S 46 -29.40 -37.69 -10.03
CA ARG S 46 -30.72 -38.28 -9.76
C ARG S 46 -30.68 -39.13 -8.51
N ALA T 1 -42.27 19.09 -26.30
CA ALA T 1 -41.60 19.12 -24.96
C ALA T 1 -40.09 19.29 -25.17
N LEU T 2 -39.57 20.47 -24.85
CA LEU T 2 -38.15 20.75 -25.02
C LEU T 2 -37.28 19.87 -24.14
N LEU T 3 -37.73 19.61 -22.92
CA LEU T 3 -36.92 18.83 -21.99
C LEU T 3 -36.68 17.47 -22.58
N ARG T 4 -37.70 16.89 -23.21
CA ARG T 4 -37.54 15.59 -23.83
C ARG T 4 -36.65 15.74 -25.05
N GLN T 5 -36.96 16.72 -25.89
CA GLN T 5 -36.17 16.96 -27.10
C GLN T 5 -34.71 17.18 -26.71
N ALA T 6 -34.51 18.04 -25.72
CA ALA T 6 -33.18 18.34 -25.23
C ALA T 6 -32.50 17.06 -24.84
N TYR T 7 -33.11 16.36 -23.89
CA TYR T 7 -32.55 15.12 -23.41
C TYR T 7 -32.14 14.23 -24.58
N SER T 8 -33.07 13.95 -25.48
CA SER T 8 -32.76 13.08 -26.60
C SER T 8 -31.64 13.54 -27.52
N ALA T 9 -31.74 14.77 -28.01
CA ALA T 9 -30.73 15.30 -28.91
C ALA T 9 -29.42 15.71 -28.22
N LEU T 10 -29.54 16.40 -27.10
CA LEU T 10 -28.37 16.92 -26.41
C LEU T 10 -27.74 16.16 -25.24
N PHE T 11 -28.52 15.86 -24.21
CA PHE T 11 -27.98 15.22 -23.02
C PHE T 11 -27.80 13.70 -22.97
N ARG T 12 -28.32 12.98 -23.96
CA ARG T 12 -28.21 11.53 -23.97
C ARG T 12 -26.80 10.99 -24.31
N ARG T 13 -26.39 11.06 -25.57
CA ARG T 13 -25.05 10.58 -25.92
C ARG T 13 -24.00 11.57 -25.38
N THR T 14 -23.11 11.07 -24.52
CA THR T 14 -22.07 11.90 -23.89
C THR T 14 -21.25 12.74 -24.84
N SER T 15 -21.14 12.35 -26.09
CA SER T 15 -20.39 13.14 -27.05
C SER T 15 -21.15 14.45 -27.34
N THR T 16 -22.47 14.34 -27.55
CA THR T 16 -23.27 15.52 -27.84
C THR T 16 -23.42 16.43 -26.62
N PHE T 17 -23.38 15.85 -25.43
CA PHE T 17 -23.51 16.65 -24.23
C PHE T 17 -22.32 17.61 -24.14
N ALA T 18 -21.13 17.10 -24.44
CA ALA T 18 -19.92 17.93 -24.39
C ALA T 18 -20.02 18.98 -25.49
N LEU T 19 -20.51 18.55 -26.65
CA LEU T 19 -20.65 19.47 -27.75
C LEU T 19 -21.57 20.62 -27.37
N THR T 20 -22.62 20.30 -26.61
CA THR T 20 -23.59 21.30 -26.15
C THR T 20 -22.94 22.24 -25.15
N VAL T 21 -22.13 21.70 -24.25
CA VAL T 21 -21.46 22.54 -23.27
C VAL T 21 -20.53 23.55 -23.96
N VAL T 22 -19.78 23.06 -24.94
CA VAL T 22 -18.86 23.90 -25.70
C VAL T 22 -19.60 24.96 -26.50
N LEU T 23 -20.50 24.53 -27.37
CA LEU T 23 -21.25 25.49 -28.17
C LEU T 23 -22.11 26.38 -27.27
N GLY T 24 -22.50 25.84 -26.11
CA GLY T 24 -23.30 26.61 -25.17
C GLY T 24 -22.47 27.67 -24.49
N ALA T 25 -21.25 27.31 -24.14
CA ALA T 25 -20.34 28.24 -23.49
C ALA T 25 -20.04 29.43 -24.41
N VAL T 26 -19.68 29.15 -25.66
CA VAL T 26 -19.39 30.23 -26.61
C VAL T 26 -20.50 31.26 -26.64
N LEU T 27 -21.72 30.81 -26.87
CA LEU T 27 -22.87 31.71 -26.91
C LEU T 27 -23.07 32.40 -25.56
N PHE T 28 -22.95 31.67 -24.46
CA PHE T 28 -23.13 32.27 -23.15
C PHE T 28 -22.16 33.40 -22.88
N GLU T 29 -20.90 33.20 -23.25
CA GLU T 29 -19.89 34.23 -23.04
C GLU T 29 -20.29 35.50 -23.78
N ARG T 30 -20.31 35.43 -25.11
CA ARG T 30 -20.69 36.55 -25.97
C ARG T 30 -21.86 37.36 -25.34
N ALA T 31 -22.94 36.67 -25.01
CA ALA T 31 -24.12 37.29 -24.42
C ALA T 31 -23.87 37.83 -23.02
N PHE T 32 -23.37 36.98 -22.13
CA PHE T 32 -23.13 37.40 -20.76
C PHE T 32 -22.22 38.62 -20.66
N ASP T 33 -21.20 38.69 -21.52
CA ASP T 33 -20.29 39.84 -21.46
C ASP T 33 -21.02 41.11 -21.90
N GLN T 34 -21.64 41.07 -23.07
CA GLN T 34 -22.38 42.25 -23.56
C GLN T 34 -23.35 42.77 -22.51
N GLY T 35 -24.10 41.85 -21.90
CA GLY T 35 -25.05 42.25 -20.90
C GLY T 35 -24.39 42.93 -19.72
N ALA T 36 -23.41 42.25 -19.14
CA ALA T 36 -22.69 42.79 -17.99
C ALA T 36 -22.13 44.17 -18.25
N ASP T 37 -21.39 44.32 -19.34
CA ASP T 37 -20.81 45.61 -19.72
C ASP T 37 -21.92 46.65 -19.83
N ALA T 38 -23.02 46.27 -20.46
CA ALA T 38 -24.17 47.15 -20.62
C ALA T 38 -24.65 47.62 -19.26
N ILE T 39 -24.85 46.69 -18.34
CA ILE T 39 -25.31 47.03 -17.00
C ILE T 39 -24.36 47.97 -16.30
N PHE T 40 -23.07 47.71 -16.45
CA PHE T 40 -22.06 48.54 -15.81
C PHE T 40 -21.99 49.98 -16.34
N GLU T 41 -22.01 50.14 -17.65
CA GLU T 41 -21.95 51.47 -18.27
C GLU T 41 -23.22 52.26 -18.00
N HIS T 42 -24.38 51.60 -18.03
CA HIS T 42 -25.61 52.31 -17.76
C HIS T 42 -25.55 52.84 -16.33
N LEU T 43 -25.19 51.97 -15.39
CA LEU T 43 -25.08 52.38 -14.00
C LEU T 43 -24.07 53.49 -13.80
N ASN T 44 -23.24 53.77 -14.80
CA ASN T 44 -22.21 54.81 -14.70
C ASN T 44 -22.18 55.81 -15.85
N GLU T 45 -23.37 56.31 -16.22
CA GLU T 45 -23.50 57.26 -17.31
C GLU T 45 -22.69 58.53 -17.15
N GLY T 46 -22.05 58.94 -18.26
CA GLY T 46 -21.24 60.14 -18.28
C GLY T 46 -20.04 60.20 -17.37
N LYS T 47 -19.62 59.05 -16.82
CA LYS T 47 -18.46 59.02 -15.92
C LYS T 47 -17.23 58.41 -16.57
N LEU T 48 -17.47 57.50 -17.52
CA LEU T 48 -16.38 56.83 -18.19
C LEU T 48 -15.82 57.62 -19.37
N TRP T 49 -14.56 57.37 -19.67
CA TRP T 49 -13.89 58.05 -20.77
C TRP T 49 -14.64 57.81 -22.06
N LYS T 50 -15.28 56.65 -22.15
CA LYS T 50 -16.05 56.30 -23.34
C LYS T 50 -17.02 57.46 -23.63
N HIS T 51 -17.68 57.91 -22.56
CA HIS T 51 -18.67 58.98 -22.61
C HIS T 51 -18.11 60.39 -22.89
N ILE T 52 -17.19 60.86 -22.05
CA ILE T 52 -16.63 62.20 -22.22
C ILE T 52 -15.59 62.37 -23.33
N LYS T 53 -15.07 61.26 -23.83
CA LYS T 53 -14.05 61.28 -24.89
C LYS T 53 -14.23 62.25 -26.07
N HIS T 54 -15.46 62.39 -26.54
CA HIS T 54 -15.76 63.26 -27.69
C HIS T 54 -15.35 64.73 -27.56
N LYS T 55 -15.29 65.24 -26.33
CA LYS T 55 -14.93 66.64 -26.06
C LYS T 55 -13.51 67.03 -26.49
N TYR T 56 -12.58 66.10 -26.42
CA TYR T 56 -11.19 66.39 -26.75
C TYR T 56 -10.76 65.60 -27.99
N GLU T 57 -11.60 64.66 -28.37
CA GLU T 57 -11.36 63.82 -29.55
C GLU T 57 -11.82 64.59 -30.78
N ALA T 58 -10.86 65.16 -31.51
CA ALA T 58 -11.17 65.93 -32.71
C ALA T 58 -9.92 66.59 -33.26
N SER T 59 -9.18 65.86 -34.09
CA SER T 59 -7.95 66.36 -34.71
C SER T 59 -8.19 67.61 -35.56
N GLU T 60 -8.95 67.46 -36.66
C13 PEE U . 24.62 2.68 6.93
C12 PEE U . 23.35 3.13 7.70
C11 PEE U . 23.59 3.21 9.24
C10 PEE U . 23.15 1.95 10.07
O4 PEE U . 22.98 0.84 9.53
O2 PEE U . 22.97 2.22 11.46
C2 PEE U . 21.78 1.60 12.15
C1 PEE U . 22.14 0.16 12.74
O3P PEE U . 21.40 -0.97 12.11
P PEE U . 21.75 -2.55 12.39
O2P PEE U . 23.32 -2.82 12.08
O1P PEE U . 20.87 -3.47 11.39
O4P PEE U . 21.40 -2.97 13.94
C4 PEE U . 20.08 -3.45 14.42
C5 PEE U . 19.78 -3.13 15.90
C3 PEE U . 21.12 2.58 13.18
O3 PEE U . 19.65 2.41 13.30
C30 PEE U . 18.87 3.57 13.02
O5 PEE U . 18.66 4.48 13.85
C31 PEE U . 18.30 3.63 11.57
C32 PEE U . 16.75 3.72 11.47
CHA HEM V . 22.67 28.24 -10.53
CHB HEM V . 21.89 23.70 -11.73
CHC HEM V . 18.88 23.33 -8.07
CHD HEM V . 19.50 27.87 -6.94
C1A HEM V . 22.77 27.02 -11.13
C2A HEM V . 23.55 26.75 -12.28
C3A HEM V . 23.19 25.53 -12.70
C4A HEM V . 22.37 25.00 -11.68
CMA HEM V . 23.57 24.74 -13.95
CAA HEM V . 24.67 27.60 -12.84
CBA HEM V . 25.86 27.63 -11.86
CGA HEM V . 27.03 28.47 -12.38
O1A HEM V . 27.21 29.64 -11.93
O2A HEM V . 27.76 27.93 -13.25
C1B HEM V . 21.05 23.18 -10.83
C2B HEM V . 20.50 21.81 -10.91
C3B HEM V . 19.65 21.71 -9.81
C4B HEM V . 19.65 23.04 -9.15
CMB HEM V . 20.79 20.77 -11.95
CAB HEM V . 18.94 20.63 -9.31
CBB HEM V . 18.23 19.66 -10.20
C1C HEM V . 18.81 24.51 -7.45
C2C HEM V . 17.89 24.78 -6.37
C3C HEM V . 18.12 26.08 -5.97
C4C HEM V . 19.07 26.59 -6.93
CMC HEM V . 16.84 23.79 -5.78
CAC HEM V . 17.56 26.75 -4.86
CBC HEM V . 16.00 26.73 -4.71
C1D HEM V . 20.45 28.33 -7.79
C2D HEM V . 21.00 29.69 -7.72
C3D HEM V . 21.82 29.82 -8.78
C4D HEM V . 21.85 28.52 -9.45
CMD HEM V . 20.80 30.73 -6.63
CAD HEM V . 22.62 31.07 -9.04
CBD HEM V . 23.96 31.13 -8.31
CGD HEM V . 25.10 30.63 -9.15
O1D HEM V . 25.22 31.09 -10.31
O2D HEM V . 25.88 29.78 -8.67
NA HEM V . 22.08 25.93 -10.71
NB HEM V . 20.51 23.93 -9.76
NC HEM V . 19.53 25.60 -7.79
ND HEM V . 21.04 27.59 -8.81
FE HEM V . 20.81 25.74 -9.24
CHA HEM W . 16.07 2.53 -11.62
CHB HEM W . 16.52 6.81 -9.72
CHC HEM W . 16.40 8.69 -14.09
CHD HEM W . 15.47 4.42 -15.97
C1A HEM W . 16.30 3.55 -10.76
C2A HEM W . 16.65 3.33 -9.36
C3A HEM W . 16.65 4.54 -8.78
C4A HEM W . 16.44 5.48 -9.88
CMA HEM W . 16.90 4.85 -7.31
CAA HEM W . 16.92 2.00 -8.69
CBA HEM W . 18.40 1.63 -8.61
CGA HEM W . 19.05 1.46 -9.98
O1A HEM W . 19.92 2.28 -10.33
O2A HEM W . 18.69 0.50 -10.68
C1B HEM W . 16.52 7.69 -10.74
C2B HEM W . 16.70 9.13 -10.51
C3B HEM W . 16.64 9.68 -11.77
C4B HEM W . 16.49 8.54 -12.74
CMB HEM W . 16.88 9.82 -9.15
CAB HEM W . 16.68 11.03 -12.10
CBB HEM W . 16.68 12.24 -11.16
C1C HEM W . 16.13 7.70 -15.00
C2C HEM W . 16.24 7.83 -16.48
C3C HEM W . 15.89 6.67 -16.97
C4C HEM W . 15.66 5.79 -15.84
CMC HEM W . 16.57 9.07 -17.30
CAC HEM W . 15.88 6.29 -18.29
CBC HEM W . 15.24 6.95 -19.42
C1D HEM W . 15.47 3.55 -14.91
C2D HEM W . 15.05 2.13 -15.01
C3D HEM W . 15.31 1.54 -13.80
C4D HEM W . 15.74 2.67 -12.92
CMD HEM W . 14.45 1.46 -16.23
CAD HEM W . 15.33 0.04 -13.57
CBD HEM W . 16.77 -0.45 -13.39
CGD HEM W . 16.91 -1.96 -13.53
O1D HEM W . 17.10 -2.47 -14.66
O2D HEM W . 16.84 -2.66 -12.49
NA HEM W . 16.27 4.86 -11.10
NB HEM W . 16.37 7.36 -12.10
NC HEM W . 15.87 6.43 -14.63
ND HEM W . 15.72 3.90 -13.56
FE HEM W . 16.00 5.65 -12.84
N2 JZZ X . 23.60 26.74 -22.09
C3 JZZ X . 22.62 27.32 -21.41
O3 JZZ X . 21.90 28.40 -21.84
N4 JZZ X . 22.43 26.67 -20.27
N5 JZZ X . 23.25 25.73 -20.24
C6 JZZ X . 23.99 25.74 -21.34
O6 JZZ X . 24.87 24.91 -21.63
C7 JZZ X . 23.37 24.76 -19.14
C27 JZZ X . 21.44 29.15 -20.71
CAA JZZ X . 18.39 22.43 -23.63
CAB JZZ X . 22.74 25.04 -26.65
CAC JZZ X . 23.75 25.99 -26.77
CAD JZZ X . 24.19 26.69 -25.65
CAE JZZ X . 25.22 27.61 -25.77
CAF JZZ X . 25.68 28.29 -24.64
CAG JZZ X . 19.84 20.63 -24.61
CAH JZZ X . 19.19 22.00 -24.85
CAI JZZ X . 20.26 22.99 -25.08
CAJ JZZ X . 21.14 23.82 -25.24
CAK JZZ X . 22.16 24.80 -25.40
CAL JZZ X . 22.60 25.50 -24.28
CAM JZZ X . 23.61 26.44 -24.42
CAN JZZ X . 24.08 27.10 -23.28
CAO JZZ X . 25.10 28.03 -23.39
CAP JZZ X . 18.30 21.94 -26.10
C1 UQ Y . 18.47 1.17 -4.93
C2 UQ Y . 17.89 -0.12 -5.62
C3 UQ Y . 16.50 -0.38 -5.62
C4 UQ Y . 15.52 0.61 -4.91
C5 UQ Y . 16.08 1.88 -4.21
C6 UQ Y . 17.49 2.16 -4.21
CM5 UQ Y . 15.01 2.80 -3.52
CM3 UQ Y . 15.63 -2.71 -5.45
CM2 UQ Y . 19.41 -2.01 -5.43
C7 UQ Y . 18.21 3.42 -3.52
C8 UQ Y . 17.48 4.76 -3.26
C9 UQ Y . 17.88 5.78 -2.43
C10 UQ Y . 19.21 5.61 -1.69
C11 UQ Y . 17.10 7.09 -2.19
C12 UQ Y . 17.72 8.12 -1.17
O2 UQ Y . 18.80 -1.01 -6.28
O3 UQ Y . 15.96 -1.55 -6.27
O4 UQ Y . 14.29 0.36 -4.92
O1 UQ Y . 19.71 1.39 -4.95
C26 PEE Z . 20.90 10.77 -24.38
C25 PEE Z . 21.06 9.37 -25.01
C24 PEE Z . 21.94 8.43 -24.12
C23 PEE Z . 22.27 7.03 -24.76
C22 PEE Z . 23.18 6.14 -23.90
C21 PEE Z . 24.51 6.30 -23.65
C20 PEE Z . 25.14 7.03 -22.46
C19 PEE Z . 26.65 6.76 -22.30
C18 PEE Z . 27.28 6.07 -21.32
C17 PEE Z . 27.97 4.71 -21.43
C16 PEE Z . 27.71 3.82 -20.18
C15 PEE Z . 27.50 2.31 -20.46
C14 PEE Z . 27.80 1.40 -19.24
C13 PEE Z . 27.01 0.09 -19.13
C12 PEE Z . 27.48 -1.03 -20.09
C11 PEE Z . 27.59 -2.42 -19.41
C10 PEE Z . 29.05 -2.84 -19.10
O4 PEE Z . 29.58 -2.51 -18.03
O2 PEE Z . 29.69 -3.60 -20.10
C2 PEE Z . 30.84 -4.45 -19.67
C1 PEE Z . 30.48 -5.96 -19.73
O3P PEE Z . 29.19 -6.29 -19.12
P PEE Z . 28.58 -7.79 -19.17
O2P PEE Z . 28.52 -8.31 -20.71
O1P PEE Z . 27.09 -7.76 -18.54
O4P PEE Z . 29.48 -8.79 -18.24
C4 PEE Z . 29.03 -10.09 -17.72
C5 PEE Z . 30.19 -11.05 -17.40
N PEE Z . 31.22 -10.41 -16.52
C3 PEE Z . 32.18 -4.12 -20.43
O3 PEE Z . 32.48 -2.68 -20.55
C30 PEE Z . 33.08 -2.06 -19.41
O5 PEE Z . 33.12 -2.56 -18.25
C31 PEE Z . 33.70 -0.65 -19.73
C32 PEE Z . 33.26 0.51 -18.80
C33 PEE Z . 33.60 1.91 -19.38
C34 PEE Z . 32.41 2.91 -19.30
C35 PEE Z . 32.82 4.38 -19.54
C36 PEE Z . 31.79 5.15 -20.40
C37 PEE Z . 32.45 6.15 -21.38
C38 PEE Z . 32.18 7.63 -21.02
C39 PEE Z . 31.32 8.41 -22.06
C40 PEE Z . 30.18 9.29 -21.43
C41 PEE Z . 29.16 9.80 -22.49
C42 PEE Z . 29.45 11.24 -22.98
C43 PEE Z . 28.21 12.17 -23.08
C44 PEE Z . 27.18 11.88 -24.18
C45 PEE Z . 25.74 12.25 -23.80
C46 PEE Z . 24.84 11.02 -23.59
C1 GOL AA . 29.86 33.81 -13.08
O1 GOL AA . 30.49 32.62 -13.68
C2 GOL AA . 30.85 34.89 -12.53
O2 GOL AA . 32.23 34.34 -12.40
C3 GOL AA . 30.37 35.54 -11.18
O3 GOL AA . 31.42 35.58 -10.16
FE HEC BA . 45.35 47.40 -20.09
CHA HEC BA . 43.24 45.87 -22.17
CHB HEC BA . 46.09 44.48 -18.68
CHC HEC BA . 47.59 48.88 -18.05
CHD HEC BA . 44.52 50.31 -21.31
NA HEC BA . 44.72 45.60 -20.32
C1A HEC BA . 43.86 45.08 -21.28
C2A HEC BA . 43.84 43.59 -21.28
C3A HEC BA . 44.45 43.24 -20.13
C4A HEC BA . 45.12 44.47 -19.64
CMA HEC BA . 44.54 41.80 -19.60
CAA HEC BA . 43.53 42.57 -22.34
CBA HEC BA . 42.21 42.79 -23.00
CGA HEC BA . 41.78 41.56 -23.77
O1A HEC BA . 40.74 41.65 -24.46
O2A HEC BA . 42.49 40.54 -23.66
NB HEC BA . 46.61 46.81 -18.71
C1B HEC BA . 46.77 45.56 -18.23
C2B HEC BA . 47.61 45.52 -17.06
C3B HEC BA . 48.03 46.73 -16.86
C4B HEC BA . 47.44 47.53 -17.91
CMB HEC BA . 47.98 44.33 -16.20
CAB HEC BA . 48.98 47.33 -15.83
CBB HEC BA . 50.33 46.62 -15.95
NC HEC BA . 45.94 49.20 -19.83
C1C HEC BA . 46.90 49.67 -18.95
C2C HEC BA . 46.87 51.13 -18.91
C3C HEC BA . 45.99 51.51 -19.78
C4C HEC BA . 45.45 50.33 -20.38
CMC HEC BA . 47.46 52.03 -17.88
CAC HEC BA . 45.43 52.86 -20.11
CBC HEC BA . 46.49 53.71 -20.79
ND HEC BA . 44.18 47.98 -21.42
C1D HEC BA . 43.96 49.24 -21.84
C2D HEC BA . 43.12 49.29 -23.05
C3D HEC BA . 42.75 48.03 -23.30
C4D HEC BA . 43.41 47.22 -22.26
CMD HEC BA . 42.68 50.49 -23.88
CAD HEC BA . 41.78 47.58 -24.40
CBD HEC BA . 42.49 46.93 -25.55
CGD HEC BA . 41.53 46.41 -26.59
O1D HEC BA . 40.58 45.69 -26.19
O2D HEC BA . 41.72 46.71 -27.81
C1 CDL CA . 34.32 -6.78 -8.65
O1 CDL CA . 35.07 -5.57 -9.08
CA2 CDL CA . 33.77 -6.71 -7.20
OA2 CDL CA . 33.33 -5.44 -6.93
PA1 CDL CA . 33.64 -4.69 -5.57
OA3 CDL CA . 34.99 -5.09 -5.00
OA4 CDL CA . 32.63 -5.06 -4.52
OA5 CDL CA . 33.56 -3.14 -5.93
CA3 CDL CA . 32.63 -2.58 -6.79
CA4 CDL CA . 32.99 -1.08 -7.05
OA6 CDL CA . 31.92 -0.34 -7.69
CA5 CDL CA . 31.05 0.28 -6.79
OA7 CDL CA . 30.90 0.01 -5.61
C11 CDL CA . 30.18 1.38 -7.47
C12 CDL CA . 30.94 2.63 -8.01
CA6 CDL CA . 34.24 -1.07 -7.97
OA8 CDL CA . 34.31 0.16 -8.67
CA7 CDL CA . 35.31 0.17 -9.63
OA9 CDL CA . 35.34 -0.49 -10.64
C31 CDL CA . 36.42 1.17 -9.29
CB2 CDL CA . 35.18 -8.06 -8.75
OB2 CDL CA . 36.16 -8.03 -7.80
PB2 CDL CA . 36.94 -9.28 -7.30
OB3 CDL CA . 37.12 -10.30 -8.41
OB4 CDL CA . 36.20 -9.98 -6.18
OB5 CDL CA . 38.33 -8.74 -6.82
CB3 CDL CA . 38.51 -7.51 -6.25
CB4 CDL CA . 39.51 -6.68 -7.10
OB6 CDL CA . 40.42 -5.91 -6.33
CB5 CDL CA . 41.44 -6.67 -5.81
OB7 CDL CA . 42.09 -7.51 -6.40
C51 CDL CA . 41.69 -6.35 -4.33
C52 CDL CA . 41.65 -4.84 -3.96
C53 CDL CA . 42.67 -4.47 -2.85
CB6 CDL CA . 38.70 -5.72 -7.97
OB8 CDL CA . 38.00 -4.78 -7.15
CB7 CDL CA . 38.25 -3.47 -7.52
OB9 CDL CA . 38.20 -3.01 -8.64
C71 CDL CA . 38.61 -2.59 -6.30
C72 CDL CA . 37.49 -1.63 -5.79
C73 CDL CA . 38.01 -0.20 -5.48
C74 CDL CA . 38.31 0.03 -3.97
C1 BOG DA . 38.01 22.33 6.29
O1 BOG DA . 37.96 20.91 6.37
C2 BOG DA . 37.40 23.01 7.58
O2 BOG DA . 36.03 22.63 7.78
C3 BOG DA . 37.49 24.53 7.46
O3 BOG DA . 36.94 25.18 8.61
C4 BOG DA . 38.97 24.94 7.27
O4 BOG DA . 39.10 26.36 7.12
C5 BOG DA . 39.56 24.22 6.02
O5 BOG DA . 39.41 22.76 6.12
C6 BOG DA . 41.04 24.55 5.81
O6 BOG DA . 41.77 24.47 7.04
C1' BOG DA . 37.13 20.20 5.43
C2' BOG DA . 37.55 18.72 5.38
C3' BOG DA . 36.37 17.78 5.31
C4' BOG DA . 36.59 16.74 4.21
C5' BOG DA . 35.34 15.92 3.94
C6' BOG DA . 35.58 14.79 2.93
C7' BOG DA . 34.39 13.84 2.89
C8' BOG DA . 34.69 12.75 1.89
C1 BOG EA . 42.01 31.51 5.22
O1 BOG EA . 42.19 32.90 5.19
C2 BOG EA . 43.37 30.75 4.95
O2 BOG EA . 43.91 31.09 3.67
C3 BOG EA . 43.15 29.24 5.04
O3 BOG EA . 44.36 28.55 4.80
C4 BOG EA . 42.57 28.89 6.45
O4 BOG EA . 42.35 27.48 6.58
C5 BOG EA . 41.22 29.69 6.67
O5 BOG EA . 41.44 31.14 6.53
C6 BOG EA . 40.60 29.42 8.07
O6 BOG EA . 39.25 29.88 8.15
C1' BOG EA . 41.22 33.69 4.47
FE1 FES FA . 11.13 61.11 20.02
FE2 FES FA . 8.50 60.64 19.82
S1 FES FA . 9.50 62.17 21.06
S2 FES FA . 10.13 59.66 18.67
C27 PEE GA . 24.99 17.46 4.71
C26 PEE GA . 25.86 16.46 5.47
C25 PEE GA . 26.43 15.35 4.54
C24 PEE GA . 27.57 14.52 5.21
C23 PEE GA . 28.88 14.41 4.39
C22 PEE GA . 29.71 13.16 4.67
C21 PEE GA . 30.43 12.44 3.77
C20 PEE GA . 29.95 11.26 2.92
C19 PEE GA . 30.12 9.88 3.55
C18 PEE GA . 29.17 9.06 4.02
C17 PEE GA . 29.31 7.61 4.45
C16 PEE GA . 29.16 7.45 5.97
C15 PEE GA . 28.86 6.01 6.44
C14 PEE GA . 29.38 5.65 7.85
C13 PEE GA . 29.41 4.14 8.16
C12 PEE GA . 29.18 3.76 9.63
C11 PEE GA . 27.71 3.36 9.91
C10 PEE GA . 27.32 1.87 9.60
O4 PEE GA . 27.84 1.25 8.65
O2 PEE GA . 26.29 1.32 10.45
C2 PEE GA . 26.63 0.75 11.80
C1 PEE GA . 27.73 -0.37 11.75
O3P PEE GA . 27.27 -1.71 12.15
P PEE GA . 28.26 -2.77 12.93
O2P PEE GA . 29.71 -2.78 12.23
O1P PEE GA . 27.62 -4.24 12.79
O4P PEE GA . 28.38 -2.35 14.53
C4 PEE GA . 27.96 -3.17 15.70
C5 PEE GA . 28.39 -2.62 17.09
N PEE GA . 28.25 -3.62 18.16
C3 PEE GA . 26.84 1.86 12.91
O3 PEE GA . 27.26 1.37 14.25
C30 PEE GA . 26.23 0.81 15.06
O5 PEE GA . 26.04 -0.43 15.16
C31 PEE GA . 25.34 1.86 15.82
C32 PEE GA . 26.10 2.85 16.73
C33 PEE GA . 26.33 4.21 16.02
C34 PEE GA . 26.91 5.27 16.97
C35 PEE GA . 27.55 6.44 16.19
C36 PEE GA . 28.33 7.42 17.10
C37 PEE GA . 27.52 8.71 17.40
C38 PEE GA . 27.90 9.86 16.45
C39 PEE GA . 28.71 11.01 17.13
C40 PEE GA . 29.11 12.16 16.17
C41 PEE GA . 29.30 13.51 16.93
C42 PEE GA . 30.44 14.37 16.34
C43 PEE GA . 30.96 15.48 17.30
C44 PEE GA . 32.49 15.57 17.51
C45 PEE GA . 33.27 16.11 16.29
C46 PEE GA . 34.53 16.89 16.71
C1 CDL HA . 30.84 -4.62 -15.13
O1 CDL HA . 29.78 -4.93 -16.13
CA2 CDL HA . 32.24 -5.13 -15.54
OA2 CDL HA . 32.16 -5.93 -16.66
PA1 CDL HA . 33.22 -7.05 -16.96
OA3 CDL HA . 32.96 -7.73 -18.27
OA4 CDL HA . 33.16 -8.14 -15.92
OA5 CDL HA . 34.61 -6.30 -17.01
CA3 CDL HA . 35.56 -6.39 -16.01
CA4 CDL HA . 36.50 -5.18 -16.13
OA6 CDL HA . 37.23 -5.18 -17.35
CA5 CDL HA . 37.14 -3.96 -18.00
OA7 CDL HA . 37.38 -2.89 -17.52
C11 CDL HA . 36.70 -4.09 -19.47
C12 CDL HA . 37.46 -3.18 -20.49
CA6 CDL HA . 37.48 -5.27 -14.92
OA8 CDL HA . 36.79 -4.85 -13.74
CA7 CDL HA . 37.63 -4.47 -12.69
OA9 CDL HA . 37.99 -5.16 -11.76
C31 CDL HA . 38.09 -3.01 -12.75
CB2 CDL HA . 30.47 -5.19 -13.73
OB2 CDL HA . 31.57 -5.18 -12.91
PB2 CDL HA . 31.67 -4.32 -11.62
OB3 CDL HA . 32.82 -4.78 -10.75
OB4 CDL HA . 30.45 -4.44 -10.74
OB5 CDL HA . 31.87 -2.86 -12.18
CB3 CDL HA . 32.99 -2.08 -11.93
CB4 CDL HA . 33.04 -0.82 -12.86
OB6 CDL HA . 31.78 -0.17 -13.11
CB5 CDL HA . 31.85 1.14 -12.73
OB7 CDL HA . 31.90 1.54 -11.60
C51 CDL HA . 31.83 2.12 -13.95
C52 CDL HA . 31.91 3.65 -13.62
C53 CDL HA . 32.66 4.47 -14.70
CB6 CDL HA . 33.60 -1.27 -14.22
OB8 CDL HA . 35.00 -1.50 -14.12
CB7 CDL HA . 35.73 -0.44 -14.59
OB9 CDL HA . 36.31 0.36 -13.88
C71 CDL HA . 35.78 -0.36 -16.13
C72 CDL HA . 36.68 0.77 -16.72
CHA HEM IA . 3.70 37.61 -0.55
CHB HEM IA . 1.23 34.38 1.90
CHC HEM IA . 2.80 31.03 -1.06
CHD HEM IA . 5.24 34.23 -3.56
C1A HEM IA . 2.84 37.04 0.33
C2A HEM IA . 2.20 37.74 1.44
C3A HEM IA . 1.68 36.79 2.25
C4A HEM IA . 1.75 35.57 1.47
CMA HEM IA . 1.24 36.89 3.70
CAA HEM IA . 2.08 39.27 1.59
CBA HEM IA . 1.14 39.86 0.53
CGA HEM IA . 0.93 41.36 0.71
O1A HEM IA . 1.60 42.17 0.03
O2A HEM IA . 0.08 41.72 1.54
C1B HEM IA . 1.43 33.17 1.30
C2B HEM IA . 0.98 31.91 1.87
C3B HEM IA . 1.32 30.97 0.96
C4B HEM IA . 2.11 31.67 -0.06
CMB HEM IA . 0.30 31.67 3.22
CAB HEM IA . 1.03 29.62 0.96
CBB HEM IA . 1.07 28.76 2.20
C1C HEM IA . 3.66 31.59 -1.92
C2C HEM IA . 4.39 30.84 -2.92
C3C HEM IA . 5.06 31.76 -3.71
C4C HEM IA . 4.81 33.04 -3.07
CMC HEM IA . 4.35 29.33 -3.10
CAC HEM IA . 5.72 31.50 -4.90
CBC HEM IA . 6.80 30.41 -4.96
C1D HEM IA . 4.92 35.42 -3.01
C2D HEM IA . 5.47 36.66 -3.52
C3D HEM IA . 5.11 37.61 -2.61
C4D HEM IA . 4.31 36.95 -1.58
CMD HEM IA . 6.20 36.89 -4.83
CAD HEM IA . 5.44 39.08 -2.81
CBD HEM IA . 4.40 39.80 -3.65
CGD HEM IA . 3.33 40.45 -2.80
O1D HEM IA . 3.70 41.18 -1.86
O2D HEM IA . 2.13 40.25 -3.08
NA HEM IA . 2.54 35.71 0.32
NB HEM IA . 2.19 33.01 0.16
NC HEM IA . 3.93 32.94 -1.97
ND HEM IA . 4.15 35.59 -1.85
FE HEM IA . 3.18 34.32 -0.88
CHA HEM JA . -8.80 15.95 8.51
CHB HEM JA . -6.44 18.66 5.43
CHC HEM JA . -4.61 21.13 9.10
CHD HEM JA . -6.64 18.11 12.20
C1A HEM JA . -8.40 16.59 7.37
C2A HEM JA . -8.97 16.34 6.06
C3A HEM JA . -8.26 17.05 5.18
C4A HEM JA . -7.33 17.80 5.97
CMA HEM JA . -8.41 17.00 3.67
CAA HEM JA . -10.17 15.46 5.74
CBA HEM JA . -11.51 16.20 5.63
CGA HEM JA . -11.90 16.91 6.93
O1A HEM JA . -11.98 18.16 6.93
O2A HEM JA . -12.12 16.21 7.95
C1B HEM JA . -5.67 19.55 6.14
C2B HEM JA . -4.91 20.63 5.52
C3B HEM JA . -4.39 21.33 6.56
C4B HEM JA . -4.94 20.74 7.80
CMB HEM JA . -4.82 20.94 4.02
CAB HEM JA . -3.47 22.36 6.54
CBB HEM JA . -2.80 22.91 5.30
C1C HEM JA . -4.95 20.50 10.26
C2C HEM JA . -4.79 21.08 11.58
C3C HEM JA . -5.38 20.21 12.48
C4C HEM JA . -5.92 19.15 11.68
CMC HEM JA . -4.07 22.38 11.90
CAC HEM JA . -5.48 20.31 13.85
CBC HEM JA . -4.34 20.57 14.79
C1D HEM JA . -7.33 17.20 11.45
C2D HEM JA . -8.01 16.05 11.98
C3D HEM JA . -8.73 15.49 10.99
C4D HEM JA . -8.32 16.21 9.76
CMD HEM JA . -7.89 15.50 13.38
CAD HEM JA . -9.77 14.39 11.22
CBD HEM JA . -11.17 14.91 10.92
CGD HEM JA . -12.26 14.02 11.51
O1D HEM JA . -12.59 14.17 12.71
O2D HEM JA . -12.78 13.16 10.77
NA HEM JA . -7.45 17.58 7.34
NB HEM JA . -5.68 19.64 7.54
NC HEM JA . -5.72 19.37 10.31
ND HEM JA . -7.40 17.22 10.05
FE HEM JA . -6.51 18.46 8.83
C1 BOG KA . -3.29 7.93 1.43
O1 BOG KA . -3.49 8.50 2.67
C2 BOG KA . -2.29 8.78 0.57
O2 BOG KA . -2.78 10.12 0.36
C3 BOG KA . -2.08 8.10 -0.78
O3 BOG KA . -1.18 8.88 -1.57
C4 BOG KA . -1.54 6.65 -0.53
O4 BOG KA . -1.33 5.95 -1.78
C5 BOG KA . -2.57 5.84 0.35
O5 BOG KA . -2.82 6.54 1.63
C6 BOG KA . -2.09 4.39 0.68
O6 BOG KA . -0.72 4.31 1.13
N2 JZZ LA . 3.19 40.53 10.77
C3 JZZ LA . 4.20 39.99 10.09
O3 JZZ LA . 5.52 40.27 10.26
N4 JZZ LA . 3.71 39.12 9.21
N5 JZZ LA . 2.48 39.12 9.33
C6 JZZ LA . 2.09 39.97 10.27
O6 JZZ LA . 0.94 40.22 10.62
C7 JZZ LA . 1.56 38.27 8.54
C27 JZZ LA . 6.19 40.14 9.01
CAA JZZ LA . 4.00 34.43 14.10
CAB JZZ LA . 3.32 40.08 15.69
CAC JZZ LA . 3.34 41.45 15.43
CAD JZZ LA . 3.33 41.89 14.11
CAE JZZ LA . 3.31 43.26 13.84
CAF JZZ LA . 3.27 43.71 12.52
CAG JZZ LA . 1.81 34.60 15.30
CAH JZZ LA . 3.26 35.09 15.27
CAI JZZ LA . 3.27 36.54 15.07
CAJ JZZ LA . 3.28 37.76 14.89
CAK JZZ LA . 3.30 39.17 14.64
CAL JZZ LA . 3.28 39.61 13.33
CAM JZZ LA . 3.30 40.98 13.07
CAN JZZ LA . 3.26 41.43 11.75
CAO JZZ LA . 3.25 42.78 11.47
CAP JZZ LA . 3.96 34.76 16.58
C1 UQ MA . -12.26 14.26 2.30
C2 UQ MA . -12.50 13.20 3.42
C3 UQ MA . -11.51 12.25 3.75
C4 UQ MA . -10.15 12.27 2.98
C5 UQ MA . -9.90 13.32 1.86
C6 UQ MA . -10.90 14.29 1.52
CM5 UQ MA . -8.51 13.24 1.15
CM3 UQ MA . -12.11 9.92 4.41
CM2 UQ MA . -14.83 12.48 3.46
C7 UQ MA . -10.78 15.42 0.39
C8 UQ MA . -9.43 15.98 -0.09
C9 UQ MA . -9.20 16.71 -1.23
C10 UQ MA . -10.39 17.04 -2.14
C11 UQ MA . -7.81 17.24 -1.66
C12 UQ MA . -7.72 18.04 -3.01
O2 UQ MA . -13.75 13.23 4.10
O3 UQ MA . -11.71 11.28 4.79
O4 UQ MA . -9.28 11.44 3.27
O1 UQ MA . -13.17 15.10 2.03
C26 PEE NA . -5.26 28.55 17.84
C25 PEE NA . -6.26 27.84 18.77
C24 PEE NA . -7.61 27.54 18.07
C23 PEE NA . -8.72 26.99 19.02
C22 PEE NA . -10.09 26.79 18.37
C21 PEE NA . -10.94 27.75 17.95
C20 PEE NA . -11.10 28.27 16.54
C19 PEE NA . -12.37 29.07 16.32
C18 PEE NA . -13.41 28.80 15.50
C17 PEE NA . -14.82 28.32 15.89
C16 PEE NA . -15.35 27.20 14.97
C15 PEE NA . -16.16 26.09 15.68
C14 PEE NA . -17.23 25.43 14.78
C13 PEE NA . -17.57 23.96 15.07
C12 PEE NA . -18.54 23.74 16.26
C11 PEE NA . -19.63 22.70 15.94
C10 PEE NA . -21.01 23.33 15.62
O4 PEE NA . -21.30 23.63 14.47
O2 PEE NA . -21.85 23.51 16.75
C2 PEE NA . -23.32 23.59 16.46
C1 PEE NA . -24.06 22.34 17.01
O3P PEE NA . -23.41 21.08 16.67
P PEE NA . -24.03 19.65 17.17
O2P PEE NA . -24.15 19.66 18.79
O1P PEE NA . -23.02 18.48 16.76
O4P PEE NA . -25.47 19.38 16.45
C4 PEE NA . -26.05 18.04 16.27
C5 PEE NA . -27.58 18.06 16.06
N PEE NA . -27.96 18.96 14.94
C3 PEE NA . -23.96 24.94 16.92
O3 PEE NA . -23.14 26.13 16.58
C30 PEE NA . -23.35 26.69 15.29
O5 PEE NA . -23.85 26.08 14.32
C31 PEE NA . -22.86 28.17 15.17
C32 PEE NA . -21.86 28.44 14.02
C33 PEE NA . -21.09 29.78 14.18
C34 PEE NA . -19.57 29.61 13.94
C35 PEE NA . -18.83 30.97 13.76
C36 PEE NA . -17.46 31.00 14.48
C37 PEE NA . -17.13 32.41 15.02
C38 PEE NA . -15.92 33.05 14.28
C39 PEE NA . -14.66 33.26 15.15
C40 PEE NA . -13.32 32.88 14.45
C41 PEE NA . -12.12 32.84 15.44
C42 PEE NA . -11.34 34.20 15.51
C43 PEE NA . -9.79 34.09 15.46
C44 PEE NA . -9.08 33.44 16.67
C45 PEE NA . -7.84 32.60 16.32
C46 PEE NA . -8.06 31.09 16.58
O3P PEE OA . -18.11 10.94 -13.87
P PEE OA . -19.34 9.95 -13.45
O2P PEE OA . -20.64 10.31 -14.33
O1P PEE OA . -19.67 10.16 -11.88
O4P PEE OA . -18.95 8.36 -13.68
C1 GOL PA . 3.68 47.54 -1.26
O1 GOL PA . 3.32 46.92 0.02
C2 GOL PA . 2.61 48.51 -1.83
O2 GOL PA . 1.26 48.06 -1.39
C3 GOL PA . 2.69 48.66 -3.37
O3 GOL PA . 1.46 48.23 -4.07
FE HEC QA . 1.38 68.76 0.50
CHA HEC QA . 2.14 66.89 3.18
CHB HEC QA . -1.31 66.88 -0.05
CHC HEC QA . 0.51 70.71 -2.12
CHD HEC QA . 4.10 70.55 0.95
NA HEC QA . 0.62 67.17 1.36
C1A HEC QA . 1.03 66.52 2.49
C2A HEC QA . 0.03 65.53 2.93
C3A HEC QA . -0.81 65.43 1.91
C4A HEC QA . -0.52 66.51 0.99
CMA HEC QA . -1.93 64.41 1.86
CAA HEC QA . -0.26 64.83 4.22
CBA HEC QA . 0.94 64.32 4.99
CGA HEC QA . 0.54 63.44 6.15
O1A HEC QA . 1.42 62.96 6.89
O2A HEC QA . -0.69 63.23 6.30
NB HEC QA . -0.08 68.80 -0.82
C1B HEC QA . -1.10 67.92 -0.90
C2B HEC QA . -1.90 68.15 -2.08
C3B HEC QA . -1.40 69.21 -2.68
C4B HEC QA . -0.29 69.64 -1.87
CMB HEC QA . -3.11 67.40 -2.60
CAB HEC QA . -1.89 69.97 -3.92
CBB HEC QA . -3.37 70.35 -3.72
NC HEC QA . 2.08 70.37 -0.32
C1C HEC QA . 1.61 71.05 -1.39
C2C HEC QA . 2.59 71.96 -1.88
C3C HEC QA . 3.61 71.91 -1.03
C4C HEC QA . 3.28 70.94 -0.05
CMC HEC QA . 2.64 72.66 -3.25
CAC HEC QA . 5.01 72.52 -1.08
CBC HEC QA . 4.95 74.03 -0.73
ND HEC QA . 2.79 68.74 1.81
C1D HEC QA . 3.86 69.56 1.85
C2D HEC QA . 4.63 69.36 3.04
C3D HEC QA . 4.07 68.31 3.67
C4D HEC QA . 2.94 67.93 2.88
CMD HEC QA . 5.87 70.15 3.49
CAD HEC QA . 4.61 67.61 4.89
CBD HEC QA . 3.87 67.97 6.17
CGD HEC QA . 4.45 67.27 7.39
O1D HEC QA . 4.61 66.03 7.33
O2D HEC QA . 4.72 67.95 8.40
C1 CDL RA . -28.62 21.22 6.15
O1 CDL RA . -28.35 22.70 6.08
CA2 CDL RA . -28.28 20.45 4.85
OA2 CDL RA . -27.15 20.99 4.28
PA1 CDL RA . -27.03 21.31 2.75
OA3 CDL RA . -28.36 21.75 2.17
OA4 CDL RA . -26.64 20.09 1.96
OA5 CDL RA . -25.92 22.46 2.64
CA3 CDL RA . -24.78 22.51 3.41
CA4 CDL RA . -24.02 23.87 3.21
OA6 CDL RA . -22.67 23.85 3.73
CA5 CDL RA . -21.71 23.48 2.79
OA7 CDL RA . -21.91 22.92 1.73
C11 CDL RA . -20.29 23.88 3.22
C12 CDL RA . -19.97 25.39 3.26
CA6 CDL RA . -24.84 24.95 3.93
OA8 CDL RA . -24.01 26.05 4.25
CA7 CDL RA . -24.64 26.97 5.04
OA9 CDL RA . -25.00 26.82 6.17
C31 CDL RA . -24.84 28.31 4.32
CB2 CDL RA . -30.07 20.92 6.51
OB2 CDL RA . -30.88 21.33 5.48
PB2 CDL RA . -32.33 20.81 5.28
OB3 CDL RA . -32.99 20.55 6.60
OB4 CDL RA . -32.38 19.51 4.53
OB5 CDL RA . -33.06 21.95 4.49
CB3 CDL RA . -32.44 22.76 3.58
CB4 CDL RA . -32.56 24.24 4.05
OB6 CDL RA . -32.83 25.18 3.01
CB5 CDL RA . -34.14 25.15 2.60
OB7 CDL RA . -35.11 25.13 3.31
C51 CDL RA . -34.27 25.15 1.07
C52 CDL RA . -33.29 26.10 0.31
C53 CDL RA . -33.92 26.69 -0.97
CB6 CDL RA . -31.22 24.62 4.71
OB8 CDL RA . -30.18 24.62 3.75
CB7 CDL RA . -29.51 25.83 3.69
OB9 CDL RA . -29.09 26.46 4.63
C71 CDL RA . -29.32 26.33 2.24
C72 CDL RA . -27.92 26.09 1.60
C73 CDL RA . -27.38 27.35 0.87
C74 CDL RA . -27.59 27.28 -0.66
C1 BOG SA . -13.38 39.27 -16.57
O1 BOG SA . -14.35 38.35 -16.09
C2 BOG SA . -12.86 38.87 -18.01
O2 BOG SA . -12.27 37.58 -17.99
C3 BOG SA . -11.83 39.89 -18.49
O3 BOG SA . -11.37 39.53 -19.79
C4 BOG SA . -12.49 41.30 -18.51
O4 BOG SA . -11.56 42.30 -18.96
C5 BOG SA . -13.02 41.65 -17.08
O5 BOG SA . -13.96 40.63 -16.61
C6 BOG SA . -13.73 43.00 -17.04
O6 BOG SA . -14.64 43.14 -18.14
C1' BOG SA . -14.04 37.51 -14.96
C2' BOG SA . -15.34 37.00 -14.33
C3' BOG SA . -15.28 35.53 -13.96
C4' BOG SA . -15.79 35.35 -12.54
C5' BOG SA . -15.55 33.95 -12.00
C6' BOG SA . -16.17 33.75 -10.60
C7' BOG SA . -16.19 32.26 -10.25
C8' BOG SA . -16.81 32.13 -8.90
C1 BOG TA . -9.00 48.03 -18.68
O1 BOG TA . -9.26 49.42 -18.60
C2 BOG TA . -9.41 47.46 -20.09
O2 BOG TA . -10.80 47.67 -20.36
C3 BOG TA . -9.08 45.96 -20.15
O3 BOG TA . -9.44 45.44 -21.42
C4 BOG TA . -7.57 45.76 -19.87
O4 BOG TA . -7.22 44.35 -19.92
C5 BOG TA . -7.20 46.35 -18.46
O5 BOG TA . -7.56 47.80 -18.40
C6 BOG TA . -5.68 46.21 -18.12
O6 BOG TA . -5.40 45.13 -17.23
C1' BOG TA . -10.35 49.90 -17.76
FE1 FES UA . 31.59 43.87 -37.05
FE2 FES UA . 33.15 41.74 -36.54
S1 FES UA . 33.36 43.20 -38.20
S2 FES UA . 31.48 42.48 -35.31
C27 PEE VA . -7.04 27.72 -12.19
C26 PEE VA . -8.42 27.40 -12.76
C25 PEE VA . -9.49 27.29 -11.64
C24 PEE VA . -10.95 27.33 -12.19
C23 PEE VA . -11.88 28.35 -11.48
C22 PEE VA . -13.36 27.97 -11.44
C21 PEE VA . -14.24 28.21 -10.44
C20 PEE VA . -14.58 27.30 -9.24
C19 PEE VA . -15.72 26.29 -9.48
C18 PEE VA . -15.64 24.96 -9.59
C17 PEE VA . -16.78 23.95 -9.64
C16 PEE VA . -16.93 23.30 -11.02
C15 PEE VA . -17.75 21.99 -11.04
C14 PEE VA . -18.51 21.72 -12.36
C13 PEE VA . -19.61 20.64 -12.23
C12 PEE VA . -19.87 19.78 -13.51
C11 PEE VA . -19.07 18.45 -13.49
C10 PEE VA . -19.72 17.24 -12.69
O4 PEE VA . -20.38 17.43 -11.64
O2 PEE VA . -19.46 15.94 -13.24
C2 PEE VA . -20.27 15.38 -14.42
C1 PEE VA . -21.82 15.39 -14.15
O3P PEE VA . -22.45 14.05 -14.14
P PEE VA . -23.99 13.78 -14.70
O2P PEE VA . -24.97 14.95 -14.15
O1P PEE VA . -24.51 12.38 -14.10
O4P PEE VA . -24.01 13.73 -16.36
C4 PEE VA . -24.34 12.53 -17.16
C5 PEE VA . -24.49 12.81 -18.69
N PEE VA . -25.22 11.72 -19.38
C3 PEE VA . -19.82 15.98 -15.81
O3 PEE VA . -20.64 15.55 -16.96
C30 PEE VA . -20.34 14.25 -17.48
O5 PEE VA . -21.04 13.25 -17.24
C31 PEE VA . -19.04 14.19 -18.37
C32 PEE VA . -19.06 15.13 -19.60
C33 PEE VA . -18.23 16.40 -19.35
C34 PEE VA . -18.10 17.27 -20.61
C35 PEE VA . -17.65 18.70 -20.29
C36 PEE VA . -17.67 19.62 -21.53
C37 PEE VA . -16.27 19.87 -22.12
C38 PEE VA . -15.65 21.19 -21.60
C39 PEE VA . -15.59 22.33 -22.65
C40 PEE VA . -15.00 23.65 -22.11
C41 PEE VA . -14.32 24.49 -23.22
C42 PEE VA . -14.53 26.01 -23.03
C43 PEE VA . -14.26 26.86 -24.30
C44 PEE VA . -15.36 27.86 -24.71
C45 PEE VA . -15.41 29.12 -23.84
C46 PEE VA . -15.87 30.35 -24.62
C1 CDL WA . -23.93 22.11 11.97
O1 CDL WA . -23.23 21.45 13.11
CA2 CDL WA . -25.24 22.83 12.38
OA2 CDL WA . -25.63 22.45 13.66
PA1 CDL WA . -27.12 22.46 14.18
OA3 CDL WA . -27.19 22.12 15.65
OA4 CDL WA . -27.97 21.42 13.48
OA5 CDL WA . -27.62 23.94 13.94
CA3 CDL WA . -28.44 24.32 12.90
CA4 CDL WA . -28.27 25.83 12.64
OA6 CDL WA . -28.66 26.61 13.76
CA5 CDL WA . -27.70 27.57 14.06
OA7 CDL WA . -27.23 28.37 13.31
C11 CDL WA . -27.28 27.51 15.54
C12 CDL WA . -27.10 28.89 16.25
CA6 CDL WA . -29.17 26.15 11.42
OA8 CDL WA . -28.53 25.68 10.25
CA7 CDL WA . -29.04 26.23 9.08
OA9 CDL WA . -29.88 25.73 8.37
C31 CDL WA . -28.42 27.58 8.73
CB2 CDL WA . -24.24 21.10 10.84
OB2 CDL WA . -25.14 21.61 9.97
PB2 CDL WA . -24.81 21.97 8.49
OB3 CDL WA . -26.04 22.28 7.71
OB4 CDL WA . -24.16 20.82 7.75
OB5 CDL WA . -23.84 23.23 8.62
CB3 CDL WA . -24.15 24.49 8.10
CB4 CDL WA . -23.21 25.60 8.69
OB6 CDL WA . -21.84 25.25 8.83
CB5 CDL WA . -21.06 26.12 8.11
OB7 CDL WA . -20.99 26.17 6.90
C51 CDL WA . -20.23 27.08 9.01
C52 CDL WA . -19.31 28.09 8.27
C53 CDL WA . -19.15 29.44 9.03
CB6 CDL WA . -23.75 26.00 10.06
OB8 CDL WA . -24.89 26.81 9.90
CB7 CDL WA . -24.63 28.16 9.98
OB9 CDL WA . -24.57 28.91 9.02
C71 CDL WA . -24.42 28.66 11.42
C72 CDL WA . -24.28 30.19 11.59
#